data_1AQ5
#
_entry.id   1AQ5
#
_cell.length_a   1.000
_cell.length_b   1.000
_cell.length_c   1.000
_cell.angle_alpha   90.00
_cell.angle_beta   90.00
_cell.angle_gamma   90.00
#
_symmetry.space_group_name_H-M   'P 1'
#
_entity_poly.entity_id   1
_entity_poly.type   'polypeptide(L)'
_entity_poly.pdbx_seq_one_letter_code
;GSHMEEDPCECKSIVKFQTKVEELINTLQQKLEAVAKRIEALENKII
;
_entity_poly.pdbx_strand_id   A,B,C
#
# COMPACT_ATOMS: atom_id res chain seq x y z
N GLY A 1 23.82 13.58 4.40
CA GLY A 1 24.22 14.59 3.39
C GLY A 1 24.03 14.03 1.97
N SER A 2 23.55 14.83 1.07
CA SER A 2 23.33 14.34 -0.32
C SER A 2 23.88 15.35 -1.34
N HIS A 3 24.30 14.88 -2.48
CA HIS A 3 24.84 15.82 -3.51
C HIS A 3 23.75 16.80 -3.94
N MET A 4 24.11 17.79 -4.72
CA MET A 4 23.10 18.77 -5.18
C MET A 4 23.27 19.05 -6.68
N GLU A 5 23.43 18.02 -7.46
CA GLU A 5 23.60 18.21 -8.93
C GLU A 5 23.23 16.94 -9.68
N GLU A 6 23.63 15.80 -9.18
CA GLU A 6 23.30 14.52 -9.88
C GLU A 6 21.81 14.21 -9.74
N ASP A 7 21.37 13.08 -10.22
CA ASP A 7 19.94 12.73 -10.10
C ASP A 7 19.06 13.88 -10.61
N PRO A 8 18.72 13.81 -11.87
CA PRO A 8 17.88 14.87 -12.48
C PRO A 8 16.42 14.74 -12.01
N CYS A 9 15.75 13.68 -12.38
CA CYS A 9 14.35 13.51 -11.96
C CYS A 9 14.16 12.15 -11.27
N GLU A 10 15.16 11.69 -10.56
CA GLU A 10 15.05 10.38 -9.88
C GLU A 10 14.61 9.30 -10.86
N CYS A 11 15.12 9.34 -12.07
CA CYS A 11 14.72 8.31 -13.06
C CYS A 11 14.70 6.92 -12.43
N LYS A 12 15.52 6.71 -11.43
CA LYS A 12 15.55 5.37 -10.76
C LYS A 12 15.29 5.54 -9.26
N SER A 13 15.22 6.74 -8.78
CA SER A 13 14.97 6.97 -7.32
C SER A 13 13.48 6.87 -7.02
N ILE A 14 12.66 7.24 -7.97
CA ILE A 14 11.19 7.17 -7.77
C ILE A 14 10.72 5.74 -7.99
N VAL A 15 11.33 5.08 -8.93
CA VAL A 15 10.96 3.66 -9.21
C VAL A 15 11.67 2.78 -8.19
N LYS A 16 12.72 3.31 -7.62
CA LYS A 16 13.46 2.54 -6.58
C LYS A 16 12.58 2.51 -5.33
N PHE A 17 11.98 3.61 -5.02
CA PHE A 17 11.07 3.65 -3.84
C PHE A 17 9.83 2.83 -4.18
N GLN A 18 9.45 2.80 -5.43
CA GLN A 18 8.26 2.01 -5.84
C GLN A 18 8.44 0.55 -5.41
N THR A 19 9.59 0.00 -5.67
CA THR A 19 9.85 -1.41 -5.28
C THR A 19 9.68 -1.56 -3.76
N LYS A 20 10.00 -0.53 -3.02
CA LYS A 20 9.84 -0.61 -1.55
C LYS A 20 8.34 -0.65 -1.23
N VAL A 21 7.56 -0.03 -2.07
CA VAL A 21 6.09 -0.03 -1.87
C VAL A 21 5.53 -1.36 -2.38
N GLU A 22 6.28 -2.02 -3.22
CA GLU A 22 5.81 -3.33 -3.77
C GLU A 22 5.91 -4.41 -2.68
N GLU A 23 7.02 -4.48 -2.01
CA GLU A 23 7.18 -5.51 -0.93
C GLU A 23 6.40 -5.08 0.32
N LEU A 24 6.36 -3.81 0.60
CA LEU A 24 5.62 -3.34 1.80
C LEU A 24 4.13 -3.62 1.62
N ILE A 25 3.58 -3.24 0.50
CA ILE A 25 2.13 -3.49 0.25
C ILE A 25 1.84 -4.99 0.36
N ASN A 26 2.72 -5.81 -0.18
CA ASN A 26 2.49 -7.28 -0.09
C ASN A 26 2.43 -7.69 1.38
N THR A 27 3.33 -7.16 2.17
CA THR A 27 3.33 -7.50 3.61
C THR A 27 2.03 -7.06 4.26
N LEU A 28 1.43 -6.01 3.77
CA LEU A 28 0.14 -5.55 4.35
C LEU A 28 -0.96 -6.55 4.01
N GLN A 29 -0.98 -7.02 2.79
CA GLN A 29 -2.00 -8.02 2.40
C GLN A 29 -1.66 -9.35 3.07
N GLN A 30 -0.48 -9.46 3.60
CA GLN A 30 -0.08 -10.71 4.30
C GLN A 30 -0.66 -10.71 5.71
N LYS A 31 -0.42 -9.66 6.45
CA LYS A 31 -0.98 -9.59 7.83
C LYS A 31 -2.51 -9.50 7.73
N LEU A 32 -3.01 -9.13 6.57
CA LEU A 32 -4.47 -9.03 6.38
C LEU A 32 -5.06 -10.43 6.14
N GLU A 33 -4.45 -11.19 5.27
CA GLU A 33 -4.96 -12.57 5.01
C GLU A 33 -4.74 -13.45 6.25
N ALA A 34 -3.90 -13.01 7.14
CA ALA A 34 -3.66 -13.78 8.38
C ALA A 34 -4.65 -13.32 9.42
N VAL A 35 -4.99 -12.06 9.38
CA VAL A 35 -5.99 -11.52 10.33
C VAL A 35 -7.34 -12.20 10.09
N ALA A 36 -7.67 -12.43 8.84
CA ALA A 36 -8.96 -13.11 8.53
C ALA A 36 -8.89 -14.55 9.00
N LYS A 37 -7.70 -15.10 9.05
CA LYS A 37 -7.56 -16.52 9.51
C LYS A 37 -7.71 -16.58 11.03
N ARG A 38 -7.42 -15.50 11.70
CA ARG A 38 -7.59 -15.48 13.17
C ARG A 38 -9.05 -15.18 13.48
N ILE A 39 -9.67 -14.37 12.65
CA ILE A 39 -11.10 -14.05 12.86
C ILE A 39 -11.91 -15.34 12.77
N GLU A 40 -11.64 -16.15 11.78
CA GLU A 40 -12.38 -17.44 11.66
C GLU A 40 -12.07 -18.28 12.89
N ALA A 41 -10.87 -18.17 13.41
CA ALA A 41 -10.51 -18.93 14.63
C ALA A 41 -11.49 -18.56 15.74
N LEU A 42 -11.86 -17.31 15.82
CA LEU A 42 -12.84 -16.88 16.86
C LEU A 42 -14.24 -17.30 16.44
N GLU A 43 -14.47 -17.38 15.15
CA GLU A 43 -15.82 -17.81 14.68
C GLU A 43 -16.03 -19.28 15.01
N ASN A 44 -14.97 -19.97 15.32
CA ASN A 44 -15.09 -21.41 15.67
C ASN A 44 -15.71 -21.53 17.06
N LYS A 45 -15.57 -20.51 17.87
CA LYS A 45 -16.16 -20.54 19.23
C LYS A 45 -17.30 -19.52 19.34
N ILE A 46 -17.41 -18.65 18.36
CA ILE A 46 -18.50 -17.63 18.40
C ILE A 46 -19.63 -18.08 17.47
N ILE A 47 -19.34 -18.97 16.56
CA ILE A 47 -20.41 -19.45 15.63
C ILE A 47 -21.64 -19.89 16.41
N GLY B 1 10.29 -10.99 -23.38
CA GLY B 1 11.37 -10.21 -24.05
C GLY B 1 10.97 -8.73 -24.10
N SER B 2 11.92 -7.86 -23.89
CA SER B 2 11.60 -6.39 -23.91
C SER B 2 12.63 -5.64 -24.77
N HIS B 3 12.22 -4.60 -25.43
CA HIS B 3 13.18 -3.83 -26.27
C HIS B 3 14.32 -3.30 -25.41
N MET B 4 15.35 -2.78 -26.01
CA MET B 4 16.49 -2.24 -25.22
C MET B 4 16.90 -0.87 -25.75
N GLU B 5 15.95 0.00 -26.00
CA GLU B 5 16.30 1.35 -26.51
C GLU B 5 15.16 2.33 -26.20
N GLU B 6 13.93 1.93 -26.36
CA GLU B 6 12.80 2.84 -26.06
C GLU B 6 12.65 3.04 -24.55
N ASP B 7 11.62 3.73 -24.15
CA ASP B 7 11.41 3.96 -22.68
C ASP B 7 12.70 4.49 -22.04
N PRO B 8 12.81 5.78 -22.01
CA PRO B 8 14.01 6.43 -21.42
C PRO B 8 14.00 6.30 -19.90
N CYS B 9 13.05 6.92 -19.24
CA CYS B 9 13.00 6.83 -17.76
C CYS B 9 11.60 6.39 -17.31
N GLU B 10 10.98 5.52 -18.06
CA GLU B 10 9.61 5.03 -17.69
C GLU B 10 8.70 6.23 -17.37
N CYS B 11 8.79 7.28 -18.16
CA CYS B 11 7.93 8.47 -17.91
C CYS B 11 6.49 8.02 -17.62
N LYS B 12 6.07 6.92 -18.15
CA LYS B 12 4.68 6.45 -17.90
C LYS B 12 4.70 5.03 -17.33
N SER B 13 5.86 4.40 -17.29
CA SER B 13 5.95 3.02 -16.74
C SER B 13 6.00 3.07 -15.21
N ILE B 14 6.54 4.12 -14.66
CA ILE B 14 6.62 4.26 -13.19
C ILE B 14 5.28 4.75 -12.66
N VAL B 15 4.64 5.59 -13.42
CA VAL B 15 3.32 6.12 -13.01
C VAL B 15 2.27 5.09 -13.40
N LYS B 16 2.62 4.22 -14.30
CA LYS B 16 1.68 3.16 -14.72
C LYS B 16 1.62 2.13 -13.60
N PHE B 17 2.75 1.84 -13.02
CA PHE B 17 2.77 0.88 -11.89
C PHE B 17 2.15 1.57 -10.67
N GLN B 18 2.29 2.87 -10.59
CA GLN B 18 1.68 3.62 -9.45
C GLN B 18 0.19 3.36 -9.40
N THR B 19 -0.47 3.46 -10.52
CA THR B 19 -1.95 3.20 -10.55
C THR B 19 -2.23 1.79 -10.03
N LYS B 20 -1.34 0.87 -10.28
CA LYS B 20 -1.56 -0.51 -9.78
C LYS B 20 -1.48 -0.49 -8.26
N VAL B 21 -0.65 0.39 -7.75
CA VAL B 21 -0.52 0.51 -6.27
C VAL B 21 -1.72 1.30 -5.74
N GLU B 22 -2.36 2.04 -6.60
CA GLU B 22 -3.54 2.84 -6.16
C GLU B 22 -4.73 1.91 -5.90
N GLU B 23 -4.99 1.01 -6.83
CA GLU B 23 -6.13 0.07 -6.64
C GLU B 23 -5.74 -1.04 -5.65
N LEU B 24 -4.52 -1.47 -5.69
CA LEU B 24 -4.08 -2.55 -4.75
C LEU B 24 -4.15 -2.02 -3.32
N ILE B 25 -3.63 -0.86 -3.07
CA ILE B 25 -3.68 -0.31 -1.69
C ILE B 25 -5.14 -0.15 -1.25
N ASN B 26 -5.99 0.29 -2.13
CA ASN B 26 -7.43 0.45 -1.76
C ASN B 26 -7.98 -0.92 -1.33
N THR B 27 -7.64 -1.93 -2.05
CA THR B 27 -8.13 -3.31 -1.72
C THR B 27 -7.60 -3.71 -0.34
N LEU B 28 -6.44 -3.25 0.03
CA LEU B 28 -5.88 -3.61 1.36
C LEU B 28 -6.72 -2.92 2.44
N GLN B 29 -7.03 -1.67 2.24
CA GLN B 29 -7.87 -0.94 3.23
C GLN B 29 -9.29 -1.49 3.19
N GLN B 30 -9.60 -2.24 2.16
CA GLN B 30 -10.95 -2.83 2.05
C GLN B 30 -11.03 -4.09 2.92
N LYS B 31 -10.09 -4.98 2.76
CA LYS B 31 -10.09 -6.20 3.61
C LYS B 31 -9.82 -5.80 5.06
N LEU B 32 -9.29 -4.63 5.25
CA LEU B 32 -9.00 -4.13 6.62
C LEU B 32 -10.28 -3.60 7.25
N GLU B 33 -11.02 -2.79 6.54
CA GLU B 33 -12.29 -2.24 7.10
C GLU B 33 -13.30 -3.37 7.25
N ALA B 34 -13.07 -4.47 6.58
CA ALA B 34 -14.00 -5.62 6.70
C ALA B 34 -13.53 -6.48 7.87
N VAL B 35 -12.25 -6.55 8.06
CA VAL B 35 -11.68 -7.33 9.19
C VAL B 35 -12.19 -6.70 10.49
N ALA B 36 -12.25 -5.40 10.55
CA ALA B 36 -12.75 -4.74 11.80
C ALA B 36 -14.23 -5.04 11.95
N LYS B 37 -14.92 -5.22 10.86
CA LYS B 37 -16.37 -5.53 10.94
C LYS B 37 -16.56 -6.96 11.43
N ARG B 38 -15.60 -7.81 11.18
CA ARG B 38 -15.69 -9.20 11.65
C ARG B 38 -15.28 -9.24 13.12
N ILE B 39 -14.35 -8.40 13.50
CA ILE B 39 -13.91 -8.36 14.91
C ILE B 39 -15.09 -7.96 15.79
N GLU B 40 -15.81 -6.94 15.39
CA GLU B 40 -16.99 -6.53 16.20
C GLU B 40 -17.98 -7.69 16.23
N ALA B 41 -18.03 -8.44 15.16
CA ALA B 41 -18.95 -9.61 15.13
C ALA B 41 -18.60 -10.54 16.29
N LEU B 42 -17.33 -10.69 16.56
CA LEU B 42 -16.90 -11.56 17.69
C LEU B 42 -17.13 -10.81 19.01
N GLU B 43 -17.07 -9.50 18.96
CA GLU B 43 -17.28 -8.71 20.21
C GLU B 43 -18.74 -8.81 20.63
N ASN B 44 -19.58 -9.24 19.74
CA ASN B 44 -21.02 -9.39 20.08
C ASN B 44 -21.20 -10.58 21.00
N LYS B 45 -20.29 -11.53 20.93
CA LYS B 45 -20.38 -12.73 21.80
C LYS B 45 -19.26 -12.71 22.83
N ILE B 46 -18.28 -11.85 22.65
CA ILE B 46 -17.17 -11.78 23.63
C ILE B 46 -17.39 -10.59 24.58
N ILE B 47 -18.24 -9.68 24.20
CA ILE B 47 -18.51 -8.50 25.07
C ILE B 47 -18.92 -8.95 26.47
N GLY C 1 -9.81 21.51 -14.47
CA GLY C 1 -9.10 21.90 -15.72
C GLY C 1 -7.59 21.83 -15.49
N SER C 2 -6.85 21.42 -16.48
CA SER C 2 -5.36 21.34 -16.31
C SER C 2 -4.67 21.84 -17.57
N HIS C 3 -3.51 22.42 -17.44
CA HIS C 3 -2.78 22.93 -18.63
C HIS C 3 -2.43 21.77 -19.57
N MET C 4 -1.93 22.06 -20.74
CA MET C 4 -1.58 20.96 -21.69
C MET C 4 -0.21 21.22 -22.30
N GLU C 5 0.75 21.60 -21.50
CA GLU C 5 2.11 21.89 -22.04
C GLU C 5 3.16 21.74 -20.93
N GLU C 6 2.87 22.22 -19.76
CA GLU C 6 3.85 22.11 -18.64
C GLU C 6 3.94 20.66 -18.16
N ASP C 7 4.73 20.41 -17.15
CA ASP C 7 4.85 19.02 -16.63
C ASP C 7 5.19 18.06 -17.78
N PRO C 8 6.45 17.83 -17.95
CA PRO C 8 6.94 16.93 -19.03
C PRO C 8 6.67 15.45 -18.65
N CYS C 9 7.32 14.97 -17.63
CA CYS C 9 7.12 13.55 -17.22
C CYS C 9 6.78 13.49 -15.73
N GLU C 10 6.02 14.44 -15.24
CA GLU C 10 5.66 14.44 -13.79
C GLU C 10 6.90 14.20 -12.93
N CYS C 11 8.00 14.82 -13.28
CA CYS C 11 9.23 14.61 -12.47
C CYS C 11 8.92 14.71 -10.98
N LYS C 12 7.92 15.47 -10.63
CA LYS C 12 7.55 15.59 -9.18
C LYS C 12 6.10 15.17 -8.97
N SER C 13 5.36 14.97 -10.03
CA SER C 13 3.94 14.57 -9.88
C SER C 13 3.84 13.06 -9.58
N ILE C 14 4.79 12.31 -10.05
CA ILE C 14 4.79 10.84 -9.81
C ILE C 14 5.36 10.57 -8.43
N VAL C 15 6.33 11.34 -8.05
CA VAL C 15 6.94 11.17 -6.71
C VAL C 15 6.05 11.91 -5.70
N LYS C 16 5.25 12.81 -6.19
CA LYS C 16 4.32 13.54 -5.30
C LYS C 16 3.22 12.57 -4.89
N PHE C 17 2.75 11.80 -5.83
CA PHE C 17 1.70 10.79 -5.52
C PHE C 17 2.35 9.69 -4.67
N GLN C 18 3.61 9.43 -4.89
CA GLN C 18 4.30 8.39 -4.09
C GLN C 18 4.18 8.71 -2.61
N THR C 19 4.44 9.93 -2.23
CA THR C 19 4.32 10.32 -0.80
C THR C 19 2.90 10.03 -0.31
N LYS C 20 1.93 10.18 -1.17
CA LYS C 20 0.52 9.89 -0.75
C LYS C 20 0.38 8.40 -0.50
N VAL C 21 1.14 7.62 -1.21
CA VAL C 21 1.11 6.15 -1.03
C VAL C 21 1.97 5.80 0.19
N GLU C 22 2.83 6.69 0.58
CA GLU C 22 3.70 6.44 1.76
C GLU C 22 2.88 6.58 3.05
N GLU C 23 2.10 7.62 3.15
CA GLU C 23 1.28 7.80 4.37
C GLU C 23 0.05 6.87 4.33
N LEU C 24 -0.49 6.67 3.16
CA LEU C 24 -1.67 5.76 3.05
C LEU C 24 -1.28 4.33 3.42
N ILE C 25 -0.19 3.86 2.87
CA ILE C 25 0.26 2.47 3.20
C ILE C 25 0.50 2.36 4.70
N ASN C 26 1.08 3.37 5.29
CA ASN C 26 1.33 3.32 6.76
C ASN C 26 0.00 3.18 7.49
N THR C 27 -0.99 3.93 7.07
CA THR C 27 -2.32 3.85 7.71
C THR C 27 -2.89 2.43 7.58
N LEU C 28 -2.57 1.77 6.50
CA LEU C 28 -3.08 0.38 6.31
C LEU C 28 -2.41 -0.55 7.33
N GLN C 29 -1.12 -0.41 7.50
CA GLN C 29 -0.40 -1.25 8.49
C GLN C 29 -0.81 -0.83 9.89
N GLN C 30 -1.46 0.31 10.00
CA GLN C 30 -1.92 0.79 11.33
C GLN C 30 -3.22 0.09 11.69
N LYS C 31 -4.18 0.13 10.81
CA LYS C 31 -5.46 -0.56 11.10
C LYS C 31 -5.22 -2.06 11.14
N LEU C 32 -4.12 -2.49 10.59
CA LEU C 32 -3.78 -3.94 10.60
C LEU C 32 -3.18 -4.32 11.96
N GLU C 33 -2.23 -3.56 12.44
CA GLU C 33 -1.62 -3.87 13.76
C GLU C 33 -2.66 -3.65 14.85
N ALA C 34 -3.70 -2.94 14.55
CA ALA C 34 -4.78 -2.71 15.56
C ALA C 34 -5.79 -3.84 15.43
N VAL C 35 -5.96 -4.33 14.24
CA VAL C 35 -6.91 -5.47 14.02
C VAL C 35 -6.36 -6.69 14.76
N ALA C 36 -5.07 -6.88 14.74
CA ALA C 36 -4.47 -8.04 15.45
C ALA C 36 -4.61 -7.83 16.96
N LYS C 37 -4.69 -6.59 17.37
CA LYS C 37 -4.85 -6.31 18.82
C LYS C 37 -6.29 -6.58 19.26
N ARG C 38 -7.20 -6.48 18.34
CA ARG C 38 -8.63 -6.74 18.68
C ARG C 38 -8.84 -8.26 18.62
N ILE C 39 -8.15 -8.91 17.73
CA ILE C 39 -8.26 -10.38 17.61
C ILE C 39 -7.81 -11.03 18.91
N GLU C 40 -6.71 -10.58 19.45
CA GLU C 40 -6.23 -11.15 20.74
C GLU C 40 -7.28 -10.85 21.80
N ALA C 41 -7.95 -9.73 21.67
CA ALA C 41 -9.01 -9.38 22.65
C ALA C 41 -10.06 -10.49 22.65
N LEU C 42 -10.35 -11.02 21.49
CA LEU C 42 -11.35 -12.12 21.41
C LEU C 42 -10.67 -13.42 21.86
N GLU C 43 -9.39 -13.53 21.68
CA GLU C 43 -8.68 -14.76 22.12
C GLU C 43 -8.66 -14.82 23.63
N ASN C 44 -8.95 -13.72 24.27
CA ASN C 44 -8.97 -13.71 25.76
C ASN C 44 -10.23 -14.44 26.24
N LYS C 45 -11.24 -14.49 25.42
CA LYS C 45 -12.49 -15.19 25.81
C LYS C 45 -12.66 -16.45 24.96
N ILE C 46 -11.90 -16.57 23.90
CA ILE C 46 -12.01 -17.77 23.03
C ILE C 46 -10.88 -18.75 23.38
N ILE C 47 -9.87 -18.30 24.07
CA ILE C 47 -8.75 -19.21 24.42
C ILE C 47 -9.28 -20.44 25.17
N GLY A 1 24.96 3.81 -23.07
CA GLY A 1 26.40 3.69 -23.43
C GLY A 1 27.27 4.14 -22.26
N SER A 2 28.50 3.74 -22.22
CA SER A 2 29.38 4.15 -21.09
C SER A 2 29.82 5.60 -21.26
N HIS A 3 29.03 6.53 -20.79
CA HIS A 3 29.41 7.96 -20.92
C HIS A 3 28.94 8.76 -19.70
N MET A 4 29.47 9.93 -19.51
CA MET A 4 29.07 10.76 -18.34
C MET A 4 27.55 10.97 -18.34
N GLU A 5 26.91 10.69 -17.23
CA GLU A 5 25.42 10.88 -17.16
C GLU A 5 25.06 11.76 -15.98
N GLU A 6 23.80 11.83 -15.63
CA GLU A 6 23.38 12.67 -14.48
C GLU A 6 21.89 12.50 -14.20
N ASP A 7 21.55 11.69 -13.23
CA ASP A 7 20.11 11.48 -12.90
C ASP A 7 19.37 12.81 -12.94
N PRO A 8 18.61 13.01 -13.98
CA PRO A 8 17.82 14.25 -14.14
C PRO A 8 16.64 14.29 -13.16
N CYS A 9 15.73 13.37 -13.28
CA CYS A 9 14.56 13.38 -12.36
C CYS A 9 14.44 12.02 -11.66
N GLU A 10 15.34 11.72 -10.77
CA GLU A 10 15.28 10.41 -10.04
C GLU A 10 14.85 9.29 -10.98
N CYS A 11 15.39 9.26 -12.17
CA CYS A 11 15.01 8.19 -13.13
C CYS A 11 14.95 6.84 -12.43
N LYS A 12 15.73 6.65 -11.41
CA LYS A 12 15.72 5.35 -10.68
C LYS A 12 15.42 5.57 -9.20
N SER A 13 15.40 6.79 -8.76
CA SER A 13 15.12 7.06 -7.31
C SER A 13 13.63 7.00 -7.04
N ILE A 14 12.83 7.37 -8.01
CA ILE A 14 11.35 7.33 -7.83
C ILE A 14 10.86 5.91 -8.02
N VAL A 15 11.39 5.23 -8.99
CA VAL A 15 10.97 3.83 -9.24
C VAL A 15 11.66 2.94 -8.19
N LYS A 16 12.70 3.43 -7.59
CA LYS A 16 13.39 2.66 -6.53
C LYS A 16 12.50 2.71 -5.30
N PHE A 17 11.94 3.85 -5.04
CA PHE A 17 11.02 3.98 -3.88
C PHE A 17 9.78 3.13 -4.16
N GLN A 18 9.43 2.99 -5.42
CA GLN A 18 8.24 2.16 -5.77
C GLN A 18 8.45 0.73 -5.30
N THR A 19 9.56 0.14 -5.65
CA THR A 19 9.83 -1.27 -5.21
C THR A 19 9.70 -1.37 -3.70
N LYS A 20 10.03 -0.33 -3.00
CA LYS A 20 9.91 -0.34 -1.52
C LYS A 20 8.44 -0.45 -1.15
N VAL A 21 7.61 0.22 -1.89
CA VAL A 21 6.14 0.17 -1.62
C VAL A 21 5.60 -1.18 -2.09
N GLU A 22 6.36 -1.87 -2.91
CA GLU A 22 5.90 -3.20 -3.40
C GLU A 22 6.10 -4.25 -2.31
N GLU A 23 7.23 -4.24 -1.67
CA GLU A 23 7.48 -5.23 -0.58
C GLU A 23 6.63 -4.88 0.64
N LEU A 24 6.42 -3.61 0.87
CA LEU A 24 5.59 -3.20 2.03
C LEU A 24 4.13 -3.60 1.79
N ILE A 25 3.61 -3.30 0.63
CA ILE A 25 2.20 -3.67 0.33
C ILE A 25 2.04 -5.19 0.51
N ASN A 26 3.04 -5.96 0.18
CA ASN A 26 2.93 -7.43 0.36
C ASN A 26 2.77 -7.76 1.84
N THR A 27 3.55 -7.12 2.67
CA THR A 27 3.46 -7.37 4.14
C THR A 27 2.06 -6.99 4.65
N LEU A 28 1.46 -6.00 4.04
CA LEU A 28 0.09 -5.59 4.47
C LEU A 28 -0.92 -6.65 4.07
N GLN A 29 -0.83 -7.13 2.86
CA GLN A 29 -1.77 -8.19 2.41
C GLN A 29 -1.45 -9.49 3.15
N GLN A 30 -0.32 -9.52 3.80
CA GLN A 30 0.07 -10.74 4.56
C GLN A 30 -0.61 -10.71 5.93
N LYS A 31 -0.44 -9.63 6.64
CA LYS A 31 -1.08 -9.52 7.98
C LYS A 31 -2.59 -9.44 7.79
N LEU A 32 -3.03 -9.14 6.59
CA LEU A 32 -4.49 -9.07 6.32
C LEU A 32 -5.04 -10.46 6.03
N GLU A 33 -4.38 -11.21 5.20
CA GLU A 33 -4.87 -12.59 4.90
C GLU A 33 -4.69 -13.46 6.14
N ALA A 34 -3.85 -13.03 7.04
CA ALA A 34 -3.64 -13.79 8.31
C ALA A 34 -4.64 -13.27 9.33
N VAL A 35 -4.92 -12.01 9.27
CA VAL A 35 -5.91 -11.41 10.21
C VAL A 35 -7.27 -12.06 9.94
N ALA A 36 -7.57 -12.34 8.70
CA ALA A 36 -8.86 -12.98 8.38
C ALA A 36 -8.84 -14.43 8.88
N LYS A 37 -7.67 -15.00 8.94
CA LYS A 37 -7.56 -16.40 9.43
C LYS A 37 -7.76 -16.41 10.95
N ARG A 38 -7.36 -15.37 11.62
CA ARG A 38 -7.54 -15.30 13.09
C ARG A 38 -9.02 -15.04 13.37
N ILE A 39 -9.63 -14.17 12.61
CA ILE A 39 -11.07 -13.88 12.79
C ILE A 39 -11.84 -15.19 12.71
N GLU A 40 -11.51 -16.01 11.75
CA GLU A 40 -12.19 -17.32 11.62
C GLU A 40 -11.91 -18.12 12.89
N ALA A 41 -10.73 -17.98 13.43
CA ALA A 41 -10.39 -18.72 14.68
C ALA A 41 -11.39 -18.33 15.77
N LEU A 42 -11.87 -17.11 15.73
CA LEU A 42 -12.86 -16.67 16.74
C LEU A 42 -14.26 -17.04 16.27
N GLU A 43 -14.42 -17.25 14.99
CA GLU A 43 -15.76 -17.63 14.46
C GLU A 43 -16.04 -19.10 14.81
N ASN A 44 -15.02 -19.82 15.14
CA ASN A 44 -15.20 -21.25 15.52
C ASN A 44 -15.78 -21.32 16.93
N LYS A 45 -15.61 -20.27 17.69
CA LYS A 45 -16.16 -20.25 19.08
C LYS A 45 -17.27 -19.20 19.16
N ILE A 46 -17.39 -18.36 18.18
CA ILE A 46 -18.46 -17.32 18.20
C ILE A 46 -19.59 -17.74 17.25
N ILE A 47 -19.34 -18.70 16.41
CA ILE A 47 -20.40 -19.16 15.46
C ILE A 47 -21.68 -19.48 16.21
N GLY B 1 3.46 16.70 -29.55
CA GLY B 1 3.23 16.76 -31.02
C GLY B 1 3.43 15.37 -31.63
N SER B 2 2.89 15.15 -32.81
CA SER B 2 3.05 13.83 -33.46
C SER B 2 4.44 13.70 -34.08
N HIS B 3 5.40 13.25 -33.33
CA HIS B 3 6.78 13.11 -33.88
C HIS B 3 7.49 11.90 -33.25
N MET B 4 8.57 11.47 -33.82
CA MET B 4 9.30 10.29 -33.25
C MET B 4 9.67 10.56 -31.79
N GLU B 5 9.29 9.69 -30.89
CA GLU B 5 9.62 9.89 -29.45
C GLU B 5 10.39 8.69 -28.92
N GLU B 6 10.59 8.61 -27.63
CA GLU B 6 11.34 7.46 -27.05
C GLU B 6 11.33 7.52 -25.53
N ASP B 7 10.47 6.75 -24.90
CA ASP B 7 10.41 6.77 -23.41
C ASP B 7 11.82 6.76 -22.83
N PRO B 8 12.23 7.90 -22.34
CA PRO B 8 13.59 8.02 -21.74
C PRO B 8 13.65 7.31 -20.38
N CYS B 9 12.85 7.73 -19.44
CA CYS B 9 12.89 7.07 -18.11
C CYS B 9 11.49 6.59 -17.70
N GLU B 10 10.98 5.59 -18.36
CA GLU B 10 9.62 5.06 -18.02
C GLU B 10 8.66 6.22 -17.69
N CYS B 11 8.72 7.27 -18.45
CA CYS B 11 7.82 8.43 -18.19
C CYS B 11 6.40 7.93 -17.86
N LYS B 12 6.01 6.82 -18.40
CA LYS B 12 4.64 6.30 -18.11
C LYS B 12 4.71 4.89 -17.52
N SER B 13 5.88 4.31 -17.51
CA SER B 13 6.02 2.93 -16.93
C SER B 13 6.12 2.99 -15.41
N ILE B 14 6.66 4.06 -14.89
CA ILE B 14 6.78 4.21 -13.41
C ILE B 14 5.44 4.68 -12.84
N VAL B 15 4.82 5.59 -13.53
CA VAL B 15 3.51 6.11 -13.06
C VAL B 15 2.44 5.06 -13.39
N LYS B 16 2.75 4.19 -14.31
CA LYS B 16 1.79 3.12 -14.67
C LYS B 16 1.80 2.10 -13.54
N PHE B 17 2.97 1.82 -13.04
CA PHE B 17 3.07 0.88 -11.89
C PHE B 17 2.42 1.53 -10.68
N GLN B 18 2.46 2.84 -10.61
CA GLN B 18 1.84 3.54 -9.46
C GLN B 18 0.34 3.24 -9.41
N THR B 19 -0.34 3.42 -10.51
CA THR B 19 -1.81 3.15 -10.54
C THR B 19 -2.06 1.71 -10.08
N LYS B 20 -1.15 0.82 -10.37
CA LYS B 20 -1.34 -0.59 -9.94
C LYS B 20 -1.29 -0.64 -8.42
N VAL B 21 -0.47 0.17 -7.82
CA VAL B 21 -0.39 0.20 -6.34
C VAL B 21 -1.61 0.94 -5.79
N GLU B 22 -2.28 1.69 -6.62
CA GLU B 22 -3.48 2.44 -6.16
C GLU B 22 -4.66 1.48 -6.01
N GLU B 23 -4.85 0.62 -6.97
CA GLU B 23 -5.97 -0.36 -6.89
C GLU B 23 -5.67 -1.42 -5.83
N LEU B 24 -4.42 -1.76 -5.68
CA LEU B 24 -4.05 -2.78 -4.66
C LEU B 24 -4.25 -2.18 -3.26
N ILE B 25 -3.75 -0.99 -3.04
CA ILE B 25 -3.93 -0.35 -1.71
C ILE B 25 -5.42 -0.29 -1.37
N ASN B 26 -6.26 -0.06 -2.34
CA ASN B 26 -7.72 -0.01 -2.05
C ASN B 26 -8.19 -1.38 -1.56
N THR B 27 -7.74 -2.42 -2.18
CA THR B 27 -8.14 -3.79 -1.76
C THR B 27 -7.65 -4.07 -0.34
N LEU B 28 -6.53 -3.50 0.03
CA LEU B 28 -6.00 -3.71 1.41
C LEU B 28 -6.87 -2.97 2.41
N GLN B 29 -7.22 -1.76 2.12
CA GLN B 29 -8.09 -0.97 3.04
C GLN B 29 -9.49 -1.57 3.01
N GLN B 30 -9.75 -2.42 2.04
CA GLN B 30 -11.08 -3.07 1.96
C GLN B 30 -11.12 -4.26 2.90
N LYS B 31 -10.16 -5.15 2.78
CA LYS B 31 -10.12 -6.31 3.70
C LYS B 31 -9.82 -5.83 5.11
N LEU B 32 -9.35 -4.62 5.24
CA LEU B 32 -9.05 -4.07 6.58
C LEU B 32 -10.33 -3.50 7.20
N GLU B 33 -11.06 -2.72 6.45
CA GLU B 33 -12.33 -2.15 7.00
C GLU B 33 -13.35 -3.27 7.17
N ALA B 34 -13.16 -4.36 6.48
CA ALA B 34 -14.09 -5.52 6.63
C ALA B 34 -13.57 -6.39 7.77
N VAL B 35 -12.28 -6.44 7.92
CA VAL B 35 -11.67 -7.23 9.02
C VAL B 35 -12.12 -6.62 10.34
N ALA B 36 -12.21 -5.31 10.39
CA ALA B 36 -12.66 -4.65 11.65
C ALA B 36 -14.13 -4.95 11.86
N LYS B 37 -14.86 -5.15 10.80
CA LYS B 37 -16.30 -5.46 10.94
C LYS B 37 -16.46 -6.89 11.47
N ARG B 38 -15.57 -7.76 11.11
CA ARG B 38 -15.65 -9.16 11.62
C ARG B 38 -15.25 -9.16 13.09
N ILE B 39 -14.22 -8.44 13.42
CA ILE B 39 -13.78 -8.37 14.84
C ILE B 39 -14.96 -7.94 15.69
N GLU B 40 -15.70 -6.98 15.21
CA GLU B 40 -16.90 -6.52 15.97
C GLU B 40 -17.89 -7.68 16.04
N ALA B 41 -17.95 -8.48 15.01
CA ALA B 41 -18.86 -9.65 15.02
C ALA B 41 -18.50 -10.54 16.20
N LEU B 42 -17.23 -10.59 16.54
CA LEU B 42 -16.81 -11.42 17.69
C LEU B 42 -16.97 -10.63 18.98
N GLU B 43 -16.95 -9.32 18.88
CA GLU B 43 -17.12 -8.48 20.10
C GLU B 43 -18.56 -8.57 20.60
N ASN B 44 -19.43 -9.00 19.74
CA ASN B 44 -20.86 -9.14 20.15
C ASN B 44 -21.02 -10.39 21.02
N LYS B 45 -20.08 -11.30 20.90
CA LYS B 45 -20.15 -12.54 21.72
C LYS B 45 -19.01 -12.55 22.73
N ILE B 46 -18.07 -11.65 22.58
CA ILE B 46 -16.93 -11.60 23.55
C ILE B 46 -17.10 -10.39 24.47
N ILE B 47 -17.99 -9.50 24.13
CA ILE B 47 -18.20 -8.30 24.99
C ILE B 47 -18.50 -8.72 26.43
N GLY C 1 18.93 25.93 -11.53
CA GLY C 1 19.19 27.39 -11.58
C GLY C 1 17.88 28.14 -11.83
N SER C 2 17.80 29.38 -11.42
CA SER C 2 16.55 30.16 -11.64
C SER C 2 16.37 30.44 -13.13
N HIS C 3 15.69 29.58 -13.83
CA HIS C 3 15.48 29.80 -15.29
C HIS C 3 14.16 29.17 -15.74
N MET C 4 13.67 29.53 -16.90
CA MET C 4 12.38 28.96 -17.38
C MET C 4 12.48 27.43 -17.45
N GLU C 5 11.53 26.75 -16.85
CA GLU C 5 11.56 25.26 -16.88
C GLU C 5 10.22 24.72 -17.39
N GLU C 6 10.02 23.44 -17.30
CA GLU C 6 8.73 22.86 -17.79
C GLU C 6 8.64 21.38 -17.42
N ASP C 7 7.94 21.06 -16.37
CA ASP C 7 7.82 19.63 -15.96
C ASP C 7 7.57 18.75 -17.20
N PRO C 8 8.59 18.04 -17.58
CA PRO C 8 8.50 17.15 -18.76
C PRO C 8 7.67 15.90 -18.45
N CYS C 9 8.11 15.10 -17.52
CA CYS C 9 7.36 13.85 -17.19
C CYS C 9 6.99 13.82 -15.70
N GLU C 10 6.10 14.70 -15.28
CA GLU C 10 5.70 14.73 -13.85
C GLU C 10 6.91 14.48 -12.94
N CYS C 11 8.02 15.10 -13.24
CA CYS C 11 9.24 14.89 -12.41
C CYS C 11 8.89 14.95 -10.92
N LYS C 12 7.87 15.68 -10.57
CA LYS C 12 7.48 15.77 -9.14
C LYS C 12 6.02 15.34 -8.95
N SER C 13 5.31 15.15 -10.03
CA SER C 13 3.88 14.73 -9.91
C SER C 13 3.79 13.22 -9.67
N ILE C 14 4.72 12.48 -10.18
CA ILE C 14 4.72 10.99 -9.99
C ILE C 14 5.28 10.67 -8.61
N VAL C 15 6.31 11.36 -8.22
CA VAL C 15 6.91 11.13 -6.89
C VAL C 15 6.04 11.81 -5.84
N LYS C 16 5.24 12.75 -6.27
CA LYS C 16 4.33 13.44 -5.33
C LYS C 16 3.21 12.47 -5.00
N PHE C 17 2.73 11.78 -6.00
CA PHE C 17 1.67 10.77 -5.76
C PHE C 17 2.26 9.65 -4.90
N GLN C 18 3.53 9.41 -5.04
CA GLN C 18 4.18 8.33 -4.22
C GLN C 18 4.04 8.65 -2.74
N THR C 19 4.40 9.84 -2.35
CA THR C 19 4.28 10.23 -0.91
C THR C 19 2.85 10.00 -0.44
N LYS C 20 1.90 10.20 -1.31
CA LYS C 20 0.47 9.99 -0.92
C LYS C 20 0.27 8.51 -0.60
N VAL C 21 0.93 7.67 -1.35
CA VAL C 21 0.81 6.20 -1.09
C VAL C 21 1.61 5.84 0.16
N GLU C 22 2.51 6.69 0.54
CA GLU C 22 3.33 6.42 1.76
C GLU C 22 2.49 6.65 3.02
N GLU C 23 1.75 7.72 3.07
CA GLU C 23 0.91 7.99 4.26
C GLU C 23 -0.27 7.01 4.28
N LEU C 24 -0.79 6.67 3.14
CA LEU C 24 -1.92 5.70 3.09
C LEU C 24 -1.44 4.33 3.56
N ILE C 25 -0.34 3.87 3.03
CA ILE C 25 0.19 2.54 3.45
C ILE C 25 0.38 2.52 4.97
N ASN C 26 0.80 3.62 5.54
CA ASN C 26 0.99 3.64 7.02
C ASN C 26 -0.35 3.42 7.71
N THR C 27 -1.38 4.04 7.21
CA THR C 27 -2.73 3.87 7.80
C THR C 27 -3.19 2.42 7.67
N LEU C 28 -2.79 1.76 6.62
CA LEU C 28 -3.20 0.34 6.44
C LEU C 28 -2.47 -0.52 7.46
N GLN C 29 -1.20 -0.29 7.64
CA GLN C 29 -0.42 -1.08 8.63
C GLN C 29 -0.87 -0.68 10.05
N GLN C 30 -1.59 0.41 10.15
CA GLN C 30 -2.09 0.87 11.47
C GLN C 30 -3.37 0.10 11.82
N LYS C 31 -4.32 0.11 10.93
CA LYS C 31 -5.57 -0.62 11.19
C LYS C 31 -5.27 -2.12 11.18
N LEU C 32 -4.13 -2.49 10.65
CA LEU C 32 -3.74 -3.93 10.63
C LEU C 32 -3.10 -4.32 11.96
N GLU C 33 -2.17 -3.54 12.43
CA GLU C 33 -1.53 -3.87 13.74
C GLU C 33 -2.56 -3.71 14.85
N ALA C 34 -3.59 -2.95 14.60
CA ALA C 34 -4.66 -2.76 15.62
C ALA C 34 -5.67 -3.88 15.43
N VAL C 35 -5.86 -4.30 14.21
CA VAL C 35 -6.81 -5.40 13.94
C VAL C 35 -6.28 -6.66 14.63
N ALA C 36 -4.99 -6.84 14.64
CA ALA C 36 -4.41 -8.03 15.31
C ALA C 36 -4.57 -7.87 16.82
N LYS C 37 -4.58 -6.65 17.29
CA LYS C 37 -4.76 -6.43 18.75
C LYS C 37 -6.21 -6.72 19.14
N ARG C 38 -7.12 -6.49 18.24
CA ARG C 38 -8.55 -6.79 18.55
C ARG C 38 -8.74 -8.29 18.49
N ILE C 39 -8.13 -8.93 17.54
CA ILE C 39 -8.24 -10.40 17.43
C ILE C 39 -7.79 -11.02 18.75
N GLU C 40 -6.70 -10.54 19.28
CA GLU C 40 -6.21 -11.06 20.59
C GLU C 40 -7.28 -10.78 21.63
N ALA C 41 -7.95 -9.67 21.52
CA ALA C 41 -9.02 -9.34 22.50
C ALA C 41 -10.07 -10.46 22.48
N LEU C 42 -10.30 -11.03 21.33
CA LEU C 42 -11.28 -12.13 21.24
C LEU C 42 -10.61 -13.45 21.62
N GLU C 43 -9.31 -13.52 21.50
CA GLU C 43 -8.59 -14.77 21.87
C GLU C 43 -8.57 -14.90 23.39
N ASN C 44 -8.81 -13.82 24.08
CA ASN C 44 -8.81 -13.88 25.57
C ASN C 44 -10.11 -14.54 26.03
N LYS C 45 -11.10 -14.54 25.20
CA LYS C 45 -12.40 -15.18 25.56
C LYS C 45 -12.62 -16.42 24.68
N ILE C 46 -11.84 -16.57 23.64
CA ILE C 46 -12.01 -17.75 22.76
C ILE C 46 -10.89 -18.77 23.05
N ILE C 47 -9.88 -18.34 23.75
CA ILE C 47 -8.76 -19.27 24.07
C ILE C 47 -9.30 -20.55 24.72
N GLY A 1 31.40 11.52 -20.45
CA GLY A 1 30.05 11.36 -19.83
C GLY A 1 29.15 12.51 -20.26
N SER A 2 28.79 13.37 -19.34
CA SER A 2 27.91 14.52 -19.69
C SER A 2 26.71 14.04 -20.52
N HIS A 3 25.83 13.28 -19.91
CA HIS A 3 24.63 12.79 -20.67
C HIS A 3 23.37 13.53 -20.23
N MET A 4 22.97 13.36 -19.00
CA MET A 4 21.74 14.05 -18.52
C MET A 4 22.09 14.98 -17.36
N GLU A 5 23.32 15.38 -17.25
CA GLU A 5 23.73 16.29 -16.14
C GLU A 5 23.44 15.65 -14.78
N GLU A 6 24.13 14.59 -14.46
CA GLU A 6 23.90 13.92 -13.15
C GLU A 6 22.43 13.52 -13.00
N ASP A 7 22.08 12.90 -11.91
CA ASP A 7 20.66 12.48 -11.71
C ASP A 7 19.71 13.62 -12.09
N PRO A 8 19.05 13.43 -13.21
CA PRO A 8 18.09 14.44 -13.70
C PRO A 8 16.80 14.41 -12.86
N CYS A 9 16.03 13.37 -12.96
CA CYS A 9 14.77 13.29 -12.18
C CYS A 9 14.61 11.92 -11.53
N GLU A 10 15.59 11.48 -10.78
CA GLU A 10 15.51 10.15 -10.11
C GLU A 10 14.88 9.11 -11.06
N CYS A 11 15.39 9.00 -12.25
CA CYS A 11 14.83 8.02 -13.21
C CYS A 11 14.74 6.64 -12.56
N LYS A 12 15.64 6.34 -11.67
CA LYS A 12 15.60 5.01 -11.01
C LYS A 12 15.36 5.18 -9.50
N SER A 13 15.48 6.38 -9.01
CA SER A 13 15.27 6.63 -7.56
C SER A 13 13.78 6.67 -7.22
N ILE A 14 12.97 7.11 -8.15
CA ILE A 14 11.50 7.17 -7.91
C ILE A 14 10.90 5.79 -8.15
N VAL A 15 11.37 5.13 -9.15
CA VAL A 15 10.86 3.76 -9.46
C VAL A 15 11.51 2.77 -8.49
N LYS A 16 12.61 3.18 -7.90
CA LYS A 16 13.28 2.30 -6.91
C LYS A 16 12.44 2.35 -5.64
N PHE A 17 12.02 3.52 -5.28
CA PHE A 17 11.16 3.67 -4.08
C PHE A 17 9.86 2.90 -4.35
N GLN A 18 9.44 2.85 -5.59
CA GLN A 18 8.19 2.10 -5.91
C GLN A 18 8.35 0.64 -5.53
N THR A 19 9.47 0.05 -5.87
CA THR A 19 9.71 -1.38 -5.50
C THR A 19 9.60 -1.53 -3.98
N LYS A 20 10.03 -0.55 -3.24
CA LYS A 20 9.94 -0.63 -1.77
C LYS A 20 8.46 -0.64 -1.38
N VAL A 21 7.66 0.02 -2.16
CA VAL A 21 6.20 0.05 -1.88
C VAL A 21 5.59 -1.26 -2.37
N GLU A 22 6.28 -1.95 -3.22
CA GLU A 22 5.77 -3.25 -3.74
C GLU A 22 5.93 -4.32 -2.66
N GLU A 23 7.08 -4.39 -2.05
CA GLU A 23 7.31 -5.39 -0.98
C GLU A 23 6.50 -5.02 0.26
N LEU A 24 6.37 -3.75 0.53
CA LEU A 24 5.59 -3.31 1.72
C LEU A 24 4.11 -3.66 1.50
N ILE A 25 3.56 -3.30 0.38
CA ILE A 25 2.14 -3.61 0.11
C ILE A 25 1.92 -5.12 0.30
N ASN A 26 2.87 -5.93 -0.10
CA ASN A 26 2.71 -7.40 0.08
C ASN A 26 2.64 -7.72 1.57
N THR A 27 3.45 -7.05 2.35
CA THR A 27 3.44 -7.29 3.83
C THR A 27 2.07 -6.90 4.41
N LEU A 28 1.44 -5.92 3.83
CA LEU A 28 0.10 -5.50 4.35
C LEU A 28 -0.94 -6.56 3.98
N GLN A 29 -0.89 -7.04 2.77
CA GLN A 29 -1.85 -8.08 2.34
C GLN A 29 -1.49 -9.38 3.08
N GLN A 30 -0.33 -9.42 3.66
CA GLN A 30 0.10 -10.64 4.41
C GLN A 30 -0.54 -10.60 5.80
N LYS A 31 -0.33 -9.54 6.52
CA LYS A 31 -0.93 -9.43 7.88
C LYS A 31 -2.45 -9.40 7.75
N LEU A 32 -2.93 -9.10 6.58
CA LEU A 32 -4.40 -9.05 6.35
C LEU A 32 -4.93 -10.47 6.14
N GLU A 33 -4.27 -11.24 5.30
CA GLU A 33 -4.73 -12.63 5.06
C GLU A 33 -4.50 -13.47 6.31
N ALA A 34 -3.65 -12.99 7.19
CA ALA A 34 -3.39 -13.72 8.46
C ALA A 34 -4.39 -13.25 9.48
N VAL A 35 -4.74 -11.99 9.41
CA VAL A 35 -5.74 -11.43 10.34
C VAL A 35 -7.07 -12.16 10.12
N ALA A 36 -7.39 -12.44 8.88
CA ALA A 36 -8.65 -13.17 8.59
C ALA A 36 -8.55 -14.57 9.18
N LYS A 37 -7.34 -15.10 9.27
CA LYS A 37 -7.17 -16.46 9.85
C LYS A 37 -7.42 -16.41 11.35
N ARG A 38 -7.07 -15.32 11.98
CA ARG A 38 -7.31 -15.19 13.45
C ARG A 38 -8.80 -14.98 13.69
N ILE A 39 -9.44 -14.25 12.82
CA ILE A 39 -10.91 -14.02 12.97
C ILE A 39 -11.62 -15.36 12.90
N GLU A 40 -11.20 -16.19 11.97
CA GLU A 40 -11.82 -17.54 11.85
C GLU A 40 -11.51 -18.33 13.12
N ALA A 41 -10.34 -18.12 13.67
CA ALA A 41 -9.99 -18.84 14.93
C ALA A 41 -11.05 -18.51 15.98
N LEU A 42 -11.53 -17.31 15.99
CA LEU A 42 -12.59 -16.92 16.96
C LEU A 42 -13.91 -17.52 16.49
N GLU A 43 -14.08 -17.65 15.20
CA GLU A 43 -15.35 -18.22 14.67
C GLU A 43 -15.42 -19.70 15.04
N ASN A 44 -14.32 -20.27 15.41
CA ASN A 44 -14.31 -21.71 15.81
C ASN A 44 -14.98 -21.86 17.17
N LYS A 45 -15.00 -20.81 17.95
CA LYS A 45 -15.64 -20.88 19.28
C LYS A 45 -16.85 -19.93 19.33
N ILE A 46 -17.01 -19.11 18.33
CA ILE A 46 -18.17 -18.18 18.31
C ILE A 46 -19.18 -18.68 17.28
N ILE A 47 -18.81 -19.62 16.46
CA ILE A 47 -19.75 -20.14 15.43
C ILE A 47 -21.07 -20.54 16.08
N GLY B 1 10.07 11.49 -36.17
CA GLY B 1 9.99 11.20 -34.72
C GLY B 1 11.29 11.68 -34.04
N SER B 2 12.08 10.77 -33.55
CA SER B 2 13.35 11.16 -32.89
C SER B 2 13.10 12.28 -31.86
N HIS B 3 12.33 12.00 -30.85
CA HIS B 3 12.05 13.05 -29.82
C HIS B 3 12.89 12.80 -28.56
N MET B 4 12.61 11.76 -27.84
CA MET B 4 13.39 11.48 -26.60
C MET B 4 14.15 10.16 -26.74
N GLU B 5 14.45 9.76 -27.94
CA GLU B 5 15.19 8.48 -28.14
C GLU B 5 14.44 7.32 -27.49
N GLU B 6 13.29 6.98 -27.99
CA GLU B 6 12.53 5.85 -27.40
C GLU B 6 12.28 6.09 -25.90
N ASP B 7 11.57 5.20 -25.25
CA ASP B 7 11.29 5.37 -23.81
C ASP B 7 12.55 5.83 -23.07
N PRO B 8 12.55 7.07 -22.66
CA PRO B 8 13.70 7.63 -21.93
C PRO B 8 13.73 7.12 -20.49
N CYS B 9 12.77 7.50 -19.69
CA CYS B 9 12.76 7.04 -18.27
C CYS B 9 11.35 6.61 -17.86
N GLU B 10 10.75 5.71 -18.60
CA GLU B 10 9.37 5.25 -18.25
C GLU B 10 8.50 6.42 -17.79
N CYS B 11 8.43 7.47 -18.56
CA CYS B 11 7.59 8.63 -18.15
C CYS B 11 6.18 8.17 -17.80
N LYS B 12 5.72 7.13 -18.45
CA LYS B 12 4.35 6.62 -18.15
C LYS B 12 4.42 5.19 -17.60
N SER B 13 5.56 4.57 -17.68
CA SER B 13 5.69 3.17 -17.17
C SER B 13 5.87 3.19 -15.64
N ILE B 14 6.46 4.23 -15.12
CA ILE B 14 6.66 4.33 -13.65
C ILE B 14 5.37 4.85 -13.00
N VAL B 15 4.76 5.82 -13.62
CA VAL B 15 3.49 6.37 -13.07
C VAL B 15 2.37 5.38 -13.39
N LYS B 16 2.60 4.52 -14.35
CA LYS B 16 1.57 3.50 -14.68
C LYS B 16 1.61 2.46 -13.57
N PHE B 17 2.79 2.07 -13.18
CA PHE B 17 2.91 1.10 -12.08
C PHE B 17 2.31 1.73 -10.82
N GLN B 18 2.39 3.02 -10.71
CA GLN B 18 1.80 3.70 -9.52
C GLN B 18 0.29 3.45 -9.49
N THR B 19 -0.37 3.59 -10.61
CA THR B 19 -1.84 3.33 -10.63
C THR B 19 -2.12 1.90 -10.17
N LYS B 20 -1.23 0.99 -10.48
CA LYS B 20 -1.43 -0.42 -10.03
C LYS B 20 -1.34 -0.46 -8.51
N VAL B 21 -0.53 0.40 -7.96
CA VAL B 21 -0.39 0.47 -6.48
C VAL B 21 -1.59 1.21 -5.90
N GLU B 22 -2.27 1.96 -6.73
CA GLU B 22 -3.46 2.72 -6.26
C GLU B 22 -4.63 1.76 -6.08
N GLU B 23 -4.86 0.91 -7.05
CA GLU B 23 -5.99 -0.06 -6.93
C GLU B 23 -5.64 -1.13 -5.89
N LEU B 24 -4.39 -1.50 -5.82
CA LEU B 24 -3.97 -2.52 -4.82
C LEU B 24 -4.13 -1.96 -3.41
N ILE B 25 -3.67 -0.77 -3.19
CA ILE B 25 -3.81 -0.15 -1.84
C ILE B 25 -5.30 -0.13 -1.47
N ASN B 26 -6.16 0.12 -2.42
CA ASN B 26 -7.61 0.13 -2.12
C ASN B 26 -8.03 -1.26 -1.64
N THR B 27 -7.56 -2.27 -2.30
CA THR B 27 -7.91 -3.67 -1.91
C THR B 27 -7.43 -3.94 -0.47
N LEU B 28 -6.34 -3.35 -0.08
CA LEU B 28 -5.83 -3.58 1.30
C LEU B 28 -6.73 -2.86 2.30
N GLN B 29 -7.10 -1.65 2.01
CA GLN B 29 -8.00 -0.90 2.91
C GLN B 29 -9.40 -1.53 2.85
N GLN B 30 -9.60 -2.40 1.90
CA GLN B 30 -10.92 -3.07 1.76
C GLN B 30 -10.96 -4.28 2.70
N LYS B 31 -9.98 -5.13 2.60
CA LYS B 31 -9.93 -6.31 3.49
C LYS B 31 -9.74 -5.84 4.93
N LEU B 32 -9.26 -4.64 5.10
CA LEU B 32 -9.05 -4.10 6.47
C LEU B 32 -10.39 -3.61 7.03
N GLU B 33 -11.12 -2.85 6.26
CA GLU B 33 -12.44 -2.36 6.74
C GLU B 33 -13.42 -3.53 6.83
N ALA B 34 -13.08 -4.63 6.22
CA ALA B 34 -13.95 -5.83 6.30
C ALA B 34 -13.51 -6.64 7.49
N VAL B 35 -12.23 -6.65 7.75
CA VAL B 35 -11.71 -7.38 8.92
C VAL B 35 -12.32 -6.77 10.18
N ALA B 36 -12.41 -5.46 10.22
CA ALA B 36 -13.02 -4.81 11.42
C ALA B 36 -14.48 -5.26 11.54
N LYS B 37 -15.11 -5.57 10.44
CA LYS B 37 -16.52 -6.04 10.50
C LYS B 37 -16.58 -7.43 11.12
N ARG B 38 -15.59 -8.23 10.84
CA ARG B 38 -15.57 -9.61 11.40
C ARG B 38 -15.22 -9.54 12.88
N ILE B 39 -14.35 -8.64 13.25
CA ILE B 39 -13.98 -8.49 14.69
C ILE B 39 -15.23 -8.09 15.46
N GLU B 40 -16.01 -7.20 14.91
CA GLU B 40 -17.27 -6.79 15.59
C GLU B 40 -18.18 -8.00 15.66
N ALA B 41 -18.14 -8.82 14.64
CA ALA B 41 -18.99 -10.04 14.64
C ALA B 41 -18.66 -10.86 15.89
N LEU B 42 -17.41 -10.89 16.26
CA LEU B 42 -17.02 -11.64 17.48
C LEU B 42 -17.41 -10.81 18.71
N GLU B 43 -17.40 -9.51 18.59
CA GLU B 43 -17.79 -8.64 19.74
C GLU B 43 -19.27 -8.83 20.03
N ASN B 44 -19.99 -9.39 19.08
CA ASN B 44 -21.45 -9.62 19.30
C ASN B 44 -21.64 -10.77 20.28
N LYS B 45 -20.67 -11.64 20.38
CA LYS B 45 -20.77 -12.77 21.33
C LYS B 45 -19.71 -12.63 22.42
N ILE B 46 -18.81 -11.71 22.27
CA ILE B 46 -17.75 -11.53 23.31
C ILE B 46 -18.03 -10.24 24.09
N ILE B 47 -18.96 -9.43 23.62
CA ILE B 47 -19.27 -8.16 24.33
C ILE B 47 -19.60 -8.46 25.80
N GLY C 1 13.91 31.47 -18.83
CA GLY C 1 13.44 30.11 -18.42
C GLY C 1 13.66 29.13 -19.59
N SER C 2 12.60 28.57 -20.11
CA SER C 2 12.76 27.61 -21.24
C SER C 2 13.79 26.53 -20.88
N HIS C 3 13.51 25.74 -19.88
CA HIS C 3 14.48 24.69 -19.49
C HIS C 3 14.01 23.31 -19.99
N MET C 4 12.93 22.81 -19.46
CA MET C 4 12.43 21.48 -19.91
C MET C 4 11.04 21.62 -20.56
N GLU C 5 10.74 22.77 -21.10
CA GLU C 5 9.40 22.97 -21.74
C GLU C 5 8.28 22.65 -20.75
N GLU C 6 8.13 23.45 -19.73
CA GLU C 6 7.05 23.19 -18.74
C GLU C 6 7.15 21.75 -18.20
N ASP C 7 6.29 21.41 -17.27
CA ASP C 7 6.32 20.03 -16.71
C ASP C 7 6.52 19.00 -17.82
N PRO C 8 7.70 18.43 -17.85
CA PRO C 8 8.03 17.42 -18.87
C PRO C 8 7.38 16.08 -18.52
N CYS C 9 7.83 15.42 -17.48
CA CYS C 9 7.24 14.12 -17.10
C CYS C 9 6.95 14.09 -15.60
N GLU C 10 6.17 15.02 -15.11
CA GLU C 10 5.85 15.05 -13.65
C GLU C 10 7.05 14.63 -12.81
N CYS C 11 8.19 15.24 -13.03
CA CYS C 11 9.39 14.87 -12.23
C CYS C 11 9.07 14.90 -10.74
N LYS C 12 8.19 15.76 -10.33
CA LYS C 12 7.83 15.84 -8.89
C LYS C 12 6.36 15.48 -8.68
N SER C 13 5.61 15.37 -9.74
CA SER C 13 4.17 15.01 -9.60
C SER C 13 4.00 13.50 -9.43
N ILE C 14 4.91 12.74 -9.99
CA ILE C 14 4.83 11.26 -9.85
C ILE C 14 5.43 10.85 -8.51
N VAL C 15 6.51 11.46 -8.14
CA VAL C 15 7.15 11.13 -6.85
C VAL C 15 6.34 11.80 -5.73
N LYS C 16 5.58 12.80 -6.08
CA LYS C 16 4.72 13.46 -5.05
C LYS C 16 3.58 12.52 -4.76
N PHE C 17 3.02 11.93 -5.78
CA PHE C 17 1.93 10.96 -5.57
C PHE C 17 2.48 9.79 -4.75
N GLN C 18 3.75 9.50 -4.93
CA GLN C 18 4.37 8.37 -4.16
C GLN C 18 4.30 8.67 -2.67
N THR C 19 4.64 9.88 -2.28
CA THR C 19 4.57 10.25 -0.83
C THR C 19 3.15 10.05 -0.33
N LYS C 20 2.17 10.30 -1.17
CA LYS C 20 0.76 10.10 -0.74
C LYS C 20 0.55 8.61 -0.49
N VAL C 21 1.23 7.80 -1.24
CA VAL C 21 1.11 6.32 -1.05
C VAL C 21 1.94 5.92 0.17
N GLU C 22 2.85 6.76 0.57
CA GLU C 22 3.68 6.45 1.76
C GLU C 22 2.86 6.63 3.03
N GLU C 23 2.15 7.74 3.12
CA GLU C 23 1.31 7.97 4.33
C GLU C 23 0.12 7.02 4.32
N LEU C 24 -0.43 6.74 3.17
CA LEU C 24 -1.58 5.82 3.09
C LEU C 24 -1.14 4.41 3.50
N ILE C 25 -0.05 3.94 2.97
CA ILE C 25 0.44 2.59 3.33
C ILE C 25 0.60 2.52 4.86
N ASN C 26 1.05 3.59 5.46
CA ASN C 26 1.21 3.59 6.95
C ASN C 26 -0.16 3.43 7.61
N THR C 27 -1.14 4.07 7.06
CA THR C 27 -2.52 3.98 7.65
C THR C 27 -3.02 2.53 7.53
N LEU C 28 -2.63 1.84 6.49
CA LEU C 28 -3.08 0.42 6.34
C LEU C 28 -2.37 -0.45 7.38
N GLN C 29 -1.10 -0.24 7.54
CA GLN C 29 -0.35 -1.04 8.55
C GLN C 29 -0.79 -0.59 9.95
N GLN C 30 -1.49 0.50 10.03
CA GLN C 30 -2.00 1.00 11.33
C GLN C 30 -3.28 0.25 11.69
N LYS C 31 -4.23 0.26 10.79
CA LYS C 31 -5.50 -0.46 11.05
C LYS C 31 -5.22 -1.96 11.13
N LEU C 32 -4.09 -2.37 10.59
CA LEU C 32 -3.73 -3.81 10.65
C LEU C 32 -3.15 -4.14 12.02
N GLU C 33 -2.23 -3.34 12.49
CA GLU C 33 -1.64 -3.60 13.84
C GLU C 33 -2.70 -3.37 14.91
N ALA C 34 -3.77 -2.71 14.55
CA ALA C 34 -4.86 -2.47 15.53
C ALA C 34 -5.84 -3.62 15.41
N VAL C 35 -6.00 -4.12 14.22
CA VAL C 35 -6.91 -5.27 14.01
C VAL C 35 -6.37 -6.45 14.81
N ALA C 36 -5.07 -6.59 14.86
CA ALA C 36 -4.47 -7.71 15.64
C ALA C 36 -4.74 -7.47 17.12
N LYS C 37 -4.90 -6.24 17.50
CA LYS C 37 -5.18 -5.94 18.93
C LYS C 37 -6.61 -6.31 19.27
N ARG C 38 -7.50 -6.14 18.33
CA ARG C 38 -8.93 -6.51 18.59
C ARG C 38 -9.05 -8.03 18.59
N ILE C 39 -8.31 -8.67 17.72
CA ILE C 39 -8.35 -10.16 17.68
C ILE C 39 -7.90 -10.70 19.04
N GLU C 40 -6.85 -10.14 19.58
CA GLU C 40 -6.39 -10.59 20.91
C GLU C 40 -7.49 -10.29 21.93
N ALA C 41 -8.19 -9.20 21.73
CA ALA C 41 -9.29 -8.87 22.67
C ALA C 41 -10.26 -10.04 22.71
N LEU C 42 -10.48 -10.66 21.59
CA LEU C 42 -11.39 -11.84 21.55
C LEU C 42 -10.66 -13.04 22.13
N GLU C 43 -9.37 -13.10 21.97
CA GLU C 43 -8.60 -14.25 22.53
C GLU C 43 -8.62 -14.18 24.05
N ASN C 44 -8.98 -13.05 24.59
CA ASN C 44 -9.04 -12.91 26.07
C ASN C 44 -10.24 -13.69 26.59
N LYS C 45 -11.22 -13.90 25.76
CA LYS C 45 -12.43 -14.65 26.19
C LYS C 45 -12.54 -15.95 25.40
N ILE C 46 -11.75 -16.10 24.37
CA ILE C 46 -11.80 -17.36 23.56
C ILE C 46 -10.59 -18.23 23.90
N ILE C 47 -9.62 -17.66 24.56
CA ILE C 47 -8.41 -18.45 24.95
C ILE C 47 -8.82 -19.76 25.62
N GLY A 1 21.80 10.26 -28.83
CA GLY A 1 21.24 10.78 -27.55
C GLY A 1 22.37 10.97 -26.54
N SER A 2 22.62 10.00 -25.71
CA SER A 2 23.71 10.12 -24.71
C SER A 2 23.60 11.46 -23.97
N HIS A 3 22.54 11.66 -23.24
CA HIS A 3 22.39 12.95 -22.49
C HIS A 3 23.12 12.86 -21.15
N MET A 4 23.60 11.70 -20.80
CA MET A 4 24.31 11.56 -19.50
C MET A 4 23.43 12.06 -18.36
N GLU A 5 23.53 13.32 -18.03
CA GLU A 5 22.69 13.87 -16.93
C GLU A 5 23.07 13.19 -15.60
N GLU A 6 23.07 13.94 -14.53
CA GLU A 6 23.42 13.34 -13.21
C GLU A 6 22.21 13.40 -12.26
N ASP A 7 21.43 12.36 -12.22
CA ASP A 7 20.24 12.35 -11.31
C ASP A 7 19.37 13.58 -11.59
N PRO A 8 18.81 13.63 -12.76
CA PRO A 8 17.95 14.76 -13.16
C PRO A 8 16.59 14.67 -12.45
N CYS A 9 15.84 13.64 -12.70
CA CYS A 9 14.50 13.51 -12.03
C CYS A 9 14.38 12.14 -11.34
N GLU A 10 15.33 11.78 -10.53
CA GLU A 10 15.26 10.46 -9.84
C GLU A 10 14.75 9.38 -10.80
N CYS A 11 15.28 9.34 -11.99
CA CYS A 11 14.83 8.31 -12.96
C CYS A 11 14.77 6.93 -12.29
N LYS A 12 15.62 6.69 -11.33
CA LYS A 12 15.61 5.36 -10.66
C LYS A 12 15.36 5.54 -9.16
N SER A 13 15.34 6.76 -8.68
CA SER A 13 15.10 7.00 -7.23
C SER A 13 13.59 6.98 -6.94
N ILE A 14 12.80 7.36 -7.89
CA ILE A 14 11.33 7.35 -7.71
C ILE A 14 10.81 5.94 -7.95
N VAL A 15 11.40 5.27 -8.88
CA VAL A 15 11.00 3.87 -9.18
C VAL A 15 11.66 2.96 -8.16
N LYS A 16 12.69 3.45 -7.53
CA LYS A 16 13.38 2.66 -6.49
C LYS A 16 12.47 2.63 -5.27
N PHE A 17 11.92 3.76 -4.94
CA PHE A 17 10.98 3.82 -3.79
C PHE A 17 9.76 2.97 -4.15
N GLN A 18 9.40 2.97 -5.40
CA GLN A 18 8.23 2.16 -5.84
C GLN A 18 8.42 0.70 -5.43
N THR A 19 9.59 0.16 -5.67
CA THR A 19 9.84 -1.25 -5.28
C THR A 19 9.70 -1.39 -3.76
N LYS A 20 10.11 -0.40 -3.02
CA LYS A 20 9.98 -0.48 -1.54
C LYS A 20 8.50 -0.51 -1.18
N VAL A 21 7.69 0.13 -1.99
CA VAL A 21 6.23 0.14 -1.75
C VAL A 21 5.64 -1.18 -2.24
N GLU A 22 6.34 -1.85 -3.12
CA GLU A 22 5.85 -3.14 -3.66
C GLU A 22 5.98 -4.23 -2.59
N GLU A 23 7.12 -4.31 -1.95
CA GLU A 23 7.32 -5.35 -0.90
C GLU A 23 6.48 -4.98 0.34
N LEU A 24 6.41 -3.73 0.65
CA LEU A 24 5.61 -3.31 1.84
C LEU A 24 4.13 -3.63 1.60
N ILE A 25 3.63 -3.30 0.44
CA ILE A 25 2.20 -3.60 0.14
C ILE A 25 1.95 -5.10 0.29
N ASN A 26 2.87 -5.91 -0.15
CA ASN A 26 2.69 -7.38 -0.01
C ASN A 26 2.57 -7.76 1.47
N THR A 27 3.43 -7.21 2.27
CA THR A 27 3.38 -7.51 3.73
C THR A 27 2.03 -7.06 4.31
N LEU A 28 1.46 -6.02 3.76
CA LEU A 28 0.14 -5.54 4.27
C LEU A 28 -0.94 -6.55 3.89
N GLN A 29 -0.91 -7.02 2.68
CA GLN A 29 -1.91 -8.03 2.25
C GLN A 29 -1.61 -9.37 2.94
N GLN A 30 -0.47 -9.45 3.58
CA GLN A 30 -0.10 -10.70 4.28
C GLN A 30 -0.71 -10.68 5.68
N LYS A 31 -0.51 -9.62 6.40
CA LYS A 31 -1.09 -9.52 7.76
C LYS A 31 -2.61 -9.40 7.64
N LEU A 32 -3.08 -9.04 6.47
CA LEU A 32 -4.54 -8.91 6.27
C LEU A 32 -5.14 -10.29 6.01
N GLU A 33 -4.53 -11.07 5.14
CA GLU A 33 -5.07 -12.42 4.87
C GLU A 33 -4.82 -13.31 6.08
N ALA A 34 -3.95 -12.89 6.96
CA ALA A 34 -3.68 -13.68 8.18
C ALA A 34 -4.65 -13.23 9.26
N VAL A 35 -4.95 -11.96 9.26
CA VAL A 35 -5.92 -11.40 10.25
C VAL A 35 -7.28 -12.05 10.01
N ALA A 36 -7.65 -12.22 8.77
CA ALA A 36 -8.96 -12.85 8.47
C ALA A 36 -8.92 -14.31 8.93
N LYS A 37 -7.78 -14.92 8.86
CA LYS A 37 -7.67 -16.34 9.31
C LYS A 37 -7.83 -16.41 10.83
N ARG A 38 -7.41 -15.38 11.53
CA ARG A 38 -7.55 -15.37 13.00
C ARG A 38 -9.01 -15.08 13.35
N ILE A 39 -9.64 -14.24 12.57
CA ILE A 39 -11.07 -13.93 12.82
C ILE A 39 -11.88 -15.22 12.72
N GLU A 40 -11.61 -16.01 11.72
CA GLU A 40 -12.33 -17.31 11.59
C GLU A 40 -11.97 -18.17 12.79
N ALA A 41 -10.77 -18.05 13.27
CA ALA A 41 -10.36 -18.85 14.46
C ALA A 41 -11.33 -18.53 15.61
N LEU A 42 -11.76 -17.31 15.69
CA LEU A 42 -12.73 -16.92 16.75
C LEU A 42 -14.12 -17.38 16.34
N GLU A 43 -14.38 -17.43 15.06
CA GLU A 43 -15.71 -17.88 14.58
C GLU A 43 -15.86 -19.38 14.83
N ASN A 44 -14.77 -20.05 15.05
CA ASN A 44 -14.84 -21.51 15.32
C ASN A 44 -15.34 -21.73 16.75
N LYS A 45 -15.25 -20.73 17.57
CA LYS A 45 -15.71 -20.85 18.98
C LYS A 45 -16.93 -19.95 19.20
N ILE A 46 -17.15 -19.01 18.33
CA ILE A 46 -18.32 -18.11 18.48
C ILE A 46 -19.47 -18.58 17.59
N ILE A 47 -19.18 -19.41 16.63
CA ILE A 47 -20.26 -19.92 15.74
C ILE A 47 -21.27 -20.73 16.56
N GLY B 1 10.48 21.88 -28.72
CA GLY B 1 10.94 20.70 -27.92
C GLY B 1 10.93 19.45 -28.80
N SER B 2 9.87 18.68 -28.75
CA SER B 2 9.81 17.44 -29.57
C SER B 2 11.09 16.62 -29.40
N HIS B 3 11.36 16.17 -28.20
CA HIS B 3 12.59 15.37 -27.97
C HIS B 3 12.34 13.91 -28.33
N MET B 4 11.12 13.57 -28.66
CA MET B 4 10.80 12.15 -29.03
C MET B 4 11.29 11.20 -27.93
N GLU B 5 12.51 10.73 -28.02
CA GLU B 5 13.02 9.80 -26.99
C GLU B 5 12.21 8.50 -26.97
N GLU B 6 12.86 7.38 -26.85
CA GLU B 6 12.12 6.09 -26.82
C GLU B 6 12.18 5.48 -25.42
N ASP B 7 11.20 5.73 -24.61
CA ASP B 7 11.21 5.16 -23.22
C ASP B 7 12.54 5.48 -22.54
N PRO B 8 12.73 6.75 -22.27
CA PRO B 8 13.98 7.21 -21.61
C PRO B 8 13.99 6.81 -20.14
N CYS B 9 13.04 7.31 -19.38
CA CYS B 9 13.00 6.96 -17.92
C CYS B 9 11.59 6.50 -17.53
N GLU B 10 11.07 5.53 -18.22
CA GLU B 10 9.70 5.02 -17.90
C GLU B 10 8.77 6.18 -17.52
N CYS B 11 8.75 7.22 -18.31
CA CYS B 11 7.86 8.37 -18.01
C CYS B 11 6.44 7.89 -17.72
N LYS B 12 6.06 6.76 -18.27
CA LYS B 12 4.68 6.24 -18.03
C LYS B 12 4.76 4.83 -17.44
N SER B 13 5.93 4.25 -17.40
CA SER B 13 6.07 2.88 -16.83
C SER B 13 6.16 2.95 -15.30
N ILE B 14 6.70 4.01 -14.79
CA ILE B 14 6.82 4.17 -13.31
C ILE B 14 5.48 4.66 -12.76
N VAL B 15 4.83 5.51 -13.50
CA VAL B 15 3.52 6.04 -13.06
C VAL B 15 2.46 5.00 -13.41
N LYS B 16 2.80 4.10 -14.31
CA LYS B 16 1.86 3.03 -14.68
C LYS B 16 1.81 2.05 -13.52
N PHE B 17 2.96 1.74 -12.97
CA PHE B 17 3.00 0.84 -11.81
C PHE B 17 2.32 1.55 -10.64
N GLN B 18 2.45 2.85 -10.58
CA GLN B 18 1.81 3.61 -9.48
C GLN B 18 0.31 3.32 -9.46
N THR B 19 -0.31 3.33 -10.60
CA THR B 19 -1.78 3.04 -10.67
C THR B 19 -2.03 1.62 -10.15
N LYS B 20 -1.14 0.70 -10.43
CA LYS B 20 -1.32 -0.69 -9.95
C LYS B 20 -1.24 -0.69 -8.42
N VAL B 21 -0.46 0.21 -7.88
CA VAL B 21 -0.33 0.31 -6.41
C VAL B 21 -1.53 1.08 -5.85
N GLU B 22 -2.19 1.81 -6.71
CA GLU B 22 -3.39 2.59 -6.26
C GLU B 22 -4.56 1.63 -6.06
N GLU B 23 -4.80 0.77 -6.99
CA GLU B 23 -5.92 -0.20 -6.86
C GLU B 23 -5.59 -1.23 -5.79
N LEU B 24 -4.36 -1.64 -5.72
CA LEU B 24 -3.96 -2.64 -4.69
C LEU B 24 -4.12 -2.03 -3.29
N ILE B 25 -3.65 -0.82 -3.11
CA ILE B 25 -3.79 -0.17 -1.78
C ILE B 25 -5.27 -0.11 -1.38
N ASN B 26 -6.13 0.15 -2.32
CA ASN B 26 -7.59 0.21 -2.00
C ASN B 26 -8.05 -1.16 -1.50
N THR B 27 -7.68 -2.19 -2.19
CA THR B 27 -8.09 -3.56 -1.77
C THR B 27 -7.57 -3.85 -0.37
N LEU B 28 -6.42 -3.33 -0.03
CA LEU B 28 -5.87 -3.57 1.34
C LEU B 28 -6.74 -2.85 2.36
N GLN B 29 -7.08 -1.62 2.09
CA GLN B 29 -7.95 -0.86 3.02
C GLN B 29 -9.36 -1.45 2.99
N GLN B 30 -9.61 -2.32 2.06
CA GLN B 30 -10.96 -2.96 1.97
C GLN B 30 -11.00 -4.18 2.89
N LYS B 31 -10.01 -5.03 2.78
CA LYS B 31 -9.98 -6.23 3.67
C LYS B 31 -9.70 -5.77 5.09
N LEU B 32 -9.20 -4.58 5.25
CA LEU B 32 -8.91 -4.04 6.61
C LEU B 32 -10.20 -3.51 7.23
N GLU B 33 -10.94 -2.74 6.50
CA GLU B 33 -12.22 -2.20 7.05
C GLU B 33 -13.24 -3.33 7.17
N ALA B 34 -12.99 -4.42 6.49
CA ALA B 34 -13.90 -5.58 6.58
C ALA B 34 -13.44 -6.46 7.74
N VAL B 35 -12.16 -6.53 7.92
CA VAL B 35 -11.60 -7.32 9.05
C VAL B 35 -12.09 -6.71 10.36
N ALA B 36 -12.08 -5.40 10.45
CA ALA B 36 -12.56 -4.74 11.69
C ALA B 36 -14.05 -5.03 11.88
N LYS B 37 -14.76 -5.15 10.79
CA LYS B 37 -16.22 -5.45 10.89
C LYS B 37 -16.41 -6.88 11.40
N ARG B 38 -15.49 -7.75 11.11
CA ARG B 38 -15.61 -9.15 11.60
C ARG B 38 -15.21 -9.19 13.07
N ILE B 39 -14.25 -8.38 13.43
CA ILE B 39 -13.80 -8.33 14.85
C ILE B 39 -14.99 -7.91 15.71
N GLU B 40 -15.75 -6.95 15.25
CA GLU B 40 -16.95 -6.53 16.01
C GLU B 40 -17.93 -7.69 16.01
N ALA B 41 -17.97 -8.44 14.95
CA ALA B 41 -18.89 -9.61 14.90
C ALA B 41 -18.57 -10.51 16.10
N LEU B 42 -17.31 -10.62 16.43
CA LEU B 42 -16.93 -11.46 17.60
C LEU B 42 -17.23 -10.68 18.88
N GLU B 43 -17.16 -9.38 18.82
CA GLU B 43 -17.45 -8.57 20.04
C GLU B 43 -18.94 -8.64 20.35
N ASN B 44 -19.73 -9.03 19.41
CA ASN B 44 -21.20 -9.13 19.65
C ASN B 44 -21.48 -10.38 20.48
N LYS B 45 -20.55 -11.29 20.51
CA LYS B 45 -20.74 -12.54 21.30
C LYS B 45 -19.74 -12.57 22.46
N ILE B 46 -18.72 -11.75 22.41
CA ILE B 46 -17.73 -11.74 23.51
C ILE B 46 -18.00 -10.57 24.45
N ILE B 47 -18.75 -9.60 24.00
CA ILE B 47 -19.06 -8.43 24.87
C ILE B 47 -19.82 -8.89 26.12
N GLY C 1 23.20 22.99 -18.57
CA GLY C 1 21.91 22.27 -18.73
C GLY C 1 20.76 23.27 -18.79
N SER C 2 20.12 23.54 -17.68
CA SER C 2 18.99 24.51 -17.68
C SER C 2 18.00 24.17 -18.81
N HIS C 3 17.43 23.00 -18.77
CA HIS C 3 16.46 22.61 -19.84
C HIS C 3 15.07 23.18 -19.54
N MET C 4 14.89 23.78 -18.39
CA MET C 4 13.57 24.35 -18.06
C MET C 4 12.47 23.29 -18.20
N GLU C 5 11.87 23.20 -19.36
CA GLU C 5 10.80 22.18 -19.55
C GLU C 5 9.61 22.49 -18.65
N GLU C 6 8.42 22.33 -19.15
CA GLU C 6 7.21 22.61 -18.32
C GLU C 6 6.46 21.31 -18.02
N ASP C 7 6.72 20.71 -16.90
CA ASP C 7 6.01 19.44 -16.55
C ASP C 7 6.12 18.45 -17.72
N PRO C 8 7.33 18.02 -17.96
CA PRO C 8 7.58 17.06 -19.07
C PRO C 8 7.08 15.67 -18.70
N CYS C 9 7.61 15.10 -17.65
CA CYS C 9 7.17 13.74 -17.24
C CYS C 9 6.83 13.72 -15.75
N GLU C 10 5.98 14.62 -15.32
CA GLU C 10 5.60 14.66 -13.88
C GLU C 10 6.81 14.39 -12.98
N CYS C 11 7.92 15.00 -13.25
CA CYS C 11 9.12 14.75 -12.41
C CYS C 11 8.76 14.83 -10.93
N LYS C 12 7.78 15.61 -10.59
CA LYS C 12 7.38 15.72 -9.16
C LYS C 12 5.92 15.30 -8.98
N SER C 13 5.21 15.10 -10.05
CA SER C 13 3.78 14.68 -9.92
C SER C 13 3.68 13.17 -9.68
N ILE C 14 4.64 12.44 -10.18
CA ILE C 14 4.64 10.96 -9.97
C ILE C 14 5.22 10.65 -8.60
N VAL C 15 6.20 11.39 -8.21
CA VAL C 15 6.81 11.17 -6.86
C VAL C 15 5.93 11.86 -5.84
N LYS C 16 5.11 12.77 -6.29
CA LYS C 16 4.17 13.47 -5.37
C LYS C 16 3.09 12.46 -5.00
N PHE C 17 2.62 11.72 -5.96
CA PHE C 17 1.59 10.69 -5.66
C PHE C 17 2.25 9.63 -4.80
N GLN C 18 3.52 9.39 -5.01
CA GLN C 18 4.24 8.37 -4.20
C GLN C 18 4.10 8.71 -2.71
N THR C 19 4.33 9.94 -2.36
CA THR C 19 4.20 10.35 -0.93
C THR C 19 2.77 10.09 -0.45
N LYS C 20 1.80 10.29 -1.30
CA LYS C 20 0.39 10.04 -0.89
C LYS C 20 0.23 8.55 -0.63
N VAL C 21 0.97 7.74 -1.33
CA VAL C 21 0.90 6.27 -1.12
C VAL C 21 1.75 5.92 0.10
N GLU C 22 2.64 6.79 0.48
CA GLU C 22 3.49 6.52 1.67
C GLU C 22 2.67 6.70 2.95
N GLU C 23 1.94 7.77 3.04
CA GLU C 23 1.10 8.00 4.25
C GLU C 23 -0.06 7.01 4.26
N LEU C 24 -0.61 6.72 3.11
CA LEU C 24 -1.75 5.75 3.05
C LEU C 24 -1.25 4.36 3.47
N ILE C 25 -0.14 3.93 2.95
CA ILE C 25 0.39 2.60 3.33
C ILE C 25 0.58 2.53 4.85
N ASN C 26 1.03 3.61 5.45
CA ASN C 26 1.21 3.60 6.92
C ASN C 26 -0.14 3.37 7.60
N THR C 27 -1.14 4.11 7.19
CA THR C 27 -2.50 3.95 7.79
C THR C 27 -2.97 2.50 7.63
N LEU C 28 -2.58 1.86 6.57
CA LEU C 28 -3.00 0.44 6.35
C LEU C 28 -2.29 -0.45 7.37
N GLN C 29 -1.02 -0.25 7.55
CA GLN C 29 -0.27 -1.07 8.54
C GLN C 29 -0.70 -0.66 9.96
N GLN C 30 -1.46 0.39 10.05
CA GLN C 30 -1.95 0.86 11.39
C GLN C 30 -3.23 0.11 11.73
N LYS C 31 -4.19 0.11 10.84
CA LYS C 31 -5.46 -0.62 11.10
C LYS C 31 -5.17 -2.13 11.10
N LEU C 32 -4.04 -2.50 10.57
CA LEU C 32 -3.67 -3.95 10.55
C LEU C 32 -3.07 -4.34 11.90
N GLU C 33 -2.15 -3.55 12.39
CA GLU C 33 -1.53 -3.85 13.70
C GLU C 33 -2.55 -3.63 14.82
N ALA C 34 -3.60 -2.90 14.52
CA ALA C 34 -4.66 -2.66 15.53
C ALA C 34 -5.69 -3.78 15.40
N VAL C 35 -5.90 -4.23 14.20
CA VAL C 35 -6.85 -5.35 13.99
C VAL C 35 -6.32 -6.59 14.70
N ALA C 36 -5.03 -6.82 14.64
CA ALA C 36 -4.44 -7.99 15.32
C ALA C 36 -4.60 -7.81 16.83
N LYS C 37 -4.58 -6.59 17.29
CA LYS C 37 -4.73 -6.34 18.75
C LYS C 37 -6.17 -6.63 19.16
N ARG C 38 -7.11 -6.44 18.27
CA ARG C 38 -8.52 -6.73 18.60
C ARG C 38 -8.73 -8.24 18.56
N ILE C 39 -8.06 -8.90 17.66
CA ILE C 39 -8.17 -10.38 17.57
C ILE C 39 -7.71 -10.98 18.88
N GLU C 40 -6.60 -10.50 19.40
CA GLU C 40 -6.11 -11.02 20.70
C GLU C 40 -7.14 -10.68 21.77
N ALA C 41 -7.84 -9.58 21.58
CA ALA C 41 -8.88 -9.20 22.57
C ALA C 41 -9.91 -10.31 22.63
N LEU C 42 -10.23 -10.88 21.50
CA LEU C 42 -11.21 -12.00 21.48
C LEU C 42 -10.53 -13.27 21.99
N GLU C 43 -9.26 -13.40 21.78
CA GLU C 43 -8.52 -14.59 22.27
C GLU C 43 -8.46 -14.57 23.79
N ASN C 44 -8.65 -13.43 24.37
CA ASN C 44 -8.62 -13.33 25.85
C ASN C 44 -9.90 -13.93 26.42
N LYS C 45 -10.91 -14.06 25.60
CA LYS C 45 -12.19 -14.64 26.08
C LYS C 45 -12.46 -15.96 25.35
N ILE C 46 -11.74 -16.23 24.30
CA ILE C 46 -11.95 -17.51 23.58
C ILE C 46 -10.87 -18.50 23.99
N ILE C 47 -9.79 -18.02 24.56
CA ILE C 47 -8.69 -18.93 24.98
C ILE C 47 -9.19 -19.86 26.10
N GLY A 1 19.01 4.63 -2.02
CA GLY A 1 19.14 4.09 -0.64
C GLY A 1 20.09 4.98 0.16
N SER A 2 21.28 5.16 -0.31
CA SER A 2 22.26 6.02 0.42
C SER A 2 23.20 6.71 -0.56
N HIS A 3 24.03 5.95 -1.23
CA HIS A 3 24.98 6.56 -2.21
C HIS A 3 24.26 7.60 -3.07
N MET A 4 23.16 7.24 -3.67
CA MET A 4 22.42 8.20 -4.53
C MET A 4 23.35 8.77 -5.61
N GLU A 5 23.53 8.05 -6.68
CA GLU A 5 24.42 8.56 -7.77
C GLU A 5 23.74 9.72 -8.50
N GLU A 6 24.33 10.18 -9.57
CA GLU A 6 23.71 11.32 -10.32
C GLU A 6 22.25 11.00 -10.66
N ASP A 7 21.42 12.00 -10.72
CA ASP A 7 20.00 11.76 -11.05
C ASP A 7 19.23 13.09 -11.08
N PRO A 8 18.79 13.45 -12.25
CA PRO A 8 18.04 14.72 -12.42
C PRO A 8 16.61 14.57 -11.88
N CYS A 9 15.81 13.73 -12.47
CA CYS A 9 14.41 13.55 -11.99
C CYS A 9 14.27 12.20 -11.28
N GLU A 10 15.21 11.84 -10.46
CA GLU A 10 15.11 10.53 -9.75
C GLU A 10 14.63 9.44 -10.70
N CYS A 11 15.10 9.43 -11.91
CA CYS A 11 14.65 8.38 -12.88
C CYS A 11 14.69 7.00 -12.21
N LYS A 12 15.50 6.84 -11.21
CA LYS A 12 15.58 5.52 -10.51
C LYS A 12 15.30 5.68 -9.02
N SER A 13 15.24 6.90 -8.55
CA SER A 13 14.96 7.13 -7.10
C SER A 13 13.46 7.05 -6.82
N ILE A 14 12.66 7.37 -7.81
CA ILE A 14 11.18 7.31 -7.64
C ILE A 14 10.71 5.88 -7.86
N VAL A 15 11.29 5.22 -8.81
CA VAL A 15 10.92 3.82 -9.10
C VAL A 15 11.60 2.93 -8.06
N LYS A 16 12.66 3.43 -7.47
CA LYS A 16 13.36 2.63 -6.42
C LYS A 16 12.48 2.64 -5.17
N PHE A 17 11.95 3.78 -4.84
CA PHE A 17 11.04 3.85 -3.67
C PHE A 17 9.80 3.02 -3.99
N GLN A 18 9.43 2.95 -5.24
CA GLN A 18 8.23 2.16 -5.62
C GLN A 18 8.43 0.70 -5.23
N THR A 19 9.57 0.15 -5.53
CA THR A 19 9.82 -1.26 -5.16
C THR A 19 9.68 -1.44 -3.65
N LYS A 20 10.08 -0.43 -2.90
CA LYS A 20 9.94 -0.52 -1.43
C LYS A 20 8.46 -0.62 -1.09
N VAL A 21 7.65 0.01 -1.88
CA VAL A 21 6.19 -0.03 -1.67
C VAL A 21 5.63 -1.35 -2.21
N GLU A 22 6.38 -1.99 -3.08
CA GLU A 22 5.91 -3.28 -3.64
C GLU A 22 6.01 -4.37 -2.57
N GLU A 23 7.12 -4.45 -1.90
CA GLU A 23 7.28 -5.48 -0.83
C GLU A 23 6.47 -5.08 0.40
N LEU A 24 6.32 -3.80 0.61
CA LEU A 24 5.54 -3.34 1.80
C LEU A 24 4.06 -3.66 1.59
N ILE A 25 3.55 -3.43 0.41
CA ILE A 25 2.11 -3.72 0.13
C ILE A 25 1.88 -5.23 0.27
N ASN A 26 2.80 -6.03 -0.19
CA ASN A 26 2.61 -7.51 -0.06
C ASN A 26 2.54 -7.87 1.42
N THR A 27 3.37 -7.27 2.22
CA THR A 27 3.36 -7.55 3.68
C THR A 27 2.02 -7.13 4.30
N LEU A 28 1.42 -6.11 3.76
CA LEU A 28 0.10 -5.64 4.32
C LEU A 28 -0.97 -6.65 3.96
N GLN A 29 -1.00 -7.08 2.72
CA GLN A 29 -2.01 -8.09 2.31
C GLN A 29 -1.69 -9.41 2.99
N GLN A 30 -0.50 -9.53 3.54
CA GLN A 30 -0.12 -10.78 4.24
C GLN A 30 -0.69 -10.76 5.66
N LYS A 31 -0.41 -9.71 6.39
CA LYS A 31 -0.96 -9.61 7.77
C LYS A 31 -2.48 -9.46 7.69
N LEU A 32 -2.96 -9.12 6.51
CA LEU A 32 -4.43 -8.95 6.32
C LEU A 32 -5.08 -10.32 6.08
N GLU A 33 -4.55 -11.10 5.17
CA GLU A 33 -5.13 -12.44 4.91
C GLU A 33 -4.92 -13.33 6.13
N ALA A 34 -3.97 -13.00 6.95
CA ALA A 34 -3.73 -13.80 8.18
C ALA A 34 -4.66 -13.27 9.26
N VAL A 35 -4.88 -11.99 9.24
CA VAL A 35 -5.81 -11.38 10.24
C VAL A 35 -7.17 -12.07 10.11
N ALA A 36 -7.62 -12.26 8.89
CA ALA A 36 -8.92 -12.94 8.70
C ALA A 36 -8.81 -14.38 9.20
N LYS A 37 -7.65 -14.96 9.10
CA LYS A 37 -7.48 -16.36 9.58
C LYS A 37 -7.59 -16.39 11.11
N ARG A 38 -7.19 -15.33 11.76
CA ARG A 38 -7.30 -15.28 13.24
C ARG A 38 -8.75 -15.08 13.64
N ILE A 39 -9.43 -14.17 13.00
CA ILE A 39 -10.86 -13.94 13.32
C ILE A 39 -11.60 -15.25 13.13
N GLU A 40 -11.25 -15.99 12.11
CA GLU A 40 -11.90 -17.31 11.89
C GLU A 40 -11.61 -18.18 13.10
N ALA A 41 -10.44 -18.04 13.66
CA ALA A 41 -10.08 -18.84 14.86
C ALA A 41 -11.14 -18.59 15.93
N LEU A 42 -11.57 -17.37 16.06
CA LEU A 42 -12.62 -17.05 17.07
C LEU A 42 -13.96 -17.56 16.56
N GLU A 43 -14.14 -17.58 15.27
CA GLU A 43 -15.42 -18.08 14.69
C GLU A 43 -15.52 -19.58 14.92
N ASN A 44 -14.42 -20.20 15.22
CA ASN A 44 -14.43 -21.67 15.47
C ASN A 44 -15.00 -21.92 16.87
N LYS A 45 -15.03 -20.91 17.68
CA LYS A 45 -15.57 -21.07 19.07
C LYS A 45 -16.78 -20.15 19.25
N ILE A 46 -17.04 -19.28 18.30
CA ILE A 46 -18.21 -18.38 18.43
C ILE A 46 -19.30 -18.82 17.45
N ILE A 47 -18.94 -19.58 16.45
CA ILE A 47 -19.96 -20.03 15.47
C ILE A 47 -20.98 -20.95 16.15
N GLY B 1 2.82 -2.73 -19.38
CA GLY B 1 2.19 -4.04 -19.05
C GLY B 1 2.88 -5.14 -19.86
N SER B 2 3.02 -4.97 -21.14
CA SER B 2 3.67 -6.02 -21.97
C SER B 2 4.36 -5.36 -23.18
N HIS B 3 3.58 -4.84 -24.09
CA HIS B 3 4.18 -4.18 -25.29
C HIS B 3 5.36 -3.29 -24.88
N MET B 4 5.14 -2.41 -23.94
CA MET B 4 6.24 -1.50 -23.50
C MET B 4 6.81 -0.73 -24.69
N GLU B 5 6.18 0.34 -25.07
CA GLU B 5 6.68 1.15 -26.22
C GLU B 5 7.96 1.89 -25.82
N GLU B 6 8.45 2.75 -26.67
CA GLU B 6 9.70 3.50 -26.33
C GLU B 6 9.54 4.19 -24.97
N ASP B 7 10.63 4.34 -24.25
CA ASP B 7 10.55 5.01 -22.93
C ASP B 7 11.95 5.06 -22.29
N PRO B 8 12.45 6.26 -22.15
CA PRO B 8 13.79 6.47 -21.55
C PRO B 8 13.74 6.26 -20.03
N CYS B 9 13.05 7.11 -19.32
CA CYS B 9 12.96 6.97 -17.84
C CYS B 9 11.58 6.47 -17.44
N GLU B 10 11.05 5.50 -18.14
CA GLU B 10 9.70 4.97 -17.80
C GLU B 10 8.75 6.12 -17.46
N CYS B 11 8.80 7.20 -18.20
CA CYS B 11 7.90 8.33 -17.91
C CYS B 11 6.47 7.84 -17.69
N LYS B 12 6.13 6.70 -18.24
CA LYS B 12 4.76 6.15 -18.05
C LYS B 12 4.83 4.74 -17.46
N SER B 13 5.99 4.17 -17.38
CA SER B 13 6.13 2.80 -16.81
C SER B 13 6.19 2.88 -15.28
N ILE B 14 6.68 3.96 -14.76
CA ILE B 14 6.77 4.13 -13.28
C ILE B 14 5.42 4.62 -12.76
N VAL B 15 4.81 5.49 -13.49
CA VAL B 15 3.48 6.01 -13.06
C VAL B 15 2.42 4.96 -13.42
N LYS B 16 2.75 4.09 -14.34
CA LYS B 16 1.80 3.01 -14.72
C LYS B 16 1.77 2.01 -13.58
N PHE B 17 2.93 1.68 -13.07
CA PHE B 17 2.99 0.74 -11.92
C PHE B 17 2.31 1.42 -10.72
N GLN B 18 2.40 2.73 -10.66
CA GLN B 18 1.75 3.46 -9.53
C GLN B 18 0.25 3.19 -9.53
N THR B 19 -0.37 3.25 -10.67
CA THR B 19 -1.84 2.99 -10.73
C THR B 19 -2.13 1.57 -10.22
N LYS B 20 -1.23 0.66 -10.46
CA LYS B 20 -1.45 -0.73 -9.97
C LYS B 20 -1.41 -0.70 -8.44
N VAL B 21 -0.62 0.19 -7.90
CA VAL B 21 -0.53 0.31 -6.43
C VAL B 21 -1.74 1.11 -5.92
N GLU B 22 -2.38 1.84 -6.80
CA GLU B 22 -3.56 2.63 -6.39
C GLU B 22 -4.75 1.68 -6.15
N GLU B 23 -5.00 0.80 -7.08
CA GLU B 23 -6.12 -0.16 -6.90
C GLU B 23 -5.74 -1.22 -5.88
N LEU B 24 -4.48 -1.52 -5.75
CA LEU B 24 -4.04 -2.55 -4.76
C LEU B 24 -4.19 -1.98 -3.34
N ILE B 25 -3.80 -0.75 -3.14
CA ILE B 25 -3.92 -0.14 -1.79
C ILE B 25 -5.40 -0.05 -1.40
N ASN B 26 -6.27 0.27 -2.32
CA ASN B 26 -7.72 0.35 -1.99
C ASN B 26 -8.22 -1.03 -1.56
N THR B 27 -7.74 -2.05 -2.22
CA THR B 27 -8.17 -3.44 -1.86
C THR B 27 -7.66 -3.78 -0.46
N LEU B 28 -6.53 -3.24 -0.08
CA LEU B 28 -5.99 -3.52 1.28
C LEU B 28 -6.85 -2.82 2.32
N GLN B 29 -7.17 -1.57 2.08
CA GLN B 29 -8.02 -0.83 3.03
C GLN B 29 -9.43 -1.42 3.00
N GLN B 30 -9.72 -2.20 1.99
CA GLN B 30 -11.06 -2.83 1.89
C GLN B 30 -11.10 -4.07 2.78
N LYS B 31 -10.16 -4.96 2.60
CA LYS B 31 -10.12 -6.18 3.44
C LYS B 31 -9.81 -5.77 4.88
N LEU B 32 -9.36 -4.55 5.06
CA LEU B 32 -9.04 -4.06 6.43
C LEU B 32 -10.32 -3.53 7.10
N GLU B 33 -11.05 -2.70 6.40
CA GLU B 33 -12.31 -2.17 7.00
C GLU B 33 -13.31 -3.30 7.17
N ALA B 34 -13.15 -4.36 6.43
CA ALA B 34 -14.07 -5.51 6.58
C ALA B 34 -13.54 -6.40 7.70
N VAL B 35 -12.23 -6.49 7.80
CA VAL B 35 -11.63 -7.29 8.89
C VAL B 35 -12.15 -6.77 10.22
N ALA B 36 -12.21 -5.47 10.37
CA ALA B 36 -12.72 -4.90 11.65
C ALA B 36 -14.20 -5.26 11.78
N LYS B 37 -14.89 -5.37 10.67
CA LYS B 37 -16.33 -5.72 10.74
C LYS B 37 -16.47 -7.17 11.21
N ARG B 38 -15.52 -8.01 10.89
CA ARG B 38 -15.59 -9.42 11.34
C ARG B 38 -15.27 -9.50 12.82
N ILE B 39 -14.25 -8.81 13.25
CA ILE B 39 -13.92 -8.82 14.71
C ILE B 39 -15.13 -8.33 15.47
N GLU B 40 -15.82 -7.34 14.94
CA GLU B 40 -17.03 -6.84 15.62
C GLU B 40 -18.04 -7.98 15.69
N ALA B 41 -18.05 -8.82 14.68
CA ALA B 41 -18.98 -9.97 14.68
C ALA B 41 -18.72 -10.81 15.93
N LEU B 42 -17.46 -10.95 16.29
CA LEU B 42 -17.12 -11.72 17.52
C LEU B 42 -17.45 -10.88 18.74
N GLU B 43 -17.34 -9.58 18.62
CA GLU B 43 -17.66 -8.69 19.77
C GLU B 43 -19.16 -8.74 20.05
N ASN B 44 -19.91 -9.20 19.09
CA ASN B 44 -21.38 -9.30 19.29
C ASN B 44 -21.69 -10.48 20.21
N LYS B 45 -20.75 -11.37 20.35
CA LYS B 45 -20.97 -12.55 21.22
C LYS B 45 -19.95 -12.54 22.36
N ILE B 46 -18.97 -11.68 22.28
CA ILE B 46 -17.95 -11.61 23.36
C ILE B 46 -18.20 -10.36 24.22
N ILE B 47 -18.97 -9.43 23.72
CA ILE B 47 -19.25 -8.20 24.51
C ILE B 47 -20.16 -8.52 25.69
N GLY C 1 -1.02 18.48 -6.81
CA GLY C 1 -2.25 18.59 -5.97
C GLY C 1 -3.34 19.35 -6.75
N SER C 2 -3.06 20.57 -7.13
CA SER C 2 -4.07 21.35 -7.89
C SER C 2 -3.38 22.31 -8.87
N HIS C 3 -2.62 23.25 -8.37
CA HIS C 3 -1.92 24.20 -9.28
C HIS C 3 -1.23 23.44 -10.41
N MET C 4 -0.44 22.46 -10.09
CA MET C 4 0.25 21.68 -11.15
C MET C 4 1.07 22.60 -12.05
N GLU C 5 2.26 22.96 -11.63
CA GLU C 5 3.11 23.86 -12.46
C GLU C 5 3.64 23.11 -13.68
N GLU C 6 4.47 23.74 -14.46
CA GLU C 6 5.04 23.06 -15.67
C GLU C 6 5.59 21.68 -15.29
N ASP C 7 5.53 20.75 -16.21
CA ASP C 7 6.04 19.39 -15.90
C ASP C 7 5.87 18.47 -17.12
N PRO C 8 6.98 18.07 -17.67
CA PRO C 8 6.96 17.17 -18.86
C PRO C 8 6.61 15.74 -18.44
N CYS C 9 7.46 15.09 -17.70
CA CYS C 9 7.17 13.70 -17.26
C CYS C 9 6.81 13.66 -15.78
N GLU C 10 5.97 14.55 -15.34
CA GLU C 10 5.58 14.57 -13.91
C GLU C 10 6.79 14.31 -13.02
N CYS C 11 7.92 14.89 -13.34
CA CYS C 11 9.12 14.66 -12.50
C CYS C 11 8.78 14.79 -11.02
N LYS C 12 7.76 15.55 -10.70
CA LYS C 12 7.38 15.71 -9.27
C LYS C 12 5.92 15.29 -9.06
N SER C 13 5.21 15.04 -10.12
CA SER C 13 3.78 14.62 -9.98
C SER C 13 3.69 13.12 -9.71
N ILE C 14 4.65 12.37 -10.18
CA ILE C 14 4.64 10.90 -9.94
C ILE C 14 5.21 10.63 -8.56
N VAL C 15 6.21 11.38 -8.19
CA VAL C 15 6.83 11.20 -6.86
C VAL C 15 5.97 11.92 -5.82
N LYS C 16 5.15 12.84 -6.28
CA LYS C 16 4.24 13.55 -5.34
C LYS C 16 3.13 12.58 -4.98
N PHE C 17 2.64 11.86 -5.95
CA PHE C 17 1.59 10.86 -5.67
C PHE C 17 2.20 9.76 -4.80
N GLN C 18 3.47 9.52 -4.97
CA GLN C 18 4.15 8.46 -4.16
C GLN C 18 4.06 8.82 -2.67
N THR C 19 4.34 10.05 -2.33
CA THR C 19 4.26 10.45 -0.91
C THR C 19 2.85 10.19 -0.39
N LYS C 20 1.86 10.35 -1.22
CA LYS C 20 0.47 10.09 -0.79
C LYS C 20 0.34 8.61 -0.47
N VAL C 21 1.07 7.80 -1.20
CA VAL C 21 1.04 6.33 -0.97
C VAL C 21 1.92 6.00 0.24
N GLU C 22 2.79 6.90 0.61
CA GLU C 22 3.68 6.65 1.77
C GLU C 22 2.86 6.78 3.07
N GLU C 23 2.10 7.83 3.19
CA GLU C 23 1.27 8.00 4.42
C GLU C 23 0.07 7.04 4.36
N LEU C 24 -0.39 6.73 3.19
CA LEU C 24 -1.54 5.79 3.07
C LEU C 24 -1.11 4.37 3.47
N ILE C 25 0.05 3.96 3.02
CA ILE C 25 0.53 2.60 3.39
C ILE C 25 0.75 2.52 4.90
N ASN C 26 1.26 3.56 5.50
CA ASN C 26 1.49 3.54 6.97
C ASN C 26 0.14 3.40 7.69
N THR C 27 -0.86 4.06 7.19
CA THR C 27 -2.21 3.97 7.82
C THR C 27 -2.76 2.55 7.67
N LEU C 28 -2.40 1.88 6.60
CA LEU C 28 -2.89 0.50 6.40
C LEU C 28 -2.20 -0.43 7.39
N GLN C 29 -0.91 -0.27 7.54
CA GLN C 29 -0.17 -1.13 8.51
C GLN C 29 -0.58 -0.73 9.93
N GLN C 30 -1.21 0.40 10.06
CA GLN C 30 -1.68 0.86 11.40
C GLN C 30 -2.98 0.17 11.74
N LYS C 31 -3.96 0.26 10.88
CA LYS C 31 -5.25 -0.43 11.15
C LYS C 31 -5.02 -1.93 11.14
N LEU C 32 -3.92 -2.35 10.59
CA LEU C 32 -3.60 -3.80 10.54
C LEU C 32 -3.00 -4.26 11.87
N GLU C 33 -2.01 -3.56 12.36
CA GLU C 33 -1.40 -3.96 13.67
C GLU C 33 -2.43 -3.76 14.78
N ALA C 34 -3.40 -2.93 14.54
CA ALA C 34 -4.45 -2.70 15.57
C ALA C 34 -5.51 -3.78 15.39
N VAL C 35 -5.75 -4.15 14.16
CA VAL C 35 -6.74 -5.21 13.89
C VAL C 35 -6.31 -6.47 14.63
N ALA C 36 -5.03 -6.74 14.63
CA ALA C 36 -4.54 -7.94 15.36
C ALA C 36 -4.73 -7.72 16.86
N LYS C 37 -4.66 -6.49 17.30
CA LYS C 37 -4.86 -6.21 18.76
C LYS C 37 -6.32 -6.45 19.13
N ARG C 38 -7.21 -6.23 18.20
CA ARG C 38 -8.65 -6.47 18.48
C ARG C 38 -8.91 -7.97 18.52
N ILE C 39 -8.41 -8.70 17.56
CA ILE C 39 -8.61 -10.16 17.57
C ILE C 39 -8.06 -10.73 18.87
N GLU C 40 -6.98 -10.19 19.34
CA GLU C 40 -6.41 -10.67 20.63
C GLU C 40 -7.44 -10.37 21.72
N ALA C 41 -8.13 -9.26 21.59
CA ALA C 41 -9.16 -8.93 22.61
C ALA C 41 -10.15 -10.08 22.70
N LEU C 42 -10.46 -10.68 21.59
CA LEU C 42 -11.39 -11.84 21.59
C LEU C 42 -10.65 -13.07 22.11
N GLU C 43 -9.37 -13.13 21.87
CA GLU C 43 -8.57 -14.29 22.35
C GLU C 43 -8.47 -14.22 23.87
N ASN C 44 -8.75 -13.08 24.43
CA ASN C 44 -8.69 -12.95 25.91
C ASN C 44 -9.92 -13.61 26.53
N LYS C 45 -10.92 -13.85 25.72
CA LYS C 45 -12.15 -14.49 26.23
C LYS C 45 -12.39 -15.82 25.51
N ILE C 46 -11.66 -16.06 24.45
CA ILE C 46 -11.83 -17.35 23.72
C ILE C 46 -10.66 -18.29 24.04
N ILE C 47 -9.58 -17.73 24.53
CA ILE C 47 -8.40 -18.60 24.86
C ILE C 47 -8.77 -19.56 26.00
N GLY A 1 29.70 15.99 -21.25
CA GLY A 1 29.42 14.54 -21.42
C GLY A 1 28.45 14.34 -22.59
N SER A 2 27.23 14.01 -22.30
CA SER A 2 26.24 13.80 -23.40
C SER A 2 24.86 14.32 -22.98
N HIS A 3 24.30 13.75 -21.95
CA HIS A 3 22.96 14.21 -21.49
C HIS A 3 22.68 13.71 -20.07
N MET A 4 22.70 12.43 -19.86
CA MET A 4 22.44 11.90 -18.49
C MET A 4 23.31 12.63 -17.46
N GLU A 5 22.71 13.38 -16.58
CA GLU A 5 23.50 14.12 -15.55
C GLU A 5 23.35 13.44 -14.18
N GLU A 6 23.69 14.13 -13.13
CA GLU A 6 23.57 13.52 -11.77
C GLU A 6 22.10 13.35 -11.38
N ASP A 7 21.49 12.27 -11.80
CA ASP A 7 20.06 12.04 -11.46
C ASP A 7 19.26 13.33 -11.59
N PRO A 8 18.73 13.54 -12.76
CA PRO A 8 17.92 14.76 -13.02
C PRO A 8 16.55 14.65 -12.35
N CYS A 9 15.76 13.69 -12.74
CA CYS A 9 14.40 13.53 -12.12
C CYS A 9 14.28 12.17 -11.43
N GLU A 10 15.25 11.81 -10.61
CA GLU A 10 15.17 10.50 -9.92
C GLU A 10 14.72 9.41 -10.89
N CYS A 11 15.22 9.42 -12.09
CA CYS A 11 14.82 8.38 -13.08
C CYS A 11 14.80 7.00 -12.44
N LYS A 12 15.60 6.80 -11.43
CA LYS A 12 15.62 5.46 -10.76
C LYS A 12 15.35 5.61 -9.27
N SER A 13 15.32 6.83 -8.78
CA SER A 13 15.07 7.04 -7.33
C SER A 13 13.55 6.96 -7.05
N ILE A 14 12.75 7.31 -8.00
CA ILE A 14 11.27 7.25 -7.82
C ILE A 14 10.79 5.82 -8.06
N VAL A 15 11.39 5.15 -9.00
CA VAL A 15 10.99 3.75 -9.28
C VAL A 15 11.69 2.85 -8.27
N LYS A 16 12.72 3.37 -7.66
CA LYS A 16 13.45 2.60 -6.62
C LYS A 16 12.57 2.58 -5.38
N PHE A 17 12.00 3.70 -5.05
CA PHE A 17 11.08 3.76 -3.88
C PHE A 17 9.84 2.92 -4.21
N GLN A 18 9.47 2.87 -5.46
CA GLN A 18 8.27 2.07 -5.85
C GLN A 18 8.47 0.62 -5.45
N THR A 19 9.59 0.05 -5.78
CA THR A 19 9.85 -1.37 -5.40
C THR A 19 9.74 -1.51 -3.88
N LYS A 20 10.18 -0.51 -3.17
CA LYS A 20 10.08 -0.56 -1.68
C LYS A 20 8.60 -0.62 -1.29
N VAL A 21 7.78 0.04 -2.06
CA VAL A 21 6.32 0.03 -1.79
C VAL A 21 5.71 -1.29 -2.28
N GLU A 22 6.39 -1.95 -3.18
CA GLU A 22 5.88 -3.24 -3.70
C GLU A 22 6.01 -4.32 -2.63
N GLU A 23 7.15 -4.39 -1.98
CA GLU A 23 7.33 -5.41 -0.91
C GLU A 23 6.51 -5.03 0.32
N LEU A 24 6.44 -3.77 0.64
CA LEU A 24 5.66 -3.33 1.82
C LEU A 24 4.17 -3.66 1.60
N ILE A 25 3.67 -3.38 0.43
CA ILE A 25 2.23 -3.68 0.16
C ILE A 25 1.98 -5.19 0.32
N ASN A 26 2.89 -6.00 -0.13
CA ASN A 26 2.71 -7.48 0.02
C ASN A 26 2.61 -7.83 1.50
N THR A 27 3.44 -7.23 2.30
CA THR A 27 3.40 -7.51 3.76
C THR A 27 2.05 -7.10 4.35
N LEU A 28 1.46 -6.05 3.83
CA LEU A 28 0.13 -5.62 4.34
C LEU A 28 -0.92 -6.65 3.97
N GLN A 29 -0.90 -7.10 2.74
CA GLN A 29 -1.88 -8.12 2.29
C GLN A 29 -1.56 -9.45 2.99
N GLN A 30 -0.42 -9.53 3.62
CA GLN A 30 -0.04 -10.77 4.34
C GLN A 30 -0.64 -10.76 5.74
N LYS A 31 -0.44 -9.70 6.47
CA LYS A 31 -1.03 -9.61 7.83
C LYS A 31 -2.56 -9.55 7.70
N LEU A 32 -3.04 -9.17 6.55
CA LEU A 32 -4.50 -9.09 6.33
C LEU A 32 -5.06 -10.50 6.10
N GLU A 33 -4.43 -11.27 5.26
CA GLU A 33 -4.92 -12.66 5.01
C GLU A 33 -4.72 -13.51 6.26
N ALA A 34 -3.88 -13.06 7.15
CA ALA A 34 -3.66 -13.81 8.41
C ALA A 34 -4.66 -13.32 9.44
N VAL A 35 -4.99 -12.06 9.35
CA VAL A 35 -5.99 -11.48 10.29
C VAL A 35 -7.34 -12.16 10.02
N ALA A 36 -7.63 -12.42 8.77
CA ALA A 36 -8.92 -13.08 8.43
C ALA A 36 -8.88 -14.52 8.96
N LYS A 37 -7.72 -15.10 9.05
CA LYS A 37 -7.61 -16.48 9.57
C LYS A 37 -7.84 -16.49 11.07
N ARG A 38 -7.47 -15.44 11.74
CA ARG A 38 -7.68 -15.38 13.20
C ARG A 38 -9.15 -15.08 13.47
N ILE A 39 -9.73 -14.22 12.69
CA ILE A 39 -11.18 -13.91 12.87
C ILE A 39 -11.98 -15.21 12.73
N GLU A 40 -11.63 -16.04 11.80
CA GLU A 40 -12.35 -17.34 11.63
C GLU A 40 -12.05 -18.20 12.85
N ALA A 41 -10.85 -18.11 13.37
CA ALA A 41 -10.52 -18.90 14.58
C ALA A 41 -11.52 -18.55 15.68
N LEU A 42 -12.00 -17.34 15.68
CA LEU A 42 -13.00 -16.93 16.69
C LEU A 42 -14.37 -17.38 16.23
N GLU A 43 -14.59 -17.41 14.94
CA GLU A 43 -15.92 -17.86 14.43
C GLU A 43 -16.13 -19.33 14.73
N ASN A 44 -15.07 -20.03 14.98
CA ASN A 44 -15.21 -21.48 15.31
C ASN A 44 -15.80 -21.64 16.71
N LYS A 45 -15.70 -20.62 17.50
CA LYS A 45 -16.26 -20.69 18.89
C LYS A 45 -17.46 -19.75 19.05
N ILE A 46 -17.60 -18.79 18.17
CA ILE A 46 -18.76 -17.85 18.29
C ILE A 46 -19.80 -18.17 17.22
N ILE A 47 -19.46 -19.02 16.28
CA ILE A 47 -20.44 -19.39 15.22
C ILE A 47 -21.79 -19.72 15.84
N GLY B 1 14.54 12.12 -35.15
CA GLY B 1 13.17 12.48 -34.70
C GLY B 1 13.20 13.86 -34.03
N SER B 2 12.97 13.90 -32.74
CA SER B 2 12.98 15.22 -32.04
C SER B 2 13.60 15.07 -30.65
N HIS B 3 13.07 14.18 -29.84
CA HIS B 3 13.63 14.00 -28.47
C HIS B 3 13.03 12.75 -27.81
N MET B 4 11.73 12.69 -27.70
CA MET B 4 11.08 11.51 -27.07
C MET B 4 11.60 10.22 -27.72
N GLU B 5 12.39 9.46 -27.01
CA GLU B 5 12.92 8.19 -27.59
C GLU B 5 12.11 7.00 -27.09
N GLU B 6 12.65 5.81 -27.21
CA GLU B 6 11.91 4.61 -26.75
C GLU B 6 11.86 4.56 -25.22
N ASP B 7 10.91 5.23 -24.62
CA ASP B 7 10.81 5.22 -23.13
C ASP B 7 12.20 5.35 -22.51
N PRO B 8 12.58 6.58 -22.27
CA PRO B 8 13.91 6.85 -21.67
C PRO B 8 13.91 6.53 -20.17
N CYS B 9 13.07 7.19 -19.42
CA CYS B 9 13.01 6.93 -17.95
C CYS B 9 11.61 6.47 -17.55
N GLU B 10 11.06 5.52 -18.27
CA GLU B 10 9.69 5.02 -17.93
C GLU B 10 8.76 6.19 -17.60
N CYS B 11 8.84 7.25 -18.37
CA CYS B 11 7.95 8.42 -18.10
C CYS B 11 6.52 7.97 -17.81
N LYS B 12 6.12 6.86 -18.36
CA LYS B 12 4.73 6.37 -18.11
C LYS B 12 4.77 4.96 -17.52
N SER B 13 5.93 4.35 -17.47
CA SER B 13 6.04 2.98 -16.89
C SER B 13 6.11 3.04 -15.37
N ILE B 14 6.62 4.12 -14.84
CA ILE B 14 6.72 4.26 -13.36
C ILE B 14 5.40 4.77 -12.82
N VAL B 15 4.75 5.62 -13.55
CA VAL B 15 3.44 6.15 -13.11
C VAL B 15 2.38 5.12 -13.48
N LYS B 16 2.71 4.24 -14.40
CA LYS B 16 1.76 3.18 -14.79
C LYS B 16 1.72 2.17 -13.65
N PHE B 17 2.86 1.83 -13.13
CA PHE B 17 2.90 0.89 -11.98
C PHE B 17 2.25 1.58 -10.78
N GLN B 18 2.37 2.88 -10.70
CA GLN B 18 1.76 3.61 -9.56
C GLN B 18 0.25 3.35 -9.52
N THR B 19 -0.41 3.50 -10.63
CA THR B 19 -1.88 3.23 -10.65
C THR B 19 -2.15 1.80 -10.20
N LYS B 20 -1.28 0.89 -10.54
CA LYS B 20 -1.47 -0.53 -10.11
C LYS B 20 -1.39 -0.58 -8.58
N VAL B 21 -0.59 0.28 -8.01
CA VAL B 21 -0.46 0.33 -6.54
C VAL B 21 -1.64 1.11 -5.96
N GLU B 22 -2.29 1.91 -6.77
CA GLU B 22 -3.44 2.70 -6.28
C GLU B 22 -4.63 1.76 -6.05
N GLU B 23 -4.91 0.90 -7.00
CA GLU B 23 -6.05 -0.05 -6.84
C GLU B 23 -5.70 -1.12 -5.80
N LEU B 24 -4.47 -1.55 -5.78
CA LEU B 24 -4.06 -2.58 -4.78
C LEU B 24 -4.19 -2.02 -3.37
N ILE B 25 -3.74 -0.80 -3.17
CA ILE B 25 -3.84 -0.19 -1.81
C ILE B 25 -5.31 -0.11 -1.39
N ASN B 26 -6.18 0.23 -2.31
CA ASN B 26 -7.63 0.30 -1.95
C ASN B 26 -8.11 -1.07 -1.48
N THR B 27 -7.70 -2.10 -2.17
CA THR B 27 -8.12 -3.48 -1.78
C THR B 27 -7.61 -3.80 -0.38
N LEU B 28 -6.46 -3.28 -0.01
CA LEU B 28 -5.93 -3.56 1.35
C LEU B 28 -6.79 -2.83 2.38
N GLN B 29 -7.14 -1.60 2.11
CA GLN B 29 -8.00 -0.84 3.06
C GLN B 29 -9.41 -1.43 3.03
N GLN B 30 -9.67 -2.27 2.06
CA GLN B 30 -11.02 -2.90 1.96
C GLN B 30 -11.07 -4.12 2.88
N LYS B 31 -10.11 -5.00 2.74
CA LYS B 31 -10.08 -6.21 3.62
C LYS B 31 -9.83 -5.76 5.06
N LEU B 32 -9.32 -4.58 5.23
CA LEU B 32 -9.05 -4.07 6.59
C LEU B 32 -10.36 -3.55 7.20
N GLU B 33 -11.08 -2.74 6.47
CA GLU B 33 -12.36 -2.21 7.02
C GLU B 33 -13.36 -3.36 7.18
N ALA B 34 -13.10 -4.47 6.56
CA ALA B 34 -14.01 -5.64 6.69
C ALA B 34 -13.52 -6.47 7.87
N VAL B 35 -12.22 -6.53 8.03
CA VAL B 35 -11.65 -7.29 9.17
C VAL B 35 -12.12 -6.63 10.47
N ALA B 36 -12.21 -5.33 10.49
CA ALA B 36 -12.68 -4.64 11.72
C ALA B 36 -14.15 -4.99 11.95
N LYS B 37 -14.87 -5.24 10.89
CA LYS B 37 -16.31 -5.59 11.04
C LYS B 37 -16.44 -7.00 11.61
N ARG B 38 -15.53 -7.87 11.26
CA ARG B 38 -15.58 -9.26 11.78
C ARG B 38 -15.16 -9.25 13.25
N ILE B 39 -14.18 -8.44 13.58
CA ILE B 39 -13.73 -8.35 14.99
C ILE B 39 -14.90 -7.87 15.85
N GLU B 40 -15.65 -6.93 15.36
CA GLU B 40 -16.82 -6.44 16.15
C GLU B 40 -17.84 -7.58 16.22
N ALA B 41 -17.94 -8.34 15.16
CA ALA B 41 -18.90 -9.48 15.18
C ALA B 41 -18.57 -10.37 16.38
N LEU B 42 -17.32 -10.47 16.72
CA LEU B 42 -16.93 -11.29 17.89
C LEU B 42 -17.18 -10.48 19.16
N GLU B 43 -17.03 -9.19 19.09
CA GLU B 43 -17.25 -8.33 20.30
C GLU B 43 -18.71 -8.41 20.72
N ASN B 44 -19.57 -8.81 19.84
CA ASN B 44 -21.02 -8.92 20.19
C ASN B 44 -21.22 -10.12 21.10
N LYS B 45 -20.33 -11.07 21.04
CA LYS B 45 -20.44 -12.28 21.90
C LYS B 45 -19.36 -12.29 22.99
N ILE B 46 -18.34 -11.48 22.84
CA ILE B 46 -17.27 -11.47 23.88
C ILE B 46 -17.33 -10.16 24.67
N ILE B 47 -18.14 -9.22 24.23
CA ILE B 47 -18.24 -7.94 24.97
C ILE B 47 -18.41 -8.20 26.47
N GLY C 1 13.97 29.41 -23.09
CA GLY C 1 14.42 29.30 -21.67
C GLY C 1 15.70 28.48 -21.61
N SER C 2 15.63 27.27 -21.15
CA SER C 2 16.85 26.42 -21.05
C SER C 2 16.50 24.95 -21.34
N HIS C 3 15.66 24.36 -20.53
CA HIS C 3 15.29 22.94 -20.77
C HIS C 3 14.04 22.58 -19.95
N MET C 4 14.09 22.76 -18.67
CA MET C 4 12.90 22.43 -17.83
C MET C 4 11.65 23.12 -18.38
N GLU C 5 10.70 22.36 -18.85
CA GLU C 5 9.46 22.98 -19.41
C GLU C 5 8.29 22.80 -18.43
N GLU C 6 7.09 22.93 -18.91
CA GLU C 6 5.91 22.77 -18.01
C GLU C 6 5.72 21.30 -17.62
N ASP C 7 6.44 20.86 -16.61
CA ASP C 7 6.31 19.43 -16.18
C ASP C 7 6.22 18.51 -17.39
N PRO C 8 7.38 18.05 -17.81
CA PRO C 8 7.44 17.15 -18.98
C PRO C 8 6.97 15.73 -18.59
N CYS C 9 7.65 15.10 -17.68
CA CYS C 9 7.23 13.73 -17.26
C CYS C 9 6.90 13.71 -15.77
N GLU C 10 6.06 14.60 -15.32
CA GLU C 10 5.69 14.63 -13.88
C GLU C 10 6.93 14.39 -13.00
N CYS C 11 8.03 14.99 -13.33
CA CYS C 11 9.25 14.77 -12.52
C CYS C 11 8.93 14.85 -11.03
N LYS C 12 7.93 15.61 -10.67
CA LYS C 12 7.56 15.74 -9.24
C LYS C 12 6.11 15.32 -9.02
N SER C 13 5.37 15.11 -10.08
CA SER C 13 3.93 14.70 -9.92
C SER C 13 3.84 13.19 -9.65
N ILE C 14 4.79 12.44 -10.13
CA ILE C 14 4.79 10.97 -9.90
C ILE C 14 5.38 10.67 -8.54
N VAL C 15 6.37 11.43 -8.15
CA VAL C 15 6.99 11.23 -6.81
C VAL C 15 6.12 11.96 -5.78
N LYS C 16 5.31 12.87 -6.25
CA LYS C 16 4.39 13.59 -5.34
C LYS C 16 3.29 12.61 -4.94
N PHE C 17 2.78 11.89 -5.90
CA PHE C 17 1.75 10.88 -5.60
C PHE C 17 2.39 9.78 -4.74
N GLN C 18 3.65 9.53 -4.93
CA GLN C 18 4.33 8.47 -4.13
C GLN C 18 4.21 8.79 -2.65
N THR C 19 4.53 10.01 -2.26
CA THR C 19 4.42 10.39 -0.82
C THR C 19 2.98 10.16 -0.36
N LYS C 20 2.02 10.41 -1.20
CA LYS C 20 0.60 10.19 -0.81
C LYS C 20 0.40 8.70 -0.55
N VAL C 21 1.12 7.88 -1.25
CA VAL C 21 1.00 6.41 -1.04
C VAL C 21 1.83 6.01 0.18
N GLU C 22 2.77 6.84 0.55
CA GLU C 22 3.62 6.54 1.73
C GLU C 22 2.79 6.69 3.02
N GLU C 23 2.05 7.75 3.12
CA GLU C 23 1.21 7.96 4.34
C GLU C 23 0.02 7.00 4.32
N LEU C 24 -0.56 6.78 3.17
CA LEU C 24 -1.72 5.85 3.09
C LEU C 24 -1.29 4.44 3.48
N ILE C 25 -0.15 4.01 3.01
CA ILE C 25 0.33 2.64 3.36
C ILE C 25 0.51 2.55 4.88
N ASN C 26 1.05 3.56 5.49
CA ASN C 26 1.23 3.52 6.98
C ASN C 26 -0.13 3.34 7.65
N THR C 27 -1.12 4.04 7.19
CA THR C 27 -2.48 3.91 7.79
C THR C 27 -2.98 2.47 7.64
N LEU C 28 -2.62 1.81 6.57
CA LEU C 28 -3.06 0.40 6.38
C LEU C 28 -2.35 -0.49 7.40
N GLN C 29 -1.08 -0.30 7.57
CA GLN C 29 -0.33 -1.11 8.56
C GLN C 29 -0.75 -0.70 9.97
N GLN C 30 -1.47 0.39 10.07
CA GLN C 30 -1.95 0.85 11.41
C GLN C 30 -3.24 0.13 11.76
N LYS C 31 -4.19 0.14 10.86
CA LYS C 31 -5.47 -0.57 11.14
C LYS C 31 -5.19 -2.07 11.20
N LEU C 32 -4.08 -2.48 10.64
CA LEU C 32 -3.71 -3.92 10.66
C LEU C 32 -3.13 -4.29 12.03
N GLU C 33 -2.21 -3.50 12.53
CA GLU C 33 -1.62 -3.79 13.86
C GLU C 33 -2.67 -3.60 14.94
N ALA C 34 -3.74 -2.92 14.63
CA ALA C 34 -4.82 -2.72 15.62
C ALA C 34 -5.80 -3.88 15.47
N VAL C 35 -5.99 -4.31 14.25
CA VAL C 35 -6.90 -5.46 14.00
C VAL C 35 -6.34 -6.69 14.71
N ALA C 36 -5.04 -6.85 14.70
CA ALA C 36 -4.43 -8.02 15.39
C ALA C 36 -4.63 -7.86 16.89
N LYS C 37 -4.72 -6.65 17.36
CA LYS C 37 -4.92 -6.43 18.82
C LYS C 37 -6.35 -6.78 19.19
N ARG C 38 -7.27 -6.58 18.30
CA ARG C 38 -8.68 -6.91 18.58
C ARG C 38 -8.85 -8.43 18.51
N ILE C 39 -8.21 -9.05 17.57
CA ILE C 39 -8.29 -10.53 17.44
C ILE C 39 -7.81 -11.16 18.75
N GLU C 40 -6.74 -10.64 19.29
CA GLU C 40 -6.24 -11.17 20.59
C GLU C 40 -7.27 -10.89 21.67
N ALA C 41 -7.92 -9.77 21.59
CA ALA C 41 -8.97 -9.44 22.60
C ALA C 41 -9.98 -10.58 22.61
N LEU C 42 -10.23 -11.17 21.47
CA LEU C 42 -11.19 -12.30 21.41
C LEU C 42 -10.48 -13.57 21.89
N GLU C 43 -9.21 -13.67 21.64
CA GLU C 43 -8.46 -14.89 22.09
C GLU C 43 -8.42 -14.95 23.61
N ASN C 44 -8.65 -13.85 24.26
CA ASN C 44 -8.64 -13.85 25.75
C ASN C 44 -9.90 -14.54 26.27
N LYS C 45 -10.91 -14.62 25.44
CA LYS C 45 -12.17 -15.29 25.87
C LYS C 45 -12.39 -16.58 25.09
N ILE C 46 -11.70 -16.76 23.99
CA ILE C 46 -11.88 -18.02 23.19
C ILE C 46 -10.63 -18.90 23.33
N ILE C 47 -9.60 -18.39 23.96
CA ILE C 47 -8.36 -19.21 24.12
C ILE C 47 -8.72 -20.60 24.66
N GLY A 1 31.44 11.67 2.47
CA GLY A 1 29.97 11.70 2.26
C GLY A 1 29.57 10.67 1.21
N SER A 2 29.03 9.55 1.63
CA SER A 2 28.62 8.51 0.65
C SER A 2 27.36 8.95 -0.11
N HIS A 3 27.54 9.55 -1.26
CA HIS A 3 26.36 10.02 -2.05
C HIS A 3 26.66 9.93 -3.54
N MET A 4 25.67 10.09 -4.37
CA MET A 4 25.90 10.03 -5.83
C MET A 4 25.94 11.44 -6.43
N GLU A 5 26.22 11.55 -7.69
CA GLU A 5 26.29 12.90 -8.33
C GLU A 5 25.27 13.00 -9.47
N GLU A 6 24.32 12.11 -9.51
CA GLU A 6 23.31 12.13 -10.60
C GLU A 6 21.91 11.89 -10.03
N ASP A 7 21.02 12.83 -10.18
CA ASP A 7 19.65 12.65 -9.64
C ASP A 7 18.78 13.89 -9.96
N PRO A 8 18.52 14.08 -11.22
CA PRO A 8 17.69 15.24 -11.66
C PRO A 8 16.21 14.94 -11.44
N CYS A 9 15.65 14.01 -12.16
CA CYS A 9 14.21 13.68 -11.98
C CYS A 9 14.05 12.31 -11.31
N GLU A 10 14.97 11.94 -10.48
CA GLU A 10 14.87 10.61 -9.79
C GLU A 10 14.42 9.54 -10.79
N CYS A 11 14.92 9.57 -11.99
CA CYS A 11 14.51 8.55 -12.99
C CYS A 11 14.51 7.15 -12.37
N LYS A 12 15.34 6.94 -11.39
CA LYS A 12 15.41 5.60 -10.74
C LYS A 12 15.12 5.71 -9.24
N SER A 13 15.08 6.92 -8.74
CA SER A 13 14.80 7.11 -7.29
C SER A 13 13.30 6.97 -7.01
N ILE A 14 12.50 7.27 -7.99
CA ILE A 14 11.02 7.15 -7.80
C ILE A 14 10.59 5.71 -8.05
N VAL A 15 11.26 5.05 -8.95
CA VAL A 15 10.94 3.63 -9.24
C VAL A 15 11.67 2.77 -8.22
N LYS A 16 12.69 3.32 -7.63
CA LYS A 16 13.44 2.59 -6.59
C LYS A 16 12.59 2.59 -5.33
N PHE A 17 11.97 3.70 -5.04
CA PHE A 17 11.08 3.77 -3.87
C PHE A 17 9.84 2.92 -4.14
N GLN A 18 9.45 2.82 -5.38
CA GLN A 18 8.25 2.00 -5.73
C GLN A 18 8.49 0.55 -5.30
N THR A 19 9.63 0.01 -5.62
CA THR A 19 9.93 -1.39 -5.22
C THR A 19 9.74 -1.55 -3.71
N LYS A 20 10.05 -0.52 -2.97
CA LYS A 20 9.87 -0.60 -1.50
C LYS A 20 8.39 -0.65 -1.17
N VAL A 21 7.60 0.05 -1.93
CA VAL A 21 6.13 0.05 -1.71
C VAL A 21 5.57 -1.27 -2.26
N GLU A 22 6.34 -1.95 -3.07
CA GLU A 22 5.87 -3.25 -3.62
C GLU A 22 5.95 -4.33 -2.54
N GLU A 23 7.06 -4.40 -1.86
CA GLU A 23 7.21 -5.43 -0.78
C GLU A 23 6.40 -5.01 0.44
N LEU A 24 6.21 -3.74 0.64
CA LEU A 24 5.42 -3.27 1.80
C LEU A 24 3.94 -3.59 1.56
N ILE A 25 3.44 -3.29 0.38
CA ILE A 25 2.02 -3.58 0.08
C ILE A 25 1.76 -5.09 0.25
N ASN A 26 2.68 -5.91 -0.19
CA ASN A 26 2.49 -7.38 -0.05
C ASN A 26 2.42 -7.75 1.43
N THR A 27 3.26 -7.17 2.23
CA THR A 27 3.26 -7.47 3.68
C THR A 27 1.91 -7.06 4.28
N LEU A 28 1.32 -6.01 3.78
CA LEU A 28 0.00 -5.57 4.32
C LEU A 28 -1.07 -6.59 3.93
N GLN A 29 -1.06 -7.00 2.70
CA GLN A 29 -2.05 -8.01 2.24
C GLN A 29 -1.74 -9.35 2.91
N GLN A 30 -0.58 -9.45 3.51
CA GLN A 30 -0.20 -10.71 4.21
C GLN A 30 -0.81 -10.71 5.60
N LYS A 31 -0.58 -9.68 6.35
CA LYS A 31 -1.16 -9.60 7.71
C LYS A 31 -2.68 -9.43 7.58
N LEU A 32 -3.13 -9.06 6.41
CA LEU A 32 -4.59 -8.88 6.20
C LEU A 32 -5.23 -10.23 5.88
N GLU A 33 -4.63 -10.99 5.00
CA GLU A 33 -5.21 -12.32 4.65
C GLU A 33 -5.06 -13.26 5.84
N ALA A 34 -4.17 -12.94 6.75
CA ALA A 34 -4.00 -13.79 7.95
C ALA A 34 -4.95 -13.27 9.02
N VAL A 35 -5.17 -11.98 9.02
CA VAL A 35 -6.11 -11.38 10.00
C VAL A 35 -7.50 -11.93 9.74
N ALA A 36 -7.87 -12.09 8.48
CA ALA A 36 -9.21 -12.64 8.17
C ALA A 36 -9.28 -14.09 8.62
N LYS A 37 -8.16 -14.77 8.57
CA LYS A 37 -8.14 -16.19 9.02
C LYS A 37 -8.24 -16.25 10.54
N ARG A 38 -7.76 -15.24 11.20
CA ARG A 38 -7.84 -15.23 12.69
C ARG A 38 -9.27 -14.86 13.10
N ILE A 39 -9.90 -14.02 12.33
CA ILE A 39 -11.30 -13.63 12.65
C ILE A 39 -12.19 -14.88 12.57
N GLU A 40 -12.01 -15.67 11.54
CA GLU A 40 -12.82 -16.91 11.43
C GLU A 40 -12.39 -17.85 12.55
N ALA A 41 -11.13 -17.82 12.89
CA ALA A 41 -10.65 -18.68 14.01
C ALA A 41 -11.52 -18.40 15.23
N LEU A 42 -11.90 -17.17 15.40
CA LEU A 42 -12.77 -16.81 16.55
C LEU A 42 -14.19 -17.27 16.24
N GLU A 43 -14.60 -17.15 15.00
CA GLU A 43 -15.98 -17.58 14.62
C GLU A 43 -16.11 -19.09 14.75
N ASN A 44 -15.01 -19.78 14.84
CA ASN A 44 -15.07 -21.25 14.99
C ASN A 44 -15.49 -21.58 16.42
N LYS A 45 -15.27 -20.67 17.33
CA LYS A 45 -15.65 -20.91 18.75
C LYS A 45 -16.82 -20.00 19.11
N ILE A 46 -17.11 -19.03 18.29
CA ILE A 46 -18.25 -18.11 18.59
C ILE A 46 -19.48 -18.56 17.80
N ILE A 47 -19.28 -19.33 16.77
CA ILE A 47 -20.44 -19.81 15.96
C ILE A 47 -21.40 -20.61 16.84
N GLY B 1 8.17 -10.76 -30.85
CA GLY B 1 8.38 -10.24 -29.47
C GLY B 1 7.49 -9.02 -29.26
N SER B 2 6.44 -9.15 -28.48
CA SER B 2 5.54 -7.99 -28.23
C SER B 2 6.17 -7.04 -27.22
N HIS B 3 6.81 -6.00 -27.69
CA HIS B 3 7.46 -5.03 -26.76
C HIS B 3 7.47 -3.63 -27.39
N MET B 4 7.81 -2.63 -26.63
CA MET B 4 7.84 -1.24 -27.19
C MET B 4 9.28 -0.81 -27.48
N GLU B 5 9.45 0.29 -28.16
CA GLU B 5 10.83 0.77 -28.46
C GLU B 5 11.09 2.11 -27.78
N GLU B 6 10.39 2.40 -26.72
CA GLU B 6 10.61 3.70 -26.00
C GLU B 6 10.43 3.50 -24.49
N ASP B 7 11.46 3.75 -23.73
CA ASP B 7 11.35 3.58 -22.26
C ASP B 7 12.69 3.92 -21.59
N PRO B 8 13.05 5.17 -21.68
CA PRO B 8 14.32 5.64 -21.07
C PRO B 8 14.16 5.80 -19.56
N CYS B 9 13.34 6.72 -19.13
CA CYS B 9 13.14 6.91 -17.66
C CYS B 9 11.74 6.45 -17.25
N GLU B 10 11.19 5.50 -17.95
CA GLU B 10 9.82 5.00 -17.59
C GLU B 10 8.90 6.19 -17.28
N CYS B 11 8.97 7.23 -18.05
CA CYS B 11 8.10 8.41 -17.78
C CYS B 11 6.66 7.95 -17.54
N LYS B 12 6.28 6.85 -18.12
CA LYS B 12 4.88 6.35 -17.92
C LYS B 12 4.91 4.95 -17.29
N SER B 13 6.06 4.34 -17.24
CA SER B 13 6.14 2.97 -16.64
C SER B 13 6.14 3.07 -15.11
N ILE B 14 6.62 4.16 -14.58
CA ILE B 14 6.64 4.34 -13.10
C ILE B 14 5.28 4.82 -12.62
N VAL B 15 4.63 5.62 -13.42
CA VAL B 15 3.30 6.14 -13.05
C VAL B 15 2.27 5.09 -13.45
N LYS B 16 2.65 4.23 -14.36
CA LYS B 16 1.74 3.13 -14.78
C LYS B 16 1.73 2.09 -13.67
N PHE B 17 2.87 1.87 -13.08
CA PHE B 17 2.96 0.90 -11.96
C PHE B 17 2.25 1.53 -10.75
N GLN B 18 2.31 2.83 -10.66
CA GLN B 18 1.63 3.52 -9.52
C GLN B 18 0.14 3.20 -9.53
N THR B 19 -0.47 3.29 -10.68
CA THR B 19 -1.94 3.00 -10.75
C THR B 19 -2.19 1.58 -10.21
N LYS B 20 -1.26 0.68 -10.41
CA LYS B 20 -1.45 -0.70 -9.89
C LYS B 20 -1.38 -0.66 -8.36
N VAL B 21 -0.55 0.21 -7.85
CA VAL B 21 -0.43 0.33 -6.36
C VAL B 21 -1.63 1.13 -5.84
N GLU B 22 -2.31 1.80 -6.72
CA GLU B 22 -3.50 2.59 -6.29
C GLU B 22 -4.68 1.64 -6.03
N GLU B 23 -4.91 0.74 -6.95
CA GLU B 23 -6.03 -0.23 -6.74
C GLU B 23 -5.63 -1.27 -5.70
N LEU B 24 -4.37 -1.54 -5.59
CA LEU B 24 -3.93 -2.54 -4.58
C LEU B 24 -4.06 -1.94 -3.17
N ILE B 25 -3.64 -0.72 -3.00
CA ILE B 25 -3.76 -0.07 -1.67
C ILE B 25 -5.23 -0.02 -1.26
N ASN B 26 -6.11 0.25 -2.20
CA ASN B 26 -7.55 0.31 -1.86
C ASN B 26 -8.03 -1.07 -1.39
N THR B 27 -7.63 -2.10 -2.09
CA THR B 27 -8.04 -3.48 -1.70
C THR B 27 -7.54 -3.79 -0.29
N LEU B 28 -6.42 -3.26 0.09
CA LEU B 28 -5.89 -3.52 1.46
C LEU B 28 -6.75 -2.78 2.47
N GLN B 29 -7.07 -1.55 2.19
CA GLN B 29 -7.91 -0.77 3.13
C GLN B 29 -9.34 -1.33 3.09
N GLN B 30 -9.61 -2.17 2.13
CA GLN B 30 -10.97 -2.78 2.02
C GLN B 30 -11.04 -3.99 2.94
N LYS B 31 -10.10 -4.89 2.82
CA LYS B 31 -10.10 -6.08 3.72
C LYS B 31 -9.78 -5.63 5.14
N LEU B 32 -9.23 -4.46 5.28
CA LEU B 32 -8.89 -3.92 6.62
C LEU B 32 -10.13 -3.32 7.27
N GLU B 33 -10.86 -2.51 6.54
CA GLU B 33 -12.09 -1.89 7.13
C GLU B 33 -13.15 -2.98 7.33
N ALA B 34 -13.00 -4.09 6.67
CA ALA B 34 -13.96 -5.21 6.83
C ALA B 34 -13.44 -6.10 7.96
N VAL B 35 -12.15 -6.17 8.09
CA VAL B 35 -11.56 -7.00 9.17
C VAL B 35 -11.92 -6.36 10.52
N ALA B 36 -11.94 -5.06 10.57
CA ALA B 36 -12.31 -4.37 11.84
C ALA B 36 -13.79 -4.61 12.12
N LYS B 37 -14.57 -4.78 11.08
CA LYS B 37 -16.02 -5.04 11.29
C LYS B 37 -16.21 -6.48 11.75
N ARG B 38 -15.32 -7.34 11.37
CA ARG B 38 -15.43 -8.76 11.79
C ARG B 38 -14.96 -8.88 13.24
N ILE B 39 -13.99 -8.08 13.61
CA ILE B 39 -13.50 -8.11 15.02
C ILE B 39 -14.63 -7.69 15.95
N GLU B 40 -15.33 -6.64 15.60
CA GLU B 40 -16.47 -6.22 16.45
C GLU B 40 -17.54 -7.29 16.37
N ALA B 41 -17.65 -7.93 15.25
CA ALA B 41 -18.64 -9.03 15.10
C ALA B 41 -18.40 -10.05 16.20
N LEU B 42 -17.16 -10.26 16.54
CA LEU B 42 -16.82 -11.21 17.63
C LEU B 42 -17.10 -10.53 18.97
N GLU B 43 -16.84 -9.25 19.04
CA GLU B 43 -17.10 -8.51 20.32
C GLU B 43 -18.60 -8.46 20.60
N ASN B 44 -19.39 -8.73 19.61
CA ASN B 44 -20.87 -8.72 19.83
C ASN B 44 -21.27 -9.96 20.61
N LYS B 45 -20.47 -10.98 20.53
CA LYS B 45 -20.79 -12.24 21.26
C LYS B 45 -19.80 -12.43 22.41
N ILE B 46 -18.73 -11.67 22.41
CA ILE B 46 -17.74 -11.79 23.51
C ILE B 46 -18.00 -10.70 24.55
N ILE B 47 -18.70 -9.67 24.17
CA ILE B 47 -19.00 -8.57 25.13
C ILE B 47 -19.78 -9.11 26.33
N GLY C 1 -8.54 29.38 -13.95
CA GLY C 1 -8.20 27.93 -13.84
C GLY C 1 -6.90 27.77 -13.06
N SER C 2 -6.99 27.30 -11.83
CA SER C 2 -5.74 27.12 -11.03
C SER C 2 -4.97 25.89 -11.51
N HIS C 3 -3.96 26.10 -12.30
CA HIS C 3 -3.16 24.94 -12.81
C HIS C 3 -1.72 25.37 -13.08
N MET C 4 -0.85 24.43 -13.31
CA MET C 4 0.58 24.80 -13.58
C MET C 4 0.86 24.71 -15.08
N GLU C 5 2.02 25.16 -15.50
CA GLU C 5 2.35 25.10 -16.95
C GLU C 5 3.59 24.22 -17.18
N GLU C 6 3.87 23.33 -16.27
CA GLU C 6 5.06 22.45 -16.43
C GLU C 6 4.76 21.05 -15.88
N ASP C 7 4.80 20.06 -16.73
CA ASP C 7 4.52 18.66 -16.26
C ASP C 7 4.59 17.70 -17.45
N PRO C 8 5.79 17.54 -17.96
CA PRO C 8 6.01 16.63 -19.10
C PRO C 8 6.04 15.17 -18.63
N CYS C 9 7.01 14.82 -17.82
CA CYS C 9 7.10 13.42 -17.32
C CYS C 9 6.76 13.37 -15.83
N GLU C 10 5.93 14.27 -15.37
CA GLU C 10 5.56 14.27 -13.92
C GLU C 10 6.81 14.03 -13.06
N CYS C 11 7.91 14.65 -13.39
CA CYS C 11 9.15 14.46 -12.58
C CYS C 11 8.84 14.58 -11.09
N LYS C 12 7.86 15.37 -10.74
CA LYS C 12 7.51 15.52 -9.31
C LYS C 12 6.06 15.10 -9.07
N SER C 13 5.33 14.84 -10.11
CA SER C 13 3.91 14.41 -9.95
C SER C 13 3.85 12.92 -9.60
N ILE C 14 4.80 12.16 -10.05
CA ILE C 14 4.82 10.70 -9.75
C ILE C 14 5.41 10.47 -8.36
N VAL C 15 6.34 11.29 -7.99
CA VAL C 15 6.96 11.16 -6.65
C VAL C 15 6.07 11.91 -5.65
N LYS C 16 5.26 12.80 -6.17
CA LYS C 16 4.32 13.54 -5.30
C LYS C 16 3.18 12.59 -4.93
N PHE C 17 2.77 11.80 -5.89
CA PHE C 17 1.70 10.81 -5.62
C PHE C 17 2.28 9.73 -4.71
N GLN C 18 3.56 9.46 -4.85
CA GLN C 18 4.19 8.42 -3.99
C GLN C 18 4.05 8.81 -2.52
N THR C 19 4.34 10.03 -2.18
CA THR C 19 4.20 10.46 -0.75
C THR C 19 2.79 10.15 -0.27
N LYS C 20 1.82 10.28 -1.13
CA LYS C 20 0.42 9.98 -0.72
C LYS C 20 0.30 8.48 -0.44
N VAL C 21 0.99 7.69 -1.21
CA VAL C 21 0.96 6.22 -1.00
C VAL C 21 1.82 5.86 0.20
N GLU C 22 2.67 6.77 0.61
CA GLU C 22 3.55 6.51 1.79
C GLU C 22 2.72 6.62 3.07
N GLU C 23 1.94 7.66 3.19
CA GLU C 23 1.09 7.82 4.41
C GLU C 23 -0.07 6.83 4.36
N LEU C 24 -0.54 6.52 3.19
CA LEU C 24 -1.67 5.56 3.06
C LEU C 24 -1.18 4.17 3.47
N ILE C 25 -0.06 3.75 2.96
CA ILE C 25 0.47 2.41 3.33
C ILE C 25 0.65 2.33 4.86
N ASN C 26 1.12 3.39 5.46
CA ASN C 26 1.30 3.36 6.95
C ASN C 26 -0.05 3.19 7.62
N THR C 27 -1.04 3.90 7.15
CA THR C 27 -2.40 3.78 7.75
C THR C 27 -2.91 2.35 7.61
N LEU C 28 -2.54 1.67 6.56
CA LEU C 28 -3.00 0.27 6.38
C LEU C 28 -2.28 -0.63 7.38
N GLN C 29 -1.00 -0.44 7.52
CA GLN C 29 -0.23 -1.25 8.50
C GLN C 29 -0.63 -0.83 9.92
N GLN C 30 -1.32 0.27 10.02
CA GLN C 30 -1.77 0.76 11.36
C GLN C 30 -3.04 0.01 11.74
N LYS C 31 -4.03 0.05 10.89
CA LYS C 31 -5.29 -0.68 11.19
C LYS C 31 -5.02 -2.17 11.16
N LEU C 32 -3.92 -2.56 10.60
CA LEU C 32 -3.58 -4.01 10.54
C LEU C 32 -2.90 -4.44 11.84
N GLU C 33 -1.95 -3.67 12.32
CA GLU C 33 -1.28 -4.05 13.59
C GLU C 33 -2.28 -3.89 14.75
N ALA C 34 -3.32 -3.15 14.53
CA ALA C 34 -4.34 -2.96 15.60
C ALA C 34 -5.39 -4.06 15.43
N VAL C 35 -5.63 -4.44 14.20
CA VAL C 35 -6.60 -5.53 13.93
C VAL C 35 -6.07 -6.82 14.55
N ALA C 36 -4.78 -7.05 14.46
CA ALA C 36 -4.20 -8.27 15.04
C ALA C 36 -4.29 -8.20 16.56
N LYS C 37 -4.27 -7.01 17.10
CA LYS C 37 -4.37 -6.87 18.58
C LYS C 37 -5.83 -7.10 19.00
N ARG C 38 -6.75 -6.82 18.12
CA ARG C 38 -8.18 -7.04 18.45
C ARG C 38 -8.49 -8.54 18.34
N ILE C 39 -7.86 -9.21 17.40
CA ILE C 39 -8.09 -10.67 17.25
C ILE C 39 -7.62 -11.37 18.53
N GLU C 40 -6.46 -11.02 19.01
CA GLU C 40 -5.97 -11.65 20.27
C GLU C 40 -6.89 -11.21 21.41
N ALA C 41 -7.44 -10.03 21.31
CA ALA C 41 -8.37 -9.56 22.36
C ALA C 41 -9.53 -10.54 22.44
N LEU C 42 -9.92 -11.09 21.33
CA LEU C 42 -11.02 -12.10 21.32
C LEU C 42 -10.46 -13.42 21.83
N GLU C 43 -9.23 -13.70 21.50
CA GLU C 43 -8.60 -14.97 21.96
C GLU C 43 -8.40 -14.93 23.47
N ASN C 44 -8.46 -13.77 24.05
CA ASN C 44 -8.30 -13.66 25.52
C ASN C 44 -9.57 -14.16 26.21
N LYS C 45 -10.68 -14.13 25.51
CA LYS C 45 -11.95 -14.61 26.09
C LYS C 45 -12.36 -15.91 25.41
N ILE C 46 -11.74 -16.25 24.31
CA ILE C 46 -12.10 -17.51 23.62
C ILE C 46 -11.09 -18.59 23.99
N ILE C 47 -9.95 -18.21 24.50
CA ILE C 47 -8.93 -19.22 24.90
C ILE C 47 -9.50 -20.14 25.99
N GLY A 1 29.32 25.51 -21.00
CA GLY A 1 28.65 26.75 -20.49
C GLY A 1 28.04 26.46 -19.12
N SER A 2 27.30 25.39 -18.99
CA SER A 2 26.69 25.07 -17.67
C SER A 2 26.98 23.61 -17.29
N HIS A 3 26.99 23.31 -16.02
CA HIS A 3 27.26 21.91 -15.59
C HIS A 3 26.83 21.71 -14.13
N MET A 4 25.58 21.38 -13.92
CA MET A 4 25.09 21.18 -12.53
C MET A 4 23.68 20.59 -12.54
N GLU A 5 23.54 19.36 -12.15
CA GLU A 5 22.18 18.73 -12.13
C GLU A 5 22.02 17.86 -10.89
N GLU A 6 22.79 16.80 -10.78
CA GLU A 6 22.68 15.92 -9.59
C GLU A 6 21.23 15.47 -9.39
N ASP A 7 20.92 14.26 -9.77
CA ASP A 7 19.53 13.76 -9.60
C ASP A 7 18.53 14.77 -10.16
N PRO A 8 18.23 14.62 -11.44
CA PRO A 8 17.28 15.53 -12.11
C PRO A 8 15.84 15.19 -11.72
N CYS A 9 15.32 14.08 -12.19
CA CYS A 9 13.92 13.72 -11.85
C CYS A 9 13.86 12.34 -11.17
N GLU A 10 14.79 12.07 -10.29
CA GLU A 10 14.79 10.76 -9.58
C GLU A 10 14.42 9.62 -10.54
N CYS A 11 14.98 9.63 -11.73
CA CYS A 11 14.66 8.56 -12.71
C CYS A 11 14.72 7.18 -12.04
N LYS A 12 15.54 7.03 -11.04
CA LYS A 12 15.64 5.71 -10.35
C LYS A 12 15.23 5.85 -8.88
N SER A 13 15.13 7.05 -8.40
CA SER A 13 14.75 7.26 -6.98
C SER A 13 13.24 7.05 -6.78
N ILE A 14 12.47 7.32 -7.79
CA ILE A 14 10.99 7.14 -7.67
C ILE A 14 10.63 5.69 -7.93
N VAL A 15 11.31 5.07 -8.83
CA VAL A 15 11.01 3.64 -9.16
C VAL A 15 11.70 2.75 -8.13
N LYS A 16 12.75 3.23 -7.51
CA LYS A 16 13.41 2.39 -6.48
C LYS A 16 12.57 2.48 -5.20
N PHE A 17 12.00 3.63 -4.96
CA PHE A 17 11.12 3.77 -3.77
C PHE A 17 9.87 2.93 -4.05
N GLN A 18 9.50 2.82 -5.30
CA GLN A 18 8.31 2.01 -5.67
C GLN A 18 8.54 0.56 -5.23
N THR A 19 9.70 0.03 -5.50
CA THR A 19 9.99 -1.38 -5.10
C THR A 19 9.79 -1.53 -3.59
N LYS A 20 10.10 -0.50 -2.85
CA LYS A 20 9.91 -0.57 -1.37
C LYS A 20 8.41 -0.62 -1.09
N VAL A 21 7.65 0.03 -1.95
CA VAL A 21 6.17 0.03 -1.78
C VAL A 21 5.61 -1.31 -2.30
N GLU A 22 6.39 -2.00 -3.09
CA GLU A 22 5.93 -3.31 -3.65
C GLU A 22 5.99 -4.37 -2.55
N GLU A 23 7.07 -4.42 -1.81
CA GLU A 23 7.18 -5.43 -0.72
C GLU A 23 6.31 -5.01 0.46
N LEU A 24 6.16 -3.72 0.67
CA LEU A 24 5.31 -3.26 1.80
C LEU A 24 3.85 -3.58 1.50
N ILE A 25 3.40 -3.29 0.31
CA ILE A 25 1.99 -3.59 -0.05
C ILE A 25 1.75 -5.10 0.10
N ASN A 26 2.70 -5.91 -0.26
CA ASN A 26 2.52 -7.38 -0.12
C ASN A 26 2.40 -7.74 1.36
N THR A 27 3.25 -7.17 2.17
CA THR A 27 3.20 -7.46 3.64
C THR A 27 1.85 -7.04 4.21
N LEU A 28 1.25 -6.03 3.63
CA LEU A 28 -0.08 -5.57 4.14
C LEU A 28 -1.16 -6.57 3.74
N GLN A 29 -1.17 -6.95 2.50
CA GLN A 29 -2.18 -7.95 2.04
C GLN A 29 -1.88 -9.30 2.70
N GLN A 30 -0.71 -9.43 3.26
CA GLN A 30 -0.33 -10.70 3.93
C GLN A 30 -0.92 -10.72 5.34
N LYS A 31 -0.67 -9.68 6.09
CA LYS A 31 -1.23 -9.61 7.47
C LYS A 31 -2.75 -9.48 7.39
N LEU A 32 -3.24 -9.14 6.23
CA LEU A 32 -4.71 -8.99 6.05
C LEU A 32 -5.33 -10.37 5.79
N GLU A 33 -4.75 -11.14 4.90
CA GLU A 33 -5.31 -12.49 4.62
C GLU A 33 -5.11 -13.38 5.84
N ALA A 34 -4.19 -13.02 6.70
CA ALA A 34 -3.97 -13.82 7.93
C ALA A 34 -4.89 -13.29 9.02
N VAL A 35 -5.13 -12.01 9.00
CA VAL A 35 -6.05 -11.40 9.99
C VAL A 35 -7.44 -12.00 9.78
N ALA A 36 -7.83 -12.21 8.56
CA ALA A 36 -9.17 -12.81 8.29
C ALA A 36 -9.14 -14.28 8.71
N LYS A 37 -7.99 -14.88 8.69
CA LYS A 37 -7.89 -16.31 9.11
C LYS A 37 -7.88 -16.40 10.62
N ARG A 38 -7.63 -15.31 11.28
CA ARG A 38 -7.64 -15.33 12.77
C ARG A 38 -9.06 -15.04 13.25
N ILE A 39 -9.73 -14.14 12.59
CA ILE A 39 -11.13 -13.83 12.99
C ILE A 39 -11.98 -15.06 12.78
N GLU A 40 -11.77 -15.76 11.71
CA GLU A 40 -12.57 -17.00 11.47
C GLU A 40 -12.25 -17.98 12.59
N ALA A 41 -11.07 -17.92 13.13
CA ALA A 41 -10.71 -18.82 14.25
C ALA A 41 -11.65 -18.53 15.41
N LEU A 42 -11.93 -17.28 15.64
CA LEU A 42 -12.87 -16.92 16.74
C LEU A 42 -14.29 -17.27 16.30
N GLU A 43 -14.54 -17.24 15.02
CA GLU A 43 -15.89 -17.58 14.52
C GLU A 43 -16.13 -19.08 14.70
N ASN A 44 -15.07 -19.81 14.92
CA ASN A 44 -15.22 -21.27 15.13
C ASN A 44 -15.75 -21.51 16.54
N LYS A 45 -15.63 -20.53 17.40
CA LYS A 45 -16.15 -20.67 18.79
C LYS A 45 -17.34 -19.73 19.00
N ILE A 46 -17.50 -18.75 18.15
CA ILE A 46 -18.65 -17.81 18.30
C ILE A 46 -19.75 -18.18 17.31
N ILE A 47 -19.45 -19.01 16.35
CA ILE A 47 -20.48 -19.40 15.35
C ILE A 47 -21.74 -19.91 16.06
N GLY B 1 24.00 10.93 -35.42
CA GLY B 1 25.21 10.43 -34.72
C GLY B 1 24.84 9.22 -33.86
N SER B 2 23.88 9.36 -32.98
CA SER B 2 23.47 8.23 -32.12
C SER B 2 21.96 8.01 -32.19
N HIS B 3 21.51 6.83 -31.86
CA HIS B 3 20.04 6.56 -31.91
C HIS B 3 19.72 5.27 -31.15
N MET B 4 19.58 5.34 -29.86
CA MET B 4 19.26 4.11 -29.06
C MET B 4 18.85 4.48 -27.64
N GLU B 5 17.60 4.32 -27.31
CA GLU B 5 17.15 4.67 -25.93
C GLU B 5 16.18 3.60 -25.41
N GLU B 6 15.04 3.45 -26.05
CA GLU B 6 14.07 2.42 -25.59
C GLU B 6 13.79 2.59 -24.09
N ASP B 7 12.67 3.17 -23.75
CA ASP B 7 12.34 3.36 -22.31
C ASP B 7 13.51 4.01 -21.56
N PRO B 8 13.51 5.31 -21.55
CA PRO B 8 14.58 6.07 -20.87
C PRO B 8 14.39 6.04 -19.35
N CYS B 9 13.41 6.73 -18.85
CA CYS B 9 13.18 6.76 -17.38
C CYS B 9 11.77 6.28 -17.05
N GLU B 10 11.30 5.26 -17.72
CA GLU B 10 9.93 4.73 -17.44
C GLU B 10 8.95 5.88 -17.19
N CYS B 11 9.02 6.91 -17.99
CA CYS B 11 8.10 8.07 -17.79
C CYS B 11 6.66 7.58 -17.57
N LYS B 12 6.31 6.48 -18.14
CA LYS B 12 4.93 5.95 -17.96
C LYS B 12 4.95 4.59 -17.26
N SER B 13 6.11 4.00 -17.14
CA SER B 13 6.21 2.66 -16.47
C SER B 13 6.15 2.82 -14.96
N ILE B 14 6.64 3.92 -14.45
CA ILE B 14 6.61 4.15 -12.98
C ILE B 14 5.24 4.67 -12.56
N VAL B 15 4.66 5.48 -13.38
CA VAL B 15 3.32 6.05 -13.04
C VAL B 15 2.24 5.04 -13.41
N LYS B 16 2.52 4.15 -14.33
CA LYS B 16 1.49 3.12 -14.67
C LYS B 16 1.53 2.06 -13.59
N PHE B 17 2.70 1.79 -13.08
CA PHE B 17 2.82 0.81 -11.98
C PHE B 17 2.16 1.44 -10.74
N GLN B 18 2.23 2.73 -10.64
CA GLN B 18 1.60 3.43 -9.50
C GLN B 18 0.09 3.17 -9.50
N THR B 19 -0.53 3.28 -10.64
CA THR B 19 -2.00 3.02 -10.71
C THR B 19 -2.29 1.61 -10.17
N LYS B 20 -1.39 0.69 -10.40
CA LYS B 20 -1.61 -0.68 -9.88
C LYS B 20 -1.50 -0.65 -8.36
N VAL B 21 -0.68 0.23 -7.87
CA VAL B 21 -0.51 0.37 -6.40
C VAL B 21 -1.69 1.17 -5.85
N GLU B 22 -2.38 1.87 -6.71
CA GLU B 22 -3.55 2.68 -6.27
C GLU B 22 -4.73 1.75 -5.99
N GLU B 23 -4.98 0.82 -6.87
CA GLU B 23 -6.10 -0.13 -6.65
C GLU B 23 -5.72 -1.15 -5.58
N LEU B 24 -4.47 -1.52 -5.51
CA LEU B 24 -4.04 -2.50 -4.48
C LEU B 24 -4.16 -1.86 -3.09
N ILE B 25 -3.68 -0.65 -2.94
CA ILE B 25 -3.77 0.02 -1.61
C ILE B 25 -5.25 0.11 -1.20
N ASN B 26 -6.12 0.39 -2.14
CA ASN B 26 -7.56 0.49 -1.80
C ASN B 26 -8.06 -0.87 -1.33
N THR B 27 -7.70 -1.90 -2.02
CA THR B 27 -8.13 -3.28 -1.64
C THR B 27 -7.62 -3.61 -0.23
N LEU B 28 -6.48 -3.08 0.13
CA LEU B 28 -5.93 -3.37 1.49
C LEU B 28 -6.75 -2.63 2.54
N GLN B 29 -7.00 -1.37 2.32
CA GLN B 29 -7.81 -0.58 3.28
C GLN B 29 -9.24 -1.09 3.26
N GLN B 30 -9.58 -1.85 2.26
CA GLN B 30 -10.96 -2.40 2.16
C GLN B 30 -11.07 -3.65 3.03
N LYS B 31 -10.15 -4.57 2.87
CA LYS B 31 -10.17 -5.79 3.71
C LYS B 31 -9.86 -5.41 5.15
N LEU B 32 -9.33 -4.23 5.35
CA LEU B 32 -9.00 -3.76 6.72
C LEU B 32 -10.26 -3.20 7.38
N GLU B 33 -10.99 -2.36 6.70
CA GLU B 33 -12.23 -1.79 7.30
C GLU B 33 -13.26 -2.91 7.46
N ALA B 34 -13.08 -3.98 6.74
CA ALA B 34 -14.02 -5.13 6.85
C ALA B 34 -13.50 -6.05 7.93
N VAL B 35 -12.20 -6.13 8.06
CA VAL B 35 -11.59 -6.99 9.11
C VAL B 35 -12.00 -6.43 10.48
N ALA B 36 -12.07 -5.13 10.60
CA ALA B 36 -12.48 -4.54 11.90
C ALA B 36 -13.98 -4.78 12.11
N LYS B 37 -14.70 -4.90 11.03
CA LYS B 37 -16.17 -5.16 11.15
C LYS B 37 -16.40 -6.62 11.46
N ARG B 38 -15.42 -7.44 11.26
CA ARG B 38 -15.58 -8.89 11.58
C ARG B 38 -15.20 -9.09 13.04
N ILE B 39 -14.15 -8.44 13.48
CA ILE B 39 -13.74 -8.56 14.90
C ILE B 39 -14.85 -8.01 15.79
N GLU B 40 -15.41 -6.89 15.42
CA GLU B 40 -16.51 -6.32 16.23
C GLU B 40 -17.65 -7.33 16.28
N ALA B 41 -17.77 -8.11 15.26
CA ALA B 41 -18.83 -9.16 15.24
C ALA B 41 -18.58 -10.14 16.38
N LEU B 42 -17.34 -10.49 16.57
CA LEU B 42 -17.00 -11.42 17.69
C LEU B 42 -17.12 -10.65 19.01
N GLU B 43 -16.93 -9.36 18.97
CA GLU B 43 -17.06 -8.56 20.21
C GLU B 43 -18.52 -8.49 20.62
N ASN B 44 -19.40 -8.82 19.72
CA ASN B 44 -20.85 -8.81 20.04
C ASN B 44 -21.17 -10.02 20.90
N LYS B 45 -20.29 -10.99 20.90
CA LYS B 45 -20.53 -12.22 21.72
C LYS B 45 -19.50 -12.29 22.85
N ILE B 46 -18.39 -11.60 22.70
CA ILE B 46 -17.35 -11.64 23.76
C ILE B 46 -17.48 -10.40 24.65
N ILE B 47 -18.23 -9.42 24.23
CA ILE B 47 -18.39 -8.18 25.05
C ILE B 47 -18.80 -8.55 26.48
N GLY C 1 11.78 27.83 -32.24
CA GLY C 1 11.06 27.00 -33.25
C GLY C 1 9.84 26.36 -32.61
N SER C 2 10.01 25.70 -31.49
CA SER C 2 8.85 25.06 -30.82
C SER C 2 8.78 25.49 -29.35
N HIS C 3 7.62 25.42 -28.75
CA HIS C 3 7.49 25.82 -27.32
C HIS C 3 6.17 25.29 -26.75
N MET C 4 6.15 24.07 -26.32
CA MET C 4 4.90 23.50 -25.74
C MET C 4 5.20 22.16 -25.06
N GLU C 5 5.10 22.11 -23.76
CA GLU C 5 5.38 20.85 -23.03
C GLU C 5 4.39 20.68 -21.88
N GLU C 6 4.42 21.56 -20.90
CA GLU C 6 3.48 21.45 -19.76
C GLU C 6 3.53 20.05 -19.15
N ASP C 7 4.17 19.90 -18.01
CA ASP C 7 4.26 18.56 -17.37
C ASP C 7 4.67 17.51 -18.40
N PRO C 8 5.97 17.33 -18.52
CA PRO C 8 6.51 16.34 -19.48
C PRO C 8 6.35 14.92 -18.94
N CYS C 9 7.10 14.57 -17.93
CA CYS C 9 7.00 13.20 -17.36
C CYS C 9 6.64 13.25 -15.87
N GLU C 10 5.75 14.12 -15.49
CA GLU C 10 5.36 14.22 -14.06
C GLU C 10 6.58 14.06 -13.15
N CYS C 11 7.66 14.72 -13.48
CA CYS C 11 8.89 14.61 -12.65
C CYS C 11 8.54 14.77 -11.16
N LYS C 12 7.53 15.53 -10.86
CA LYS C 12 7.16 15.71 -9.42
C LYS C 12 5.73 15.19 -9.18
N SER C 13 5.02 14.88 -10.23
CA SER C 13 3.63 14.36 -10.06
C SER C 13 3.64 12.88 -9.67
N ILE C 14 4.63 12.16 -10.11
CA ILE C 14 4.72 10.71 -9.78
C ILE C 14 5.32 10.53 -8.39
N VAL C 15 6.29 11.35 -8.07
CA VAL C 15 6.95 11.24 -6.75
C VAL C 15 6.09 11.94 -5.69
N LYS C 16 5.28 12.88 -6.10
CA LYS C 16 4.40 13.56 -5.10
C LYS C 16 3.24 12.61 -4.82
N PHE C 17 2.79 11.91 -5.82
CA PHE C 17 1.70 10.92 -5.60
C PHE C 17 2.28 9.80 -4.73
N GLN C 18 3.56 9.55 -4.87
CA GLN C 18 4.22 8.48 -4.06
C GLN C 18 4.10 8.84 -2.58
N THR C 19 4.36 10.06 -2.24
CA THR C 19 4.25 10.48 -0.81
C THR C 19 2.83 10.18 -0.31
N LYS C 20 1.85 10.31 -1.17
CA LYS C 20 0.46 10.01 -0.75
C LYS C 20 0.34 8.51 -0.51
N VAL C 21 1.08 7.75 -1.25
CA VAL C 21 1.06 6.27 -1.06
C VAL C 21 1.93 5.91 0.15
N GLU C 22 2.77 6.82 0.56
CA GLU C 22 3.64 6.56 1.73
C GLU C 22 2.81 6.65 3.03
N GLU C 23 2.01 7.67 3.14
CA GLU C 23 1.16 7.83 4.35
C GLU C 23 0.01 6.82 4.30
N LEU C 24 -0.47 6.51 3.13
CA LEU C 24 -1.58 5.51 3.02
C LEU C 24 -1.06 4.13 3.41
N ILE C 25 0.07 3.75 2.88
CA ILE C 25 0.64 2.41 3.24
C ILE C 25 0.86 2.32 4.75
N ASN C 26 1.30 3.39 5.36
CA ASN C 26 1.52 3.36 6.84
C ASN C 26 0.19 3.17 7.54
N THR C 27 -0.81 3.89 7.10
CA THR C 27 -2.16 3.76 7.73
C THR C 27 -2.68 2.34 7.58
N LEU C 28 -2.32 1.68 6.51
CA LEU C 28 -2.78 0.28 6.31
C LEU C 28 -2.06 -0.65 7.28
N GLN C 29 -0.77 -0.51 7.39
CA GLN C 29 -0.01 -1.36 8.33
C GLN C 29 -0.37 -0.96 9.77
N GLN C 30 -1.02 0.15 9.92
CA GLN C 30 -1.42 0.62 11.27
C GLN C 30 -2.73 -0.06 11.67
N LYS C 31 -3.71 0.00 10.81
CA LYS C 31 -5.00 -0.66 11.13
C LYS C 31 -4.79 -2.17 11.12
N LEU C 32 -3.70 -2.62 10.54
CA LEU C 32 -3.41 -4.07 10.50
C LEU C 32 -2.80 -4.51 11.83
N GLU C 33 -1.81 -3.80 12.30
CA GLU C 33 -1.18 -4.18 13.60
C GLU C 33 -2.19 -3.97 14.73
N ALA C 34 -3.19 -3.17 14.48
CA ALA C 34 -4.23 -2.93 15.50
C ALA C 34 -5.31 -4.01 15.33
N VAL C 35 -5.54 -4.40 14.12
CA VAL C 35 -6.55 -5.45 13.85
C VAL C 35 -6.07 -6.76 14.51
N ALA C 36 -4.80 -7.01 14.47
CA ALA C 36 -4.28 -8.25 15.11
C ALA C 36 -4.37 -8.10 16.63
N LYS C 37 -4.33 -6.88 17.10
CA LYS C 37 -4.43 -6.67 18.58
C LYS C 37 -5.89 -6.77 19.01
N ARG C 38 -6.79 -6.67 18.08
CA ARG C 38 -8.23 -6.80 18.43
C ARG C 38 -8.60 -8.27 18.41
N ILE C 39 -8.09 -8.99 17.45
CA ILE C 39 -8.40 -10.45 17.37
C ILE C 39 -7.82 -11.13 18.61
N GLU C 40 -6.63 -10.77 19.00
CA GLU C 40 -6.05 -11.39 20.22
C GLU C 40 -6.94 -11.07 21.40
N ALA C 41 -7.60 -9.94 21.35
CA ALA C 41 -8.53 -9.57 22.45
C ALA C 41 -9.62 -10.63 22.54
N LEU C 42 -10.10 -11.07 21.40
CA LEU C 42 -11.14 -12.12 21.40
C LEU C 42 -10.50 -13.45 21.75
N GLU C 43 -9.24 -13.60 21.44
CA GLU C 43 -8.53 -14.87 21.78
C GLU C 43 -8.36 -14.95 23.29
N ASN C 44 -8.51 -13.85 23.96
CA ASN C 44 -8.38 -13.85 25.44
C ASN C 44 -9.64 -14.45 26.05
N LYS C 45 -10.68 -14.54 25.27
CA LYS C 45 -11.95 -15.13 25.79
C LYS C 45 -12.26 -16.42 25.04
N ILE C 46 -11.64 -16.64 23.92
CA ILE C 46 -11.90 -17.89 23.15
C ILE C 46 -10.74 -18.87 23.35
N ILE C 47 -9.64 -18.39 23.89
CA ILE C 47 -8.47 -19.29 24.12
C ILE C 47 -8.90 -20.54 24.89
N GLY A 1 22.50 4.02 -15.48
CA GLY A 1 22.24 3.13 -16.65
C GLY A 1 23.21 3.45 -17.78
N SER A 2 22.81 4.25 -18.73
CA SER A 2 23.70 4.60 -19.86
C SER A 2 24.63 5.76 -19.46
N HIS A 3 24.05 6.88 -19.11
CA HIS A 3 24.90 8.06 -18.72
C HIS A 3 24.76 8.33 -17.22
N MET A 4 25.70 9.02 -16.64
CA MET A 4 25.62 9.31 -15.18
C MET A 4 25.11 10.74 -14.95
N GLU A 5 25.99 11.70 -14.92
CA GLU A 5 25.55 13.10 -14.69
C GLU A 5 24.99 13.25 -13.28
N GLU A 6 24.22 14.28 -13.04
CA GLU A 6 23.65 14.49 -11.68
C GLU A 6 22.18 14.06 -11.65
N ASP A 7 21.75 13.44 -10.58
CA ASP A 7 20.34 13.00 -10.49
C ASP A 7 19.40 14.07 -11.05
N PRO A 8 18.92 13.83 -12.25
CA PRO A 8 18.01 14.79 -12.90
C PRO A 8 16.60 14.70 -12.29
N CYS A 9 15.90 13.62 -12.53
CA CYS A 9 14.53 13.48 -11.98
C CYS A 9 14.37 12.12 -11.29
N GLU A 10 15.37 11.66 -10.60
CA GLU A 10 15.27 10.35 -9.91
C GLU A 10 14.72 9.28 -10.86
N CYS A 11 15.21 9.23 -12.07
CA CYS A 11 14.71 8.22 -13.04
C CYS A 11 14.68 6.84 -12.38
N LYS A 12 15.59 6.59 -11.48
CA LYS A 12 15.61 5.25 -10.81
C LYS A 12 15.40 5.42 -9.30
N SER A 13 15.44 6.63 -8.82
CA SER A 13 15.24 6.87 -7.37
C SER A 13 13.76 6.80 -7.01
N ILE A 14 12.91 7.21 -7.92
CA ILE A 14 11.44 7.18 -7.67
C ILE A 14 10.92 5.76 -7.86
N VAL A 15 11.42 5.09 -8.84
CA VAL A 15 10.98 3.69 -9.08
C VAL A 15 11.71 2.78 -8.11
N LYS A 16 12.80 3.27 -7.57
CA LYS A 16 13.55 2.47 -6.57
C LYS A 16 12.72 2.48 -5.29
N PHE A 17 12.14 3.61 -4.98
CA PHE A 17 11.27 3.70 -3.78
C PHE A 17 10.02 2.85 -4.04
N GLN A 18 9.62 2.77 -5.29
CA GLN A 18 8.42 1.95 -5.62
C GLN A 18 8.64 0.50 -5.19
N THR A 19 9.79 -0.03 -5.45
CA THR A 19 10.09 -1.43 -5.04
C THR A 19 9.88 -1.56 -3.53
N LYS A 20 10.23 -0.54 -2.79
CA LYS A 20 10.03 -0.60 -1.32
C LYS A 20 8.53 -0.65 -1.03
N VAL A 21 7.76 -0.01 -1.86
CA VAL A 21 6.28 -0.02 -1.69
C VAL A 21 5.75 -1.38 -2.18
N GLU A 22 6.50 -2.05 -3.00
CA GLU A 22 6.06 -3.36 -3.53
C GLU A 22 6.14 -4.41 -2.41
N GLU A 23 7.25 -4.46 -1.73
CA GLU A 23 7.40 -5.45 -0.62
C GLU A 23 6.56 -5.01 0.58
N LEU A 24 6.41 -3.72 0.77
CA LEU A 24 5.60 -3.23 1.93
C LEU A 24 4.13 -3.57 1.70
N ILE A 25 3.63 -3.34 0.52
CA ILE A 25 2.21 -3.66 0.22
C ILE A 25 1.98 -5.16 0.41
N ASN A 26 2.94 -5.97 0.02
CA ASN A 26 2.78 -7.44 0.19
C ASN A 26 2.65 -7.77 1.68
N THR A 27 3.45 -7.14 2.49
CA THR A 27 3.39 -7.39 3.95
C THR A 27 2.02 -6.99 4.49
N LEU A 28 1.42 -5.98 3.93
CA LEU A 28 0.08 -5.54 4.40
C LEU A 28 -0.97 -6.59 4.01
N GLN A 29 -0.91 -7.04 2.79
CA GLN A 29 -1.86 -8.09 2.32
C GLN A 29 -1.55 -9.40 3.05
N GLN A 30 -0.42 -9.46 3.69
CA GLN A 30 -0.04 -10.69 4.43
C GLN A 30 -0.70 -10.67 5.81
N LYS A 31 -0.52 -9.61 6.52
CA LYS A 31 -1.16 -9.51 7.87
C LYS A 31 -2.67 -9.41 7.69
N LEU A 32 -3.10 -9.09 6.49
CA LEU A 32 -4.56 -8.98 6.23
C LEU A 32 -5.14 -10.38 5.96
N GLU A 33 -4.49 -11.14 5.13
CA GLU A 33 -4.99 -12.51 4.84
C GLU A 33 -4.80 -13.39 6.07
N ALA A 34 -3.98 -12.94 6.99
CA ALA A 34 -3.77 -13.70 8.24
C ALA A 34 -4.77 -13.22 9.27
N VAL A 35 -5.08 -11.95 9.22
CA VAL A 35 -6.08 -11.38 10.15
C VAL A 35 -7.45 -12.01 9.85
N ALA A 36 -7.74 -12.21 8.60
CA ALA A 36 -9.05 -12.82 8.23
C ALA A 36 -9.07 -14.27 8.70
N LYS A 37 -7.91 -14.88 8.79
CA LYS A 37 -7.84 -16.30 9.25
C LYS A 37 -7.97 -16.35 10.77
N ARG A 38 -7.55 -15.33 11.45
CA ARG A 38 -7.69 -15.32 12.93
C ARG A 38 -9.14 -14.99 13.29
N ILE A 39 -9.76 -14.16 12.49
CA ILE A 39 -11.18 -13.80 12.74
C ILE A 39 -12.04 -15.06 12.62
N GLU A 40 -11.81 -15.82 11.58
CA GLU A 40 -12.60 -17.08 11.43
C GLU A 40 -12.25 -18.00 12.59
N ALA A 41 -11.02 -17.93 13.03
CA ALA A 41 -10.61 -18.78 14.19
C ALA A 41 -11.56 -18.49 15.34
N LEU A 42 -11.95 -17.26 15.50
CA LEU A 42 -12.90 -16.89 16.58
C LEU A 42 -14.30 -17.35 16.18
N GLU A 43 -14.60 -17.27 14.91
CA GLU A 43 -15.94 -17.70 14.43
C GLU A 43 -16.10 -19.20 14.65
N ASN A 44 -15.02 -19.88 14.89
CA ASN A 44 -15.11 -21.35 15.12
C ASN A 44 -15.69 -21.61 16.50
N LYS A 45 -15.53 -20.67 17.40
CA LYS A 45 -16.09 -20.83 18.78
C LYS A 45 -17.22 -19.82 18.99
N ILE A 46 -17.38 -18.90 18.08
CA ILE A 46 -18.47 -17.89 18.24
C ILE A 46 -19.62 -18.24 17.29
N ILE A 47 -19.38 -19.09 16.34
CA ILE A 47 -20.47 -19.47 15.38
C ILE A 47 -21.71 -19.91 16.15
N GLY B 1 3.10 9.44 -25.71
CA GLY B 1 2.35 10.73 -25.60
C GLY B 1 2.65 11.60 -26.82
N SER B 2 3.55 12.53 -26.69
CA SER B 2 3.87 13.41 -27.86
C SER B 2 4.90 12.72 -28.76
N HIS B 3 6.00 12.29 -28.21
CA HIS B 3 7.03 11.61 -29.06
C HIS B 3 7.19 10.15 -28.62
N MET B 4 7.70 9.32 -29.47
CA MET B 4 7.86 7.87 -29.10
C MET B 4 9.30 7.60 -28.68
N GLU B 5 10.16 7.29 -29.61
CA GLU B 5 11.58 7.01 -29.26
C GLU B 5 11.67 5.73 -28.41
N GLU B 6 12.71 5.59 -27.63
CA GLU B 6 12.84 4.38 -26.78
C GLU B 6 12.58 4.71 -25.32
N ASP B 7 11.92 3.84 -24.60
CA ASP B 7 11.64 4.11 -23.16
C ASP B 7 12.86 4.73 -22.48
N PRO B 8 12.79 6.02 -22.29
CA PRO B 8 13.91 6.74 -21.64
C PRO B 8 13.90 6.49 -20.13
N CYS B 9 12.94 7.00 -19.43
CA CYS B 9 12.88 6.79 -17.96
C CYS B 9 11.49 6.32 -17.53
N GLU B 10 10.88 5.46 -18.29
CA GLU B 10 9.52 4.98 -17.93
C GLU B 10 8.62 6.16 -17.54
N CYS B 11 8.63 7.22 -18.29
CA CYS B 11 7.77 8.38 -17.95
C CYS B 11 6.34 7.92 -17.67
N LYS B 12 5.92 6.86 -18.31
CA LYS B 12 4.53 6.36 -18.08
C LYS B 12 4.57 4.94 -17.53
N SER B 13 5.72 4.31 -17.54
CA SER B 13 5.83 2.93 -17.02
C SER B 13 5.91 2.93 -15.50
N ILE B 14 6.45 3.97 -14.94
CA ILE B 14 6.57 4.08 -13.46
C ILE B 14 5.25 4.54 -12.86
N VAL B 15 4.61 5.45 -13.53
CA VAL B 15 3.30 5.95 -13.04
C VAL B 15 2.22 4.94 -13.45
N LYS B 16 2.56 4.10 -14.41
CA LYS B 16 1.60 3.05 -14.83
C LYS B 16 1.58 2.00 -13.73
N PHE B 17 2.73 1.68 -13.21
CA PHE B 17 2.78 0.71 -12.10
C PHE B 17 2.09 1.34 -10.88
N GLN B 18 2.16 2.64 -10.77
CA GLN B 18 1.50 3.32 -9.62
C GLN B 18 0.01 3.01 -9.63
N THR B 19 -0.61 3.08 -10.78
CA THR B 19 -2.08 2.76 -10.84
C THR B 19 -2.32 1.36 -10.28
N LYS B 20 -1.40 0.46 -10.51
CA LYS B 20 -1.56 -0.91 -9.98
C LYS B 20 -1.48 -0.85 -8.45
N VAL B 21 -0.70 0.07 -7.96
CA VAL B 21 -0.57 0.24 -6.49
C VAL B 21 -1.79 0.98 -5.96
N GLU B 22 -2.48 1.66 -6.83
CA GLU B 22 -3.70 2.42 -6.41
C GLU B 22 -4.85 1.44 -6.15
N GLU B 23 -5.08 0.53 -7.06
CA GLU B 23 -6.16 -0.46 -6.86
C GLU B 23 -5.75 -1.48 -5.81
N LEU B 24 -4.48 -1.79 -5.73
CA LEU B 24 -4.01 -2.77 -4.71
C LEU B 24 -4.17 -2.18 -3.30
N ILE B 25 -3.76 -0.95 -3.12
CA ILE B 25 -3.90 -0.31 -1.78
C ILE B 25 -5.38 -0.28 -1.40
N ASN B 26 -6.24 -0.02 -2.35
CA ASN B 26 -7.69 0.02 -2.05
C ASN B 26 -8.14 -1.36 -1.55
N THR B 27 -7.68 -2.40 -2.18
CA THR B 27 -8.05 -3.77 -1.75
C THR B 27 -7.57 -4.03 -0.32
N LEU B 28 -6.45 -3.47 0.05
CA LEU B 28 -5.94 -3.69 1.43
C LEU B 28 -6.84 -2.95 2.42
N GLN B 29 -7.19 -1.74 2.10
CA GLN B 29 -8.09 -0.96 3.01
C GLN B 29 -9.49 -1.59 2.97
N GLN B 30 -9.72 -2.44 2.02
CA GLN B 30 -11.05 -3.12 1.91
C GLN B 30 -11.09 -4.30 2.87
N LYS B 31 -10.11 -5.16 2.79
CA LYS B 31 -10.07 -6.32 3.72
C LYS B 31 -9.79 -5.83 5.14
N LEU B 32 -9.30 -4.62 5.25
CA LEU B 32 -9.02 -4.05 6.60
C LEU B 32 -10.30 -3.50 7.21
N GLU B 33 -11.08 -2.79 6.43
CA GLU B 33 -12.35 -2.22 6.96
C GLU B 33 -13.35 -3.36 7.16
N ALA B 34 -13.11 -4.48 6.54
CA ALA B 34 -14.01 -5.65 6.70
C ALA B 34 -13.49 -6.46 7.88
N VAL B 35 -12.20 -6.48 8.05
CA VAL B 35 -11.60 -7.21 9.18
C VAL B 35 -12.07 -6.57 10.48
N ALA B 36 -12.11 -5.27 10.52
CA ALA B 36 -12.57 -4.57 11.75
C ALA B 36 -14.05 -4.86 11.96
N LYS B 37 -14.77 -5.11 10.91
CA LYS B 37 -16.22 -5.41 11.05
C LYS B 37 -16.41 -6.84 11.55
N ARG B 38 -15.50 -7.71 11.22
CA ARG B 38 -15.61 -9.11 11.70
C ARG B 38 -15.17 -9.16 13.15
N ILE B 39 -14.21 -8.34 13.51
CA ILE B 39 -13.74 -8.30 14.92
C ILE B 39 -14.89 -7.87 15.81
N GLU B 40 -15.59 -6.83 15.43
CA GLU B 40 -16.75 -6.39 16.25
C GLU B 40 -17.79 -7.49 16.25
N ALA B 41 -17.88 -8.21 15.16
CA ALA B 41 -18.86 -9.34 15.10
C ALA B 41 -18.56 -10.29 16.26
N LEU B 42 -17.30 -10.45 16.57
CA LEU B 42 -16.94 -11.34 17.71
C LEU B 42 -17.21 -10.59 19.01
N GLU B 43 -16.98 -9.31 19.02
CA GLU B 43 -17.25 -8.50 20.25
C GLU B 43 -18.73 -8.51 20.57
N ASN B 44 -19.54 -8.89 19.62
CA ASN B 44 -21.01 -8.94 19.87
C ASN B 44 -21.33 -10.12 20.77
N LYS B 45 -20.51 -11.14 20.73
CA LYS B 45 -20.74 -12.33 21.60
C LYS B 45 -19.65 -12.41 22.66
N ILE B 46 -18.63 -11.60 22.55
CA ILE B 46 -17.54 -11.64 23.56
C ILE B 46 -17.68 -10.44 24.50
N ILE B 47 -18.48 -9.47 24.12
CA ILE B 47 -18.66 -8.27 24.99
C ILE B 47 -19.03 -8.70 26.41
N GLY C 1 11.66 23.10 -9.60
CA GLY C 1 12.98 23.06 -8.92
C GLY C 1 13.92 24.08 -9.58
N SER C 2 14.72 23.65 -10.51
CA SER C 2 15.66 24.60 -11.19
C SER C 2 14.95 25.31 -12.34
N HIS C 3 14.42 24.57 -13.28
CA HIS C 3 13.72 25.21 -14.42
C HIS C 3 12.22 24.92 -14.35
N MET C 4 11.40 25.77 -14.93
CA MET C 4 9.94 25.55 -14.88
C MET C 4 9.45 24.85 -16.16
N GLU C 5 9.14 25.61 -17.18
CA GLU C 5 8.67 25.00 -18.45
C GLU C 5 7.31 24.31 -18.24
N GLU C 6 6.99 23.34 -19.05
CA GLU C 6 5.68 22.64 -18.89
C GLU C 6 5.89 21.23 -18.34
N ASP C 7 5.03 20.80 -17.44
CA ASP C 7 5.18 19.43 -16.85
C ASP C 7 5.57 18.43 -17.94
N PRO C 8 6.82 18.09 -17.96
CA PRO C 8 7.33 17.11 -18.96
C PRO C 8 6.93 15.69 -18.58
N CYS C 9 7.48 15.15 -17.53
CA CYS C 9 7.12 13.77 -17.12
C CYS C 9 6.78 13.73 -15.63
N GLU C 10 6.05 14.70 -15.15
CA GLU C 10 5.69 14.73 -13.70
C GLU C 10 6.92 14.41 -12.84
N CYS C 11 8.04 15.00 -13.14
CA CYS C 11 9.27 14.71 -12.33
C CYS C 11 8.94 14.80 -10.84
N LYS C 12 7.99 15.60 -10.47
CA LYS C 12 7.63 15.72 -9.03
C LYS C 12 6.15 15.37 -8.83
N SER C 13 5.42 15.22 -9.89
CA SER C 13 3.97 14.89 -9.76
C SER C 13 3.80 13.39 -9.48
N ILE C 14 4.69 12.59 -9.98
CA ILE C 14 4.62 11.12 -9.77
C ILE C 14 5.17 10.79 -8.38
N VAL C 15 6.21 11.46 -8.00
CA VAL C 15 6.80 11.21 -6.66
C VAL C 15 5.98 11.96 -5.63
N LYS C 16 5.23 12.93 -6.08
CA LYS C 16 4.34 13.68 -5.17
C LYS C 16 3.19 12.75 -4.80
N PHE C 17 2.71 12.02 -5.77
CA PHE C 17 1.62 11.05 -5.49
C PHE C 17 2.18 9.95 -4.59
N GLN C 18 3.45 9.66 -4.75
CA GLN C 18 4.09 8.60 -3.91
C GLN C 18 3.96 8.98 -2.43
N THR C 19 4.22 10.21 -2.11
CA THR C 19 4.09 10.63 -0.68
C THR C 19 2.68 10.32 -0.19
N LYS C 20 1.71 10.45 -1.05
CA LYS C 20 0.31 10.14 -0.65
C LYS C 20 0.20 8.64 -0.38
N VAL C 21 0.97 7.87 -1.12
CA VAL C 21 0.96 6.40 -0.91
C VAL C 21 1.78 6.06 0.32
N GLU C 22 2.63 6.96 0.73
CA GLU C 22 3.47 6.72 1.93
C GLU C 22 2.62 6.83 3.20
N GLU C 23 1.83 7.87 3.29
CA GLU C 23 0.96 8.04 4.47
C GLU C 23 -0.19 7.04 4.41
N LEU C 24 -0.66 6.74 3.23
CA LEU C 24 -1.78 5.76 3.10
C LEU C 24 -1.31 4.37 3.52
N ILE C 25 -0.17 3.95 3.04
CA ILE C 25 0.34 2.60 3.44
C ILE C 25 0.52 2.57 4.96
N ASN C 26 0.96 3.64 5.55
CA ASN C 26 1.13 3.65 7.04
C ASN C 26 -0.23 3.43 7.71
N THR C 27 -1.24 4.07 7.20
CA THR C 27 -2.60 3.91 7.78
C THR C 27 -3.06 2.46 7.65
N LEU C 28 -2.66 1.80 6.60
CA LEU C 28 -3.07 0.37 6.42
C LEU C 28 -2.34 -0.49 7.45
N GLN C 29 -1.07 -0.23 7.64
CA GLN C 29 -0.31 -1.01 8.64
C GLN C 29 -0.75 -0.60 10.04
N GLN C 30 -1.49 0.48 10.13
CA GLN C 30 -1.99 0.94 11.44
C GLN C 30 -3.25 0.16 11.81
N LYS C 31 -4.21 0.14 10.91
CA LYS C 31 -5.45 -0.63 11.19
C LYS C 31 -5.13 -2.12 11.21
N LEU C 32 -4.00 -2.48 10.67
CA LEU C 32 -3.60 -3.91 10.65
C LEU C 32 -2.97 -4.29 11.98
N GLU C 33 -2.09 -3.47 12.49
CA GLU C 33 -1.45 -3.77 13.79
C GLU C 33 -2.48 -3.63 14.90
N ALA C 34 -3.55 -2.94 14.61
CA ALA C 34 -4.63 -2.78 15.63
C ALA C 34 -5.60 -3.93 15.46
N VAL C 35 -5.80 -4.35 14.25
CA VAL C 35 -6.70 -5.49 13.97
C VAL C 35 -6.14 -6.74 14.65
N ALA C 36 -4.83 -6.90 14.62
CA ALA C 36 -4.23 -8.09 15.27
C ALA C 36 -4.36 -7.95 16.79
N LYS C 37 -4.44 -6.73 17.26
CA LYS C 37 -4.59 -6.52 18.73
C LYS C 37 -6.03 -6.78 19.14
N ARG C 38 -6.95 -6.58 18.25
CA ARG C 38 -8.38 -6.84 18.58
C ARG C 38 -8.63 -8.34 18.48
N ILE C 39 -7.97 -8.98 17.56
CA ILE C 39 -8.14 -10.46 17.42
C ILE C 39 -7.66 -11.13 18.71
N GLU C 40 -6.53 -10.73 19.21
CA GLU C 40 -6.03 -11.33 20.47
C GLU C 40 -7.01 -10.98 21.59
N ALA C 41 -7.62 -9.81 21.51
CA ALA C 41 -8.61 -9.43 22.55
C ALA C 41 -9.69 -10.49 22.59
N LEU C 42 -10.05 -11.02 21.45
CA LEU C 42 -11.07 -12.09 21.42
C LEU C 42 -10.43 -13.39 21.91
N GLU C 43 -9.18 -13.58 21.62
CA GLU C 43 -8.47 -14.81 22.08
C GLU C 43 -8.35 -14.80 23.59
N ASN C 44 -8.53 -13.66 24.20
CA ASN C 44 -8.44 -13.58 25.68
C ASN C 44 -9.67 -14.26 26.30
N LYS C 45 -10.75 -14.28 25.57
CA LYS C 45 -11.99 -14.94 26.08
C LYS C 45 -12.29 -16.20 25.28
N ILE C 46 -11.61 -16.39 24.18
CA ILE C 46 -11.84 -17.61 23.35
C ILE C 46 -10.72 -18.61 23.60
N ILE C 47 -9.66 -18.18 24.23
CA ILE C 47 -8.53 -19.11 24.52
C ILE C 47 -9.04 -20.34 25.26
N GLY A 1 30.19 6.44 -23.98
CA GLY A 1 29.64 5.32 -24.79
C GLY A 1 28.60 4.55 -23.97
N SER A 2 28.96 3.41 -23.46
CA SER A 2 28.00 2.61 -22.65
C SER A 2 28.29 2.81 -21.15
N HIS A 3 27.65 2.06 -20.31
CA HIS A 3 27.90 2.21 -18.85
C HIS A 3 27.57 3.64 -18.40
N MET A 4 27.76 3.95 -17.15
CA MET A 4 27.47 5.32 -16.66
C MET A 4 26.00 5.67 -16.92
N GLU A 5 25.55 6.80 -16.44
CA GLU A 5 24.14 7.19 -16.66
C GLU A 5 23.86 8.57 -16.05
N GLU A 6 22.62 8.86 -15.74
CA GLU A 6 22.28 10.18 -15.13
C GLU A 6 21.05 10.04 -14.24
N ASP A 7 20.51 11.15 -13.81
CA ASP A 7 19.30 11.10 -12.94
C ASP A 7 18.82 12.51 -12.59
N PRO A 8 18.23 13.15 -13.56
CA PRO A 8 17.72 14.54 -13.35
C PRO A 8 16.45 14.49 -12.50
N CYS A 9 15.55 13.60 -12.81
CA CYS A 9 14.30 13.51 -12.02
C CYS A 9 14.23 12.15 -11.31
N GLU A 10 15.22 11.83 -10.52
CA GLU A 10 15.19 10.52 -9.80
C GLU A 10 14.76 9.41 -10.75
N CYS A 11 15.26 9.42 -11.96
CA CYS A 11 14.86 8.36 -12.93
C CYS A 11 14.83 6.99 -12.26
N LYS A 12 15.68 6.77 -11.30
CA LYS A 12 15.70 5.44 -10.61
C LYS A 12 15.45 5.62 -9.11
N SER A 13 15.41 6.84 -8.64
CA SER A 13 15.17 7.08 -7.19
C SER A 13 13.67 6.99 -6.88
N ILE A 14 12.85 7.33 -7.83
CA ILE A 14 11.38 7.27 -7.63
C ILE A 14 10.92 5.83 -7.84
N VAL A 15 11.42 5.20 -8.86
CA VAL A 15 11.04 3.79 -9.12
C VAL A 15 11.76 2.89 -8.13
N LYS A 16 12.82 3.39 -7.54
CA LYS A 16 13.56 2.59 -6.52
C LYS A 16 12.68 2.54 -5.28
N PHE A 17 12.14 3.67 -4.91
CA PHE A 17 11.25 3.71 -3.73
C PHE A 17 10.00 2.88 -4.05
N GLN A 18 9.65 2.80 -5.30
CA GLN A 18 8.45 2.00 -5.69
C GLN A 18 8.67 0.53 -5.32
N THR A 19 9.81 -0.01 -5.63
CA THR A 19 10.08 -1.43 -5.27
C THR A 19 9.89 -1.61 -3.77
N LYS A 20 10.30 -0.64 -2.99
CA LYS A 20 10.10 -0.73 -1.53
C LYS A 20 8.61 -0.78 -1.24
N VAL A 21 7.84 -0.09 -2.03
CA VAL A 21 6.37 -0.09 -1.85
C VAL A 21 5.80 -1.40 -2.38
N GLU A 22 6.53 -2.06 -3.24
CA GLU A 22 6.05 -3.35 -3.80
C GLU A 22 6.13 -4.45 -2.74
N GLU A 23 7.23 -4.52 -2.04
CA GLU A 23 7.37 -5.56 -0.97
C GLU A 23 6.56 -5.14 0.26
N LEU A 24 6.44 -3.86 0.48
CA LEU A 24 5.67 -3.38 1.67
C LEU A 24 4.18 -3.66 1.46
N ILE A 25 3.68 -3.41 0.27
CA ILE A 25 2.23 -3.67 0.02
C ILE A 25 1.96 -5.18 0.13
N ASN A 26 2.86 -5.99 -0.36
CA ASN A 26 2.64 -7.46 -0.25
C ASN A 26 2.59 -7.85 1.23
N THR A 27 3.42 -7.26 2.02
CA THR A 27 3.43 -7.57 3.48
C THR A 27 2.11 -7.13 4.11
N LEU A 28 1.53 -6.07 3.62
CA LEU A 28 0.24 -5.59 4.20
C LEU A 28 -0.86 -6.58 3.82
N GLN A 29 -0.88 -7.03 2.60
CA GLN A 29 -1.91 -8.01 2.17
C GLN A 29 -1.61 -9.35 2.85
N GLN A 30 -0.43 -9.49 3.38
CA GLN A 30 -0.06 -10.75 4.07
C GLN A 30 -0.64 -10.74 5.48
N LYS A 31 -0.35 -9.70 6.22
CA LYS A 31 -0.90 -9.60 7.61
C LYS A 31 -2.43 -9.50 7.51
N LEU A 32 -2.93 -9.14 6.36
CA LEU A 32 -4.40 -9.03 6.16
C LEU A 32 -4.99 -10.42 5.96
N GLU A 33 -4.43 -11.18 5.05
CA GLU A 33 -4.94 -12.55 4.81
C GLU A 33 -4.69 -13.41 6.05
N ALA A 34 -3.86 -12.93 6.94
CA ALA A 34 -3.61 -13.69 8.20
C ALA A 34 -4.61 -13.21 9.23
N VAL A 35 -4.93 -11.95 9.19
CA VAL A 35 -5.93 -11.40 10.13
C VAL A 35 -7.25 -12.12 9.91
N ALA A 36 -7.58 -12.39 8.68
CA ALA A 36 -8.85 -13.12 8.40
C ALA A 36 -8.74 -14.54 8.95
N LYS A 37 -7.53 -15.04 9.05
CA LYS A 37 -7.33 -16.41 9.58
C LYS A 37 -7.55 -16.41 11.09
N ARG A 38 -7.17 -15.35 11.74
CA ARG A 38 -7.37 -15.27 13.21
C ARG A 38 -8.86 -15.06 13.48
N ILE A 39 -9.49 -14.26 12.68
CA ILE A 39 -10.95 -14.02 12.85
C ILE A 39 -11.66 -15.36 12.83
N GLU A 40 -11.28 -16.20 11.90
CA GLU A 40 -11.91 -17.55 11.82
C GLU A 40 -11.61 -18.29 13.12
N ALA A 41 -10.43 -18.07 13.66
CA ALA A 41 -10.08 -18.75 14.95
C ALA A 41 -11.13 -18.37 15.99
N LEU A 42 -11.59 -17.14 15.94
CA LEU A 42 -12.63 -16.71 16.91
C LEU A 42 -13.99 -17.23 16.45
N GLU A 43 -14.14 -17.46 15.18
CA GLU A 43 -15.43 -17.99 14.66
C GLU A 43 -15.59 -19.44 15.08
N ASN A 44 -14.51 -20.06 15.45
CA ASN A 44 -14.59 -21.47 15.91
C ASN A 44 -15.26 -21.53 17.28
N LYS A 45 -15.24 -20.43 17.99
CA LYS A 45 -15.88 -20.40 19.34
C LYS A 45 -17.04 -19.39 19.35
N ILE A 46 -17.14 -18.59 18.32
CA ILE A 46 -18.25 -17.59 18.26
C ILE A 46 -19.36 -18.12 17.35
N ILE A 47 -19.02 -19.02 16.47
CA ILE A 47 -20.08 -19.58 15.56
C ILE A 47 -19.96 -21.10 15.47
N GLY B 1 5.42 16.24 -35.10
CA GLY B 1 4.42 17.26 -34.68
C GLY B 1 3.68 16.79 -33.43
N SER B 2 2.47 16.32 -33.59
CA SER B 2 1.71 15.83 -32.41
C SER B 2 1.72 14.29 -32.36
N HIS B 3 0.94 13.70 -31.51
CA HIS B 3 0.89 12.22 -31.43
C HIS B 3 2.30 11.67 -31.13
N MET B 4 2.45 10.38 -31.10
CA MET B 4 3.80 9.78 -30.83
C MET B 4 4.35 10.29 -29.50
N GLU B 5 5.44 9.74 -29.05
CA GLU B 5 6.02 10.19 -27.75
C GLU B 5 7.34 9.46 -27.47
N GLU B 6 7.80 9.47 -26.26
CA GLU B 6 9.06 8.77 -25.92
C GLU B 6 8.99 8.16 -24.51
N ASP B 7 10.09 7.69 -24.00
CA ASP B 7 10.07 7.10 -22.63
C ASP B 7 11.48 6.65 -22.23
N PRO B 8 12.31 7.61 -21.94
CA PRO B 8 13.70 7.32 -21.53
C PRO B 8 13.72 6.76 -20.11
N CYS B 9 12.99 7.38 -19.22
CA CYS B 9 12.96 6.90 -17.81
C CYS B 9 11.54 6.40 -17.47
N GLU B 10 11.03 5.45 -18.21
CA GLU B 10 9.67 4.93 -17.92
C GLU B 10 8.72 6.09 -17.59
N CYS B 11 8.78 7.14 -18.37
CA CYS B 11 7.88 8.30 -18.11
C CYS B 11 6.46 7.83 -17.80
N LYS B 12 6.04 6.75 -18.40
CA LYS B 12 4.65 6.25 -18.14
C LYS B 12 4.69 4.82 -17.59
N SER B 13 5.86 4.23 -17.53
CA SER B 13 5.97 2.84 -17.01
C SER B 13 6.02 2.87 -15.47
N ILE B 14 6.58 3.90 -14.93
CA ILE B 14 6.67 4.03 -13.44
C ILE B 14 5.34 4.52 -12.90
N VAL B 15 4.75 5.46 -13.59
CA VAL B 15 3.43 5.99 -13.14
C VAL B 15 2.34 5.00 -13.54
N LYS B 16 2.63 4.15 -14.49
CA LYS B 16 1.64 3.12 -14.89
C LYS B 16 1.57 2.10 -13.76
N PHE B 17 2.71 1.72 -13.25
CA PHE B 17 2.74 0.76 -12.12
C PHE B 17 2.09 1.44 -10.91
N GLN B 18 2.21 2.73 -10.83
CA GLN B 18 1.60 3.47 -9.68
C GLN B 18 0.09 3.27 -9.68
N THR B 19 -0.54 3.40 -10.82
CA THR B 19 -2.01 3.20 -10.87
C THR B 19 -2.34 1.79 -10.36
N LYS B 20 -1.52 0.84 -10.66
CA LYS B 20 -1.77 -0.55 -10.16
C LYS B 20 -1.65 -0.52 -8.64
N VAL B 21 -0.80 0.33 -8.13
CA VAL B 21 -0.63 0.45 -6.67
C VAL B 21 -1.80 1.26 -6.10
N GLU B 22 -2.45 2.01 -6.94
CA GLU B 22 -3.61 2.84 -6.48
C GLU B 22 -4.81 1.93 -6.21
N GLU B 23 -5.11 1.05 -7.12
CA GLU B 23 -6.27 0.13 -6.91
C GLU B 23 -5.89 -0.96 -5.91
N LEU B 24 -4.64 -1.31 -5.86
CA LEU B 24 -4.21 -2.36 -4.89
C LEU B 24 -4.28 -1.81 -3.46
N ILE B 25 -3.81 -0.61 -3.25
CA ILE B 25 -3.86 -0.03 -1.89
C ILE B 25 -5.33 0.11 -1.47
N ASN B 26 -6.19 0.52 -2.36
CA ASN B 26 -7.62 0.64 -1.99
C ASN B 26 -8.16 -0.72 -1.59
N THR B 27 -7.78 -1.74 -2.31
CA THR B 27 -8.25 -3.12 -1.98
C THR B 27 -7.73 -3.52 -0.60
N LEU B 28 -6.57 -3.05 -0.23
CA LEU B 28 -6.02 -3.42 1.11
C LEU B 28 -6.82 -2.70 2.20
N GLN B 29 -7.11 -1.45 2.00
CA GLN B 29 -7.91 -0.71 3.01
C GLN B 29 -9.35 -1.24 2.98
N GLN B 30 -9.68 -1.98 1.96
CA GLN B 30 -11.05 -2.57 1.86
C GLN B 30 -11.11 -3.81 2.73
N LYS B 31 -10.21 -4.73 2.53
CA LYS B 31 -10.20 -5.96 3.36
C LYS B 31 -9.92 -5.57 4.81
N LEU B 32 -9.36 -4.40 5.00
CA LEU B 32 -9.05 -3.93 6.38
C LEU B 32 -10.33 -3.42 7.04
N GLU B 33 -11.05 -2.56 6.37
CA GLU B 33 -12.32 -2.04 6.95
C GLU B 33 -13.33 -3.18 7.06
N ALA B 34 -13.05 -4.28 6.40
CA ALA B 34 -13.96 -5.45 6.48
C ALA B 34 -13.49 -6.32 7.63
N VAL B 35 -12.20 -6.36 7.83
CA VAL B 35 -11.63 -7.15 8.95
C VAL B 35 -12.16 -6.57 10.26
N ALA B 36 -12.28 -5.27 10.34
CA ALA B 36 -12.80 -4.65 11.57
C ALA B 36 -14.28 -5.01 11.71
N LYS B 37 -14.93 -5.29 10.61
CA LYS B 37 -16.37 -5.67 10.67
C LYS B 37 -16.49 -7.08 11.23
N ARG B 38 -15.55 -7.94 10.91
CA ARG B 38 -15.59 -9.33 11.42
C ARG B 38 -15.23 -9.31 12.91
N ILE B 39 -14.29 -8.48 13.27
CA ILE B 39 -13.90 -8.39 14.70
C ILE B 39 -15.15 -8.04 15.51
N GLU B 40 -15.92 -7.11 15.00
CA GLU B 40 -17.17 -6.73 15.71
C GLU B 40 -18.07 -7.95 15.76
N ALA B 41 -18.04 -8.76 14.74
CA ALA B 41 -18.88 -9.99 14.73
C ALA B 41 -18.51 -10.84 15.95
N LEU B 42 -17.24 -10.84 16.29
CA LEU B 42 -16.81 -11.63 17.48
C LEU B 42 -17.12 -10.83 18.74
N GLU B 43 -17.19 -9.52 18.62
CA GLU B 43 -17.50 -8.69 19.81
C GLU B 43 -18.97 -8.87 20.18
N ASN B 44 -19.75 -9.37 19.26
CA ASN B 44 -21.18 -9.60 19.55
C ASN B 44 -21.33 -10.79 20.49
N LYS B 45 -20.31 -11.61 20.56
CA LYS B 45 -20.37 -12.80 21.45
C LYS B 45 -19.26 -12.71 22.50
N ILE B 46 -18.33 -11.82 22.31
CA ILE B 46 -17.23 -11.68 23.31
C ILE B 46 -17.53 -10.52 24.25
N ILE B 47 -18.37 -9.62 23.82
CA ILE B 47 -18.72 -8.45 24.69
C ILE B 47 -20.21 -8.17 24.66
N GLY C 1 18.91 30.84 -14.61
CA GLY C 1 19.98 30.49 -13.64
C GLY C 1 19.45 29.50 -12.61
N SER C 2 19.09 29.98 -11.45
CA SER C 2 18.56 29.06 -10.40
C SER C 2 17.04 29.20 -10.28
N HIS C 3 16.46 28.62 -9.27
CA HIS C 3 14.97 28.73 -9.10
C HIS C 3 14.26 28.20 -10.34
N MET C 4 12.95 28.27 -10.35
CA MET C 4 12.18 27.78 -11.54
C MET C 4 12.51 26.30 -11.81
N GLU C 5 11.80 25.69 -12.73
CA GLU C 5 12.06 24.25 -13.03
C GLU C 5 11.16 23.78 -14.18
N GLU C 6 11.08 22.50 -14.38
CA GLU C 6 10.20 21.98 -15.48
C GLU C 6 9.47 20.72 -15.02
N ASP C 7 8.84 20.03 -15.93
CA ASP C 7 8.11 18.79 -15.54
C ASP C 7 7.48 18.14 -16.77
N PRO C 8 8.31 17.55 -17.59
CA PRO C 8 7.82 16.88 -18.81
C PRO C 8 7.13 15.57 -18.45
N CYS C 9 7.73 14.79 -17.58
CA CYS C 9 7.11 13.50 -17.18
C CYS C 9 6.74 13.54 -15.69
N GLU C 10 5.93 14.47 -15.30
CA GLU C 10 5.53 14.56 -13.86
C GLU C 10 6.75 14.32 -12.96
N CYS C 11 7.86 14.92 -13.30
CA CYS C 11 9.09 14.72 -12.48
C CYS C 11 8.74 14.78 -10.99
N LYS C 12 7.80 15.59 -10.62
CA LYS C 12 7.43 15.69 -9.17
C LYS C 12 5.96 15.31 -8.98
N SER C 13 5.23 15.09 -10.04
CA SER C 13 3.79 14.71 -9.90
C SER C 13 3.66 13.22 -9.60
N ILE C 14 4.59 12.44 -10.10
CA ILE C 14 4.56 10.96 -9.84
C ILE C 14 5.13 10.70 -8.45
N VAL C 15 6.19 11.36 -8.13
CA VAL C 15 6.82 11.18 -6.80
C VAL C 15 5.99 11.92 -5.75
N LYS C 16 5.21 12.87 -6.20
CA LYS C 16 4.33 13.60 -5.24
C LYS C 16 3.22 12.65 -4.83
N PHE C 17 2.67 11.95 -5.79
CA PHE C 17 1.62 10.96 -5.46
C PHE C 17 2.23 9.85 -4.63
N GLN C 18 3.51 9.59 -4.83
CA GLN C 18 4.18 8.53 -4.04
C GLN C 18 4.14 8.87 -2.55
N THR C 19 4.43 10.08 -2.21
CA THR C 19 4.39 10.48 -0.77
C THR C 19 2.99 10.21 -0.23
N LYS C 20 1.98 10.46 -1.01
CA LYS C 20 0.59 10.19 -0.54
C LYS C 20 0.46 8.69 -0.31
N VAL C 21 1.17 7.91 -1.07
CA VAL C 21 1.12 6.44 -0.91
C VAL C 21 2.00 6.05 0.28
N GLU C 22 2.91 6.91 0.65
CA GLU C 22 3.79 6.61 1.81
C GLU C 22 3.00 6.72 3.11
N GLU C 23 2.25 7.78 3.26
CA GLU C 23 1.46 7.95 4.51
C GLU C 23 0.23 7.02 4.46
N LEU C 24 -0.28 6.75 3.30
CA LEU C 24 -1.47 5.85 3.20
C LEU C 24 -1.05 4.43 3.55
N ILE C 25 0.07 3.98 3.06
CA ILE C 25 0.52 2.59 3.38
C ILE C 25 0.76 2.48 4.89
N ASN C 26 1.34 3.48 5.48
CA ASN C 26 1.59 3.42 6.94
C ASN C 26 0.25 3.31 7.67
N THR C 27 -0.73 4.01 7.20
CA THR C 27 -2.07 3.95 7.84
C THR C 27 -2.66 2.56 7.67
N LEU C 28 -2.34 1.88 6.60
CA LEU C 28 -2.88 0.51 6.39
C LEU C 28 -2.21 -0.45 7.37
N GLN C 29 -0.92 -0.33 7.52
CA GLN C 29 -0.20 -1.21 8.48
C GLN C 29 -0.58 -0.81 9.90
N GLN C 30 -1.17 0.35 10.04
CA GLN C 30 -1.59 0.81 11.39
C GLN C 30 -2.91 0.14 11.76
N LYS C 31 -3.88 0.23 10.90
CA LYS C 31 -5.18 -0.43 11.19
C LYS C 31 -4.96 -1.93 11.23
N LEU C 32 -3.90 -2.39 10.63
CA LEU C 32 -3.60 -3.84 10.62
C LEU C 32 -3.02 -4.25 11.98
N GLU C 33 -2.02 -3.54 12.45
CA GLU C 33 -1.43 -3.86 13.78
C GLU C 33 -2.47 -3.63 14.86
N ALA C 34 -3.52 -2.93 14.54
CA ALA C 34 -4.60 -2.69 15.53
C ALA C 34 -5.61 -3.82 15.41
N VAL C 35 -5.79 -4.28 14.21
CA VAL C 35 -6.73 -5.40 13.97
C VAL C 35 -6.21 -6.62 14.75
N ALA C 36 -4.91 -6.79 14.79
CA ALA C 36 -4.34 -7.94 15.55
C ALA C 36 -4.58 -7.71 17.03
N LYS C 37 -4.69 -6.47 17.43
CA LYS C 37 -4.94 -6.16 18.86
C LYS C 37 -6.38 -6.50 19.20
N ARG C 38 -7.28 -6.27 18.29
CA ARG C 38 -8.71 -6.61 18.54
C ARG C 38 -8.87 -8.12 18.55
N ILE C 39 -8.16 -8.78 17.67
CA ILE C 39 -8.24 -10.26 17.63
C ILE C 39 -7.85 -10.81 18.99
N GLU C 40 -6.79 -10.29 19.55
CA GLU C 40 -6.36 -10.75 20.90
C GLU C 40 -7.48 -10.45 21.88
N ALA C 41 -8.20 -9.37 21.67
CA ALA C 41 -9.32 -9.05 22.57
C ALA C 41 -10.32 -10.20 22.56
N LEU C 42 -10.51 -10.80 21.41
CA LEU C 42 -11.43 -11.95 21.31
C LEU C 42 -10.74 -13.20 21.84
N GLU C 43 -9.43 -13.22 21.79
CA GLU C 43 -8.68 -14.40 22.31
C GLU C 43 -8.74 -14.41 23.82
N ASN C 44 -9.09 -13.30 24.41
CA ASN C 44 -9.19 -13.24 25.89
C ASN C 44 -10.44 -13.99 26.34
N LYS C 45 -11.39 -14.15 25.44
CA LYS C 45 -12.64 -14.87 25.78
C LYS C 45 -12.77 -16.14 24.93
N ILE C 46 -11.93 -16.27 23.93
CA ILE C 46 -11.98 -17.48 23.06
C ILE C 46 -10.88 -18.45 23.46
N ILE C 47 -9.87 -17.97 24.13
CA ILE C 47 -8.76 -18.87 24.54
C ILE C 47 -8.32 -18.57 25.98
N GLY A 1 15.60 21.89 -22.54
CA GLY A 1 14.60 22.17 -21.47
C GLY A 1 15.28 22.16 -20.10
N SER A 2 15.79 21.03 -19.69
CA SER A 2 16.47 20.95 -18.36
C SER A 2 17.95 20.63 -18.56
N HIS A 3 18.76 20.91 -17.57
CA HIS A 3 20.22 20.62 -17.70
C HIS A 3 20.87 20.58 -16.32
N MET A 4 20.30 19.85 -15.40
CA MET A 4 20.89 19.75 -14.03
C MET A 4 22.11 18.84 -14.04
N GLU A 5 22.62 18.51 -12.89
CA GLU A 5 23.81 17.61 -12.84
C GLU A 5 23.36 16.15 -12.79
N GLU A 6 23.02 15.65 -11.63
CA GLU A 6 22.57 14.24 -11.52
C GLU A 6 21.24 14.17 -10.75
N ASP A 7 20.56 13.05 -10.82
CA ASP A 7 19.27 12.92 -10.09
C ASP A 7 18.36 14.12 -10.40
N PRO A 8 18.08 14.29 -11.66
CA PRO A 8 17.21 15.40 -12.11
C PRO A 8 15.74 15.12 -11.74
N CYS A 9 15.21 14.01 -12.18
CA CYS A 9 13.79 13.69 -11.85
C CYS A 9 13.71 12.36 -11.10
N GLU A 10 14.64 12.08 -10.23
CA GLU A 10 14.61 10.81 -9.48
C GLU A 10 14.29 9.64 -10.41
N CYS A 11 14.84 9.65 -11.59
CA CYS A 11 14.57 8.53 -12.55
C CYS A 11 14.67 7.18 -11.84
N LYS A 12 15.45 7.12 -10.78
CA LYS A 12 15.59 5.83 -10.04
C LYS A 12 15.20 6.01 -8.58
N SER A 13 15.01 7.23 -8.14
CA SER A 13 14.63 7.47 -6.72
C SER A 13 13.13 7.27 -6.54
N ILE A 14 12.37 7.47 -7.57
CA ILE A 14 10.90 7.30 -7.51
C ILE A 14 10.54 5.83 -7.69
N VAL A 15 11.27 5.15 -8.51
CA VAL A 15 11.00 3.71 -8.74
C VAL A 15 11.72 2.92 -7.66
N LYS A 16 12.69 3.54 -7.04
CA LYS A 16 13.42 2.87 -5.94
C LYS A 16 12.50 2.85 -4.73
N PHE A 17 11.86 3.96 -4.47
CA PHE A 17 10.90 4.00 -3.33
C PHE A 17 9.71 3.13 -3.68
N GLN A 18 9.35 3.07 -4.94
CA GLN A 18 8.19 2.23 -5.35
C GLN A 18 8.44 0.79 -4.89
N THR A 19 9.64 0.32 -5.04
CA THR A 19 9.97 -1.07 -4.61
C THR A 19 9.63 -1.24 -3.12
N LYS A 20 9.83 -0.21 -2.35
CA LYS A 20 9.50 -0.32 -0.89
C LYS A 20 7.99 -0.50 -0.77
N VAL A 21 7.26 0.12 -1.64
CA VAL A 21 5.78 0.00 -1.62
C VAL A 21 5.39 -1.36 -2.22
N GLU A 22 6.27 -1.95 -2.98
CA GLU A 22 5.96 -3.27 -3.58
C GLU A 22 6.01 -4.36 -2.51
N GLU A 23 7.05 -4.39 -1.73
CA GLU A 23 7.16 -5.42 -0.66
C GLU A 23 6.25 -5.05 0.51
N LEU A 24 6.19 -3.81 0.86
CA LEU A 24 5.32 -3.39 1.99
C LEU A 24 3.85 -3.64 1.61
N ILE A 25 3.50 -3.40 0.38
CA ILE A 25 2.09 -3.65 -0.04
C ILE A 25 1.78 -5.13 0.14
N ASN A 26 2.63 -5.99 -0.35
CA ASN A 26 2.39 -7.44 -0.18
C ASN A 26 2.33 -7.76 1.30
N THR A 27 3.09 -7.05 2.09
CA THR A 27 3.09 -7.27 3.55
C THR A 27 1.75 -6.85 4.15
N LEU A 28 1.10 -5.89 3.55
CA LEU A 28 -0.22 -5.46 4.08
C LEU A 28 -1.27 -6.50 3.70
N GLN A 29 -1.28 -6.89 2.47
CA GLN A 29 -2.26 -7.91 2.01
C GLN A 29 -1.90 -9.26 2.64
N GLN A 30 -0.74 -9.35 3.22
CA GLN A 30 -0.33 -10.62 3.89
C GLN A 30 -0.88 -10.63 5.30
N LYS A 31 -0.61 -9.59 6.04
CA LYS A 31 -1.12 -9.51 7.43
C LYS A 31 -2.65 -9.43 7.37
N LEU A 32 -3.18 -9.06 6.23
CA LEU A 32 -4.66 -8.96 6.08
C LEU A 32 -5.23 -10.35 5.80
N GLU A 33 -4.63 -11.09 4.91
CA GLU A 33 -5.13 -12.46 4.61
C GLU A 33 -4.93 -13.35 5.82
N ALA A 34 -4.08 -12.93 6.73
CA ALA A 34 -3.86 -13.73 7.96
C ALA A 34 -4.84 -13.24 9.02
N VAL A 35 -5.15 -11.98 8.99
CA VAL A 35 -6.13 -11.41 9.95
C VAL A 35 -7.51 -11.99 9.66
N ALA A 36 -7.81 -12.25 8.42
CA ALA A 36 -9.13 -12.82 8.07
C ALA A 36 -9.15 -14.28 8.51
N LYS A 37 -8.01 -14.90 8.58
CA LYS A 37 -7.96 -16.32 9.03
C LYS A 37 -8.13 -16.38 10.54
N ARG A 38 -7.65 -15.38 11.24
CA ARG A 38 -7.81 -15.38 12.72
C ARG A 38 -9.27 -15.04 13.03
N ILE A 39 -9.83 -14.11 12.31
CA ILE A 39 -11.26 -13.74 12.54
C ILE A 39 -12.10 -15.00 12.44
N GLU A 40 -11.85 -15.80 11.45
CA GLU A 40 -12.62 -17.07 11.31
C GLU A 40 -12.37 -17.93 12.53
N ALA A 41 -11.17 -17.86 13.05
CA ALA A 41 -10.86 -18.67 14.27
C ALA A 41 -11.80 -18.25 15.39
N LEU A 42 -12.15 -17.00 15.44
CA LEU A 42 -13.09 -16.52 16.49
C LEU A 42 -14.53 -16.77 16.04
N GLU A 43 -14.75 -16.90 14.76
CA GLU A 43 -16.12 -17.18 14.27
C GLU A 43 -16.49 -18.61 14.59
N ASN A 44 -15.51 -19.43 14.85
CA ASN A 44 -15.79 -20.85 15.19
C ASN A 44 -16.38 -20.92 16.60
N LYS A 45 -16.12 -19.92 17.40
CA LYS A 45 -16.66 -19.92 18.78
C LYS A 45 -17.70 -18.80 18.93
N ILE A 46 -17.75 -17.90 17.98
CA ILE A 46 -18.76 -16.81 18.06
C ILE A 46 -19.92 -17.09 17.11
N ILE A 47 -19.75 -18.06 16.24
CA ILE A 47 -20.85 -18.39 15.28
C ILE A 47 -21.33 -19.84 15.53
N GLY B 1 22.44 15.44 -22.03
CA GLY B 1 22.68 14.56 -20.85
C GLY B 1 22.46 13.09 -21.25
N SER B 2 21.27 12.76 -21.63
CA SER B 2 20.99 11.35 -22.03
C SER B 2 20.51 11.29 -23.48
N HIS B 3 20.48 10.12 -24.05
CA HIS B 3 20.01 10.01 -25.47
C HIS B 3 19.72 8.54 -25.82
N MET B 4 18.96 7.88 -24.99
CA MET B 4 18.62 6.46 -25.27
C MET B 4 17.55 6.36 -26.37
N GLU B 5 17.04 5.18 -26.61
CA GLU B 5 16.00 5.03 -27.66
C GLU B 5 14.61 5.28 -27.06
N GLU B 6 14.07 4.32 -26.37
CA GLU B 6 12.72 4.50 -25.77
C GLU B 6 12.71 4.02 -24.31
N ASP B 7 11.70 4.37 -23.56
CA ASP B 7 11.63 3.93 -22.13
C ASP B 7 12.95 4.26 -21.42
N PRO B 8 13.29 5.52 -21.45
CA PRO B 8 14.53 5.99 -20.79
C PRO B 8 14.38 5.98 -19.27
N CYS B 9 13.42 6.70 -18.75
CA CYS B 9 13.23 6.74 -17.27
C CYS B 9 11.83 6.23 -16.91
N GLU B 10 11.36 5.22 -17.60
CA GLU B 10 10.01 4.66 -17.29
C GLU B 10 9.01 5.79 -17.07
N CYS B 11 9.05 6.82 -17.86
CA CYS B 11 8.09 7.94 -17.68
C CYS B 11 6.68 7.38 -17.49
N LYS B 12 6.40 6.24 -18.06
CA LYS B 12 5.04 5.66 -17.91
C LYS B 12 5.10 4.28 -17.24
N SER B 13 6.28 3.76 -17.06
CA SER B 13 6.42 2.41 -16.42
C SER B 13 6.39 2.57 -14.89
N ILE B 14 6.78 3.70 -14.40
CA ILE B 14 6.77 3.95 -12.93
C ILE B 14 5.39 4.41 -12.49
N VAL B 15 4.73 5.15 -13.34
CA VAL B 15 3.37 5.63 -12.99
C VAL B 15 2.38 4.54 -13.38
N LYS B 16 2.80 3.65 -14.24
CA LYS B 16 1.91 2.53 -14.64
C LYS B 16 1.88 1.54 -13.48
N PHE B 17 3.01 1.26 -12.91
CA PHE B 17 3.04 0.35 -11.75
C PHE B 17 2.37 1.06 -10.56
N GLN B 18 2.50 2.36 -10.50
CA GLN B 18 1.86 3.12 -9.40
C GLN B 18 0.36 2.85 -9.41
N THR B 19 -0.23 2.80 -10.56
CA THR B 19 -1.70 2.53 -10.64
C THR B 19 -2.01 1.18 -9.99
N LYS B 20 -1.10 0.25 -10.08
CA LYS B 20 -1.35 -1.08 -9.45
C LYS B 20 -1.34 -0.87 -7.94
N VAL B 21 -0.55 0.06 -7.48
CA VAL B 21 -0.49 0.35 -6.03
C VAL B 21 -1.70 1.20 -5.65
N GLU B 22 -2.31 1.82 -6.61
CA GLU B 22 -3.50 2.67 -6.33
C GLU B 22 -4.72 1.77 -6.04
N GLU B 23 -4.96 0.83 -6.90
CA GLU B 23 -6.14 -0.08 -6.68
C GLU B 23 -5.81 -1.09 -5.58
N LEU B 24 -4.60 -1.59 -5.56
CA LEU B 24 -4.23 -2.57 -4.50
C LEU B 24 -4.26 -1.87 -3.14
N ILE B 25 -3.80 -0.65 -3.07
CA ILE B 25 -3.83 0.07 -1.77
C ILE B 25 -5.27 0.19 -1.28
N ASN B 26 -6.17 0.58 -2.14
CA ASN B 26 -7.59 0.69 -1.72
C ASN B 26 -8.08 -0.70 -1.31
N THR B 27 -7.57 -1.71 -1.97
CA THR B 27 -7.96 -3.11 -1.63
C THR B 27 -7.47 -3.47 -0.24
N LEU B 28 -6.36 -2.92 0.17
CA LEU B 28 -5.82 -3.23 1.52
C LEU B 28 -6.67 -2.52 2.57
N GLN B 29 -6.93 -1.26 2.35
CA GLN B 29 -7.77 -0.49 3.30
C GLN B 29 -9.21 -1.00 3.23
N GLN B 30 -9.51 -1.78 2.23
CA GLN B 30 -10.88 -2.33 2.11
C GLN B 30 -10.99 -3.60 2.95
N LYS B 31 -10.07 -4.51 2.75
CA LYS B 31 -10.09 -5.76 3.56
C LYS B 31 -9.82 -5.39 5.02
N LEU B 32 -9.26 -4.24 5.24
CA LEU B 32 -8.96 -3.79 6.63
C LEU B 32 -10.23 -3.21 7.26
N GLU B 33 -10.94 -2.38 6.54
CA GLU B 33 -12.19 -1.79 7.09
C GLU B 33 -13.23 -2.89 7.26
N ALA B 34 -13.04 -4.00 6.60
CA ALA B 34 -14.00 -5.13 6.74
C ALA B 34 -13.52 -6.02 7.88
N VAL B 35 -12.23 -6.09 8.05
CA VAL B 35 -11.66 -6.90 9.15
C VAL B 35 -12.04 -6.26 10.48
N ALA B 36 -12.09 -4.95 10.52
CA ALA B 36 -12.47 -4.25 11.78
C ALA B 36 -13.96 -4.48 12.04
N LYS B 37 -14.71 -4.66 10.99
CA LYS B 37 -16.17 -4.90 11.17
C LYS B 37 -16.40 -6.32 11.67
N ARG B 38 -15.57 -7.24 11.26
CA ARG B 38 -15.73 -8.64 11.73
C ARG B 38 -15.25 -8.73 13.18
N ILE B 39 -14.18 -8.03 13.48
CA ILE B 39 -13.68 -8.04 14.87
C ILE B 39 -14.79 -7.59 15.80
N GLU B 40 -15.50 -6.56 15.41
CA GLU B 40 -16.63 -6.09 16.25
C GLU B 40 -17.66 -7.20 16.32
N ALA B 41 -17.80 -7.97 15.28
CA ALA B 41 -18.77 -9.09 15.30
C ALA B 41 -18.38 -10.05 16.43
N LEU B 42 -17.10 -10.20 16.67
CA LEU B 42 -16.65 -11.10 17.76
C LEU B 42 -16.69 -10.34 19.09
N GLU B 43 -16.63 -9.04 19.04
CA GLU B 43 -16.68 -8.24 20.29
C GLU B 43 -18.10 -8.28 20.84
N ASN B 44 -19.03 -8.65 20.02
CA ASN B 44 -20.45 -8.73 20.48
C ASN B 44 -20.60 -9.97 21.36
N LYS B 45 -19.75 -10.93 21.19
CA LYS B 45 -19.84 -12.17 22.01
C LYS B 45 -18.64 -12.26 22.96
N ILE B 46 -17.65 -11.43 22.75
CA ILE B 46 -16.46 -11.45 23.65
C ILE B 46 -16.50 -10.26 24.60
N ILE B 47 -17.32 -9.29 24.31
CA ILE B 47 -17.40 -8.10 25.20
C ILE B 47 -18.80 -7.99 25.81
N GLY C 1 14.82 14.82 -28.19
CA GLY C 1 13.79 13.74 -28.12
C GLY C 1 12.42 14.35 -27.80
N SER C 2 12.30 15.00 -26.67
CA SER C 2 10.99 15.62 -26.31
C SER C 2 11.15 17.14 -26.18
N HIS C 3 10.06 17.85 -26.15
CA HIS C 3 10.15 19.34 -26.02
C HIS C 3 8.78 19.93 -25.68
N MET C 4 8.10 19.35 -24.72
CA MET C 4 6.76 19.87 -24.33
C MET C 4 6.92 21.17 -23.53
N GLU C 5 5.86 21.64 -22.93
CA GLU C 5 5.95 22.91 -22.15
C GLU C 5 6.31 22.60 -20.69
N GLU C 6 5.36 22.17 -19.91
CA GLU C 6 5.65 21.85 -18.48
C GLU C 6 5.00 20.51 -18.09
N ASP C 7 5.44 19.92 -17.01
CA ASP C 7 4.85 18.62 -16.59
C ASP C 7 4.91 17.60 -17.73
N PRO C 8 6.11 17.36 -18.20
CA PRO C 8 6.30 16.40 -19.31
C PRO C 8 6.16 14.95 -18.81
N CYS C 9 6.96 14.56 -17.86
CA CYS C 9 6.86 13.17 -17.34
C CYS C 9 6.46 13.18 -15.86
N GLU C 10 5.59 14.07 -15.48
CA GLU C 10 5.15 14.13 -14.05
C GLU C 10 6.37 13.98 -13.13
N CYS C 11 7.48 14.58 -13.49
CA CYS C 11 8.69 14.47 -12.63
C CYS C 11 8.32 14.66 -11.16
N LYS C 12 7.28 15.41 -10.88
CA LYS C 12 6.87 15.62 -9.47
C LYS C 12 5.43 15.13 -9.24
N SER C 13 4.74 14.77 -10.30
CA SER C 13 3.35 14.28 -10.15
C SER C 13 3.34 12.79 -9.81
N ILE C 14 4.36 12.08 -10.19
CA ILE C 14 4.45 10.63 -9.90
C ILE C 14 5.03 10.43 -8.50
N VAL C 15 5.91 11.29 -8.12
CA VAL C 15 6.52 11.18 -6.77
C VAL C 15 5.60 11.90 -5.79
N LYS C 16 4.77 12.78 -6.30
CA LYS C 16 3.80 13.48 -5.43
C LYS C 16 2.72 12.49 -5.04
N PHE C 17 2.24 11.74 -5.99
CA PHE C 17 1.21 10.73 -5.68
C PHE C 17 1.87 9.64 -4.81
N GLN C 18 3.13 9.39 -5.05
CA GLN C 18 3.83 8.36 -4.23
C GLN C 18 3.74 8.72 -2.75
N THR C 19 3.89 9.96 -2.43
CA THR C 19 3.79 10.37 -1.00
C THR C 19 2.43 9.97 -0.44
N LYS C 20 1.40 10.03 -1.24
CA LYS C 20 0.06 9.62 -0.75
C LYS C 20 0.11 8.14 -0.42
N VAL C 21 0.86 7.41 -1.20
CA VAL C 21 1.00 5.95 -0.95
C VAL C 21 1.94 5.72 0.23
N GLU C 22 2.74 6.70 0.55
CA GLU C 22 3.68 6.56 1.69
C GLU C 22 2.91 6.64 3.01
N GLU C 23 2.09 7.64 3.15
CA GLU C 23 1.31 7.79 4.42
C GLU C 23 0.15 6.78 4.43
N LEU C 24 -0.48 6.56 3.31
CA LEU C 24 -1.61 5.60 3.27
C LEU C 24 -1.07 4.18 3.52
N ILE C 25 0.09 3.88 3.01
CA ILE C 25 0.67 2.53 3.24
C ILE C 25 0.92 2.34 4.74
N ASN C 26 1.53 3.30 5.38
CA ASN C 26 1.77 3.18 6.84
C ASN C 26 0.42 3.06 7.54
N THR C 27 -0.57 3.71 6.99
CA THR C 27 -1.94 3.65 7.58
C THR C 27 -2.51 2.24 7.43
N LEU C 28 -2.14 1.55 6.38
CA LEU C 28 -2.66 0.17 6.20
C LEU C 28 -1.98 -0.77 7.19
N GLN C 29 -0.68 -0.68 7.27
CA GLN C 29 0.07 -1.53 8.22
C GLN C 29 -0.26 -1.11 9.66
N GLN C 30 -0.88 0.03 9.80
CA GLN C 30 -1.26 0.51 11.16
C GLN C 30 -2.59 -0.13 11.55
N LYS C 31 -3.57 -0.01 10.71
CA LYS C 31 -4.90 -0.61 11.01
C LYS C 31 -4.75 -2.13 11.03
N LEU C 32 -3.67 -2.61 10.48
CA LEU C 32 -3.42 -4.08 10.45
C LEU C 32 -2.75 -4.50 11.75
N GLU C 33 -1.78 -3.75 12.21
CA GLU C 33 -1.09 -4.11 13.49
C GLU C 33 -2.07 -3.92 14.65
N ALA C 34 -3.12 -3.17 14.41
CA ALA C 34 -4.13 -2.96 15.47
C ALA C 34 -5.19 -4.04 15.34
N VAL C 35 -5.45 -4.44 14.13
CA VAL C 35 -6.45 -5.52 13.90
C VAL C 35 -5.91 -6.83 14.50
N ALA C 36 -4.62 -7.02 14.43
CA ALA C 36 -4.03 -8.26 15.01
C ALA C 36 -4.12 -8.18 16.53
N LYS C 37 -4.08 -6.99 17.06
CA LYS C 37 -4.17 -6.85 18.54
C LYS C 37 -5.61 -7.10 18.99
N ARG C 38 -6.57 -6.74 18.18
CA ARG C 38 -7.99 -6.98 18.55
C ARG C 38 -8.28 -8.47 18.41
N ILE C 39 -7.73 -9.08 17.40
CA ILE C 39 -7.94 -10.55 17.22
C ILE C 39 -7.45 -11.27 18.47
N GLU C 40 -6.31 -10.89 18.97
CA GLU C 40 -5.79 -11.54 20.20
C GLU C 40 -6.77 -11.27 21.33
N ALA C 41 -7.40 -10.11 21.31
CA ALA C 41 -8.40 -9.80 22.37
C ALA C 41 -9.52 -10.84 22.32
N LEU C 42 -9.85 -11.30 21.14
CA LEU C 42 -10.91 -12.33 21.02
C LEU C 42 -10.31 -13.70 21.27
N GLU C 43 -9.02 -13.85 21.09
CA GLU C 43 -8.37 -15.16 21.33
C GLU C 43 -8.28 -15.39 22.84
N ASN C 44 -8.43 -14.36 23.60
CA ASN C 44 -8.38 -14.52 25.07
C ASN C 44 -9.67 -15.17 25.56
N LYS C 45 -10.71 -15.07 24.77
CA LYS C 45 -12.01 -15.69 25.17
C LYS C 45 -12.35 -16.83 24.20
N ILE C 46 -11.66 -16.91 23.09
CA ILE C 46 -11.95 -18.01 22.12
C ILE C 46 -10.86 -19.09 22.22
N ILE C 47 -9.77 -18.78 22.87
CA ILE C 47 -8.69 -19.79 22.99
C ILE C 47 -8.49 -20.18 24.46
N GLY A 1 28.28 4.10 -3.13
CA GLY A 1 28.36 4.73 -4.48
C GLY A 1 29.76 5.29 -4.71
N SER A 2 30.60 4.55 -5.37
CA SER A 2 31.99 5.05 -5.62
C SER A 2 32.08 5.71 -6.99
N HIS A 3 31.10 5.51 -7.83
CA HIS A 3 31.13 6.14 -9.18
C HIS A 3 30.26 7.40 -9.20
N MET A 4 30.60 8.35 -10.02
CA MET A 4 29.80 9.61 -10.08
C MET A 4 28.59 9.44 -10.99
N GLU A 5 27.50 8.91 -10.47
CA GLU A 5 26.29 8.70 -11.32
C GLU A 5 25.48 10.00 -11.40
N GLU A 6 24.34 9.98 -12.04
CA GLU A 6 23.51 11.21 -12.16
C GLU A 6 22.15 10.99 -11.48
N ASP A 7 21.34 12.02 -11.42
CA ASP A 7 20.01 11.88 -10.78
C ASP A 7 19.24 13.20 -10.87
N PRO A 8 18.83 13.53 -12.07
CA PRO A 8 18.08 14.78 -12.30
C PRO A 8 16.63 14.62 -11.80
N CYS A 9 15.88 13.73 -12.38
CA CYS A 9 14.48 13.54 -11.93
C CYS A 9 14.32 12.16 -11.29
N GLU A 10 15.30 11.73 -10.54
CA GLU A 10 15.23 10.40 -9.88
C GLU A 10 14.67 9.35 -10.86
N CYS A 11 15.20 9.28 -12.04
CA CYS A 11 14.69 8.29 -13.03
C CYS A 11 14.68 6.89 -12.39
N LYS A 12 15.56 6.64 -11.46
CA LYS A 12 15.60 5.31 -10.81
C LYS A 12 15.35 5.46 -9.31
N SER A 13 15.41 6.66 -8.81
CA SER A 13 15.17 6.89 -7.35
C SER A 13 13.67 6.87 -7.05
N ILE A 14 12.87 7.21 -8.02
CA ILE A 14 11.40 7.22 -7.83
C ILE A 14 10.87 5.79 -8.02
N VAL A 15 11.35 5.13 -9.02
CA VAL A 15 10.91 3.74 -9.27
C VAL A 15 11.61 2.83 -8.25
N LYS A 16 12.68 3.31 -7.69
CA LYS A 16 13.38 2.51 -6.65
C LYS A 16 12.54 2.54 -5.39
N PHE A 17 12.05 3.70 -5.05
CA PHE A 17 11.18 3.80 -3.85
C PHE A 17 9.93 2.96 -4.11
N GLN A 18 9.53 2.85 -5.35
CA GLN A 18 8.33 2.05 -5.69
C GLN A 18 8.56 0.59 -5.28
N THR A 19 9.72 0.07 -5.55
CA THR A 19 10.02 -1.34 -5.17
C THR A 19 9.83 -1.49 -3.66
N LYS A 20 10.14 -0.47 -2.91
CA LYS A 20 9.96 -0.53 -1.43
C LYS A 20 8.46 -0.56 -1.14
N VAL A 21 7.70 0.06 -1.99
CA VAL A 21 6.22 0.06 -1.80
C VAL A 21 5.66 -1.27 -2.33
N GLU A 22 6.45 -1.97 -3.11
CA GLU A 22 6.00 -3.28 -3.64
C GLU A 22 6.08 -4.34 -2.54
N GLU A 23 7.17 -4.36 -1.82
CA GLU A 23 7.31 -5.34 -0.71
C GLU A 23 6.45 -4.91 0.46
N LEU A 24 6.26 -3.64 0.63
CA LEU A 24 5.42 -3.13 1.75
C LEU A 24 3.94 -3.46 1.48
N ILE A 25 3.48 -3.23 0.28
CA ILE A 25 2.06 -3.54 -0.05
C ILE A 25 1.83 -5.06 0.08
N ASN A 26 2.81 -5.84 -0.27
CA ASN A 26 2.65 -7.32 -0.16
C ASN A 26 2.56 -7.69 1.32
N THR A 27 3.39 -7.11 2.12
CA THR A 27 3.37 -7.40 3.58
C THR A 27 2.03 -6.98 4.18
N LEU A 28 1.42 -5.95 3.64
CA LEU A 28 0.11 -5.49 4.18
C LEU A 28 -0.97 -6.50 3.80
N GLN A 29 -0.99 -6.91 2.57
CA GLN A 29 -2.00 -7.91 2.13
C GLN A 29 -1.70 -9.24 2.80
N GLN A 30 -0.54 -9.37 3.37
CA GLN A 30 -0.16 -10.63 4.05
C GLN A 30 -0.74 -10.62 5.47
N LYS A 31 -0.47 -9.58 6.20
CA LYS A 31 -1.02 -9.49 7.59
C LYS A 31 -2.54 -9.37 7.49
N LEU A 32 -3.02 -8.98 6.35
CA LEU A 32 -4.50 -8.85 6.17
C LEU A 32 -5.11 -10.23 5.93
N GLU A 33 -4.54 -11.00 5.05
CA GLU A 33 -5.09 -12.37 4.79
C GLU A 33 -4.85 -13.26 6.01
N ALA A 34 -3.99 -12.84 6.91
CA ALA A 34 -3.74 -13.64 8.13
C ALA A 34 -4.72 -13.17 9.20
N VAL A 35 -5.06 -11.92 9.16
CA VAL A 35 -6.03 -11.38 10.14
C VAL A 35 -7.38 -12.05 9.89
N ALA A 36 -7.74 -12.23 8.65
CA ALA A 36 -9.04 -12.89 8.34
C ALA A 36 -8.98 -14.34 8.78
N LYS A 37 -7.80 -14.91 8.79
CA LYS A 37 -7.68 -16.33 9.22
C LYS A 37 -7.79 -16.43 10.74
N ARG A 38 -7.46 -15.36 11.43
CA ARG A 38 -7.57 -15.38 12.91
C ARG A 38 -9.03 -15.07 13.29
N ILE A 39 -9.67 -14.26 12.50
CA ILE A 39 -11.09 -13.93 12.77
C ILE A 39 -11.92 -15.21 12.68
N GLU A 40 -11.68 -16.02 11.69
CA GLU A 40 -12.44 -17.29 11.57
C GLU A 40 -12.08 -18.16 12.78
N ALA A 41 -10.87 -18.03 13.26
CA ALA A 41 -10.47 -18.82 14.45
C ALA A 41 -11.42 -18.49 15.59
N LEU A 42 -11.83 -17.25 15.67
CA LEU A 42 -12.78 -16.84 16.74
C LEU A 42 -14.18 -17.30 16.34
N GLU A 43 -14.46 -17.34 15.06
CA GLU A 43 -15.80 -17.78 14.60
C GLU A 43 -15.96 -19.28 14.86
N ASN A 44 -14.87 -19.96 15.04
CA ASN A 44 -14.94 -21.42 15.31
C ASN A 44 -15.45 -21.66 16.73
N LYS A 45 -15.33 -20.65 17.57
CA LYS A 45 -15.81 -20.80 18.97
C LYS A 45 -17.00 -19.88 19.21
N ILE A 46 -17.19 -18.92 18.35
CA ILE A 46 -18.35 -18.00 18.53
C ILE A 46 -19.53 -18.48 17.68
N ILE A 47 -19.28 -19.32 16.71
CA ILE A 47 -20.41 -19.81 15.87
C ILE A 47 -21.25 -20.80 16.67
N GLY B 1 1.83 -4.16 -28.33
CA GLY B 1 2.55 -2.95 -28.80
C GLY B 1 2.96 -3.12 -30.26
N SER B 2 2.21 -2.57 -31.17
CA SER B 2 2.55 -2.70 -32.61
C SER B 2 3.32 -1.47 -33.09
N HIS B 3 3.26 -0.40 -32.34
CA HIS B 3 4.00 0.84 -32.76
C HIS B 3 5.32 0.94 -32.01
N MET B 4 6.30 1.57 -32.59
CA MET B 4 7.62 1.71 -31.91
C MET B 4 7.61 2.89 -30.95
N GLU B 5 7.11 2.70 -29.76
CA GLU B 5 7.07 3.82 -28.78
C GLU B 5 8.44 3.98 -28.10
N GLU B 6 8.54 4.89 -27.16
CA GLU B 6 9.84 5.09 -26.47
C GLU B 6 9.70 4.81 -24.97
N ASP B 7 10.79 4.86 -24.24
CA ASP B 7 10.72 4.61 -22.78
C ASP B 7 12.11 4.75 -22.15
N PRO B 8 12.57 5.97 -22.10
CA PRO B 8 13.90 6.24 -21.49
C PRO B 8 13.83 6.13 -19.97
N CYS B 9 13.04 6.95 -19.33
CA CYS B 9 12.93 6.87 -17.84
C CYS B 9 11.53 6.41 -17.44
N GLU B 10 10.95 5.52 -18.20
CA GLU B 10 9.59 5.03 -17.88
C GLU B 10 8.67 6.20 -17.50
N CYS B 11 8.66 7.24 -18.30
CA CYS B 11 7.79 8.40 -17.98
C CYS B 11 6.36 7.92 -17.72
N LYS B 12 5.97 6.83 -18.31
CA LYS B 12 4.60 6.31 -18.11
C LYS B 12 4.65 4.90 -17.50
N SER B 13 5.80 4.30 -17.52
CA SER B 13 5.92 2.92 -16.95
C SER B 13 6.02 2.98 -15.42
N ILE B 14 6.52 4.07 -14.91
CA ILE B 14 6.65 4.23 -13.43
C ILE B 14 5.31 4.66 -12.86
N VAL B 15 4.68 5.60 -13.49
CA VAL B 15 3.36 6.07 -13.01
C VAL B 15 2.31 5.03 -13.39
N LYS B 16 2.65 4.17 -14.33
CA LYS B 16 1.70 3.10 -14.72
C LYS B 16 1.70 2.07 -13.60
N PHE B 17 2.87 1.75 -13.11
CA PHE B 17 2.96 0.80 -11.98
C PHE B 17 2.25 1.43 -10.78
N GLN B 18 2.30 2.74 -10.69
CA GLN B 18 1.62 3.42 -9.56
C GLN B 18 0.12 3.10 -9.59
N THR B 19 -0.48 3.13 -10.75
CA THR B 19 -1.93 2.81 -10.85
C THR B 19 -2.15 1.39 -10.29
N LYS B 20 -1.21 0.51 -10.49
CA LYS B 20 -1.37 -0.86 -9.95
C LYS B 20 -1.31 -0.78 -8.43
N VAL B 21 -0.55 0.15 -7.94
CA VAL B 21 -0.44 0.34 -6.47
C VAL B 21 -1.67 1.10 -5.98
N GLU B 22 -2.38 1.73 -6.87
CA GLU B 22 -3.60 2.47 -6.48
C GLU B 22 -4.72 1.49 -6.19
N GLU B 23 -4.91 0.53 -7.06
CA GLU B 23 -5.98 -0.49 -6.84
C GLU B 23 -5.54 -1.45 -5.73
N LEU B 24 -4.26 -1.68 -5.61
CA LEU B 24 -3.76 -2.59 -4.54
C LEU B 24 -3.98 -1.95 -3.17
N ILE B 25 -3.59 -0.72 -3.02
CA ILE B 25 -3.78 -0.03 -1.71
C ILE B 25 -5.27 0.02 -1.37
N ASN B 26 -6.12 0.19 -2.36
CA ASN B 26 -7.58 0.24 -2.06
C ASN B 26 -8.04 -1.13 -1.59
N THR B 27 -7.56 -2.16 -2.22
CA THR B 27 -7.95 -3.54 -1.82
C THR B 27 -7.46 -3.83 -0.40
N LEU B 28 -6.36 -3.23 -0.01
CA LEU B 28 -5.84 -3.47 1.37
C LEU B 28 -6.71 -2.73 2.37
N GLN B 29 -7.04 -1.51 2.11
CA GLN B 29 -7.92 -0.74 3.04
C GLN B 29 -9.32 -1.33 3.00
N GLN B 30 -9.58 -2.16 2.02
CA GLN B 30 -10.92 -2.79 1.89
C GLN B 30 -10.98 -4.02 2.82
N LYS B 31 -10.03 -4.89 2.68
CA LYS B 31 -10.01 -6.10 3.56
C LYS B 31 -9.77 -5.65 5.00
N LEU B 32 -9.22 -4.48 5.16
CA LEU B 32 -8.95 -3.96 6.53
C LEU B 32 -10.25 -3.44 7.15
N GLU B 33 -11.01 -2.68 6.40
CA GLU B 33 -12.30 -2.15 6.95
C GLU B 33 -13.29 -3.30 7.11
N ALA B 34 -13.03 -4.41 6.47
CA ALA B 34 -13.95 -5.57 6.61
C ALA B 34 -13.47 -6.41 7.78
N VAL B 35 -12.18 -6.43 8.00
CA VAL B 35 -11.61 -7.19 9.13
C VAL B 35 -12.13 -6.56 10.43
N ALA B 36 -12.20 -5.26 10.48
CA ALA B 36 -12.70 -4.60 11.71
C ALA B 36 -14.19 -4.88 11.86
N LYS B 37 -14.86 -5.12 10.76
CA LYS B 37 -16.32 -5.42 10.85
C LYS B 37 -16.52 -6.86 11.33
N ARG B 38 -15.54 -7.70 11.11
CA ARG B 38 -15.67 -9.10 11.59
C ARG B 38 -15.25 -9.15 13.05
N ILE B 39 -14.34 -8.30 13.44
CA ILE B 39 -13.89 -8.26 14.85
C ILE B 39 -15.07 -7.85 15.72
N GLU B 40 -15.82 -6.86 15.29
CA GLU B 40 -17.00 -6.45 16.09
C GLU B 40 -18.00 -7.61 16.09
N ALA B 41 -18.02 -8.36 15.02
CA ALA B 41 -18.93 -9.53 14.96
C ALA B 41 -18.63 -10.44 16.15
N LEU B 42 -17.37 -10.57 16.47
CA LEU B 42 -16.97 -11.41 17.63
C LEU B 42 -17.26 -10.66 18.92
N GLU B 43 -17.12 -9.37 18.90
CA GLU B 43 -17.40 -8.56 20.13
C GLU B 43 -18.89 -8.60 20.44
N ASN B 44 -19.68 -9.00 19.49
CA ASN B 44 -21.14 -9.08 19.71
C ASN B 44 -21.45 -10.30 20.58
N LYS B 45 -20.56 -11.25 20.59
CA LYS B 45 -20.79 -12.47 21.42
C LYS B 45 -19.78 -12.50 22.57
N ILE B 46 -18.75 -11.71 22.49
CA ILE B 46 -17.73 -11.69 23.57
C ILE B 46 -18.02 -10.53 24.53
N ILE B 47 -18.77 -9.55 24.10
CA ILE B 47 -19.08 -8.39 25.00
C ILE B 47 -19.97 -8.85 26.15
N GLY C 1 -1.15 27.77 -7.50
CA GLY C 1 0.04 27.93 -8.40
C GLY C 1 -0.03 29.28 -9.10
N SER C 2 0.74 30.23 -8.66
CA SER C 2 0.73 31.57 -9.31
C SER C 2 1.91 31.70 -10.28
N HIS C 3 2.86 30.82 -10.19
CA HIS C 3 4.03 30.90 -11.10
C HIS C 3 3.88 29.89 -12.25
N MET C 4 4.44 30.19 -13.39
CA MET C 4 4.32 29.26 -14.54
C MET C 4 5.41 28.17 -14.45
N GLU C 5 5.16 27.14 -13.69
CA GLU C 5 6.17 26.06 -13.55
C GLU C 5 6.10 25.12 -14.76
N GLU C 6 6.77 23.99 -14.69
CA GLU C 6 6.75 23.04 -15.84
C GLU C 6 6.31 21.65 -15.34
N ASP C 7 6.13 20.72 -16.25
CA ASP C 7 5.71 19.36 -15.84
C ASP C 7 5.61 18.43 -17.06
N PRO C 8 6.74 18.10 -17.61
CA PRO C 8 6.79 17.22 -18.80
C PRO C 8 6.48 15.77 -18.40
N CYS C 9 7.33 15.15 -17.63
CA CYS C 9 7.06 13.74 -17.21
C CYS C 9 6.74 13.69 -15.70
N GLU C 10 6.06 14.69 -15.21
CA GLU C 10 5.71 14.72 -13.76
C GLU C 10 6.96 14.39 -12.91
N CYS C 11 8.06 15.04 -13.17
CA CYS C 11 9.27 14.75 -12.36
C CYS C 11 8.95 14.85 -10.87
N LYS C 12 8.00 15.67 -10.52
CA LYS C 12 7.63 15.80 -9.08
C LYS C 12 6.16 15.41 -8.88
N SER C 13 5.43 15.27 -9.96
CA SER C 13 3.99 14.88 -9.82
C SER C 13 3.87 13.37 -9.58
N ILE C 14 4.81 12.62 -10.05
CA ILE C 14 4.78 11.14 -9.86
C ILE C 14 5.32 10.81 -8.46
N VAL C 15 6.39 11.45 -8.10
CA VAL C 15 6.98 11.20 -6.75
C VAL C 15 6.13 11.93 -5.71
N LYS C 16 5.36 12.89 -6.15
CA LYS C 16 4.46 13.60 -5.21
C LYS C 16 3.33 12.66 -4.86
N PHE C 17 2.80 11.99 -5.86
CA PHE C 17 1.73 11.01 -5.60
C PHE C 17 2.30 9.90 -4.71
N GLN C 18 3.58 9.63 -4.86
CA GLN C 18 4.20 8.58 -4.02
C GLN C 18 4.08 8.95 -2.54
N THR C 19 4.33 10.19 -2.22
CA THR C 19 4.19 10.62 -0.79
C THR C 19 2.78 10.32 -0.32
N LYS C 20 1.81 10.47 -1.18
CA LYS C 20 0.41 10.18 -0.79
C LYS C 20 0.31 8.68 -0.53
N VAL C 21 1.07 7.91 -1.24
CA VAL C 21 1.06 6.44 -1.05
C VAL C 21 1.92 6.09 0.18
N GLU C 22 2.74 7.02 0.61
CA GLU C 22 3.59 6.77 1.80
C GLU C 22 2.72 6.86 3.06
N GLU C 23 1.91 7.88 3.16
CA GLU C 23 1.03 8.01 4.35
C GLU C 23 -0.10 6.99 4.27
N LEU C 24 -0.51 6.66 3.08
CA LEU C 24 -1.61 5.65 2.91
C LEU C 24 -1.11 4.27 3.34
N ILE C 25 0.05 3.88 2.88
CA ILE C 25 0.61 2.56 3.27
C ILE C 25 0.81 2.51 4.78
N ASN C 26 1.20 3.60 5.38
CA ASN C 26 1.40 3.61 6.86
C ASN C 26 0.05 3.43 7.56
N THR C 27 -0.96 4.09 7.07
CA THR C 27 -2.31 3.96 7.68
C THR C 27 -2.81 2.51 7.53
N LEU C 28 -2.43 1.84 6.48
CA LEU C 28 -2.88 0.44 6.29
C LEU C 28 -2.16 -0.46 7.29
N GLN C 29 -0.88 -0.30 7.43
CA GLN C 29 -0.11 -1.13 8.41
C GLN C 29 -0.53 -0.73 9.82
N GLN C 30 -1.20 0.38 9.94
CA GLN C 30 -1.65 0.84 11.28
C GLN C 30 -2.95 0.13 11.64
N LYS C 31 -3.92 0.19 10.77
CA LYS C 31 -5.21 -0.50 11.04
C LYS C 31 -4.96 -2.01 11.06
N LEU C 32 -3.86 -2.43 10.50
CA LEU C 32 -3.52 -3.88 10.48
C LEU C 32 -2.92 -4.29 11.83
N GLU C 33 -1.98 -3.52 12.32
CA GLU C 33 -1.37 -3.86 13.63
C GLU C 33 -2.38 -3.63 14.75
N ALA C 34 -3.44 -2.92 14.45
CA ALA C 34 -4.50 -2.68 15.47
C ALA C 34 -5.51 -3.82 15.36
N VAL C 35 -5.73 -4.28 14.16
CA VAL C 35 -6.68 -5.39 13.95
C VAL C 35 -6.12 -6.64 14.66
N ALA C 36 -4.84 -6.83 14.61
CA ALA C 36 -4.23 -8.00 15.30
C ALA C 36 -4.37 -7.82 16.81
N LYS C 37 -4.39 -6.60 17.26
CA LYS C 37 -4.53 -6.34 18.72
C LYS C 37 -5.98 -6.57 19.15
N ARG C 38 -6.90 -6.48 18.22
CA ARG C 38 -8.31 -6.72 18.57
C ARG C 38 -8.59 -8.23 18.50
N ILE C 39 -7.91 -8.90 17.61
CA ILE C 39 -8.09 -10.36 17.49
C ILE C 39 -7.63 -11.01 18.79
N GLU C 40 -6.53 -10.57 19.33
CA GLU C 40 -6.05 -11.16 20.61
C GLU C 40 -7.08 -10.83 21.69
N ALA C 41 -7.72 -9.69 21.57
CA ALA C 41 -8.76 -9.30 22.56
C ALA C 41 -9.81 -10.40 22.59
N LEU C 42 -10.14 -10.93 21.45
CA LEU C 42 -11.14 -12.03 21.39
C LEU C 42 -10.48 -13.32 21.88
N GLU C 43 -9.20 -13.47 21.64
CA GLU C 43 -8.50 -14.69 22.11
C GLU C 43 -8.38 -14.67 23.63
N ASN C 44 -8.60 -13.53 24.22
CA ASN C 44 -8.52 -13.44 25.69
C ASN C 44 -9.77 -14.04 26.32
N LYS C 45 -10.82 -14.11 25.55
CA LYS C 45 -12.09 -14.69 26.07
C LYS C 45 -12.41 -16.00 25.34
N ILE C 46 -11.75 -16.26 24.25
CA ILE C 46 -12.00 -17.52 23.50
C ILE C 46 -10.94 -18.56 23.87
N ILE C 47 -9.82 -18.12 24.40
CA ILE C 47 -8.75 -19.09 24.79
C ILE C 47 -9.19 -19.91 26.00
N GLY A 1 37.63 19.56 -5.22
CA GLY A 1 36.60 18.64 -4.66
C GLY A 1 35.82 17.98 -5.79
N SER A 2 36.15 16.77 -6.11
CA SER A 2 35.42 16.06 -7.22
C SER A 2 33.96 15.84 -6.82
N HIS A 3 33.04 16.24 -7.66
CA HIS A 3 31.60 16.05 -7.33
C HIS A 3 30.98 14.97 -8.23
N MET A 4 29.73 14.65 -8.01
CA MET A 4 29.07 13.61 -8.85
C MET A 4 27.83 14.19 -9.54
N GLU A 5 27.28 13.47 -10.48
CA GLU A 5 26.07 13.99 -11.19
C GLU A 5 24.84 13.90 -10.27
N GLU A 6 24.01 14.90 -10.28
CA GLU A 6 22.80 14.87 -9.41
C GLU A 6 21.58 14.44 -10.23
N ASP A 7 20.97 13.36 -9.87
CA ASP A 7 19.77 12.89 -10.63
C ASP A 7 18.87 14.07 -10.97
N PRO A 8 18.49 14.15 -12.21
CA PRO A 8 17.62 15.25 -12.68
C PRO A 8 16.18 15.04 -12.20
N CYS A 9 15.60 13.90 -12.49
CA CYS A 9 14.20 13.65 -12.07
C CYS A 9 14.10 12.28 -11.39
N GLU A 10 14.96 11.98 -10.47
CA GLU A 10 14.91 10.66 -9.77
C GLU A 10 14.54 9.54 -10.75
N CYS A 11 15.06 9.58 -11.94
CA CYS A 11 14.74 8.53 -12.93
C CYS A 11 14.80 7.14 -12.28
N LYS A 12 15.56 6.99 -11.23
CA LYS A 12 15.65 5.67 -10.56
C LYS A 12 15.32 5.80 -9.07
N SER A 13 15.17 7.00 -8.60
CA SER A 13 14.85 7.20 -7.16
C SER A 13 13.34 7.03 -6.92
N ILE A 14 12.55 7.34 -7.92
CA ILE A 14 11.08 7.20 -7.78
C ILE A 14 10.67 5.75 -8.03
N VAL A 15 11.34 5.11 -8.93
CA VAL A 15 11.01 3.68 -9.23
C VAL A 15 11.70 2.79 -8.20
N LYS A 16 12.72 3.31 -7.58
CA LYS A 16 13.41 2.51 -6.52
C LYS A 16 12.53 2.55 -5.29
N PHE A 17 11.96 3.69 -5.04
CA PHE A 17 11.03 3.82 -3.88
C PHE A 17 9.79 2.98 -4.16
N GLN A 18 9.43 2.88 -5.42
CA GLN A 18 8.23 2.07 -5.79
C GLN A 18 8.44 0.61 -5.36
N THR A 19 9.59 0.06 -5.66
CA THR A 19 9.86 -1.35 -5.27
C THR A 19 9.73 -1.49 -3.75
N LYS A 20 10.13 -0.49 -3.02
CA LYS A 20 10.01 -0.56 -1.54
C LYS A 20 8.53 -0.59 -1.17
N VAL A 21 7.72 0.05 -1.95
CA VAL A 21 6.26 0.05 -1.69
C VAL A 21 5.67 -1.27 -2.17
N GLU A 22 6.37 -1.95 -3.03
CA GLU A 22 5.88 -3.25 -3.55
C GLU A 22 6.03 -4.32 -2.47
N GLU A 23 7.19 -4.41 -1.88
CA GLU A 23 7.40 -5.44 -0.81
C GLU A 23 6.58 -5.07 0.42
N LEU A 24 6.46 -3.80 0.70
CA LEU A 24 5.66 -3.39 1.90
C LEU A 24 4.18 -3.72 1.67
N ILE A 25 3.65 -3.36 0.54
CA ILE A 25 2.22 -3.68 0.26
C ILE A 25 1.98 -5.18 0.41
N ASN A 26 2.94 -5.99 0.02
CA ASN A 26 2.76 -7.46 0.17
C ASN A 26 2.65 -7.82 1.64
N THR A 27 3.47 -7.21 2.46
CA THR A 27 3.42 -7.49 3.92
C THR A 27 2.07 -7.06 4.49
N LEU A 28 1.46 -6.05 3.91
CA LEU A 28 0.14 -5.60 4.41
C LEU A 28 -0.93 -6.63 4.03
N GLN A 29 -0.91 -7.07 2.81
CA GLN A 29 -1.89 -8.09 2.37
C GLN A 29 -1.58 -9.42 3.06
N GLN A 30 -0.43 -9.50 3.67
CA GLN A 30 -0.05 -10.74 4.39
C GLN A 30 -0.68 -10.72 5.78
N LYS A 31 -0.46 -9.67 6.50
CA LYS A 31 -1.07 -9.55 7.85
C LYS A 31 -2.58 -9.49 7.72
N LEU A 32 -3.05 -9.17 6.55
CA LEU A 32 -4.52 -9.08 6.32
C LEU A 32 -5.09 -10.48 6.09
N GLU A 33 -4.47 -11.26 5.24
CA GLU A 33 -4.98 -12.64 5.00
C GLU A 33 -4.78 -13.48 6.25
N ALA A 34 -3.91 -13.05 7.11
CA ALA A 34 -3.68 -13.81 8.38
C ALA A 34 -4.66 -13.28 9.42
N VAL A 35 -4.99 -12.02 9.33
CA VAL A 35 -5.97 -11.43 10.27
C VAL A 35 -7.32 -12.09 10.03
N ALA A 36 -7.65 -12.34 8.80
CA ALA A 36 -8.95 -13.00 8.49
C ALA A 36 -8.89 -14.44 9.00
N LYS A 37 -7.72 -15.02 8.99
CA LYS A 37 -7.58 -16.42 9.49
C LYS A 37 -7.76 -16.44 11.01
N ARG A 38 -7.32 -15.42 11.67
CA ARG A 38 -7.50 -15.36 13.16
C ARG A 38 -8.97 -15.09 13.46
N ILE A 39 -9.60 -14.28 12.66
CA ILE A 39 -11.04 -13.98 12.87
C ILE A 39 -11.80 -15.29 12.81
N GLU A 40 -11.50 -16.11 11.84
CA GLU A 40 -12.18 -17.43 11.74
C GLU A 40 -11.84 -18.24 12.99
N ALA A 41 -10.64 -18.09 13.48
CA ALA A 41 -10.25 -18.82 14.72
C ALA A 41 -11.25 -18.49 15.82
N LEU A 42 -11.74 -17.29 15.83
CA LEU A 42 -12.73 -16.89 16.87
C LEU A 42 -14.11 -17.36 16.44
N GLU A 43 -14.35 -17.43 15.16
CA GLU A 43 -15.66 -17.90 14.65
C GLU A 43 -15.81 -19.39 14.89
N ASN A 44 -14.70 -20.05 15.11
CA ASN A 44 -14.76 -21.51 15.37
C ASN A 44 -15.25 -21.75 16.80
N LYS A 45 -15.15 -20.75 17.62
CA LYS A 45 -15.61 -20.89 19.03
C LYS A 45 -16.85 -20.01 19.25
N ILE A 46 -17.08 -19.09 18.35
CA ILE A 46 -18.28 -18.21 18.49
C ILE A 46 -19.39 -18.74 17.59
N ILE A 47 -19.06 -19.62 16.68
CA ILE A 47 -20.11 -20.18 15.76
C ILE A 47 -21.31 -20.67 16.57
N GLY B 1 15.81 -5.61 -39.24
CA GLY B 1 14.96 -5.83 -38.04
C GLY B 1 14.52 -4.50 -37.47
N SER B 2 13.34 -4.04 -37.83
CA SER B 2 12.85 -2.74 -37.31
C SER B 2 12.73 -2.78 -35.78
N HIS B 3 13.28 -1.81 -35.11
CA HIS B 3 13.21 -1.79 -33.62
C HIS B 3 12.29 -0.66 -33.14
N MET B 4 12.07 -0.57 -31.86
CA MET B 4 11.18 0.51 -31.33
C MET B 4 11.95 1.40 -30.36
N GLU B 5 11.36 2.48 -29.91
CA GLU B 5 12.06 3.39 -28.97
C GLU B 5 12.03 2.79 -27.55
N GLU B 6 13.13 2.84 -26.85
CA GLU B 6 13.15 2.28 -25.47
C GLU B 6 12.95 3.39 -24.44
N ASP B 7 11.91 3.31 -23.67
CA ASP B 7 11.65 4.36 -22.64
C ASP B 7 12.97 4.76 -21.95
N PRO B 8 13.19 6.04 -21.89
CA PRO B 8 14.43 6.56 -21.25
C PRO B 8 14.32 6.45 -19.73
N CYS B 9 13.30 7.02 -19.15
CA CYS B 9 13.15 6.94 -17.67
C CYS B 9 11.74 6.46 -17.29
N GLU B 10 11.26 5.43 -17.90
CA GLU B 10 9.90 4.91 -17.57
C GLU B 10 8.92 6.06 -17.34
N CYS B 11 9.02 7.10 -18.11
CA CYS B 11 8.10 8.26 -17.93
C CYS B 11 6.66 7.77 -17.71
N LYS B 12 6.33 6.62 -18.23
CA LYS B 12 4.94 6.10 -18.06
C LYS B 12 4.97 4.72 -17.40
N SER B 13 6.14 4.15 -17.25
CA SER B 13 6.23 2.80 -16.61
C SER B 13 6.20 2.93 -15.09
N ILE B 14 6.67 4.04 -14.58
CA ILE B 14 6.68 4.25 -13.11
C ILE B 14 5.31 4.74 -12.64
N VAL B 15 4.70 5.57 -13.43
CA VAL B 15 3.36 6.10 -13.06
C VAL B 15 2.31 5.06 -13.41
N LYS B 16 2.63 4.18 -14.31
CA LYS B 16 1.67 3.09 -14.67
C LYS B 16 1.69 2.09 -13.53
N PHE B 17 2.85 1.78 -13.05
CA PHE B 17 2.97 0.85 -11.90
C PHE B 17 2.29 1.50 -10.69
N GLN B 18 2.33 2.81 -10.63
CA GLN B 18 1.67 3.50 -9.48
C GLN B 18 0.18 3.21 -9.46
N THR B 19 -0.46 3.34 -10.59
CA THR B 19 -1.93 3.05 -10.65
C THR B 19 -2.19 1.62 -10.16
N LYS B 20 -1.30 0.72 -10.46
CA LYS B 20 -1.48 -0.68 -9.99
C LYS B 20 -1.39 -0.70 -8.47
N VAL B 21 -0.59 0.16 -7.92
CA VAL B 21 -0.46 0.23 -6.44
C VAL B 21 -1.66 0.99 -5.87
N GLU B 22 -2.31 1.76 -6.70
CA GLU B 22 -3.49 2.53 -6.23
C GLU B 22 -4.69 1.58 -6.03
N GLU B 23 -4.95 0.75 -7.00
CA GLU B 23 -6.09 -0.19 -6.87
C GLU B 23 -5.76 -1.27 -5.83
N LEU B 24 -4.52 -1.66 -5.75
CA LEU B 24 -4.13 -2.70 -4.75
C LEU B 24 -4.30 -2.13 -3.34
N ILE B 25 -3.77 -0.96 -3.10
CA ILE B 25 -3.91 -0.33 -1.75
C ILE B 25 -5.39 -0.27 -1.37
N ASN B 26 -6.25 0.03 -2.32
CA ASN B 26 -7.70 0.10 -2.00
C ASN B 26 -8.18 -1.26 -1.52
N THR B 27 -7.73 -2.31 -2.15
CA THR B 27 -8.14 -3.68 -1.74
C THR B 27 -7.62 -3.96 -0.33
N LEU B 28 -6.49 -3.41 0.02
CA LEU B 28 -5.95 -3.64 1.39
C LEU B 28 -6.83 -2.93 2.41
N GLN B 29 -7.17 -1.70 2.14
CA GLN B 29 -8.04 -0.94 3.07
C GLN B 29 -9.44 -1.55 3.04
N GLN B 30 -9.70 -2.39 2.08
CA GLN B 30 -11.03 -3.04 2.00
C GLN B 30 -11.07 -4.25 2.93
N LYS B 31 -10.10 -5.11 2.81
CA LYS B 31 -10.06 -6.30 3.71
C LYS B 31 -9.82 -5.83 5.14
N LEU B 32 -9.36 -4.62 5.29
CA LEU B 32 -9.10 -4.08 6.66
C LEU B 32 -10.41 -3.57 7.26
N GLU B 33 -11.17 -2.81 6.51
CA GLU B 33 -12.46 -2.30 7.03
C GLU B 33 -13.44 -3.46 7.19
N ALA B 34 -13.17 -4.56 6.54
CA ALA B 34 -14.06 -5.74 6.66
C ALA B 34 -13.55 -6.58 7.83
N VAL B 35 -12.26 -6.58 8.01
CA VAL B 35 -11.67 -7.34 9.14
C VAL B 35 -12.15 -6.73 10.45
N ALA B 36 -12.24 -5.42 10.50
CA ALA B 36 -12.73 -4.76 11.74
C ALA B 36 -14.21 -5.08 11.92
N LYS B 37 -14.90 -5.31 10.83
CA LYS B 37 -16.35 -5.65 10.92
C LYS B 37 -16.49 -7.07 11.46
N ARG B 38 -15.59 -7.94 11.13
CA ARG B 38 -15.65 -9.33 11.63
C ARG B 38 -15.27 -9.33 13.10
N ILE B 39 -14.33 -8.49 13.46
CA ILE B 39 -13.90 -8.41 14.87
C ILE B 39 -15.12 -8.03 15.72
N GLU B 40 -15.88 -7.07 15.27
CA GLU B 40 -17.10 -6.68 16.03
C GLU B 40 -18.06 -7.87 16.03
N ALA B 41 -18.06 -8.63 14.97
CA ALA B 41 -18.95 -9.82 14.91
C ALA B 41 -18.62 -10.72 16.10
N LEU B 42 -17.37 -10.74 16.50
CA LEU B 42 -16.97 -11.57 17.66
C LEU B 42 -17.26 -10.80 18.94
N GLU B 43 -17.17 -9.49 18.89
CA GLU B 43 -17.45 -8.66 20.09
C GLU B 43 -18.94 -8.69 20.38
N ASN B 44 -19.72 -9.11 19.42
CA ASN B 44 -21.19 -9.19 19.61
C ASN B 44 -21.51 -10.42 20.45
N LYS B 45 -20.59 -11.35 20.49
CA LYS B 45 -20.81 -12.59 21.30
C LYS B 45 -19.83 -12.61 22.47
N ILE B 46 -18.81 -11.79 22.42
CA ILE B 46 -17.83 -11.76 23.53
C ILE B 46 -18.16 -10.59 24.46
N ILE B 47 -18.96 -9.67 23.99
CA ILE B 47 -19.34 -8.50 24.85
C ILE B 47 -19.78 -8.98 26.24
N GLY C 1 -3.31 35.43 -23.80
CA GLY C 1 -3.56 34.48 -22.67
C GLY C 1 -2.25 33.86 -22.22
N SER C 2 -1.66 34.36 -21.17
CA SER C 2 -0.37 33.79 -20.68
C SER C 2 -0.57 32.33 -20.25
N HIS C 3 0.32 31.46 -20.65
CA HIS C 3 0.18 30.03 -20.25
C HIS C 3 1.34 29.62 -19.34
N MET C 4 1.35 28.40 -18.89
CA MET C 4 2.45 27.95 -18.00
C MET C 4 3.17 26.72 -18.60
N GLU C 5 4.27 26.33 -18.02
CA GLU C 5 5.00 25.14 -18.55
C GLU C 5 4.28 23.85 -18.16
N GLU C 6 4.11 22.94 -19.07
CA GLU C 6 3.41 21.67 -18.74
C GLU C 6 4.43 20.58 -18.41
N ASP C 7 4.39 20.07 -17.21
CA ASP C 7 5.36 18.99 -16.82
C ASP C 7 5.51 17.98 -17.96
N PRO C 8 6.74 17.70 -18.30
CA PRO C 8 7.03 16.74 -19.39
C PRO C 8 6.77 15.29 -18.93
N CYS C 9 7.38 14.89 -17.85
CA CYS C 9 7.17 13.50 -17.37
C CYS C 9 6.83 13.49 -15.86
N GLU C 10 5.91 14.33 -15.45
CA GLU C 10 5.52 14.37 -14.01
C GLU C 10 6.76 14.22 -13.11
N CYS C 11 7.85 14.83 -13.47
CA CYS C 11 9.08 14.72 -12.64
C CYS C 11 8.74 14.89 -11.16
N LYS C 12 7.68 15.57 -10.86
CA LYS C 12 7.30 15.77 -9.43
C LYS C 12 5.87 15.27 -9.19
N SER C 13 5.15 14.95 -10.23
CA SER C 13 3.75 14.46 -10.06
C SER C 13 3.73 12.97 -9.71
N ILE C 14 4.72 12.25 -10.14
CA ILE C 14 4.78 10.79 -9.84
C ILE C 14 5.38 10.57 -8.45
N VAL C 15 6.33 11.38 -8.10
CA VAL C 15 6.97 11.24 -6.77
C VAL C 15 6.10 11.94 -5.74
N LYS C 16 5.27 12.85 -6.18
CA LYS C 16 4.35 13.53 -5.23
C LYS C 16 3.23 12.56 -4.90
N PHE C 17 2.79 11.85 -5.90
CA PHE C 17 1.73 10.83 -5.68
C PHE C 17 2.32 9.73 -4.80
N GLN C 18 3.60 9.50 -4.93
CA GLN C 18 4.26 8.45 -4.10
C GLN C 18 4.12 8.79 -2.62
N THR C 19 4.43 10.00 -2.26
CA THR C 19 4.31 10.40 -0.83
C THR C 19 2.87 10.16 -0.34
N LYS C 20 1.91 10.39 -1.20
CA LYS C 20 0.49 10.15 -0.79
C LYS C 20 0.31 8.66 -0.53
N VAL C 21 1.02 7.85 -1.25
CA VAL C 21 0.93 6.38 -1.05
C VAL C 21 1.75 6.00 0.18
N GLU C 22 2.67 6.84 0.56
CA GLU C 22 3.52 6.54 1.75
C GLU C 22 2.69 6.72 3.02
N GLU C 23 1.99 7.81 3.15
CA GLU C 23 1.17 8.04 4.36
C GLU C 23 -0.03 7.08 4.35
N LEU C 24 -0.58 6.83 3.20
CA LEU C 24 -1.75 5.89 3.13
C LEU C 24 -1.30 4.49 3.56
N ILE C 25 -0.20 4.04 3.03
CA ILE C 25 0.30 2.68 3.40
C ILE C 25 0.49 2.62 4.93
N ASN C 26 0.93 3.69 5.53
CA ASN C 26 1.13 3.67 7.01
C ASN C 26 -0.22 3.48 7.69
N THR C 27 -1.22 4.13 7.20
CA THR C 27 -2.58 3.98 7.81
C THR C 27 -3.06 2.54 7.65
N LEU C 28 -2.66 1.89 6.59
CA LEU C 28 -3.07 0.48 6.38
C LEU C 28 -2.37 -0.42 7.40
N GLN C 29 -1.09 -0.24 7.55
CA GLN C 29 -0.34 -1.05 8.54
C GLN C 29 -0.78 -0.66 9.95
N GLN C 30 -1.49 0.44 10.06
CA GLN C 30 -1.97 0.89 11.39
C GLN C 30 -3.25 0.15 11.73
N LYS C 31 -4.20 0.16 10.84
CA LYS C 31 -5.48 -0.57 11.11
C LYS C 31 -5.19 -2.07 11.15
N LEU C 32 -4.05 -2.47 10.63
CA LEU C 32 -3.68 -3.91 10.65
C LEU C 32 -3.10 -4.27 12.00
N GLU C 33 -2.17 -3.50 12.50
CA GLU C 33 -1.58 -3.80 13.83
C GLU C 33 -2.65 -3.63 14.92
N ALA C 34 -3.68 -2.90 14.61
CA ALA C 34 -4.77 -2.72 15.61
C ALA C 34 -5.77 -3.86 15.44
N VAL C 35 -5.93 -4.30 14.21
CA VAL C 35 -6.85 -5.42 13.95
C VAL C 35 -6.32 -6.66 14.67
N ALA C 36 -5.03 -6.84 14.67
CA ALA C 36 -4.45 -8.01 15.37
C ALA C 36 -4.64 -7.82 16.88
N LYS C 37 -4.65 -6.60 17.33
CA LYS C 37 -4.84 -6.33 18.78
C LYS C 37 -6.28 -6.65 19.17
N ARG C 38 -7.21 -6.42 18.28
CA ARG C 38 -8.63 -6.73 18.58
C ARG C 38 -8.82 -8.24 18.54
N ILE C 39 -8.14 -8.89 17.63
CA ILE C 39 -8.23 -10.37 17.54
C ILE C 39 -7.82 -10.96 18.88
N GLU C 40 -6.75 -10.47 19.45
CA GLU C 40 -6.30 -10.98 20.77
C GLU C 40 -7.38 -10.63 21.79
N ALA C 41 -8.02 -9.51 21.63
CA ALA C 41 -9.11 -9.12 22.57
C ALA C 41 -10.14 -10.22 22.59
N LEU C 42 -10.34 -10.88 21.48
CA LEU C 42 -11.32 -11.99 21.41
C LEU C 42 -10.65 -13.27 21.92
N GLU C 43 -9.37 -13.39 21.72
CA GLU C 43 -8.64 -14.60 22.20
C GLU C 43 -8.55 -14.56 23.72
N ASN C 44 -8.77 -13.41 24.28
CA ASN C 44 -8.71 -13.28 25.76
C ASN C 44 -9.98 -13.89 26.36
N LYS C 45 -11.01 -14.01 25.56
CA LYS C 45 -12.27 -14.60 26.05
C LYS C 45 -12.52 -15.95 25.38
N ILE C 46 -11.83 -16.20 24.30
CA ILE C 46 -12.01 -17.50 23.59
C ILE C 46 -10.90 -18.47 24.02
N ILE C 47 -9.84 -17.95 24.59
CA ILE C 47 -8.72 -18.83 25.03
C ILE C 47 -9.27 -20.02 25.81
N GLY A 1 23.91 8.74 2.22
CA GLY A 1 25.22 8.20 1.76
C GLY A 1 25.20 7.99 0.25
N SER A 2 25.67 8.94 -0.49
CA SER A 2 25.67 8.80 -1.98
C SER A 2 26.91 9.45 -2.59
N HIS A 3 27.27 9.09 -3.79
CA HIS A 3 28.47 9.69 -4.42
C HIS A 3 28.06 10.58 -5.61
N MET A 4 28.98 10.88 -6.48
CA MET A 4 28.65 11.73 -7.66
C MET A 4 27.87 10.92 -8.69
N GLU A 5 26.57 10.83 -8.55
CA GLU A 5 25.75 10.05 -9.52
C GLU A 5 24.67 10.93 -10.14
N GLU A 6 24.61 11.00 -11.44
CA GLU A 6 23.57 11.84 -12.10
C GLU A 6 22.21 11.62 -11.43
N ASP A 7 21.32 12.57 -11.54
CA ASP A 7 19.98 12.42 -10.92
C ASP A 7 19.13 13.67 -11.17
N PRO A 8 18.73 13.83 -12.40
CA PRO A 8 17.90 15.00 -12.79
C PRO A 8 16.48 14.84 -12.26
N CYS A 9 15.83 13.74 -12.57
CA CYS A 9 14.43 13.55 -12.08
C CYS A 9 14.29 12.16 -11.43
N GLU A 10 15.20 11.81 -10.56
CA GLU A 10 15.12 10.49 -9.88
C GLU A 10 14.65 9.40 -10.85
N CYS A 11 15.13 9.43 -12.07
CA CYS A 11 14.72 8.39 -13.06
C CYS A 11 14.75 7.00 -12.42
N LYS A 12 15.58 6.81 -11.44
CA LYS A 12 15.66 5.47 -10.78
C LYS A 12 15.38 5.60 -9.28
N SER A 13 15.29 6.80 -8.77
CA SER A 13 15.02 7.00 -7.32
C SER A 13 13.51 6.90 -7.04
N ILE A 14 12.70 7.23 -8.01
CA ILE A 14 11.23 7.15 -7.83
C ILE A 14 10.75 5.73 -8.08
N VAL A 15 11.36 5.07 -9.01
CA VAL A 15 10.98 3.67 -9.32
C VAL A 15 11.69 2.77 -8.33
N LYS A 16 12.75 3.26 -7.75
CA LYS A 16 13.48 2.46 -6.74
C LYS A 16 12.62 2.43 -5.48
N PHE A 17 12.06 3.55 -5.13
CA PHE A 17 11.18 3.60 -3.94
C PHE A 17 9.92 2.78 -4.26
N GLN A 18 9.52 2.76 -5.51
CA GLN A 18 8.32 1.99 -5.90
C GLN A 18 8.49 0.52 -5.49
N THR A 19 9.61 -0.05 -5.82
CA THR A 19 9.85 -1.49 -5.45
C THR A 19 9.74 -1.65 -3.93
N LYS A 20 10.13 -0.66 -3.18
CA LYS A 20 10.02 -0.75 -1.71
C LYS A 20 8.54 -0.79 -1.32
N VAL A 21 7.73 -0.14 -2.11
CA VAL A 21 6.27 -0.13 -1.85
C VAL A 21 5.67 -1.44 -2.38
N GLU A 22 6.37 -2.11 -3.25
CA GLU A 22 5.86 -3.38 -3.80
C GLU A 22 5.94 -4.46 -2.73
N GLU A 23 7.07 -4.57 -2.06
CA GLU A 23 7.21 -5.60 -0.99
C GLU A 23 6.39 -5.19 0.23
N LEU A 24 6.31 -3.92 0.50
CA LEU A 24 5.51 -3.45 1.68
C LEU A 24 4.03 -3.77 1.46
N ILE A 25 3.52 -3.45 0.30
CA ILE A 25 2.08 -3.73 0.03
C ILE A 25 1.83 -5.24 0.11
N ASN A 26 2.77 -6.04 -0.32
CA ASN A 26 2.59 -7.52 -0.23
C ASN A 26 2.52 -7.94 1.24
N THR A 27 3.34 -7.34 2.06
CA THR A 27 3.33 -7.68 3.50
C THR A 27 2.01 -7.23 4.14
N LEU A 28 1.45 -6.15 3.64
CA LEU A 28 0.16 -5.67 4.21
C LEU A 28 -0.95 -6.64 3.83
N GLN A 29 -0.97 -7.08 2.60
CA GLN A 29 -1.99 -8.06 2.17
C GLN A 29 -1.72 -9.40 2.86
N GLN A 30 -0.54 -9.56 3.38
CA GLN A 30 -0.19 -10.82 4.09
C GLN A 30 -0.81 -10.79 5.48
N LYS A 31 -0.55 -9.76 6.23
CA LYS A 31 -1.14 -9.65 7.59
C LYS A 31 -2.66 -9.53 7.45
N LEU A 32 -3.12 -9.15 6.29
CA LEU A 32 -4.59 -9.04 6.07
C LEU A 32 -5.18 -10.42 5.87
N GLU A 33 -4.60 -11.21 5.00
CA GLU A 33 -5.12 -12.58 4.77
C GLU A 33 -4.87 -13.43 6.01
N ALA A 34 -4.04 -12.96 6.91
CA ALA A 34 -3.77 -13.70 8.15
C ALA A 34 -4.76 -13.23 9.21
N VAL A 35 -5.09 -11.97 9.16
CA VAL A 35 -6.08 -11.42 10.11
C VAL A 35 -7.42 -12.11 9.88
N ALA A 36 -7.77 -12.34 8.64
CA ALA A 36 -9.05 -13.02 8.35
C ALA A 36 -8.98 -14.46 8.87
N LYS A 37 -7.80 -15.02 8.91
CA LYS A 37 -7.65 -16.41 9.42
C LYS A 37 -7.79 -16.40 10.95
N ARG A 38 -7.42 -15.32 11.58
CA ARG A 38 -7.56 -15.23 13.05
C ARG A 38 -9.03 -15.02 13.40
N ILE A 39 -9.72 -14.23 12.61
CA ILE A 39 -11.17 -14.01 12.85
C ILE A 39 -11.87 -15.36 12.83
N GLU A 40 -11.55 -16.17 11.86
CA GLU A 40 -12.17 -17.52 11.80
C GLU A 40 -11.77 -18.30 13.05
N ALA A 41 -10.56 -18.09 13.51
CA ALA A 41 -10.11 -18.79 14.73
C ALA A 41 -11.11 -18.51 15.85
N LEU A 42 -11.67 -17.33 15.86
CA LEU A 42 -12.68 -16.97 16.89
C LEU A 42 -14.03 -17.52 16.47
N GLU A 43 -14.27 -17.61 15.20
CA GLU A 43 -15.57 -18.16 14.71
C GLU A 43 -15.62 -19.66 14.96
N ASN A 44 -14.49 -20.26 15.22
CA ASN A 44 -14.46 -21.72 15.50
C ASN A 44 -15.01 -21.98 16.89
N LYS A 45 -14.92 -20.99 17.76
CA LYS A 45 -15.45 -21.16 19.13
C LYS A 45 -16.67 -20.25 19.33
N ILE A 46 -16.91 -19.34 18.42
CA ILE A 46 -18.09 -18.44 18.55
C ILE A 46 -19.23 -19.00 17.68
N ILE A 47 -18.92 -19.87 16.76
CA ILE A 47 -19.99 -20.45 15.89
C ILE A 47 -20.69 -21.60 16.61
N GLY B 1 5.93 -8.47 -23.39
CA GLY B 1 5.25 -8.32 -24.72
C GLY B 1 5.13 -6.84 -25.07
N SER B 2 6.15 -6.27 -25.66
CA SER B 2 6.09 -4.83 -26.02
C SER B 2 6.69 -4.61 -27.42
N HIS B 3 6.38 -3.50 -28.04
CA HIS B 3 6.93 -3.23 -29.40
C HIS B 3 7.98 -2.12 -29.34
N MET B 4 8.28 -1.50 -30.45
CA MET B 4 9.28 -0.41 -30.46
C MET B 4 8.67 0.87 -29.89
N GLU B 5 8.70 1.03 -28.59
CA GLU B 5 8.12 2.26 -27.97
C GLU B 5 9.17 3.01 -27.16
N GLU B 6 9.31 4.28 -27.37
CA GLU B 6 10.32 5.07 -26.61
C GLU B 6 10.19 4.76 -25.11
N ASP B 7 11.24 4.97 -24.36
CA ASP B 7 11.18 4.70 -22.90
C ASP B 7 12.52 5.00 -22.24
N PRO B 8 12.84 6.26 -22.17
CA PRO B 8 14.11 6.70 -21.54
C PRO B 8 14.06 6.52 -20.02
N CYS B 9 13.06 7.06 -19.38
CA CYS B 9 12.97 6.92 -17.90
C CYS B 9 11.57 6.47 -17.48
N GLU B 10 11.03 5.48 -18.16
CA GLU B 10 9.67 4.98 -17.79
C GLU B 10 8.74 6.16 -17.48
N CYS B 11 8.82 7.22 -18.24
CA CYS B 11 7.94 8.39 -17.97
C CYS B 11 6.49 7.93 -17.73
N LYS B 12 6.12 6.81 -18.30
CA LYS B 12 4.73 6.31 -18.10
C LYS B 12 4.76 4.92 -17.47
N SER B 13 5.91 4.31 -17.40
CA SER B 13 6.00 2.94 -16.80
C SER B 13 6.03 3.03 -15.27
N ILE B 14 6.54 4.10 -14.75
CA ILE B 14 6.61 4.26 -13.26
C ILE B 14 5.27 4.78 -12.74
N VAL B 15 4.63 5.62 -13.49
CA VAL B 15 3.32 6.16 -13.05
C VAL B 15 2.24 5.14 -13.44
N LYS B 16 2.57 4.29 -14.38
CA LYS B 16 1.61 3.23 -14.79
C LYS B 16 1.56 2.20 -13.67
N PHE B 17 2.70 1.86 -13.14
CA PHE B 17 2.71 0.89 -12.02
C PHE B 17 2.08 1.57 -10.81
N GLN B 18 2.23 2.87 -10.71
CA GLN B 18 1.64 3.61 -9.56
C GLN B 18 0.13 3.36 -9.50
N THR B 19 -0.54 3.47 -10.62
CA THR B 19 -2.01 3.24 -10.64
C THR B 19 -2.30 1.80 -10.16
N LYS B 20 -1.43 0.88 -10.46
CA LYS B 20 -1.66 -0.52 -10.00
C LYS B 20 -1.57 -0.54 -8.47
N VAL B 21 -0.77 0.33 -7.93
CA VAL B 21 -0.63 0.41 -6.45
C VAL B 21 -1.80 1.22 -5.89
N GLU B 22 -2.47 1.95 -6.73
CA GLU B 22 -3.62 2.76 -6.25
C GLU B 22 -4.82 1.84 -6.00
N GLU B 23 -5.11 0.95 -6.92
CA GLU B 23 -6.24 0.02 -6.73
C GLU B 23 -5.87 -1.03 -5.68
N LEU B 24 -4.63 -1.42 -5.64
CA LEU B 24 -4.19 -2.45 -4.65
C LEU B 24 -4.29 -1.86 -3.23
N ILE B 25 -3.80 -0.67 -3.03
CA ILE B 25 -3.88 -0.05 -1.68
C ILE B 25 -5.36 0.08 -1.28
N ASN B 26 -6.21 0.38 -2.21
CA ASN B 26 -7.66 0.50 -1.89
C ASN B 26 -8.20 -0.86 -1.43
N THR B 27 -7.81 -1.90 -2.11
CA THR B 27 -8.28 -3.26 -1.74
C THR B 27 -7.75 -3.63 -0.35
N LEU B 28 -6.59 -3.14 0.00
CA LEU B 28 -6.04 -3.46 1.34
C LEU B 28 -6.85 -2.74 2.41
N GLN B 29 -7.16 -1.48 2.18
CA GLN B 29 -7.98 -0.73 3.16
C GLN B 29 -9.40 -1.31 3.17
N GLN B 30 -9.72 -2.07 2.15
CA GLN B 30 -11.07 -2.70 2.09
C GLN B 30 -11.10 -3.91 3.02
N LYS B 31 -10.15 -4.80 2.86
CA LYS B 31 -10.10 -5.99 3.75
C LYS B 31 -9.81 -5.53 5.18
N LEU B 32 -9.30 -4.33 5.33
CA LEU B 32 -9.00 -3.81 6.69
C LEU B 32 -10.30 -3.32 7.33
N GLU B 33 -11.08 -2.56 6.61
CA GLU B 33 -12.37 -2.06 7.18
C GLU B 33 -13.35 -3.23 7.29
N ALA B 34 -13.04 -4.32 6.66
CA ALA B 34 -13.93 -5.52 6.74
C ALA B 34 -13.45 -6.37 7.91
N VAL B 35 -12.17 -6.39 8.10
CA VAL B 35 -11.59 -7.15 9.24
C VAL B 35 -12.10 -6.56 10.54
N ALA B 36 -12.16 -5.25 10.61
CA ALA B 36 -12.67 -4.60 11.85
C ALA B 36 -14.15 -4.96 12.03
N LYS B 37 -14.83 -5.20 10.95
CA LYS B 37 -16.27 -5.57 11.03
C LYS B 37 -16.39 -7.02 11.53
N ARG B 38 -15.44 -7.85 11.19
CA ARG B 38 -15.48 -9.26 11.66
C ARG B 38 -15.15 -9.29 13.15
N ILE B 39 -14.23 -8.45 13.56
CA ILE B 39 -13.87 -8.39 15.00
C ILE B 39 -15.12 -8.04 15.80
N GLU B 40 -15.87 -7.09 15.33
CA GLU B 40 -17.12 -6.72 16.03
C GLU B 40 -18.06 -7.90 16.00
N ALA B 41 -18.04 -8.65 14.92
CA ALA B 41 -18.92 -9.85 14.84
C ALA B 41 -18.63 -10.73 16.04
N LEU B 42 -17.40 -10.77 16.46
CA LEU B 42 -17.02 -11.58 17.64
C LEU B 42 -17.38 -10.82 18.91
N GLU B 43 -17.33 -9.51 18.86
CA GLU B 43 -17.68 -8.71 20.07
C GLU B 43 -19.18 -8.78 20.30
N ASN B 44 -19.92 -9.22 19.32
CA ASN B 44 -21.39 -9.33 19.48
C ASN B 44 -21.71 -10.54 20.35
N LYS B 45 -20.81 -11.48 20.38
CA LYS B 45 -21.03 -12.70 21.21
C LYS B 45 -20.03 -12.73 22.36
N ILE B 46 -19.03 -11.89 22.32
CA ILE B 46 -18.03 -11.86 23.42
C ILE B 46 -18.37 -10.72 24.38
N ILE B 47 -19.18 -9.79 23.94
CA ILE B 47 -19.56 -8.66 24.83
C ILE B 47 -20.74 -9.06 25.73
N GLY C 1 -6.72 22.32 -10.53
CA GLY C 1 -6.42 23.74 -10.19
C GLY C 1 -4.91 23.99 -10.23
N SER C 2 -4.36 24.11 -11.39
CA SER C 2 -2.89 24.36 -11.50
C SER C 2 -2.62 25.57 -12.40
N HIS C 3 -1.43 26.08 -12.38
CA HIS C 3 -1.10 27.26 -13.22
C HIS C 3 -0.10 26.87 -14.32
N MET C 4 0.60 27.82 -14.88
CA MET C 4 1.59 27.51 -15.94
C MET C 4 2.87 26.94 -15.33
N GLU C 5 2.88 25.66 -15.04
CA GLU C 5 4.09 25.04 -14.43
C GLU C 5 4.64 23.93 -15.34
N GLU C 6 5.91 23.96 -15.64
CA GLU C 6 6.48 22.90 -16.52
C GLU C 6 6.06 21.52 -16.02
N ASP C 7 6.07 20.54 -16.86
CA ASP C 7 5.67 19.16 -16.44
C ASP C 7 5.76 18.20 -17.62
N PRO C 8 6.98 17.88 -17.98
CA PRO C 8 7.23 16.96 -19.10
C PRO C 8 6.90 15.51 -18.70
N CYS C 9 7.50 15.03 -17.65
CA CYS C 9 7.22 13.63 -17.20
C CYS C 9 6.87 13.61 -15.70
N GLU C 10 6.03 14.50 -15.27
CA GLU C 10 5.64 14.53 -13.83
C GLU C 10 6.86 14.30 -12.94
N CYS C 11 7.98 14.86 -13.30
CA CYS C 11 9.22 14.68 -12.48
C CYS C 11 8.89 14.81 -10.99
N LYS C 12 7.88 15.56 -10.66
CA LYS C 12 7.52 15.73 -9.22
C LYS C 12 6.07 15.29 -8.98
N SER C 13 5.33 15.03 -10.03
CA SER C 13 3.91 14.60 -9.85
C SER C 13 3.83 13.10 -9.54
N ILE C 14 4.78 12.35 -10.01
CA ILE C 14 4.78 10.87 -9.75
C ILE C 14 5.37 10.60 -8.37
N VAL C 15 6.36 11.36 -8.00
CA VAL C 15 6.99 11.17 -6.66
C VAL C 15 6.15 11.92 -5.63
N LYS C 16 5.37 12.85 -6.09
CA LYS C 16 4.47 13.60 -5.17
C LYS C 16 3.36 12.64 -4.77
N PHE C 17 2.84 11.92 -5.73
CA PHE C 17 1.78 10.93 -5.41
C PHE C 17 2.40 9.81 -4.57
N GLN C 18 3.66 9.54 -4.80
CA GLN C 18 4.33 8.46 -4.01
C GLN C 18 4.23 8.77 -2.52
N THR C 19 4.53 9.98 -2.15
CA THR C 19 4.44 10.37 -0.71
C THR C 19 3.01 10.15 -0.20
N LYS C 20 2.04 10.32 -1.05
CA LYS C 20 0.63 10.10 -0.61
C LYS C 20 0.44 8.60 -0.35
N VAL C 21 1.17 7.79 -1.06
CA VAL C 21 1.08 6.32 -0.85
C VAL C 21 1.94 5.95 0.35
N GLU C 22 2.83 6.82 0.74
CA GLU C 22 3.69 6.53 1.91
C GLU C 22 2.87 6.65 3.20
N GLU C 23 2.11 7.70 3.31
CA GLU C 23 1.27 7.88 4.53
C GLU C 23 0.09 6.90 4.49
N LEU C 24 -0.44 6.64 3.32
CA LEU C 24 -1.58 5.68 3.23
C LEU C 24 -1.11 4.28 3.63
N ILE C 25 0.01 3.85 3.12
CA ILE C 25 0.52 2.50 3.48
C ILE C 25 0.77 2.42 4.99
N ASN C 26 1.23 3.50 5.58
CA ASN C 26 1.48 3.48 7.06
C ASN C 26 0.14 3.32 7.78
N THR C 27 -0.87 3.99 7.31
CA THR C 27 -2.22 3.89 7.94
C THR C 27 -2.76 2.47 7.76
N LEU C 28 -2.41 1.82 6.68
CA LEU C 28 -2.90 0.44 6.45
C LEU C 28 -2.21 -0.50 7.44
N GLN C 29 -0.93 -0.35 7.60
CA GLN C 29 -0.20 -1.20 8.56
C GLN C 29 -0.62 -0.83 9.98
N GLN C 30 -1.24 0.31 10.13
CA GLN C 30 -1.70 0.75 11.46
C GLN C 30 -2.98 0.00 11.82
N LYS C 31 -3.95 0.05 10.94
CA LYS C 31 -5.22 -0.67 11.20
C LYS C 31 -4.94 -2.18 11.22
N LEU C 32 -3.84 -2.59 10.65
CA LEU C 32 -3.48 -4.03 10.62
C LEU C 32 -2.93 -4.43 11.99
N GLU C 33 -2.02 -3.64 12.53
CA GLU C 33 -1.45 -3.97 13.86
C GLU C 33 -2.52 -3.74 14.93
N ALA C 34 -3.57 -3.05 14.58
CA ALA C 34 -4.66 -2.79 15.56
C ALA C 34 -5.67 -3.92 15.42
N VAL C 35 -5.82 -4.41 14.22
CA VAL C 35 -6.74 -5.55 14.00
C VAL C 35 -6.23 -6.76 14.76
N ALA C 36 -4.94 -6.98 14.73
CA ALA C 36 -4.37 -8.13 15.47
C ALA C 36 -4.60 -7.93 16.96
N LYS C 37 -4.65 -6.70 17.40
CA LYS C 37 -4.88 -6.42 18.84
C LYS C 37 -6.34 -6.72 19.18
N ARG C 38 -7.23 -6.51 18.24
CA ARG C 38 -8.66 -6.80 18.49
C ARG C 38 -8.87 -8.31 18.51
N ILE C 39 -8.18 -9.01 17.65
CA ILE C 39 -8.30 -10.50 17.63
C ILE C 39 -7.92 -11.02 19.01
N GLU C 40 -6.83 -10.52 19.55
CA GLU C 40 -6.42 -10.95 20.91
C GLU C 40 -7.52 -10.57 21.89
N ALA C 41 -8.12 -9.44 21.70
CA ALA C 41 -9.22 -9.02 22.62
C ALA C 41 -10.25 -10.15 22.66
N LEU C 42 -10.44 -10.82 21.56
CA LEU C 42 -11.41 -11.94 21.54
C LEU C 42 -10.75 -13.18 22.15
N GLU C 43 -9.46 -13.31 21.95
CA GLU C 43 -8.74 -14.48 22.51
C GLU C 43 -8.66 -14.36 24.02
N ASN C 44 -8.94 -13.19 24.54
CA ASN C 44 -8.91 -13.01 26.01
C ASN C 44 -10.15 -13.64 26.61
N LYS C 45 -11.19 -13.75 25.84
CA LYS C 45 -12.45 -14.36 26.35
C LYS C 45 -12.68 -15.71 25.66
N ILE C 46 -11.92 -15.99 24.63
CA ILE C 46 -12.09 -17.28 23.92
C ILE C 46 -11.02 -18.26 24.39
N ILE C 47 -9.99 -17.76 25.02
CA ILE C 47 -8.92 -18.66 25.52
C ILE C 47 -9.28 -19.20 26.91
N GLY A 1 20.85 27.64 -7.29
CA GLY A 1 20.43 26.21 -7.34
C GLY A 1 21.30 25.46 -8.36
N SER A 2 22.57 25.74 -8.39
CA SER A 2 23.47 25.05 -9.36
C SER A 2 23.33 23.52 -9.20
N HIS A 3 22.50 22.91 -9.98
CA HIS A 3 22.32 21.44 -9.88
C HIS A 3 23.43 20.71 -10.64
N MET A 4 23.55 19.43 -10.46
CA MET A 4 24.61 18.67 -11.18
C MET A 4 23.98 17.75 -12.23
N GLU A 5 24.74 16.87 -12.81
CA GLU A 5 24.17 15.95 -13.84
C GLU A 5 24.09 14.52 -13.29
N GLU A 6 23.61 14.36 -12.10
CA GLU A 6 23.49 12.99 -11.52
C GLU A 6 22.06 12.74 -11.04
N ASP A 7 21.37 11.83 -11.68
CA ASP A 7 19.96 11.54 -11.27
C ASP A 7 19.20 12.84 -10.99
N PRO A 8 18.82 13.49 -12.04
CA PRO A 8 18.08 14.77 -11.91
C PRO A 8 16.62 14.50 -11.51
N CYS A 9 15.86 13.85 -12.36
CA CYS A 9 14.44 13.56 -12.01
C CYS A 9 14.32 12.19 -11.36
N GLU A 10 15.31 11.79 -10.60
CA GLU A 10 15.24 10.46 -9.93
C GLU A 10 14.71 9.41 -10.91
N CYS A 11 15.14 9.44 -12.14
CA CYS A 11 14.64 8.45 -13.11
C CYS A 11 14.60 7.05 -12.49
N LYS A 12 15.49 6.78 -11.58
CA LYS A 12 15.50 5.43 -10.94
C LYS A 12 15.33 5.57 -9.43
N SER A 13 15.42 6.76 -8.91
CA SER A 13 15.25 6.95 -7.44
C SER A 13 13.77 6.90 -7.06
N ILE A 14 12.91 7.26 -7.97
CA ILE A 14 11.45 7.25 -7.69
C ILE A 14 10.91 5.84 -7.88
N VAL A 15 11.42 5.15 -8.85
CA VAL A 15 10.97 3.77 -9.10
C VAL A 15 11.68 2.86 -8.10
N LYS A 16 12.75 3.34 -7.54
CA LYS A 16 13.46 2.55 -6.52
C LYS A 16 12.63 2.62 -5.25
N PHE A 17 12.09 3.78 -4.96
CA PHE A 17 11.22 3.91 -3.77
C PHE A 17 9.99 3.03 -4.00
N GLN A 18 9.60 2.87 -5.23
CA GLN A 18 8.42 2.01 -5.54
C GLN A 18 8.70 0.57 -5.12
N THR A 19 9.88 0.08 -5.41
CA THR A 19 10.22 -1.32 -5.02
C THR A 19 9.97 -1.50 -3.53
N LYS A 20 10.21 -0.47 -2.76
CA LYS A 20 9.96 -0.57 -1.29
C LYS A 20 8.46 -0.67 -1.05
N VAL A 21 7.71 0.06 -1.81
CA VAL A 21 6.23 0.02 -1.68
C VAL A 21 5.72 -1.30 -2.25
N GLU A 22 6.53 -1.97 -3.01
CA GLU A 22 6.11 -3.28 -3.60
C GLU A 22 6.18 -4.36 -2.52
N GLU A 23 7.26 -4.41 -1.80
CA GLU A 23 7.39 -5.43 -0.71
C GLU A 23 6.54 -5.03 0.49
N LEU A 24 6.31 -3.75 0.65
CA LEU A 24 5.48 -3.30 1.80
C LEU A 24 4.01 -3.60 1.51
N ILE A 25 3.55 -3.31 0.32
CA ILE A 25 2.13 -3.61 -0.01
C ILE A 25 1.90 -5.12 0.11
N ASN A 26 2.86 -5.92 -0.27
CA ASN A 26 2.67 -7.40 -0.16
C ASN A 26 2.51 -7.76 1.32
N THR A 27 3.39 -7.26 2.14
CA THR A 27 3.32 -7.54 3.60
C THR A 27 1.98 -7.08 4.16
N LEU A 28 1.40 -6.06 3.59
CA LEU A 28 0.09 -5.56 4.10
C LEU A 28 -1.02 -6.54 3.70
N GLN A 29 -1.01 -6.97 2.47
CA GLN A 29 -2.03 -7.95 2.03
C GLN A 29 -1.75 -9.31 2.68
N GLN A 30 -0.61 -9.43 3.30
CA GLN A 30 -0.26 -10.71 3.98
C GLN A 30 -0.84 -10.71 5.39
N LYS A 31 -0.59 -9.66 6.12
CA LYS A 31 -1.15 -9.57 7.50
C LYS A 31 -2.66 -9.39 7.40
N LEU A 32 -3.13 -9.03 6.24
CA LEU A 32 -4.60 -8.85 6.05
C LEU A 32 -5.25 -10.21 5.76
N GLU A 33 -4.70 -10.96 4.86
CA GLU A 33 -5.30 -12.29 4.55
C GLU A 33 -5.09 -13.23 5.74
N ALA A 34 -4.19 -12.88 6.62
CA ALA A 34 -3.96 -13.71 7.83
C ALA A 34 -4.91 -13.22 8.91
N VAL A 35 -5.12 -11.94 8.96
CA VAL A 35 -6.06 -11.36 9.97
C VAL A 35 -7.44 -11.97 9.71
N ALA A 36 -7.80 -12.12 8.46
CA ALA A 36 -9.12 -12.71 8.13
C ALA A 36 -9.14 -14.16 8.60
N LYS A 37 -8.00 -14.81 8.60
CA LYS A 37 -7.97 -16.23 9.05
C LYS A 37 -8.13 -16.29 10.58
N ARG A 38 -7.65 -15.28 11.26
CA ARG A 38 -7.79 -15.26 12.74
C ARG A 38 -9.24 -14.93 13.10
N ILE A 39 -9.86 -14.06 12.36
CA ILE A 39 -11.27 -13.72 12.63
C ILE A 39 -12.11 -14.99 12.51
N GLU A 40 -11.86 -15.77 11.50
CA GLU A 40 -12.61 -17.04 11.34
C GLU A 40 -12.30 -17.93 12.55
N ALA A 41 -11.10 -17.87 13.03
CA ALA A 41 -10.74 -18.69 14.21
C ALA A 41 -11.67 -18.34 15.37
N LEU A 42 -12.02 -17.09 15.48
CA LEU A 42 -12.96 -16.67 16.56
C LEU A 42 -14.39 -17.01 16.14
N GLU A 43 -14.63 -17.08 14.85
CA GLU A 43 -16.01 -17.43 14.38
C GLU A 43 -16.28 -18.90 14.65
N ASN A 44 -15.24 -19.65 14.90
CA ASN A 44 -15.42 -21.10 15.18
C ASN A 44 -16.00 -21.26 16.59
N LYS A 45 -15.82 -20.28 17.43
CA LYS A 45 -16.36 -20.35 18.82
C LYS A 45 -17.39 -19.24 19.02
N ILE A 46 -17.50 -18.33 18.09
CA ILE A 46 -18.49 -17.23 18.23
C ILE A 46 -19.70 -17.54 17.36
N ILE A 47 -19.53 -18.38 16.38
CA ILE A 47 -20.69 -18.73 15.50
C ILE A 47 -21.85 -19.26 16.33
N GLY B 1 25.98 -0.59 -24.01
CA GLY B 1 24.57 -0.41 -23.58
C GLY B 1 23.85 0.49 -24.57
N SER B 2 23.88 0.16 -25.83
CA SER B 2 23.18 1.01 -26.85
C SER B 2 21.68 1.07 -26.56
N HIS B 3 21.25 2.04 -25.81
CA HIS B 3 19.79 2.16 -25.50
C HIS B 3 19.04 2.74 -26.71
N MET B 4 17.73 2.69 -26.69
CA MET B 4 16.95 3.24 -27.83
C MET B 4 16.19 4.49 -27.39
N GLU B 5 15.31 4.97 -28.24
CA GLU B 5 14.52 6.20 -27.88
C GLU B 5 13.07 5.82 -27.57
N GLU B 6 12.86 4.79 -26.81
CA GLU B 6 11.46 4.38 -26.48
C GLU B 6 11.28 4.27 -24.96
N ASP B 7 10.58 5.21 -24.37
CA ASP B 7 10.37 5.16 -22.90
C ASP B 7 11.71 4.90 -22.18
N PRO B 8 12.49 5.93 -22.09
CA PRO B 8 13.82 5.82 -21.43
C PRO B 8 13.66 5.79 -19.90
N CYS B 9 13.16 6.85 -19.32
CA CYS B 9 12.99 6.88 -17.85
C CYS B 9 11.57 6.43 -17.48
N GLU B 10 11.02 5.51 -18.21
CA GLU B 10 9.64 5.02 -17.91
C GLU B 10 8.74 6.19 -17.51
N CYS B 11 8.84 7.29 -18.22
CA CYS B 11 7.99 8.47 -17.88
C CYS B 11 6.55 8.03 -17.59
N LYS B 12 6.11 6.97 -18.22
CA LYS B 12 4.72 6.50 -17.97
C LYS B 12 4.72 5.06 -17.45
N SER B 13 5.86 4.41 -17.51
CA SER B 13 5.94 3.00 -17.02
C SER B 13 6.01 2.98 -15.49
N ILE B 14 6.54 4.01 -14.90
CA ILE B 14 6.66 4.08 -13.42
C ILE B 14 5.32 4.53 -12.83
N VAL B 15 4.68 5.45 -13.51
CA VAL B 15 3.37 5.94 -13.02
C VAL B 15 2.31 4.92 -13.40
N LYS B 16 2.62 4.09 -14.35
CA LYS B 16 1.68 3.01 -14.75
C LYS B 16 1.70 1.97 -13.64
N PHE B 17 2.88 1.68 -13.16
CA PHE B 17 3.00 0.70 -12.04
C PHE B 17 2.27 1.30 -10.83
N GLN B 18 2.28 2.59 -10.72
CA GLN B 18 1.59 3.25 -9.58
C GLN B 18 0.09 2.95 -9.63
N THR B 19 -0.49 2.99 -10.80
CA THR B 19 -1.94 2.69 -10.91
C THR B 19 -2.22 1.32 -10.29
N LYS B 20 -1.28 0.41 -10.44
CA LYS B 20 -1.49 -0.95 -9.84
C LYS B 20 -1.45 -0.83 -8.33
N VAL B 21 -0.59 0.02 -7.84
CA VAL B 21 -0.51 0.24 -6.37
C VAL B 21 -1.72 1.05 -5.90
N GLU B 22 -2.39 1.68 -6.82
CA GLU B 22 -3.59 2.48 -6.45
C GLU B 22 -4.77 1.55 -6.18
N GLU B 23 -5.00 0.61 -7.06
CA GLU B 23 -6.12 -0.35 -6.84
C GLU B 23 -5.73 -1.37 -5.77
N LEU B 24 -4.47 -1.62 -5.61
CA LEU B 24 -4.02 -2.58 -4.57
C LEU B 24 -4.15 -1.95 -3.19
N ILE B 25 -3.74 -0.72 -3.05
CA ILE B 25 -3.86 -0.05 -1.73
C ILE B 25 -5.33 0.05 -1.34
N ASN B 26 -6.19 0.29 -2.30
CA ASN B 26 -7.65 0.37 -1.96
C ASN B 26 -8.12 -0.99 -1.44
N THR B 27 -7.78 -2.03 -2.13
CA THR B 27 -8.18 -3.40 -1.69
C THR B 27 -7.63 -3.68 -0.29
N LEU B 28 -6.51 -3.09 0.05
CA LEU B 28 -5.93 -3.33 1.40
C LEU B 28 -6.76 -2.58 2.45
N GLN B 29 -7.09 -1.35 2.16
CA GLN B 29 -7.91 -0.56 3.12
C GLN B 29 -9.34 -1.10 3.11
N GLN B 30 -9.64 -1.95 2.17
CA GLN B 30 -11.00 -2.54 2.09
C GLN B 30 -11.06 -3.77 3.00
N LYS B 31 -10.12 -4.66 2.85
CA LYS B 31 -10.10 -5.87 3.71
C LYS B 31 -9.78 -5.46 5.14
N LEU B 32 -9.23 -4.28 5.30
CA LEU B 32 -8.89 -3.79 6.66
C LEU B 32 -10.14 -3.22 7.33
N GLU B 33 -10.87 -2.39 6.62
CA GLU B 33 -12.11 -1.80 7.20
C GLU B 33 -13.16 -2.91 7.37
N ALA B 34 -12.98 -4.00 6.68
CA ALA B 34 -13.95 -5.12 6.80
C ALA B 34 -13.47 -6.03 7.94
N VAL B 35 -12.17 -6.17 8.05
CA VAL B 35 -11.61 -6.99 9.15
C VAL B 35 -12.01 -6.37 10.48
N ALA B 36 -12.03 -5.06 10.55
CA ALA B 36 -12.43 -4.38 11.81
C ALA B 36 -13.91 -4.65 12.07
N LYS B 37 -14.68 -4.83 11.01
CA LYS B 37 -16.13 -5.11 11.20
C LYS B 37 -16.31 -6.54 11.72
N ARG B 38 -15.44 -7.43 11.32
CA ARG B 38 -15.54 -8.83 11.79
C ARG B 38 -15.12 -8.89 13.26
N ILE B 39 -14.10 -8.15 13.61
CA ILE B 39 -13.64 -8.13 15.03
C ILE B 39 -14.81 -7.69 15.91
N GLU B 40 -15.52 -6.67 15.48
CA GLU B 40 -16.69 -6.20 16.27
C GLU B 40 -17.72 -7.32 16.32
N ALA B 41 -17.81 -8.08 15.26
CA ALA B 41 -18.78 -9.21 15.25
C ALA B 41 -18.44 -10.16 16.40
N LEU B 42 -17.16 -10.32 16.67
CA LEU B 42 -16.76 -11.21 17.80
C LEU B 42 -16.92 -10.44 19.12
N GLU B 43 -16.84 -9.14 19.06
CA GLU B 43 -17.00 -8.34 20.31
C GLU B 43 -18.46 -8.38 20.75
N ASN B 44 -19.32 -8.77 19.86
CA ASN B 44 -20.77 -8.85 20.23
C ASN B 44 -20.98 -10.08 21.12
N LYS B 45 -20.08 -11.03 21.05
CA LYS B 45 -20.22 -12.25 21.90
C LYS B 45 -19.04 -12.34 22.87
N ILE B 46 -18.05 -11.50 22.69
CA ILE B 46 -16.88 -11.54 23.60
C ILE B 46 -16.98 -10.39 24.60
N ILE B 47 -17.74 -9.38 24.27
CA ILE B 47 -17.88 -8.22 25.19
C ILE B 47 -18.31 -8.70 26.57
N GLY C 1 -1.10 17.68 -30.52
CA GLY C 1 -0.77 17.53 -29.07
C GLY C 1 0.31 18.55 -28.68
N SER C 2 0.11 19.80 -29.00
CA SER C 2 1.12 20.83 -28.64
C SER C 2 1.32 20.87 -27.12
N HIS C 3 2.28 20.14 -26.62
CA HIS C 3 2.52 20.13 -25.14
C HIS C 3 3.29 21.38 -24.72
N MET C 4 3.26 21.71 -23.46
CA MET C 4 3.99 22.92 -22.97
C MET C 4 5.29 22.50 -22.26
N GLU C 5 5.96 23.44 -21.63
CA GLU C 5 7.22 23.09 -20.92
C GLU C 5 7.00 23.15 -19.41
N GLU C 6 5.93 22.57 -18.93
CA GLU C 6 5.66 22.59 -17.46
C GLU C 6 5.44 21.17 -16.94
N ASP C 7 6.35 20.65 -16.17
CA ASP C 7 6.19 19.27 -15.63
C ASP C 7 5.74 18.33 -16.75
N PRO C 8 6.68 17.95 -17.57
CA PRO C 8 6.39 17.03 -18.69
C PRO C 8 6.21 15.60 -18.20
N CYS C 9 7.24 14.99 -17.69
CA CYS C 9 7.12 13.59 -17.19
C CYS C 9 6.79 13.60 -15.69
N GLU C 10 6.01 14.55 -15.25
CA GLU C 10 5.65 14.60 -13.80
C GLU C 10 6.88 14.28 -12.95
N CYS C 11 8.01 14.82 -13.28
CA CYS C 11 9.24 14.54 -12.49
C CYS C 11 8.93 14.62 -11.00
N LYS C 12 8.01 15.44 -10.61
CA LYS C 12 7.67 15.56 -9.17
C LYS C 12 6.20 15.23 -8.94
N SER C 13 5.43 15.12 -10.00
CA SER C 13 3.99 14.79 -9.83
C SER C 13 3.80 13.30 -9.56
N ILE C 14 4.70 12.50 -10.03
CA ILE C 14 4.60 11.03 -9.81
C ILE C 14 5.16 10.69 -8.42
N VAL C 15 6.18 11.38 -8.02
CA VAL C 15 6.77 11.12 -6.69
C VAL C 15 5.91 11.84 -5.66
N LYS C 16 5.13 12.80 -6.11
CA LYS C 16 4.22 13.52 -5.19
C LYS C 16 3.06 12.57 -4.88
N PHE C 17 2.61 11.87 -5.88
CA PHE C 17 1.52 10.89 -5.66
C PHE C 17 2.07 9.80 -4.74
N GLN C 18 3.34 9.53 -4.84
CA GLN C 18 3.96 8.49 -3.96
C GLN C 18 3.82 8.90 -2.48
N THR C 19 4.07 10.15 -2.19
CA THR C 19 3.94 10.61 -0.77
C THR C 19 2.55 10.24 -0.25
N LYS C 20 1.56 10.27 -1.11
CA LYS C 20 0.20 9.91 -0.67
C LYS C 20 0.17 8.41 -0.37
N VAL C 21 0.87 7.65 -1.17
CA VAL C 21 0.93 6.18 -0.94
C VAL C 21 1.81 5.90 0.29
N GLU C 22 2.59 6.87 0.68
CA GLU C 22 3.47 6.68 1.87
C GLU C 22 2.63 6.79 3.14
N GLU C 23 1.81 7.80 3.24
CA GLU C 23 0.96 7.95 4.45
C GLU C 23 -0.19 6.95 4.40
N LEU C 24 -0.58 6.54 3.22
CA LEU C 24 -1.68 5.55 3.12
C LEU C 24 -1.17 4.17 3.52
N ILE C 25 -0.01 3.80 3.03
CA ILE C 25 0.55 2.47 3.39
C ILE C 25 0.75 2.41 4.91
N ASN C 26 1.16 3.50 5.51
CA ASN C 26 1.36 3.50 6.99
C ASN C 26 0.02 3.24 7.67
N THR C 27 -0.98 3.99 7.27
CA THR C 27 -2.34 3.80 7.87
C THR C 27 -2.80 2.36 7.69
N LEU C 28 -2.39 1.72 6.63
CA LEU C 28 -2.82 0.31 6.40
C LEU C 28 -2.09 -0.61 7.38
N GLN C 29 -0.81 -0.44 7.51
CA GLN C 29 -0.03 -1.27 8.46
C GLN C 29 -0.41 -0.89 9.89
N GLN C 30 -1.13 0.19 10.04
CA GLN C 30 -1.57 0.63 11.39
C GLN C 30 -2.87 -0.07 11.77
N LYS C 31 -3.83 -0.03 10.89
CA LYS C 31 -5.12 -0.71 11.17
C LYS C 31 -4.88 -2.22 11.14
N LEU C 32 -3.79 -2.64 10.56
CA LEU C 32 -3.49 -4.09 10.50
C LEU C 32 -2.84 -4.53 11.82
N GLU C 33 -1.88 -3.79 12.29
CA GLU C 33 -1.23 -4.17 13.58
C GLU C 33 -2.22 -3.96 14.73
N ALA C 34 -3.26 -3.20 14.48
CA ALA C 34 -4.29 -2.98 15.55
C ALA C 34 -5.33 -4.08 15.41
N VAL C 35 -5.63 -4.45 14.19
CA VAL C 35 -6.61 -5.53 13.95
C VAL C 35 -6.07 -6.80 14.61
N ALA C 36 -4.78 -7.00 14.56
CA ALA C 36 -4.19 -8.21 15.18
C ALA C 36 -4.33 -8.11 16.70
N LYS C 37 -4.31 -6.91 17.21
CA LYS C 37 -4.46 -6.74 18.68
C LYS C 37 -5.91 -7.03 19.08
N ARG C 38 -6.83 -6.75 18.22
CA ARG C 38 -8.26 -7.03 18.53
C ARG C 38 -8.49 -8.54 18.45
N ILE C 39 -7.90 -9.18 17.49
CA ILE C 39 -8.05 -10.65 17.36
C ILE C 39 -7.59 -11.31 18.65
N GLU C 40 -6.48 -10.86 19.17
CA GLU C 40 -5.98 -11.44 20.45
C GLU C 40 -6.98 -11.12 21.55
N ALA C 41 -7.60 -9.97 21.48
CA ALA C 41 -8.61 -9.60 22.51
C ALA C 41 -9.70 -10.69 22.51
N LEU C 42 -10.01 -11.21 21.36
CA LEU C 42 -11.04 -12.29 21.29
C LEU C 42 -10.40 -13.61 21.69
N GLU C 43 -9.12 -13.76 21.46
CA GLU C 43 -8.43 -15.02 21.84
C GLU C 43 -8.36 -15.13 23.36
N ASN C 44 -8.55 -14.03 24.02
CA ASN C 44 -8.52 -14.05 25.51
C ASN C 44 -9.80 -14.71 26.03
N LYS C 45 -10.82 -14.74 25.21
CA LYS C 45 -12.10 -15.39 25.64
C LYS C 45 -12.42 -16.56 24.70
N ILE C 46 -11.67 -16.70 23.65
CA ILE C 46 -11.93 -17.83 22.71
C ILE C 46 -10.87 -18.91 22.94
N ILE C 47 -9.78 -18.56 23.57
CA ILE C 47 -8.71 -19.56 23.82
C ILE C 47 -9.28 -20.74 24.62
N GLY A 1 28.45 22.18 0.14
CA GLY A 1 28.53 20.76 0.60
C GLY A 1 29.16 19.89 -0.49
N SER A 2 30.14 19.11 -0.14
CA SER A 2 30.82 18.24 -1.15
C SER A 2 29.80 17.27 -1.76
N HIS A 3 29.33 17.55 -2.94
CA HIS A 3 28.34 16.64 -3.59
C HIS A 3 28.72 16.39 -5.05
N MET A 4 28.65 15.17 -5.51
CA MET A 4 29.01 14.87 -6.92
C MET A 4 27.77 14.96 -7.81
N GLU A 5 27.82 14.37 -8.97
CA GLU A 5 26.64 14.41 -9.88
C GLU A 5 25.38 14.03 -9.11
N GLU A 6 24.25 14.52 -9.52
CA GLU A 6 22.98 14.18 -8.80
C GLU A 6 21.85 13.89 -9.79
N ASP A 7 21.20 12.77 -9.64
CA ASP A 7 20.08 12.43 -10.56
C ASP A 7 19.23 13.67 -10.84
N PRO A 8 18.87 13.83 -12.08
CA PRO A 8 18.04 14.99 -12.50
C PRO A 8 16.60 14.80 -12.02
N CYS A 9 15.95 13.76 -12.45
CA CYS A 9 14.54 13.52 -12.02
C CYS A 9 14.41 12.12 -11.39
N GLU A 10 15.39 11.70 -10.63
CA GLU A 10 15.31 10.36 -10.00
C GLU A 10 14.75 9.33 -10.99
N CYS A 11 15.29 9.28 -12.17
CA CYS A 11 14.78 8.30 -13.17
C CYS A 11 14.74 6.90 -12.57
N LYS A 12 15.62 6.62 -11.64
CA LYS A 12 15.62 5.26 -11.01
C LYS A 12 15.37 5.38 -9.51
N SER A 13 15.40 6.58 -8.98
CA SER A 13 15.17 6.77 -7.52
C SER A 13 13.66 6.75 -7.22
N ILE A 14 12.86 7.16 -8.17
CA ILE A 14 11.38 7.16 -7.96
C ILE A 14 10.82 5.78 -8.23
N VAL A 15 11.37 5.09 -9.19
CA VAL A 15 10.90 3.73 -9.52
C VAL A 15 11.56 2.76 -8.54
N LYS A 16 12.65 3.18 -7.95
CA LYS A 16 13.33 2.34 -6.95
C LYS A 16 12.49 2.36 -5.69
N PHE A 17 12.01 3.52 -5.34
CA PHE A 17 11.13 3.64 -4.15
C PHE A 17 9.84 2.87 -4.44
N GLN A 18 9.44 2.83 -5.68
CA GLN A 18 8.20 2.10 -6.04
C GLN A 18 8.34 0.62 -5.65
N THR A 19 9.46 0.03 -5.96
CA THR A 19 9.67 -1.41 -5.59
C THR A 19 9.57 -1.57 -4.07
N LYS A 20 9.98 -0.58 -3.32
CA LYS A 20 9.90 -0.70 -1.83
C LYS A 20 8.42 -0.73 -1.44
N VAL A 21 7.61 -0.04 -2.19
CA VAL A 21 6.15 -0.02 -1.90
C VAL A 21 5.53 -1.32 -2.42
N GLU A 22 6.20 -1.98 -3.31
CA GLU A 22 5.68 -3.26 -3.85
C GLU A 22 5.79 -4.36 -2.79
N GLU A 23 6.93 -4.46 -2.17
CA GLU A 23 7.12 -5.50 -1.12
C GLU A 23 6.31 -5.13 0.12
N LEU A 24 6.23 -3.85 0.43
CA LEU A 24 5.45 -3.43 1.62
C LEU A 24 3.97 -3.74 1.41
N ILE A 25 3.43 -3.39 0.27
CA ILE A 25 2.00 -3.67 0.00
C ILE A 25 1.75 -5.18 0.11
N ASN A 26 2.67 -5.99 -0.33
CA ASN A 26 2.47 -7.47 -0.24
C ASN A 26 2.39 -7.88 1.23
N THR A 27 3.28 -7.36 2.03
CA THR A 27 3.28 -7.69 3.48
C THR A 27 1.97 -7.24 4.11
N LEU A 28 1.38 -6.19 3.59
CA LEU A 28 0.09 -5.71 4.16
C LEU A 28 -1.03 -6.69 3.79
N GLN A 29 -1.04 -7.13 2.57
CA GLN A 29 -2.08 -8.10 2.14
C GLN A 29 -1.78 -9.46 2.80
N GLN A 30 -0.62 -9.58 3.37
CA GLN A 30 -0.25 -10.86 4.05
C GLN A 30 -0.81 -10.85 5.47
N LYS A 31 -0.53 -9.83 6.21
CA LYS A 31 -1.06 -9.74 7.60
C LYS A 31 -2.58 -9.63 7.53
N LEU A 32 -3.10 -9.23 6.40
CA LEU A 32 -4.56 -9.10 6.24
C LEU A 32 -5.18 -10.49 6.04
N GLU A 33 -4.64 -11.27 5.14
CA GLU A 33 -5.20 -12.63 4.92
C GLU A 33 -4.99 -13.48 6.17
N ALA A 34 -4.09 -13.09 7.02
CA ALA A 34 -3.86 -13.85 8.27
C ALA A 34 -4.83 -13.32 9.34
N VAL A 35 -5.13 -12.06 9.25
CA VAL A 35 -6.08 -11.45 10.21
C VAL A 35 -7.46 -12.08 9.99
N ALA A 36 -7.84 -12.28 8.76
CA ALA A 36 -9.16 -12.91 8.47
C ALA A 36 -9.12 -14.37 8.90
N LYS A 37 -7.95 -14.96 8.88
CA LYS A 37 -7.83 -16.39 9.29
C LYS A 37 -7.94 -16.47 10.82
N ARG A 38 -7.58 -15.41 11.50
CA ARG A 38 -7.70 -15.42 12.99
C ARG A 38 -9.15 -15.12 13.36
N ILE A 39 -9.79 -14.30 12.56
CA ILE A 39 -11.22 -13.97 12.82
C ILE A 39 -12.04 -15.25 12.71
N GLU A 40 -11.82 -16.02 11.69
CA GLU A 40 -12.57 -17.29 11.53
C GLU A 40 -12.22 -18.19 12.72
N ALA A 41 -11.00 -18.10 13.18
CA ALA A 41 -10.59 -18.92 14.34
C ALA A 41 -11.54 -18.63 15.50
N LEU A 42 -11.94 -17.39 15.63
CA LEU A 42 -12.89 -17.01 16.70
C LEU A 42 -14.31 -17.40 16.29
N GLU A 43 -14.59 -17.40 15.02
CA GLU A 43 -15.95 -17.80 14.55
C GLU A 43 -16.11 -19.30 14.75
N ASN A 44 -15.03 -19.99 14.95
CA ASN A 44 -15.11 -21.46 15.17
C ASN A 44 -15.57 -21.72 16.60
N LYS A 45 -15.49 -20.72 17.44
CA LYS A 45 -15.92 -20.90 18.85
C LYS A 45 -17.09 -19.97 19.14
N ILE A 46 -17.33 -19.01 18.27
CA ILE A 46 -18.46 -18.08 18.48
C ILE A 46 -19.62 -18.48 17.57
N ILE A 47 -19.36 -19.32 16.59
CA ILE A 47 -20.45 -19.74 15.67
C ILE A 47 -21.65 -20.26 16.46
N GLY B 1 19.51 -8.88 -28.96
CA GLY B 1 18.06 -9.22 -28.82
C GLY B 1 17.22 -8.24 -29.64
N SER B 2 16.31 -8.74 -30.43
CA SER B 2 15.46 -7.84 -31.26
C SER B 2 14.63 -6.92 -30.36
N HIS B 3 15.05 -5.70 -30.19
CA HIS B 3 14.28 -4.76 -29.32
C HIS B 3 14.10 -3.41 -30.03
N MET B 4 12.90 -2.88 -30.04
CA MET B 4 12.67 -1.58 -30.70
C MET B 4 12.93 -0.43 -29.72
N GLU B 5 12.44 0.74 -30.02
CA GLU B 5 12.66 1.89 -29.09
C GLU B 5 12.33 1.48 -27.66
N GLU B 6 12.95 2.09 -26.69
CA GLU B 6 12.66 1.73 -25.27
C GLU B 6 12.55 2.99 -24.42
N ASP B 7 11.50 3.10 -23.65
CA ASP B 7 11.32 4.30 -22.79
C ASP B 7 12.65 4.67 -22.12
N PRO B 8 12.92 5.95 -22.11
CA PRO B 8 14.17 6.45 -21.49
C PRO B 8 14.09 6.36 -19.97
N CYS B 9 13.13 7.02 -19.38
CA CYS B 9 12.99 6.97 -17.90
C CYS B 9 11.57 6.54 -17.52
N GLU B 10 11.01 5.61 -18.23
CA GLU B 10 9.63 5.14 -17.92
C GLU B 10 8.73 6.31 -17.52
N CYS B 11 8.73 7.36 -18.30
CA CYS B 11 7.88 8.53 -17.96
C CYS B 11 6.44 8.08 -17.70
N LYS B 12 6.02 7.01 -18.32
CA LYS B 12 4.63 6.52 -18.11
C LYS B 12 4.66 5.11 -17.52
N SER B 13 5.80 4.49 -17.50
CA SER B 13 5.89 3.11 -16.93
C SER B 13 5.99 3.17 -15.40
N ILE B 14 6.50 4.25 -14.88
CA ILE B 14 6.64 4.39 -13.40
C ILE B 14 5.34 4.93 -12.82
N VAL B 15 4.69 5.81 -13.52
CA VAL B 15 3.40 6.35 -13.03
C VAL B 15 2.31 5.35 -13.37
N LYS B 16 2.57 4.50 -14.33
CA LYS B 16 1.59 3.45 -14.70
C LYS B 16 1.60 2.43 -13.57
N PHE B 17 2.78 2.07 -13.14
CA PHE B 17 2.89 1.11 -12.02
C PHE B 17 2.28 1.75 -10.76
N GLN B 18 2.39 3.05 -10.67
CA GLN B 18 1.81 3.75 -9.48
C GLN B 18 0.30 3.46 -9.41
N THR B 19 -0.37 3.57 -10.52
CA THR B 19 -1.84 3.30 -10.53
C THR B 19 -2.10 1.87 -10.05
N LYS B 20 -1.21 0.96 -10.34
CA LYS B 20 -1.41 -0.45 -9.88
C LYS B 20 -1.35 -0.46 -8.36
N VAL B 21 -0.54 0.39 -7.80
CA VAL B 21 -0.43 0.47 -6.32
C VAL B 21 -1.63 1.23 -5.77
N GLU B 22 -2.28 1.98 -6.60
CA GLU B 22 -3.47 2.76 -6.14
C GLU B 22 -4.64 1.81 -5.93
N GLU B 23 -4.90 0.95 -6.88
CA GLU B 23 -6.02 -0.02 -6.73
C GLU B 23 -5.69 -1.06 -5.66
N LEU B 24 -4.44 -1.45 -5.58
CA LEU B 24 -4.05 -2.46 -4.56
C LEU B 24 -4.22 -1.87 -3.17
N ILE B 25 -3.72 -0.69 -2.95
CA ILE B 25 -3.86 -0.04 -1.61
C ILE B 25 -5.34 0.03 -1.24
N ASN B 26 -6.20 0.31 -2.19
CA ASN B 26 -7.65 0.38 -1.89
C ASN B 26 -8.15 -0.98 -1.43
N THR B 27 -7.77 -2.02 -2.14
CA THR B 27 -8.20 -3.38 -1.76
C THR B 27 -7.69 -3.74 -0.37
N LEU B 28 -6.56 -3.21 0.01
CA LEU B 28 -6.02 -3.51 1.36
C LEU B 28 -6.85 -2.80 2.42
N GLN B 29 -7.18 -1.56 2.17
CA GLN B 29 -8.03 -0.82 3.14
C GLN B 29 -9.44 -1.39 3.11
N GLN B 30 -9.72 -2.20 2.13
CA GLN B 30 -11.08 -2.81 2.02
C GLN B 30 -11.13 -4.06 2.92
N LYS B 31 -10.18 -4.94 2.75
CA LYS B 31 -10.15 -6.16 3.59
C LYS B 31 -9.91 -5.75 5.05
N LEU B 32 -9.41 -4.57 5.25
CA LEU B 32 -9.15 -4.08 6.62
C LEU B 32 -10.45 -3.60 7.25
N GLU B 33 -11.21 -2.81 6.54
CA GLU B 33 -12.51 -2.32 7.10
C GLU B 33 -13.46 -3.50 7.27
N ALA B 34 -13.18 -4.58 6.60
CA ALA B 34 -14.04 -5.79 6.73
C ALA B 34 -13.52 -6.61 7.90
N VAL B 35 -12.24 -6.54 8.12
CA VAL B 35 -11.61 -7.28 9.24
C VAL B 35 -12.11 -6.67 10.56
N ALA B 36 -12.20 -5.37 10.62
CA ALA B 36 -12.68 -4.73 11.87
C ALA B 36 -14.18 -5.02 12.01
N LYS B 37 -14.85 -5.26 10.92
CA LYS B 37 -16.30 -5.56 10.97
C LYS B 37 -16.49 -7.00 11.47
N ARG B 38 -15.54 -7.85 11.22
CA ARG B 38 -15.66 -9.25 11.70
C ARG B 38 -15.24 -9.28 13.17
N ILE B 39 -14.33 -8.41 13.53
CA ILE B 39 -13.87 -8.35 14.94
C ILE B 39 -15.05 -7.96 15.83
N GLU B 40 -15.80 -6.96 15.41
CA GLU B 40 -16.99 -6.55 16.20
C GLU B 40 -17.98 -7.70 16.21
N ALA B 41 -18.05 -8.44 15.13
CA ALA B 41 -18.97 -9.60 15.09
C ALA B 41 -18.65 -10.51 16.26
N LEU B 42 -17.39 -10.62 16.59
CA LEU B 42 -16.98 -11.47 17.74
C LEU B 42 -17.24 -10.71 19.03
N GLU B 43 -17.10 -9.42 19.01
CA GLU B 43 -17.35 -8.61 20.24
C GLU B 43 -18.84 -8.62 20.54
N ASN B 44 -19.63 -9.01 19.58
CA ASN B 44 -21.09 -9.06 19.80
C ASN B 44 -21.43 -10.32 20.60
N LYS B 45 -20.50 -11.24 20.65
CA LYS B 45 -20.73 -12.49 21.42
C LYS B 45 -19.74 -12.56 22.59
N ILE B 46 -18.70 -11.76 22.54
CA ILE B 46 -17.71 -11.76 23.64
C ILE B 46 -17.95 -10.58 24.58
N ILE B 47 -18.73 -9.62 24.13
CA ILE B 47 -19.01 -8.43 24.99
C ILE B 47 -19.52 -8.88 26.35
N GLY C 1 -8.13 25.17 -24.57
CA GLY C 1 -8.33 25.47 -23.13
C GLY C 1 -7.17 26.31 -22.60
N SER C 2 -7.46 27.26 -21.74
CA SER C 2 -6.37 28.12 -21.19
C SER C 2 -5.46 27.31 -20.27
N HIS C 3 -4.29 26.95 -20.74
CA HIS C 3 -3.37 26.15 -19.88
C HIS C 3 -1.94 26.69 -19.99
N MET C 4 -1.29 26.92 -18.88
CA MET C 4 0.11 27.43 -18.92
C MET C 4 1.09 26.25 -19.05
N GLU C 5 2.36 26.49 -18.82
CA GLU C 5 3.35 25.39 -18.92
C GLU C 5 2.85 24.14 -18.21
N GLU C 6 3.26 22.98 -18.66
CA GLU C 6 2.80 21.72 -18.01
C GLU C 6 3.98 20.76 -17.85
N ASP C 7 4.14 20.20 -16.67
CA ASP C 7 5.27 19.26 -16.44
C ASP C 7 5.39 18.28 -17.63
N PRO C 8 6.60 18.03 -18.02
CA PRO C 8 6.85 17.10 -19.15
C PRO C 8 6.61 15.65 -18.71
N CYS C 9 7.32 15.20 -17.71
CA CYS C 9 7.13 13.80 -17.24
C CYS C 9 6.86 13.80 -15.73
N GLU C 10 6.08 14.74 -15.26
CA GLU C 10 5.77 14.79 -13.79
C GLU C 10 7.01 14.45 -12.97
N CYS C 11 8.12 15.08 -13.23
CA CYS C 11 9.34 14.79 -12.44
C CYS C 11 9.04 14.87 -10.95
N LYS C 12 8.12 15.71 -10.57
CA LYS C 12 7.78 15.85 -9.12
C LYS C 12 6.32 15.44 -8.88
N SER C 13 5.56 15.27 -9.93
CA SER C 13 4.13 14.87 -9.77
C SER C 13 4.02 13.36 -9.54
N ILE C 14 4.95 12.61 -10.05
CA ILE C 14 4.92 11.13 -9.87
C ILE C 14 5.52 10.77 -8.52
N VAL C 15 6.55 11.48 -8.13
CA VAL C 15 7.20 11.20 -6.82
C VAL C 15 6.37 11.89 -5.74
N LYS C 16 5.59 12.86 -6.14
CA LYS C 16 4.71 13.55 -5.17
C LYS C 16 3.57 12.61 -4.83
N PHE C 17 3.03 11.97 -5.83
CA PHE C 17 1.95 10.97 -5.59
C PHE C 17 2.54 9.83 -4.78
N GLN C 18 3.80 9.55 -4.98
CA GLN C 18 4.43 8.44 -4.21
C GLN C 18 4.34 8.74 -2.71
N THR C 19 4.64 9.95 -2.33
CA THR C 19 4.56 10.31 -0.87
C THR C 19 3.13 10.09 -0.37
N LYS C 20 2.15 10.31 -1.20
CA LYS C 20 0.75 10.09 -0.74
C LYS C 20 0.55 8.60 -0.48
N VAL C 21 1.24 7.78 -1.23
CA VAL C 21 1.13 6.31 -1.02
C VAL C 21 1.98 5.92 0.19
N GLU C 22 2.89 6.77 0.56
CA GLU C 22 3.76 6.47 1.75
C GLU C 22 2.94 6.64 3.02
N GLU C 23 2.22 7.72 3.14
CA GLU C 23 1.40 7.94 4.37
C GLU C 23 0.21 6.97 4.38
N LEU C 24 -0.33 6.66 3.23
CA LEU C 24 -1.48 5.72 3.18
C LEU C 24 -1.02 4.33 3.61
N ILE C 25 0.05 3.84 3.02
CA ILE C 25 0.55 2.49 3.41
C ILE C 25 0.80 2.43 4.91
N ASN C 26 1.27 3.51 5.50
CA ASN C 26 1.51 3.49 6.97
C ASN C 26 0.18 3.35 7.71
N THR C 27 -0.81 4.10 7.29
CA THR C 27 -2.14 4.01 7.94
C THR C 27 -2.70 2.59 7.79
N LEU C 28 -2.36 1.93 6.72
CA LEU C 28 -2.86 0.54 6.52
C LEU C 28 -2.17 -0.40 7.50
N GLN C 29 -0.89 -0.27 7.64
CA GLN C 29 -0.15 -1.14 8.59
C GLN C 29 -0.53 -0.73 10.02
N GLN C 30 -1.19 0.38 10.16
CA GLN C 30 -1.61 0.85 11.51
C GLN C 30 -2.93 0.17 11.87
N LYS C 31 -3.90 0.25 11.00
CA LYS C 31 -5.20 -0.41 11.28
C LYS C 31 -4.99 -1.92 11.32
N LEU C 32 -3.90 -2.37 10.76
CA LEU C 32 -3.60 -3.83 10.75
C LEU C 32 -3.04 -4.24 12.11
N GLU C 33 -2.09 -3.50 12.62
CA GLU C 33 -1.52 -3.84 13.95
C GLU C 33 -2.58 -3.66 15.02
N ALA C 34 -3.61 -2.91 14.73
CA ALA C 34 -4.71 -2.73 15.71
C ALA C 34 -5.71 -3.86 15.52
N VAL C 35 -5.83 -4.33 14.31
CA VAL C 35 -6.77 -5.45 14.03
C VAL C 35 -6.26 -6.70 14.75
N ALA C 36 -4.96 -6.92 14.73
CA ALA C 36 -4.41 -8.11 15.42
C ALA C 36 -4.53 -7.90 16.93
N LYS C 37 -4.51 -6.67 17.36
CA LYS C 37 -4.65 -6.37 18.82
C LYS C 37 -6.10 -6.63 19.24
N ARG C 38 -7.02 -6.47 18.33
CA ARG C 38 -8.44 -6.72 18.68
C ARG C 38 -8.68 -8.24 18.62
N ILE C 39 -7.99 -8.90 17.73
CA ILE C 39 -8.13 -10.38 17.62
C ILE C 39 -7.68 -11.02 18.93
N GLU C 40 -6.55 -10.60 19.44
CA GLU C 40 -6.07 -11.17 20.72
C GLU C 40 -7.09 -10.82 21.80
N ALA C 41 -7.69 -9.67 21.69
CA ALA C 41 -8.72 -9.28 22.70
C ALA C 41 -9.78 -10.37 22.76
N LEU C 42 -10.10 -10.93 21.62
CA LEU C 42 -11.11 -12.03 21.59
C LEU C 42 -10.46 -13.33 22.04
N GLU C 43 -9.19 -13.48 21.79
CA GLU C 43 -8.48 -14.72 22.22
C GLU C 43 -8.34 -14.70 23.75
N ASN C 44 -8.53 -13.55 24.33
CA ASN C 44 -8.44 -13.46 25.81
C ASN C 44 -9.72 -14.02 26.42
N LYS C 45 -10.75 -14.16 25.63
CA LYS C 45 -12.04 -14.69 26.14
C LYS C 45 -12.35 -16.02 25.44
N ILE C 46 -11.67 -16.29 24.35
CA ILE C 46 -11.92 -17.57 23.61
C ILE C 46 -10.80 -18.57 23.94
N ILE C 47 -9.72 -18.09 24.50
CA ILE C 47 -8.61 -19.01 24.85
C ILE C 47 -9.11 -20.20 25.65
N GLY A 1 27.41 20.97 2.13
CA GLY A 1 26.52 19.77 2.17
C GLY A 1 26.31 19.24 0.75
N SER A 2 25.95 18.00 0.63
CA SER A 2 25.72 17.42 -0.73
C SER A 2 25.14 16.01 -0.60
N HIS A 3 25.85 15.12 0.04
CA HIS A 3 25.35 13.73 0.20
C HIS A 3 25.25 13.04 -1.17
N MET A 4 25.56 11.78 -1.24
CA MET A 4 25.48 11.05 -2.54
C MET A 4 24.08 11.16 -3.13
N GLU A 5 23.88 12.07 -4.03
CA GLU A 5 22.52 12.23 -4.65
C GLU A 5 22.64 12.94 -6.01
N GLU A 6 22.98 12.21 -7.04
CA GLU A 6 23.10 12.84 -8.38
C GLU A 6 22.03 12.28 -9.33
N ASP A 7 21.19 13.13 -9.85
CA ASP A 7 20.13 12.67 -10.78
C ASP A 7 19.26 13.84 -11.23
N PRO A 8 18.88 13.79 -12.48
CA PRO A 8 18.03 14.86 -13.06
C PRO A 8 16.61 14.77 -12.50
N CYS A 9 15.98 13.63 -12.64
CA CYS A 9 14.60 13.48 -12.12
C CYS A 9 14.43 12.12 -11.44
N GLU A 10 15.39 11.72 -10.65
CA GLU A 10 15.28 10.41 -9.95
C GLU A 10 14.75 9.34 -10.92
N CYS A 11 15.22 9.33 -12.13
CA CYS A 11 14.74 8.32 -13.10
C CYS A 11 14.75 6.92 -12.48
N LYS A 12 15.63 6.70 -11.53
CA LYS A 12 15.69 5.36 -10.87
C LYS A 12 15.40 5.50 -9.37
N SER A 13 15.36 6.70 -8.87
CA SER A 13 15.09 6.90 -7.41
C SER A 13 13.58 6.82 -7.14
N ILE A 14 12.78 7.17 -8.11
CA ILE A 14 11.30 7.12 -7.93
C ILE A 14 10.80 5.70 -8.15
N VAL A 15 11.39 5.00 -9.08
CA VAL A 15 10.98 3.60 -9.33
C VAL A 15 11.71 2.70 -8.33
N LYS A 16 12.78 3.21 -7.78
CA LYS A 16 13.52 2.44 -6.76
C LYS A 16 12.68 2.45 -5.49
N PHE A 17 12.11 3.58 -5.18
CA PHE A 17 11.23 3.68 -3.99
C PHE A 17 9.99 2.83 -4.26
N GLN A 18 9.58 2.74 -5.50
CA GLN A 18 8.39 1.92 -5.84
C GLN A 18 8.57 0.47 -5.36
N THR A 19 9.68 -0.13 -5.71
CA THR A 19 9.93 -1.53 -5.28
C THR A 19 9.75 -1.63 -3.75
N LYS A 20 10.13 -0.60 -3.05
CA LYS A 20 9.98 -0.62 -1.57
C LYS A 20 8.49 -0.66 -1.23
N VAL A 21 7.70 0.03 -2.00
CA VAL A 21 6.23 0.03 -1.76
C VAL A 21 5.64 -1.30 -2.26
N GLU A 22 6.37 -1.99 -3.10
CA GLU A 22 5.87 -3.30 -3.62
C GLU A 22 5.98 -4.36 -2.52
N GLU A 23 7.09 -4.39 -1.83
CA GLU A 23 7.27 -5.39 -0.74
C GLU A 23 6.46 -4.95 0.48
N LEU A 24 6.23 -3.67 0.62
CA LEU A 24 5.43 -3.18 1.78
C LEU A 24 3.95 -3.54 1.56
N ILE A 25 3.46 -3.36 0.37
CA ILE A 25 2.04 -3.69 0.09
C ILE A 25 1.82 -5.20 0.28
N ASN A 26 2.77 -6.00 -0.11
CA ASN A 26 2.60 -7.47 0.07
C ASN A 26 2.51 -7.80 1.56
N THR A 27 3.33 -7.17 2.36
CA THR A 27 3.30 -7.43 3.82
C THR A 27 1.95 -7.00 4.41
N LEU A 28 1.34 -5.99 3.84
CA LEU A 28 0.02 -5.55 4.36
C LEU A 28 -1.03 -6.58 3.99
N GLN A 29 -0.99 -7.05 2.78
CA GLN A 29 -1.97 -8.08 2.34
C GLN A 29 -1.64 -9.40 3.05
N GLN A 30 -0.49 -9.48 3.64
CA GLN A 30 -0.09 -10.71 4.37
C GLN A 30 -0.71 -10.69 5.77
N LYS A 31 -0.49 -9.63 6.49
CA LYS A 31 -1.08 -9.53 7.85
C LYS A 31 -2.60 -9.46 7.72
N LEU A 32 -3.08 -9.13 6.55
CA LEU A 32 -4.53 -9.04 6.33
C LEU A 32 -5.09 -10.44 6.04
N GLU A 33 -4.44 -11.18 5.18
CA GLU A 33 -4.93 -12.55 4.87
C GLU A 33 -4.76 -13.43 6.11
N ALA A 34 -3.96 -13.00 7.05
CA ALA A 34 -3.77 -13.77 8.29
C ALA A 34 -4.80 -13.31 9.30
N VAL A 35 -5.05 -12.03 9.34
CA VAL A 35 -6.06 -11.47 10.26
C VAL A 35 -7.41 -12.11 9.93
N ALA A 36 -7.67 -12.35 8.67
CA ALA A 36 -8.96 -12.98 8.28
C ALA A 36 -8.96 -14.44 8.74
N LYS A 37 -7.81 -15.03 8.89
CA LYS A 37 -7.75 -16.44 9.36
C LYS A 37 -7.94 -16.49 10.88
N ARG A 38 -7.62 -15.42 11.55
CA ARG A 38 -7.80 -15.39 13.02
C ARG A 38 -9.25 -15.02 13.31
N ILE A 39 -9.85 -14.22 12.46
CA ILE A 39 -11.27 -13.83 12.65
C ILE A 39 -12.14 -15.07 12.47
N GLU A 40 -11.92 -15.81 11.41
CA GLU A 40 -12.73 -17.04 11.20
C GLU A 40 -12.47 -17.98 12.36
N ALA A 41 -11.27 -17.95 12.88
CA ALA A 41 -10.94 -18.81 14.03
C ALA A 41 -11.93 -18.50 15.16
N LEU A 42 -12.26 -17.25 15.33
CA LEU A 42 -13.24 -16.87 16.38
C LEU A 42 -14.63 -17.26 15.91
N GLU A 43 -14.85 -17.25 14.63
CA GLU A 43 -16.18 -17.63 14.09
C GLU A 43 -16.38 -19.13 14.24
N ASN A 44 -15.32 -19.84 14.53
CA ASN A 44 -15.44 -21.31 14.69
C ASN A 44 -16.12 -21.62 16.03
N LYS A 45 -16.04 -20.73 16.97
CA LYS A 45 -16.68 -20.98 18.30
C LYS A 45 -17.62 -19.82 18.64
N ILE A 46 -17.67 -18.81 17.82
CA ILE A 46 -18.59 -17.67 18.09
C ILE A 46 -19.76 -17.72 17.12
N ILE A 47 -19.56 -18.32 15.97
CA ILE A 47 -20.66 -18.41 14.98
C ILE A 47 -21.96 -18.86 15.66
N GLY B 1 17.72 -10.46 -27.81
CA GLY B 1 16.65 -10.17 -26.83
C GLY B 1 16.27 -8.69 -26.90
N SER B 2 15.06 -8.36 -26.53
CA SER B 2 14.63 -6.93 -26.59
C SER B 2 13.28 -6.77 -25.89
N HIS B 3 12.28 -7.46 -26.35
CA HIS B 3 10.94 -7.34 -25.73
C HIS B 3 10.39 -5.92 -25.90
N MET B 4 9.09 -5.79 -26.02
CA MET B 4 8.49 -4.44 -26.21
C MET B 4 8.81 -3.55 -25.00
N GLU B 5 9.81 -2.72 -25.11
CA GLU B 5 10.17 -1.83 -23.97
C GLU B 5 10.99 -0.64 -24.48
N GLU B 6 10.33 0.42 -24.84
CA GLU B 6 11.06 1.63 -25.34
C GLU B 6 10.71 2.85 -24.50
N ASP B 7 11.67 3.45 -23.86
CA ASP B 7 11.40 4.64 -23.02
C ASP B 7 12.69 5.15 -22.39
N PRO B 8 12.81 6.45 -22.29
CA PRO B 8 14.01 7.07 -21.69
C PRO B 8 14.01 6.85 -20.16
N CYS B 9 12.96 7.24 -19.50
CA CYS B 9 12.91 7.06 -18.02
C CYS B 9 11.51 6.60 -17.59
N GLU B 10 10.95 5.65 -18.30
CA GLU B 10 9.59 5.16 -17.94
C GLU B 10 8.68 6.33 -17.56
N CYS B 11 8.71 7.40 -18.30
CA CYS B 11 7.85 8.56 -17.97
C CYS B 11 6.41 8.08 -17.71
N LYS B 12 6.02 7.02 -18.34
CA LYS B 12 4.63 6.50 -18.15
C LYS B 12 4.66 5.09 -17.55
N SER B 13 5.81 4.48 -17.50
CA SER B 13 5.91 3.11 -16.92
C SER B 13 5.98 3.17 -15.39
N ILE B 14 6.49 4.25 -14.86
CA ILE B 14 6.59 4.40 -13.39
C ILE B 14 5.26 4.87 -12.82
N VAL B 15 4.59 5.72 -13.55
CA VAL B 15 3.27 6.23 -13.08
C VAL B 15 2.22 5.21 -13.49
N LYS B 16 2.54 4.38 -14.45
CA LYS B 16 1.60 3.32 -14.87
C LYS B 16 1.57 2.28 -13.75
N PHE B 17 2.73 1.97 -13.22
CA PHE B 17 2.81 1.01 -12.10
C PHE B 17 2.11 1.66 -10.89
N GLN B 18 2.20 2.96 -10.77
CA GLN B 18 1.54 3.65 -9.63
C GLN B 18 0.06 3.30 -9.60
N THR B 19 -0.62 3.45 -10.69
CA THR B 19 -2.07 3.13 -10.72
C THR B 19 -2.29 1.71 -10.20
N LYS B 20 -1.38 0.82 -10.49
CA LYS B 20 -1.52 -0.57 -10.00
C LYS B 20 -1.43 -0.58 -8.48
N VAL B 21 -0.60 0.26 -7.94
CA VAL B 21 -0.47 0.34 -6.46
C VAL B 21 -1.67 1.09 -5.89
N GLU B 22 -2.37 1.81 -6.73
CA GLU B 22 -3.56 2.56 -6.25
C GLU B 22 -4.71 1.59 -6.02
N GLU B 23 -4.93 0.69 -6.95
CA GLU B 23 -6.04 -0.29 -6.78
C GLU B 23 -5.63 -1.33 -5.73
N LEU B 24 -4.35 -1.57 -5.59
CA LEU B 24 -3.88 -2.56 -4.58
C LEU B 24 -4.06 -1.99 -3.17
N ILE B 25 -3.70 -0.75 -2.98
CA ILE B 25 -3.86 -0.11 -1.64
C ILE B 25 -5.35 -0.07 -1.27
N ASN B 26 -6.20 0.17 -2.22
CA ASN B 26 -7.66 0.21 -1.92
C ASN B 26 -8.13 -1.16 -1.47
N THR B 27 -7.66 -2.19 -2.12
CA THR B 27 -8.06 -3.57 -1.74
C THR B 27 -7.56 -3.90 -0.33
N LEU B 28 -6.45 -3.34 0.06
CA LEU B 28 -5.92 -3.60 1.42
C LEU B 28 -6.80 -2.89 2.45
N GLN B 29 -7.14 -1.66 2.18
CA GLN B 29 -8.02 -0.91 3.11
C GLN B 29 -9.42 -1.51 3.06
N GLN B 30 -9.67 -2.33 2.07
CA GLN B 30 -11.01 -2.99 1.96
C GLN B 30 -11.05 -4.21 2.86
N LYS B 31 -10.09 -5.08 2.72
CA LYS B 31 -10.05 -6.28 3.60
C LYS B 31 -9.80 -5.84 5.04
N LEU B 32 -9.35 -4.63 5.20
CA LEU B 32 -9.07 -4.10 6.57
C LEU B 32 -10.37 -3.55 7.18
N GLU B 33 -11.10 -2.77 6.41
CA GLU B 33 -12.38 -2.21 6.94
C GLU B 33 -13.39 -3.34 7.14
N ALA B 34 -13.13 -4.47 6.53
CA ALA B 34 -14.04 -5.63 6.69
C ALA B 34 -13.56 -6.43 7.89
N VAL B 35 -12.27 -6.55 8.03
CA VAL B 35 -11.70 -7.27 9.18
C VAL B 35 -12.16 -6.59 10.47
N ALA B 36 -12.23 -5.28 10.45
CA ALA B 36 -12.69 -4.56 11.67
C ALA B 36 -14.17 -4.85 11.91
N LYS B 37 -14.88 -5.17 10.88
CA LYS B 37 -16.34 -5.49 11.05
C LYS B 37 -16.49 -6.92 11.58
N ARG B 38 -15.53 -7.76 11.33
CA ARG B 38 -15.61 -9.15 11.85
C ARG B 38 -15.12 -9.16 13.29
N ILE B 39 -14.19 -8.29 13.60
CA ILE B 39 -13.67 -8.21 14.99
C ILE B 39 -14.78 -7.69 15.90
N GLU B 40 -15.45 -6.64 15.51
CA GLU B 40 -16.56 -6.13 16.35
C GLU B 40 -17.62 -7.22 16.43
N ALA B 41 -17.78 -7.96 15.36
CA ALA B 41 -18.76 -9.07 15.38
C ALA B 41 -18.45 -9.97 16.57
N LEU B 42 -17.19 -10.20 16.82
CA LEU B 42 -16.81 -11.03 17.99
C LEU B 42 -17.02 -10.22 19.27
N GLU B 43 -16.84 -8.94 19.19
CA GLU B 43 -17.05 -8.09 20.40
C GLU B 43 -18.53 -8.02 20.73
N ASN B 44 -19.37 -8.46 19.83
CA ASN B 44 -20.83 -8.45 20.10
C ASN B 44 -21.18 -9.55 21.10
N LYS B 45 -20.37 -10.58 21.16
CA LYS B 45 -20.66 -11.69 22.11
C LYS B 45 -19.46 -11.93 23.02
N ILE B 46 -18.37 -11.24 22.78
CA ILE B 46 -17.17 -11.42 23.65
C ILE B 46 -17.04 -10.21 24.58
N ILE B 47 -17.60 -9.10 24.18
CA ILE B 47 -17.51 -7.88 25.03
C ILE B 47 -17.90 -8.21 26.47
N GLY C 1 -9.64 24.01 -22.86
CA GLY C 1 -9.34 23.37 -21.55
C GLY C 1 -7.82 23.40 -21.30
N SER C 2 -7.41 23.19 -20.09
CA SER C 2 -5.95 23.19 -19.79
C SER C 2 -5.71 22.79 -18.33
N HIS C 3 -6.25 23.53 -17.40
CA HIS C 3 -6.04 23.18 -15.96
C HIS C 3 -4.57 23.34 -15.59
N MET C 4 -4.28 23.76 -14.39
CA MET C 4 -2.87 23.93 -13.97
C MET C 4 -2.13 22.58 -14.06
N GLU C 5 -1.36 22.39 -15.10
CA GLU C 5 -0.62 21.10 -15.24
C GLU C 5 0.53 21.27 -16.24
N GLU C 6 1.68 21.67 -15.77
CA GLU C 6 2.83 21.85 -16.70
C GLU C 6 4.01 20.97 -16.25
N ASP C 7 4.44 20.07 -17.10
CA ASP C 7 5.57 19.19 -16.74
C ASP C 7 5.89 18.24 -17.89
N PRO C 8 7.16 17.98 -18.08
CA PRO C 8 7.59 17.09 -19.17
C PRO C 8 7.26 15.63 -18.81
N CYS C 9 7.66 15.18 -17.66
CA CYS C 9 7.36 13.78 -17.25
C CYS C 9 7.01 13.73 -15.77
N GLU C 10 6.18 14.64 -15.31
CA GLU C 10 5.80 14.65 -13.87
C GLU C 10 7.02 14.35 -12.98
N CYS C 11 8.13 14.94 -13.29
CA CYS C 11 9.34 14.69 -12.46
C CYS C 11 9.01 14.81 -10.97
N LYS C 12 8.05 15.64 -10.65
CA LYS C 12 7.67 15.81 -9.22
C LYS C 12 6.22 15.37 -8.99
N SER C 13 5.49 15.13 -10.04
CA SER C 13 4.07 14.71 -9.89
C SER C 13 3.98 13.21 -9.60
N ILE C 14 4.95 12.46 -10.07
CA ILE C 14 4.96 10.99 -9.82
C ILE C 14 5.51 10.70 -8.43
N VAL C 15 6.50 11.45 -8.03
CA VAL C 15 7.09 11.23 -6.68
C VAL C 15 6.22 11.99 -5.67
N LYS C 16 5.44 12.92 -6.15
CA LYS C 16 4.52 13.66 -5.24
C LYS C 16 3.39 12.71 -4.88
N PHE C 17 2.95 11.95 -5.85
CA PHE C 17 1.88 10.96 -5.59
C PHE C 17 2.46 9.88 -4.69
N GLN C 18 3.73 9.61 -4.84
CA GLN C 18 4.38 8.56 -3.99
C GLN C 18 4.20 8.90 -2.51
N THR C 19 4.51 10.11 -2.13
CA THR C 19 4.35 10.50 -0.70
C THR C 19 2.92 10.19 -0.25
N LYS C 20 1.96 10.37 -1.14
CA LYS C 20 0.54 10.08 -0.77
C LYS C 20 0.40 8.58 -0.50
N VAL C 21 1.11 7.77 -1.24
CA VAL C 21 1.05 6.31 -1.03
C VAL C 21 1.87 5.94 0.21
N GLU C 22 2.73 6.83 0.63
CA GLU C 22 3.57 6.55 1.83
C GLU C 22 2.69 6.71 3.07
N GLU C 23 1.91 7.75 3.14
CA GLU C 23 1.02 7.95 4.31
C GLU C 23 -0.15 6.96 4.25
N LEU C 24 -0.50 6.55 3.06
CA LEU C 24 -1.63 5.59 2.93
C LEU C 24 -1.18 4.19 3.37
N ILE C 25 0.00 3.80 2.99
CA ILE C 25 0.51 2.46 3.41
C ILE C 25 0.67 2.43 4.94
N ASN C 26 1.07 3.51 5.53
CA ASN C 26 1.23 3.53 7.02
C ASN C 26 -0.14 3.35 7.68
N THR C 27 -1.14 4.00 7.14
CA THR C 27 -2.50 3.87 7.71
C THR C 27 -3.00 2.43 7.58
N LEU C 28 -2.58 1.75 6.56
CA LEU C 28 -3.02 0.33 6.38
C LEU C 28 -2.32 -0.54 7.41
N GLN C 29 -1.05 -0.34 7.59
CA GLN C 29 -0.30 -1.12 8.60
C GLN C 29 -0.75 -0.69 10.00
N GLN C 30 -1.46 0.40 10.08
CA GLN C 30 -1.96 0.88 11.40
C GLN C 30 -3.26 0.15 11.73
N LYS C 31 -4.19 0.16 10.83
CA LYS C 31 -5.48 -0.55 11.08
C LYS C 31 -5.19 -2.05 11.15
N LEU C 32 -4.06 -2.45 10.64
CA LEU C 32 -3.69 -3.90 10.67
C LEU C 32 -3.07 -4.24 12.02
N GLU C 33 -2.17 -3.42 12.48
CA GLU C 33 -1.52 -3.68 13.80
C GLU C 33 -2.56 -3.52 14.92
N ALA C 34 -3.65 -2.88 14.62
CA ALA C 34 -4.72 -2.71 15.63
C ALA C 34 -5.68 -3.89 15.49
N VAL C 35 -5.90 -4.31 14.28
CA VAL C 35 -6.79 -5.47 14.05
C VAL C 35 -6.17 -6.70 14.74
N ALA C 36 -4.87 -6.80 14.73
CA ALA C 36 -4.22 -7.97 15.38
C ALA C 36 -4.38 -7.83 16.90
N LYS C 37 -4.54 -6.62 17.37
CA LYS C 37 -4.72 -6.42 18.84
C LYS C 37 -6.16 -6.74 19.24
N ARG C 38 -7.07 -6.63 18.32
CA ARG C 38 -8.48 -6.97 18.63
C ARG C 38 -8.66 -8.48 18.50
N ILE C 39 -7.94 -9.08 17.59
CA ILE C 39 -8.03 -10.56 17.41
C ILE C 39 -7.48 -11.24 18.66
N GLU C 40 -6.34 -10.82 19.13
CA GLU C 40 -5.78 -11.44 20.36
C GLU C 40 -6.75 -11.16 21.50
N ALA C 41 -7.40 -10.02 21.47
CA ALA C 41 -8.39 -9.70 22.51
C ALA C 41 -9.42 -10.83 22.57
N LEU C 42 -9.79 -11.34 21.41
CA LEU C 42 -10.77 -12.47 21.39
C LEU C 42 -10.06 -13.74 21.81
N GLU C 43 -8.79 -13.83 21.54
CA GLU C 43 -8.02 -15.04 21.95
C GLU C 43 -7.85 -15.05 23.46
N ASN C 44 -8.12 -13.94 24.09
CA ASN C 44 -7.99 -13.87 25.57
C ASN C 44 -9.15 -14.62 26.23
N LYS C 45 -10.24 -14.75 25.54
CA LYS C 45 -11.41 -15.48 26.13
C LYS C 45 -11.85 -16.60 25.18
N ILE C 46 -11.24 -16.71 24.04
CA ILE C 46 -11.62 -17.80 23.10
C ILE C 46 -10.51 -18.86 23.08
N ILE C 47 -9.32 -18.46 23.42
CA ILE C 47 -8.19 -19.44 23.43
C ILE C 47 -8.59 -20.71 24.17
N GLY A 1 29.07 14.90 -24.42
CA GLY A 1 28.86 13.98 -25.57
C GLY A 1 27.36 13.74 -25.75
N SER A 2 26.98 12.51 -25.99
CA SER A 2 25.52 12.22 -26.18
C SER A 2 24.90 11.75 -24.86
N HIS A 3 25.72 11.32 -23.93
CA HIS A 3 25.18 10.86 -22.62
C HIS A 3 24.32 11.94 -21.99
N MET A 4 23.24 11.56 -21.35
CA MET A 4 22.36 12.58 -20.70
C MET A 4 22.96 13.04 -19.38
N GLU A 5 22.23 13.80 -18.61
CA GLU A 5 22.75 14.29 -17.31
C GLU A 5 22.80 13.15 -16.29
N GLU A 6 23.11 13.45 -15.06
CA GLU A 6 23.18 12.36 -14.03
C GLU A 6 21.99 12.47 -13.08
N ASP A 7 21.16 11.46 -13.02
CA ASP A 7 19.98 11.50 -12.11
C ASP A 7 19.27 12.85 -12.24
N PRO A 8 18.58 13.01 -13.34
CA PRO A 8 17.84 14.27 -13.59
C PRO A 8 16.59 14.33 -12.72
N CYS A 9 15.70 13.38 -12.88
CA CYS A 9 14.46 13.38 -12.05
C CYS A 9 14.33 12.05 -11.32
N GLU A 10 15.30 11.70 -10.51
CA GLU A 10 15.23 10.41 -9.77
C GLU A 10 14.74 9.30 -10.69
N CYS A 11 15.22 9.27 -11.92
CA CYS A 11 14.77 8.22 -12.86
C CYS A 11 14.78 6.85 -12.16
N LYS A 12 15.61 6.68 -11.17
CA LYS A 12 15.65 5.37 -10.46
C LYS A 12 15.42 5.58 -8.96
N SER A 13 15.41 6.80 -8.52
CA SER A 13 15.18 7.07 -7.06
C SER A 13 13.69 7.02 -6.73
N ILE A 14 12.87 7.43 -7.65
CA ILE A 14 11.39 7.40 -7.43
C ILE A 14 10.89 5.97 -7.60
N VAL A 15 11.43 5.29 -8.56
CA VAL A 15 11.03 3.89 -8.79
C VAL A 15 11.77 3.02 -7.79
N LYS A 16 12.81 3.56 -7.21
CA LYS A 16 13.57 2.82 -6.18
C LYS A 16 12.67 2.73 -4.95
N PHE A 17 12.01 3.81 -4.65
CA PHE A 17 11.08 3.80 -3.49
C PHE A 17 9.88 2.94 -3.87
N GLN A 18 9.52 2.93 -5.12
CA GLN A 18 8.36 2.09 -5.57
C GLN A 18 8.58 0.64 -5.16
N THR A 19 9.76 0.12 -5.38
CA THR A 19 10.04 -1.28 -5.00
C THR A 19 9.82 -1.46 -3.50
N LYS A 20 10.19 -0.47 -2.72
CA LYS A 20 9.97 -0.57 -1.25
C LYS A 20 8.48 -0.62 -0.98
N VAL A 21 7.71 0.00 -1.83
CA VAL A 21 6.23 -0.01 -1.69
C VAL A 21 5.69 -1.33 -2.25
N GLU A 22 6.45 -1.97 -3.08
CA GLU A 22 6.00 -3.26 -3.67
C GLU A 22 6.06 -4.35 -2.61
N GLU A 23 7.16 -4.45 -1.92
CA GLU A 23 7.29 -5.49 -0.86
C GLU A 23 6.44 -5.09 0.36
N LEU A 24 6.34 -3.83 0.65
CA LEU A 24 5.53 -3.39 1.82
C LEU A 24 4.05 -3.69 1.57
N ILE A 25 3.57 -3.37 0.39
CA ILE A 25 2.13 -3.65 0.09
C ILE A 25 1.89 -5.16 0.21
N ASN A 26 2.81 -5.96 -0.24
CA ASN A 26 2.62 -7.43 -0.12
C ASN A 26 2.51 -7.81 1.36
N THR A 27 3.36 -7.25 2.16
CA THR A 27 3.32 -7.55 3.63
C THR A 27 1.97 -7.13 4.21
N LEU A 28 1.40 -6.08 3.69
CA LEU A 28 0.07 -5.62 4.22
C LEU A 28 -1.00 -6.63 3.83
N GLN A 29 -1.01 -7.04 2.60
CA GLN A 29 -2.01 -8.04 2.14
C GLN A 29 -1.71 -9.38 2.83
N GLN A 30 -0.56 -9.49 3.42
CA GLN A 30 -0.19 -10.75 4.12
C GLN A 30 -0.81 -10.75 5.53
N LYS A 31 -0.62 -9.67 6.26
CA LYS A 31 -1.21 -9.59 7.61
C LYS A 31 -2.73 -9.49 7.49
N LEU A 32 -3.20 -9.15 6.32
CA LEU A 32 -4.67 -9.04 6.11
C LEU A 32 -5.26 -10.43 5.85
N GLU A 33 -4.62 -11.20 5.00
CA GLU A 33 -5.13 -12.57 4.72
C GLU A 33 -4.91 -13.44 5.96
N ALA A 34 -4.06 -13.00 6.84
CA ALA A 34 -3.81 -13.77 8.10
C ALA A 34 -4.78 -13.26 9.14
N VAL A 35 -5.09 -11.99 9.07
CA VAL A 35 -6.06 -11.40 10.03
C VAL A 35 -7.42 -12.04 9.80
N ALA A 36 -7.77 -12.28 8.57
CA ALA A 36 -9.07 -12.94 8.29
C ALA A 36 -9.03 -14.37 8.79
N LYS A 37 -7.86 -14.95 8.82
CA LYS A 37 -7.72 -16.35 9.32
C LYS A 37 -7.91 -16.36 10.83
N ARG A 38 -7.45 -15.33 11.49
CA ARG A 38 -7.60 -15.27 12.96
C ARG A 38 -9.07 -15.00 13.30
N ILE A 39 -9.71 -14.14 12.56
CA ILE A 39 -11.14 -13.86 12.80
C ILE A 39 -11.91 -15.18 12.72
N GLU A 40 -11.57 -15.99 11.77
CA GLU A 40 -12.25 -17.31 11.64
C GLU A 40 -11.91 -18.14 12.87
N ALA A 41 -10.70 -18.01 13.36
CA ALA A 41 -10.31 -18.77 14.58
C ALA A 41 -11.31 -18.46 15.68
N LEU A 42 -11.79 -17.25 15.72
CA LEU A 42 -12.80 -16.86 16.75
C LEU A 42 -14.17 -17.35 16.30
N GLU A 43 -14.40 -17.38 15.01
CA GLU A 43 -15.72 -17.85 14.52
C GLU A 43 -15.86 -19.35 14.77
N ASN A 44 -14.77 -20.01 15.02
CA ASN A 44 -14.83 -21.47 15.31
C ASN A 44 -15.36 -21.67 16.72
N LYS A 45 -15.33 -20.65 17.52
CA LYS A 45 -15.83 -20.77 18.91
C LYS A 45 -17.07 -19.89 19.10
N ILE A 46 -17.29 -18.96 18.21
CA ILE A 46 -18.48 -18.07 18.33
C ILE A 46 -19.55 -18.52 17.33
N ILE A 47 -19.19 -19.38 16.41
CA ILE A 47 -20.17 -19.86 15.40
C ILE A 47 -21.44 -20.34 16.10
N GLY B 1 13.92 15.55 -35.10
CA GLY B 1 13.18 16.84 -35.05
C GLY B 1 13.13 17.36 -33.61
N SER B 2 12.01 17.88 -33.19
CA SER B 2 11.91 18.40 -31.80
C SER B 2 11.43 17.29 -30.85
N HIS B 3 10.74 16.31 -31.38
CA HIS B 3 10.23 15.21 -30.50
C HIS B 3 11.36 14.67 -29.62
N MET B 4 11.04 14.21 -28.44
CA MET B 4 12.08 13.67 -27.52
C MET B 4 12.34 12.19 -27.84
N GLU B 5 13.04 11.51 -26.98
CA GLU B 5 13.33 10.07 -27.22
C GLU B 5 12.08 9.22 -26.93
N GLU B 6 12.21 7.92 -27.01
CA GLU B 6 11.03 7.04 -26.75
C GLU B 6 11.17 6.35 -25.39
N ASP B 7 10.28 6.63 -24.47
CA ASP B 7 10.37 5.99 -23.13
C ASP B 7 11.79 6.09 -22.59
N PRO B 8 12.15 7.28 -22.20
CA PRO B 8 13.50 7.52 -21.63
C PRO B 8 13.59 6.94 -20.21
N CYS B 9 12.79 7.44 -19.32
CA CYS B 9 12.82 6.94 -17.91
C CYS B 9 11.43 6.41 -17.53
N GLU B 10 10.91 5.46 -18.28
CA GLU B 10 9.57 4.91 -17.96
C GLU B 10 8.61 6.04 -17.60
N CYS B 11 8.65 7.12 -18.32
CA CYS B 11 7.74 8.26 -18.02
C CYS B 11 6.34 7.74 -17.74
N LYS B 12 5.96 6.64 -18.31
CA LYS B 12 4.59 6.08 -18.07
C LYS B 12 4.68 4.65 -17.52
N SER B 13 5.86 4.08 -17.52
CA SER B 13 6.01 2.69 -17.00
C SER B 13 6.08 2.70 -15.47
N ILE B 14 6.68 3.71 -14.92
CA ILE B 14 6.79 3.81 -13.44
C ILE B 14 5.46 4.25 -12.87
N VAL B 15 4.81 5.17 -13.53
CA VAL B 15 3.49 5.65 -13.04
C VAL B 15 2.45 4.62 -13.47
N LYS B 16 2.80 3.79 -14.41
CA LYS B 16 1.87 2.73 -14.84
C LYS B 16 1.77 1.74 -13.68
N PHE B 17 2.90 1.44 -13.08
CA PHE B 17 2.89 0.54 -11.91
C PHE B 17 2.19 1.27 -10.76
N GLN B 18 2.36 2.56 -10.69
CA GLN B 18 1.70 3.36 -9.61
C GLN B 18 0.20 3.09 -9.61
N THR B 19 -0.41 3.11 -10.76
CA THR B 19 -1.88 2.85 -10.82
C THR B 19 -2.19 1.46 -10.26
N LYS B 20 -1.33 0.50 -10.52
CA LYS B 20 -1.56 -0.86 -9.98
C LYS B 20 -1.45 -0.79 -8.46
N VAL B 21 -0.66 0.12 -7.97
CA VAL B 21 -0.51 0.29 -6.50
C VAL B 21 -1.70 1.09 -5.98
N GLU B 22 -2.34 1.84 -6.84
CA GLU B 22 -3.50 2.66 -6.41
C GLU B 22 -4.70 1.75 -6.14
N GLU B 23 -5.01 0.87 -7.05
CA GLU B 23 -6.15 -0.05 -6.86
C GLU B 23 -5.81 -1.10 -5.80
N LEU B 24 -4.58 -1.53 -5.75
CA LEU B 24 -4.19 -2.54 -4.73
C LEU B 24 -4.30 -1.94 -3.33
N ILE B 25 -3.79 -0.75 -3.15
CA ILE B 25 -3.88 -0.10 -1.80
C ILE B 25 -5.35 0.02 -1.40
N ASN B 26 -6.21 0.37 -2.32
CA ASN B 26 -7.66 0.49 -1.97
C ASN B 26 -8.18 -0.87 -1.49
N THR B 27 -7.82 -1.91 -2.18
CA THR B 27 -8.27 -3.27 -1.78
C THR B 27 -7.73 -3.60 -0.39
N LEU B 28 -6.57 -3.12 -0.06
CA LEU B 28 -6.00 -3.40 1.29
C LEU B 28 -6.83 -2.68 2.36
N GLN B 29 -7.15 -1.45 2.10
CA GLN B 29 -7.97 -0.67 3.06
C GLN B 29 -9.40 -1.24 3.05
N GLN B 30 -9.70 -2.06 2.09
CA GLN B 30 -11.05 -2.66 2.01
C GLN B 30 -11.11 -3.89 2.92
N LYS B 31 -10.16 -4.78 2.77
CA LYS B 31 -10.15 -5.98 3.65
C LYS B 31 -9.87 -5.54 5.08
N LEU B 32 -9.33 -4.36 5.24
CA LEU B 32 -9.02 -3.85 6.60
C LEU B 32 -10.30 -3.32 7.25
N GLU B 33 -11.06 -2.53 6.52
CA GLU B 33 -12.33 -2.00 7.09
C GLU B 33 -13.33 -3.14 7.24
N ALA B 34 -13.09 -4.24 6.56
CA ALA B 34 -14.00 -5.40 6.67
C ALA B 34 -13.49 -6.28 7.80
N VAL B 35 -12.20 -6.29 7.99
CA VAL B 35 -11.60 -7.08 9.09
C VAL B 35 -12.06 -6.47 10.42
N ALA B 36 -12.14 -5.17 10.48
CA ALA B 36 -12.60 -4.51 11.73
C ALA B 36 -14.07 -4.83 11.93
N LYS B 37 -14.79 -5.04 10.87
CA LYS B 37 -16.24 -5.38 10.99
C LYS B 37 -16.38 -6.81 11.52
N ARG B 38 -15.48 -7.67 11.12
CA ARG B 38 -15.55 -9.08 11.61
C ARG B 38 -15.15 -9.12 13.08
N ILE B 39 -14.16 -8.37 13.45
CA ILE B 39 -13.73 -8.32 14.87
C ILE B 39 -14.94 -7.91 15.71
N GLU B 40 -15.67 -6.93 15.25
CA GLU B 40 -16.89 -6.49 15.98
C GLU B 40 -17.89 -7.64 16.00
N ALA B 41 -17.94 -8.39 14.93
CA ALA B 41 -18.87 -9.55 14.88
C ALA B 41 -18.58 -10.46 16.08
N LEU B 42 -17.33 -10.58 16.44
CA LEU B 42 -16.96 -11.42 17.60
C LEU B 42 -17.23 -10.63 18.88
N GLU B 43 -17.10 -9.33 18.83
CA GLU B 43 -17.37 -8.49 20.04
C GLU B 43 -18.86 -8.54 20.36
N ASN B 44 -19.65 -8.93 19.40
CA ASN B 44 -21.12 -9.01 19.64
C ASN B 44 -21.41 -10.22 20.52
N LYS B 45 -20.50 -11.15 20.58
CA LYS B 45 -20.70 -12.36 21.42
C LYS B 45 -19.70 -12.37 22.57
N ILE B 46 -18.66 -11.59 22.47
CA ILE B 46 -17.65 -11.55 23.58
C ILE B 46 -17.85 -10.30 24.43
N ILE B 47 -18.65 -9.37 23.95
CA ILE B 47 -18.90 -8.13 24.73
C ILE B 47 -19.31 -8.47 26.16
N GLY C 1 17.36 29.10 -22.78
CA GLY C 1 18.73 29.02 -22.19
C GLY C 1 19.06 27.56 -21.87
N SER C 2 19.68 27.31 -20.75
CA SER C 2 20.04 25.91 -20.38
C SER C 2 18.91 25.26 -19.57
N HIS C 3 18.07 26.07 -18.97
CA HIS C 3 16.95 25.50 -18.16
C HIS C 3 16.17 24.47 -18.99
N MET C 4 15.75 23.39 -18.36
CA MET C 4 14.99 22.36 -19.11
C MET C 4 13.54 22.81 -19.33
N GLU C 5 12.68 21.92 -19.73
CA GLU C 5 11.26 22.31 -19.95
C GLU C 5 10.53 22.42 -18.60
N GLU C 6 9.24 22.58 -18.63
CA GLU C 6 8.47 22.70 -17.35
C GLU C 6 7.65 21.43 -17.11
N ASP C 7 7.93 20.71 -16.06
CA ASP C 7 7.15 19.48 -15.77
C ASP C 7 7.01 18.62 -17.04
N PRO C 8 8.08 18.00 -17.42
CA PRO C 8 8.08 17.15 -18.63
C PRO C 8 7.35 15.83 -18.35
N CYS C 9 7.83 15.05 -17.43
CA CYS C 9 7.16 13.76 -17.10
C CYS C 9 6.76 13.75 -15.62
N GLU C 10 5.97 14.70 -15.20
CA GLU C 10 5.56 14.75 -13.76
C GLU C 10 6.77 14.47 -12.86
N CYS C 11 7.89 15.05 -13.16
CA CYS C 11 9.10 14.81 -12.33
C CYS C 11 8.74 14.89 -10.84
N LYS C 12 7.74 15.64 -10.50
CA LYS C 12 7.35 15.74 -9.07
C LYS C 12 5.87 15.39 -8.90
N SER C 13 5.16 15.20 -9.98
CA SER C 13 3.71 14.84 -9.89
C SER C 13 3.54 13.34 -9.64
N ILE C 14 4.44 12.55 -10.18
CA ILE C 14 4.37 11.08 -9.99
C ILE C 14 4.92 10.75 -8.61
N VAL C 15 5.94 11.44 -8.21
CA VAL C 15 6.53 11.21 -6.87
C VAL C 15 5.67 11.97 -5.85
N LYS C 16 4.89 12.89 -6.33
CA LYS C 16 3.98 13.64 -5.42
C LYS C 16 2.90 12.65 -4.99
N PHE C 17 2.42 11.87 -5.92
CA PHE C 17 1.40 10.84 -5.56
C PHE C 17 2.08 9.78 -4.71
N GLN C 18 3.35 9.53 -4.96
CA GLN C 18 4.08 8.51 -4.16
C GLN C 18 4.00 8.85 -2.67
N THR C 19 4.21 10.09 -2.33
CA THR C 19 4.12 10.48 -0.89
C THR C 19 2.73 10.18 -0.35
N LYS C 20 1.72 10.41 -1.14
CA LYS C 20 0.33 10.11 -0.67
C LYS C 20 0.23 8.61 -0.44
N VAL C 21 0.98 7.84 -1.18
CA VAL C 21 0.97 6.37 -1.01
C VAL C 21 1.87 5.99 0.17
N GLU C 22 2.77 6.86 0.53
CA GLU C 22 3.68 6.58 1.68
C GLU C 22 2.90 6.68 2.99
N GLU C 23 2.17 7.75 3.16
CA GLU C 23 1.38 7.92 4.41
C GLU C 23 0.19 6.96 4.41
N LEU C 24 -0.39 6.71 3.27
CA LEU C 24 -1.54 5.78 3.22
C LEU C 24 -1.08 4.37 3.58
N ILE C 25 0.02 3.93 3.03
CA ILE C 25 0.53 2.57 3.36
C ILE C 25 0.77 2.46 4.86
N ASN C 26 1.30 3.50 5.46
CA ASN C 26 1.54 3.45 6.93
C ASN C 26 0.21 3.26 7.66
N THR C 27 -0.78 3.99 7.26
CA THR C 27 -2.12 3.87 7.91
C THR C 27 -2.65 2.45 7.73
N LEU C 28 -2.37 1.82 6.62
CA LEU C 28 -2.86 0.43 6.41
C LEU C 28 -2.15 -0.50 7.38
N GLN C 29 -0.87 -0.35 7.52
CA GLN C 29 -0.10 -1.20 8.47
C GLN C 29 -0.48 -0.82 9.90
N GLN C 30 -1.14 0.30 10.05
CA GLN C 30 -1.55 0.74 11.41
C GLN C 30 -2.85 0.03 11.79
N LYS C 31 -3.83 0.07 10.92
CA LYS C 31 -5.11 -0.62 11.23
C LYS C 31 -4.88 -2.12 11.22
N LEU C 32 -3.80 -2.55 10.60
CA LEU C 32 -3.48 -3.99 10.55
C LEU C 32 -2.86 -4.41 11.89
N GLU C 33 -1.91 -3.66 12.37
CA GLU C 33 -1.28 -4.01 13.68
C GLU C 33 -2.29 -3.81 14.81
N ALA C 34 -3.33 -3.06 14.54
CA ALA C 34 -4.38 -2.84 15.58
C ALA C 34 -5.43 -3.93 15.40
N VAL C 35 -5.60 -4.37 14.19
CA VAL C 35 -6.57 -5.46 13.92
C VAL C 35 -6.07 -6.73 14.61
N ALA C 36 -4.78 -6.92 14.60
CA ALA C 36 -4.21 -8.13 15.27
C ALA C 36 -4.39 -7.97 16.79
N LYS C 37 -4.41 -6.75 17.25
CA LYS C 37 -4.59 -6.51 18.71
C LYS C 37 -6.04 -6.79 19.09
N ARG C 38 -6.96 -6.52 18.20
CA ARG C 38 -8.40 -6.78 18.49
C ARG C 38 -8.64 -8.29 18.44
N ILE C 39 -8.03 -8.95 17.50
CA ILE C 39 -8.19 -10.42 17.41
C ILE C 39 -7.74 -11.04 18.72
N GLU C 40 -6.67 -10.56 19.27
CA GLU C 40 -6.19 -11.10 20.57
C GLU C 40 -7.21 -10.75 21.65
N ALA C 41 -7.82 -9.59 21.52
CA ALA C 41 -8.85 -9.21 22.52
C ALA C 41 -9.92 -10.31 22.57
N LEU C 42 -10.18 -10.92 21.45
CA LEU C 42 -11.18 -12.02 21.41
C LEU C 42 -10.52 -13.30 21.90
N GLU C 43 -9.24 -13.45 21.63
CA GLU C 43 -8.52 -14.67 22.09
C GLU C 43 -8.42 -14.67 23.61
N ASN C 44 -8.61 -13.54 24.21
CA ASN C 44 -8.55 -13.46 25.69
C ASN C 44 -9.80 -14.08 26.27
N LYS C 45 -10.84 -14.20 25.47
CA LYS C 45 -12.10 -14.80 25.97
C LYS C 45 -12.35 -16.13 25.24
N ILE C 46 -11.68 -16.38 24.16
CA ILE C 46 -11.89 -17.66 23.43
C ILE C 46 -10.71 -18.60 23.71
N ILE C 47 -9.66 -18.09 24.28
CA ILE C 47 -8.47 -18.96 24.58
C ILE C 47 -8.93 -20.23 25.29
N GLY A 1 18.89 14.14 2.37
CA GLY A 1 18.39 13.80 1.00
C GLY A 1 19.50 14.02 -0.02
N SER A 2 20.18 12.98 -0.40
CA SER A 2 21.29 13.12 -1.40
C SER A 2 21.68 11.76 -1.95
N HIS A 3 21.78 11.63 -3.25
CA HIS A 3 22.16 10.32 -3.84
C HIS A 3 23.50 10.45 -4.58
N MET A 4 24.08 9.35 -4.97
CA MET A 4 25.37 9.40 -5.70
C MET A 4 25.14 9.40 -7.21
N GLU A 5 26.19 9.47 -7.98
CA GLU A 5 26.02 9.47 -9.47
C GLU A 5 25.06 10.58 -9.88
N GLU A 6 24.74 10.67 -11.14
CA GLU A 6 23.81 11.74 -11.60
C GLU A 6 22.40 11.51 -11.02
N ASP A 7 21.53 12.47 -11.16
CA ASP A 7 20.16 12.31 -10.63
C ASP A 7 19.33 13.57 -10.91
N PRO A 8 18.96 13.71 -12.16
CA PRO A 8 18.15 14.89 -12.58
C PRO A 8 16.69 14.74 -12.11
N CYS A 9 16.02 13.70 -12.54
CA CYS A 9 14.61 13.51 -12.12
C CYS A 9 14.42 12.13 -11.48
N GLU A 10 15.37 11.70 -10.68
CA GLU A 10 15.25 10.36 -10.03
C GLU A 10 14.69 9.34 -11.02
N CYS A 11 15.14 9.36 -12.24
CA CYS A 11 14.63 8.40 -13.25
C CYS A 11 14.53 6.99 -12.66
N LYS A 12 15.38 6.67 -11.73
CA LYS A 12 15.32 5.32 -11.10
C LYS A 12 15.15 5.43 -9.60
N SER A 13 15.27 6.62 -9.06
CA SER A 13 15.10 6.79 -7.58
C SER A 13 13.63 6.76 -7.20
N ILE A 14 12.77 7.14 -8.10
CA ILE A 14 11.31 7.14 -7.82
C ILE A 14 10.76 5.74 -8.05
N VAL A 15 11.31 5.05 -8.99
CA VAL A 15 10.85 3.67 -9.29
C VAL A 15 11.51 2.74 -8.27
N LYS A 16 12.58 3.19 -7.67
CA LYS A 16 13.25 2.37 -6.64
C LYS A 16 12.41 2.46 -5.39
N PHE A 17 11.93 3.64 -5.08
CA PHE A 17 11.05 3.79 -3.90
C PHE A 17 9.79 2.97 -4.15
N GLN A 18 9.38 2.88 -5.39
CA GLN A 18 8.18 2.07 -5.72
C GLN A 18 8.39 0.63 -5.28
N THR A 19 9.54 0.09 -5.57
CA THR A 19 9.83 -1.32 -5.17
C THR A 19 9.67 -1.46 -3.66
N LYS A 20 9.99 -0.44 -2.92
CA LYS A 20 9.84 -0.52 -1.45
C LYS A 20 8.36 -0.57 -1.11
N VAL A 21 7.56 0.06 -1.92
CA VAL A 21 6.09 0.04 -1.70
C VAL A 21 5.52 -1.28 -2.22
N GLU A 22 6.29 -1.96 -3.04
CA GLU A 22 5.82 -3.25 -3.59
C GLU A 22 5.92 -4.35 -2.51
N GLU A 23 7.02 -4.39 -1.82
CA GLU A 23 7.18 -5.42 -0.76
C GLU A 23 6.34 -5.02 0.46
N LEU A 24 6.18 -3.74 0.68
CA LEU A 24 5.36 -3.28 1.83
C LEU A 24 3.88 -3.63 1.58
N ILE A 25 3.39 -3.32 0.41
CA ILE A 25 1.97 -3.63 0.09
C ILE A 25 1.73 -5.14 0.25
N ASN A 26 2.69 -5.94 -0.15
CA ASN A 26 2.51 -7.41 0.00
C ASN A 26 2.43 -7.79 1.47
N THR A 27 3.25 -7.17 2.28
CA THR A 27 3.23 -7.46 3.74
C THR A 27 1.88 -7.06 4.34
N LEU A 28 1.25 -6.06 3.79
CA LEU A 28 -0.06 -5.62 4.33
C LEU A 28 -1.12 -6.65 3.95
N GLN A 29 -1.10 -7.08 2.72
CA GLN A 29 -2.09 -8.11 2.28
C GLN A 29 -1.76 -9.43 2.96
N GLN A 30 -0.60 -9.52 3.54
CA GLN A 30 -0.21 -10.77 4.25
C GLN A 30 -0.79 -10.75 5.66
N LYS A 31 -0.52 -9.70 6.39
CA LYS A 31 -1.08 -9.61 7.76
C LYS A 31 -2.60 -9.46 7.67
N LEU A 32 -3.09 -9.19 6.48
CA LEU A 32 -4.56 -9.04 6.29
C LEU A 32 -5.20 -10.41 6.05
N GLU A 33 -4.67 -11.18 5.14
CA GLU A 33 -5.25 -12.53 4.87
C GLU A 33 -5.08 -13.39 6.12
N ALA A 34 -4.07 -13.12 6.88
CA ALA A 34 -3.85 -13.89 8.13
C ALA A 34 -4.77 -13.34 9.20
N VAL A 35 -5.00 -12.06 9.16
CA VAL A 35 -5.91 -11.41 10.14
C VAL A 35 -7.30 -12.05 10.00
N ALA A 36 -7.75 -12.23 8.79
CA ALA A 36 -9.08 -12.85 8.58
C ALA A 36 -9.03 -14.31 9.05
N LYS A 37 -7.90 -14.93 8.91
CA LYS A 37 -7.78 -16.36 9.36
C LYS A 37 -7.83 -16.40 10.89
N ARG A 38 -7.41 -15.34 11.53
CA ARG A 38 -7.45 -15.32 13.01
C ARG A 38 -8.89 -15.09 13.47
N ILE A 39 -9.56 -14.15 12.87
CA ILE A 39 -10.98 -13.90 13.25
C ILE A 39 -11.76 -15.20 13.07
N GLU A 40 -11.48 -15.94 12.03
CA GLU A 40 -12.19 -17.22 11.83
C GLU A 40 -11.83 -18.15 12.98
N ALA A 41 -10.61 -18.06 13.47
CA ALA A 41 -10.20 -18.90 14.62
C ALA A 41 -11.16 -18.66 15.77
N LEU A 42 -11.59 -17.43 15.93
CA LEU A 42 -12.55 -17.11 17.01
C LEU A 42 -13.94 -17.57 16.59
N GLU A 43 -14.21 -17.53 15.32
CA GLU A 43 -15.55 -17.97 14.83
C GLU A 43 -15.66 -19.48 14.99
N ASN A 44 -14.55 -20.14 15.21
CA ASN A 44 -14.60 -21.62 15.39
C ASN A 44 -15.13 -21.92 16.79
N LYS A 45 -15.03 -20.98 17.67
CA LYS A 45 -15.54 -21.19 19.06
C LYS A 45 -16.76 -20.29 19.29
N ILE A 46 -16.98 -19.33 18.42
CA ILE A 46 -18.15 -18.44 18.57
C ILE A 46 -19.30 -18.94 17.69
N ILE A 47 -18.98 -19.76 16.73
CA ILE A 47 -20.04 -20.29 15.84
C ILE A 47 -21.03 -21.15 16.65
N GLY B 1 11.95 -8.07 -18.89
CA GLY B 1 11.74 -6.60 -18.72
C GLY B 1 11.93 -5.90 -20.07
N SER B 2 10.86 -5.50 -20.70
CA SER B 2 10.97 -4.82 -22.01
C SER B 2 9.63 -4.23 -22.43
N HIS B 3 9.59 -2.96 -22.77
CA HIS B 3 8.30 -2.34 -23.18
C HIS B 3 8.35 -1.96 -24.66
N MET B 4 7.25 -1.56 -25.22
CA MET B 4 7.23 -1.16 -26.66
C MET B 4 7.37 0.36 -26.79
N GLU B 5 7.47 0.85 -27.99
CA GLU B 5 7.61 2.32 -28.18
C GLU B 5 8.85 2.82 -27.44
N GLU B 6 9.07 4.10 -27.42
CA GLU B 6 10.26 4.66 -26.71
C GLU B 6 10.12 4.45 -25.20
N ASP B 7 11.16 4.67 -24.46
CA ASP B 7 11.10 4.50 -22.98
C ASP B 7 12.44 4.83 -22.35
N PRO B 8 12.74 6.10 -22.28
CA PRO B 8 14.02 6.56 -21.69
C PRO B 8 13.98 6.45 -20.16
N CYS B 9 13.05 7.11 -19.54
CA CYS B 9 12.97 7.06 -18.06
C CYS B 9 11.55 6.64 -17.62
N GLU B 10 10.96 5.72 -18.32
CA GLU B 10 9.59 5.26 -17.94
C GLU B 10 8.72 6.44 -17.54
N CYS B 11 8.80 7.52 -18.27
CA CYS B 11 7.98 8.72 -17.93
C CYS B 11 6.55 8.32 -17.57
N LYS B 12 6.06 7.25 -18.14
CA LYS B 12 4.68 6.81 -17.83
C LYS B 12 4.68 5.35 -17.34
N SER B 13 5.80 4.70 -17.42
CA SER B 13 5.87 3.27 -16.95
C SER B 13 5.95 3.22 -15.43
N ILE B 14 6.49 4.24 -14.83
CA ILE B 14 6.60 4.29 -13.35
C ILE B 14 5.30 4.78 -12.76
N VAL B 15 4.64 5.66 -13.45
CA VAL B 15 3.34 6.19 -12.97
C VAL B 15 2.26 5.17 -13.30
N LYS B 16 2.55 4.30 -14.24
CA LYS B 16 1.57 3.23 -14.58
C LYS B 16 1.64 2.21 -13.48
N PHE B 17 2.83 1.89 -13.04
CA PHE B 17 2.97 0.93 -11.92
C PHE B 17 2.30 1.55 -10.69
N GLN B 18 2.35 2.86 -10.58
CA GLN B 18 1.70 3.54 -9.43
C GLN B 18 0.20 3.23 -9.42
N THR B 19 -0.42 3.29 -10.57
CA THR B 19 -1.87 2.99 -10.64
C THR B 19 -2.13 1.57 -10.11
N LYS B 20 -1.21 0.67 -10.33
CA LYS B 20 -1.40 -0.71 -9.83
C LYS B 20 -1.34 -0.68 -8.31
N VAL B 21 -0.56 0.22 -7.78
CA VAL B 21 -0.46 0.34 -6.30
C VAL B 21 -1.66 1.13 -5.78
N GLU B 22 -2.34 1.82 -6.66
CA GLU B 22 -3.53 2.61 -6.24
C GLU B 22 -4.71 1.66 -5.99
N GLU B 23 -4.93 0.73 -6.89
CA GLU B 23 -6.05 -0.22 -6.71
C GLU B 23 -5.67 -1.25 -5.64
N LEU B 24 -4.42 -1.58 -5.54
CA LEU B 24 -3.97 -2.55 -4.52
C LEU B 24 -4.14 -1.95 -3.13
N ILE B 25 -3.69 -0.74 -2.94
CA ILE B 25 -3.84 -0.09 -1.61
C ILE B 25 -5.32 -0.03 -1.24
N ASN B 26 -6.17 0.27 -2.17
CA ASN B 26 -7.63 0.34 -1.86
C ASN B 26 -8.12 -1.04 -1.41
N THR B 27 -7.69 -2.06 -2.07
CA THR B 27 -8.12 -3.44 -1.70
C THR B 27 -7.62 -3.77 -0.29
N LEU B 28 -6.50 -3.23 0.11
CA LEU B 28 -5.99 -3.51 1.48
C LEU B 28 -6.85 -2.79 2.50
N GLN B 29 -7.18 -1.56 2.24
CA GLN B 29 -8.05 -0.79 3.18
C GLN B 29 -9.46 -1.39 3.13
N GLN B 30 -9.73 -2.20 2.15
CA GLN B 30 -11.06 -2.84 2.03
C GLN B 30 -11.11 -4.07 2.92
N LYS B 31 -10.17 -4.96 2.75
CA LYS B 31 -10.12 -6.16 3.61
C LYS B 31 -9.84 -5.75 5.06
N LEU B 32 -9.40 -4.53 5.23
CA LEU B 32 -9.09 -4.02 6.60
C LEU B 32 -10.37 -3.51 7.26
N GLU B 33 -11.11 -2.67 6.58
CA GLU B 33 -12.36 -2.14 7.18
C GLU B 33 -13.35 -3.29 7.38
N ALA B 34 -13.23 -4.31 6.58
CA ALA B 34 -14.13 -5.49 6.72
C ALA B 34 -13.57 -6.37 7.83
N VAL B 35 -12.27 -6.39 7.95
CA VAL B 35 -11.62 -7.20 9.01
C VAL B 35 -12.08 -6.68 10.37
N ALA B 36 -12.14 -5.38 10.52
CA ALA B 36 -12.60 -4.80 11.81
C ALA B 36 -14.09 -5.11 11.99
N LYS B 37 -14.81 -5.21 10.91
CA LYS B 37 -16.25 -5.53 11.01
C LYS B 37 -16.41 -7.00 11.44
N ARG B 38 -15.48 -7.83 11.09
CA ARG B 38 -15.56 -9.26 11.47
C ARG B 38 -15.24 -9.39 12.96
N ILE B 39 -14.21 -8.72 13.41
CA ILE B 39 -13.86 -8.79 14.85
C ILE B 39 -15.06 -8.32 15.67
N GLU B 40 -15.73 -7.30 15.21
CA GLU B 40 -16.92 -6.81 15.94
C GLU B 40 -17.98 -7.92 15.91
N ALA B 41 -18.04 -8.65 14.83
CA ALA B 41 -19.02 -9.76 14.76
C ALA B 41 -18.77 -10.71 15.93
N LEU B 42 -17.53 -10.87 16.31
CA LEU B 42 -17.20 -11.75 17.46
C LEU B 42 -17.48 -10.98 18.75
N GLU B 43 -17.31 -9.69 18.73
CA GLU B 43 -17.57 -8.88 19.95
C GLU B 43 -19.07 -8.86 20.23
N ASN B 44 -19.85 -9.24 19.25
CA ASN B 44 -21.32 -9.25 19.45
C ASN B 44 -21.69 -10.43 20.34
N LYS B 45 -20.86 -11.45 20.34
CA LYS B 45 -21.12 -12.64 21.19
C LYS B 45 -20.13 -12.67 22.36
N ILE B 46 -19.09 -11.88 22.27
CA ILE B 46 -18.10 -11.85 23.39
C ILE B 46 -18.44 -10.69 24.34
N ILE B 47 -19.23 -9.75 23.88
CA ILE B 47 -19.59 -8.59 24.75
C ILE B 47 -20.46 -9.06 25.91
N GLY C 1 -7.42 16.80 -15.03
CA GLY C 1 -5.98 16.43 -14.97
C GLY C 1 -5.14 17.58 -15.53
N SER C 2 -4.68 18.46 -14.69
CA SER C 2 -3.86 19.60 -15.17
C SER C 2 -3.07 20.22 -14.02
N HIS C 3 -1.79 20.36 -14.16
CA HIS C 3 -0.98 20.97 -13.06
C HIS C 3 -0.45 22.35 -13.48
N MET C 4 0.15 23.07 -12.58
CA MET C 4 0.69 24.41 -12.93
C MET C 4 2.18 24.31 -13.25
N GLU C 5 2.80 25.40 -13.64
CA GLU C 5 4.25 25.37 -13.95
C GLU C 5 4.54 24.31 -15.02
N GLU C 6 5.77 24.17 -15.42
CA GLU C 6 6.12 23.16 -16.46
C GLU C 6 5.75 21.76 -15.95
N ASP C 7 5.77 20.78 -16.82
CA ASP C 7 5.43 19.39 -16.40
C ASP C 7 5.55 18.44 -17.59
N PRO C 8 6.77 18.14 -17.95
CA PRO C 8 7.03 17.23 -19.08
C PRO C 8 6.77 15.78 -18.67
N CYS C 9 7.48 15.28 -17.71
CA CYS C 9 7.27 13.87 -17.28
C CYS C 9 6.97 13.81 -15.78
N GLU C 10 6.18 14.72 -15.27
CA GLU C 10 5.85 14.71 -13.82
C GLU C 10 7.08 14.35 -12.99
N CYS C 11 8.22 14.91 -13.33
CA CYS C 11 9.46 14.59 -12.57
C CYS C 11 9.19 14.60 -11.06
N LYS C 12 8.27 15.41 -10.62
CA LYS C 12 7.96 15.45 -9.17
C LYS C 12 6.47 15.14 -8.93
N SER C 13 5.70 15.08 -9.97
CA SER C 13 4.24 14.78 -9.80
C SER C 13 4.04 13.29 -9.54
N ILE C 14 4.93 12.48 -10.01
CA ILE C 14 4.81 11.01 -9.80
C ILE C 14 5.39 10.65 -8.44
N VAL C 15 6.40 11.34 -8.05
CA VAL C 15 7.03 11.08 -6.73
C VAL C 15 6.17 11.76 -5.67
N LYS C 16 5.39 12.71 -6.08
CA LYS C 16 4.47 13.39 -5.12
C LYS C 16 3.34 12.43 -4.83
N PHE C 17 2.84 11.80 -5.87
CA PHE C 17 1.76 10.80 -5.66
C PHE C 17 2.32 9.67 -4.79
N GLN C 18 3.59 9.40 -4.92
CA GLN C 18 4.22 8.33 -4.08
C GLN C 18 4.08 8.69 -2.61
N THR C 19 4.34 9.92 -2.27
CA THR C 19 4.21 10.34 -0.85
C THR C 19 2.80 10.07 -0.35
N LYS C 20 1.83 10.19 -1.22
CA LYS C 20 0.42 9.91 -0.80
C LYS C 20 0.30 8.42 -0.52
N VAL C 21 1.03 7.63 -1.25
CA VAL C 21 0.99 6.15 -1.03
C VAL C 21 1.85 5.81 0.19
N GLU C 22 2.70 6.72 0.58
CA GLU C 22 3.56 6.48 1.77
C GLU C 22 2.74 6.61 3.05
N GLU C 23 1.95 7.64 3.14
CA GLU C 23 1.11 7.82 4.36
C GLU C 23 -0.06 6.85 4.32
N LEU C 24 -0.52 6.50 3.15
CA LEU C 24 -1.64 5.55 3.05
C LEU C 24 -1.17 4.17 3.47
N ILE C 25 -0.05 3.75 2.98
CA ILE C 25 0.49 2.41 3.36
C ILE C 25 0.67 2.34 4.88
N ASN C 26 1.16 3.40 5.48
CA ASN C 26 1.35 3.39 6.95
C ASN C 26 0.00 3.23 7.65
N THR C 27 -1.00 3.92 7.17
CA THR C 27 -2.35 3.81 7.79
C THR C 27 -2.87 2.38 7.65
N LEU C 28 -2.50 1.71 6.61
CA LEU C 28 -2.97 0.30 6.44
C LEU C 28 -2.25 -0.59 7.45
N GLN C 29 -0.97 -0.43 7.59
CA GLN C 29 -0.22 -1.25 8.57
C GLN C 29 -0.63 -0.83 9.98
N GLN C 30 -1.30 0.28 10.09
CA GLN C 30 -1.76 0.75 11.43
C GLN C 30 -3.06 0.05 11.78
N LYS C 31 -4.02 0.13 10.92
CA LYS C 31 -5.31 -0.56 11.19
C LYS C 31 -5.08 -2.07 11.18
N LEU C 32 -3.94 -2.49 10.69
CA LEU C 32 -3.62 -3.93 10.64
C LEU C 32 -3.01 -4.39 11.96
N GLU C 33 -2.04 -3.68 12.46
CA GLU C 33 -1.41 -4.07 13.75
C GLU C 33 -2.45 -3.92 14.88
N ALA C 34 -3.35 -3.00 14.71
CA ALA C 34 -4.41 -2.80 15.72
C ALA C 34 -5.48 -3.86 15.50
N VAL C 35 -5.68 -4.22 14.27
CA VAL C 35 -6.68 -5.27 13.95
C VAL C 35 -6.26 -6.57 14.65
N ALA C 36 -4.99 -6.86 14.63
CA ALA C 36 -4.51 -8.09 15.32
C ALA C 36 -4.68 -7.91 16.83
N LYS C 37 -4.54 -6.70 17.30
CA LYS C 37 -4.70 -6.45 18.76
C LYS C 37 -6.16 -6.63 19.15
N ARG C 38 -7.06 -6.40 18.23
CA ARG C 38 -8.50 -6.57 18.54
C ARG C 38 -8.83 -8.07 18.58
N ILE C 39 -8.33 -8.80 17.62
CA ILE C 39 -8.59 -10.27 17.60
C ILE C 39 -8.07 -10.87 18.90
N GLU C 40 -6.94 -10.41 19.37
CA GLU C 40 -6.41 -10.95 20.65
C GLU C 40 -7.38 -10.57 21.76
N ALA C 41 -7.99 -9.42 21.64
CA ALA C 41 -8.97 -9.01 22.67
C ALA C 41 -10.05 -10.09 22.77
N LEU C 42 -10.41 -10.67 21.66
CA LEU C 42 -11.42 -11.77 21.68
C LEU C 42 -10.76 -13.05 22.17
N GLU C 43 -9.49 -13.22 21.88
CA GLU C 43 -8.77 -14.44 22.34
C GLU C 43 -8.60 -14.38 23.85
N ASN C 44 -8.76 -13.23 24.42
CA ASN C 44 -8.62 -13.10 25.90
C ASN C 44 -9.85 -13.72 26.56
N LYS C 45 -10.93 -13.80 25.83
CA LYS C 45 -12.17 -14.40 26.41
C LYS C 45 -12.44 -15.74 25.72
N ILE C 46 -11.80 -15.98 24.61
CA ILE C 46 -12.01 -17.28 23.91
C ILE C 46 -10.93 -18.27 24.35
N ILE C 47 -9.85 -17.77 24.90
CA ILE C 47 -8.76 -18.68 25.35
C ILE C 47 -9.25 -19.55 26.53
N GLY A 1 17.73 28.89 -8.40
CA GLY A 1 18.91 28.45 -7.59
C GLY A 1 18.51 27.27 -6.70
N SER A 2 18.09 26.19 -7.28
CA SER A 2 17.69 25.01 -6.47
C SER A 2 17.99 23.71 -7.24
N HIS A 3 17.56 22.60 -6.72
CA HIS A 3 17.81 21.29 -7.41
C HIS A 3 19.28 21.17 -7.81
N MET A 4 19.60 20.32 -8.74
CA MET A 4 21.01 20.15 -9.17
C MET A 4 21.10 20.03 -10.69
N GLU A 5 22.15 19.47 -11.19
CA GLU A 5 22.29 19.32 -12.68
C GLU A 5 22.01 17.88 -13.10
N GLU A 6 21.50 17.07 -12.21
CA GLU A 6 21.22 15.66 -12.58
C GLU A 6 20.04 15.11 -11.76
N ASP A 7 19.61 13.91 -12.06
CA ASP A 7 18.46 13.33 -11.31
C ASP A 7 17.27 14.27 -11.32
N PRO A 8 16.77 14.53 -12.50
CA PRO A 8 15.61 15.44 -12.66
C PRO A 8 14.31 14.70 -12.31
N CYS A 9 13.96 13.70 -13.07
CA CYS A 9 12.70 12.95 -12.78
C CYS A 9 13.02 11.68 -11.98
N GLU A 10 14.09 11.69 -11.22
CA GLU A 10 14.45 10.47 -10.44
C GLU A 10 14.22 9.20 -11.27
N CYS A 11 14.85 9.12 -12.41
CA CYS A 11 14.66 7.92 -13.28
C CYS A 11 14.63 6.63 -12.44
N LYS A 12 15.45 6.54 -11.44
CA LYS A 12 15.47 5.30 -10.61
C LYS A 12 15.21 5.64 -9.14
N SER A 13 15.10 6.90 -8.83
CA SER A 13 14.85 7.28 -7.40
C SER A 13 13.36 7.13 -7.05
N ILE A 14 12.50 7.40 -7.99
CA ILE A 14 11.03 7.27 -7.74
C ILE A 14 10.65 5.81 -7.85
N VAL A 15 11.25 5.13 -8.78
CA VAL A 15 10.94 3.68 -8.95
C VAL A 15 11.70 2.91 -7.89
N LYS A 16 12.71 3.53 -7.32
CA LYS A 16 13.48 2.87 -6.24
C LYS A 16 12.59 2.86 -5.01
N PHE A 17 11.92 3.96 -4.76
CA PHE A 17 11.00 4.01 -3.60
C PHE A 17 9.80 3.10 -3.89
N GLN A 18 9.44 2.99 -5.15
CA GLN A 18 8.30 2.11 -5.52
C GLN A 18 8.56 0.67 -5.06
N THR A 19 9.75 0.19 -5.26
CA THR A 19 10.07 -1.20 -4.82
C THR A 19 9.80 -1.33 -3.32
N LYS A 20 10.05 -0.29 -2.57
CA LYS A 20 9.77 -0.36 -1.11
C LYS A 20 8.27 -0.44 -0.92
N VAL A 21 7.54 0.17 -1.80
CA VAL A 21 6.05 0.12 -1.73
C VAL A 21 5.58 -1.25 -2.24
N GLU A 22 6.43 -1.93 -2.96
CA GLU A 22 6.06 -3.27 -3.50
C GLU A 22 6.13 -4.32 -2.38
N GLU A 23 7.17 -4.30 -1.60
CA GLU A 23 7.30 -5.29 -0.50
C GLU A 23 6.43 -4.87 0.69
N LEU A 24 6.35 -3.59 0.93
CA LEU A 24 5.51 -3.12 2.07
C LEU A 24 4.03 -3.43 1.79
N ILE A 25 3.57 -3.11 0.61
CA ILE A 25 2.15 -3.39 0.28
C ILE A 25 1.89 -4.90 0.36
N ASN A 26 2.79 -5.69 -0.18
CA ASN A 26 2.60 -7.17 -0.11
C ASN A 26 2.51 -7.60 1.35
N THR A 27 3.31 -7.00 2.19
CA THR A 27 3.29 -7.34 3.63
C THR A 27 1.94 -6.95 4.24
N LEU A 28 1.33 -5.90 3.74
CA LEU A 28 0.01 -5.49 4.28
C LEU A 28 -1.05 -6.52 3.89
N GLN A 29 -1.03 -6.95 2.66
CA GLN A 29 -2.01 -7.97 2.23
C GLN A 29 -1.69 -9.29 2.92
N GLN A 30 -0.50 -9.40 3.46
CA GLN A 30 -0.10 -10.65 4.16
C GLN A 30 -0.72 -10.65 5.57
N LYS A 31 -0.51 -9.60 6.31
CA LYS A 31 -1.09 -9.53 7.67
C LYS A 31 -2.61 -9.43 7.55
N LEU A 32 -3.09 -9.09 6.39
CA LEU A 32 -4.56 -8.98 6.17
C LEU A 32 -5.14 -10.38 5.94
N GLU A 33 -4.49 -11.15 5.09
CA GLU A 33 -4.99 -12.53 4.83
C GLU A 33 -4.77 -13.39 6.07
N ALA A 34 -3.93 -12.94 6.96
CA ALA A 34 -3.68 -13.69 8.22
C ALA A 34 -4.67 -13.20 9.25
N VAL A 35 -5.01 -11.95 9.17
CA VAL A 35 -6.00 -11.36 10.12
C VAL A 35 -7.35 -12.03 9.88
N ALA A 36 -7.65 -12.30 8.64
CA ALA A 36 -8.94 -12.97 8.32
C ALA A 36 -8.89 -14.41 8.83
N LYS A 37 -7.72 -14.98 8.91
CA LYS A 37 -7.60 -16.37 9.43
C LYS A 37 -7.80 -16.37 10.93
N ARG A 38 -7.39 -15.33 11.60
CA ARG A 38 -7.57 -15.27 13.07
C ARG A 38 -9.04 -15.00 13.37
N ILE A 39 -9.66 -14.15 12.58
CA ILE A 39 -11.10 -13.85 12.79
C ILE A 39 -11.88 -15.16 12.72
N GLU A 40 -11.57 -15.98 11.74
CA GLU A 40 -12.27 -17.28 11.63
C GLU A 40 -11.96 -18.10 12.87
N ALA A 41 -10.77 -17.96 13.40
CA ALA A 41 -10.41 -18.71 14.64
C ALA A 41 -11.41 -18.35 15.74
N LEU A 42 -11.86 -17.12 15.74
CA LEU A 42 -12.85 -16.69 16.76
C LEU A 42 -14.25 -17.07 16.30
N GLU A 43 -14.44 -17.19 15.02
CA GLU A 43 -15.78 -17.58 14.50
C GLU A 43 -16.01 -19.07 14.76
N ASN A 44 -14.94 -19.78 14.98
CA ASN A 44 -15.06 -21.23 15.26
C ASN A 44 -15.53 -21.41 16.70
N LYS A 45 -15.38 -20.38 17.50
CA LYS A 45 -15.83 -20.46 18.92
C LYS A 45 -16.97 -19.46 19.13
N ILE A 46 -17.21 -18.60 18.18
CA ILE A 46 -18.31 -17.62 18.32
C ILE A 46 -19.50 -18.07 17.47
N ILE A 47 -19.27 -18.99 16.57
CA ILE A 47 -20.39 -19.48 15.72
C ILE A 47 -21.48 -20.14 16.58
N GLY B 1 27.45 0.89 -21.57
CA GLY B 1 26.85 -0.16 -22.46
C GLY B 1 25.63 -0.77 -21.77
N SER B 2 24.66 0.04 -21.42
CA SER B 2 23.45 -0.51 -20.75
C SER B 2 22.22 0.33 -21.10
N HIS B 3 21.10 0.03 -20.50
CA HIS B 3 19.87 0.82 -20.80
C HIS B 3 19.64 0.91 -22.30
N MET B 4 18.79 1.81 -22.74
CA MET B 4 18.54 1.94 -24.20
C MET B 4 18.58 3.43 -24.61
N GLU B 5 17.94 3.76 -25.69
CA GLU B 5 17.95 5.18 -26.14
C GLU B 5 16.60 5.84 -25.84
N GLU B 6 15.75 5.16 -25.11
CA GLU B 6 14.41 5.74 -24.79
C GLU B 6 13.94 5.25 -23.42
N ASP B 7 12.80 5.70 -22.98
CA ASP B 7 12.28 5.27 -21.64
C ASP B 7 13.37 5.42 -20.58
N PRO B 8 13.78 6.65 -20.37
CA PRO B 8 14.83 6.94 -19.36
C PRO B 8 14.23 6.96 -17.96
N CYS B 9 13.34 7.87 -17.69
CA CYS B 9 12.72 7.94 -16.33
C CYS B 9 11.36 7.25 -16.33
N GLU B 10 11.15 6.28 -17.20
CA GLU B 10 9.82 5.59 -17.22
C GLU B 10 8.71 6.62 -17.05
N CYS B 11 8.73 7.64 -17.87
CA CYS B 11 7.70 8.70 -17.75
C CYS B 11 6.32 8.10 -17.54
N LYS B 12 6.05 6.97 -18.12
CA LYS B 12 4.71 6.33 -17.94
C LYS B 12 4.89 4.92 -17.36
N SER B 13 6.10 4.43 -17.27
CA SER B 13 6.32 3.06 -16.74
C SER B 13 6.27 3.07 -15.20
N ILE B 14 6.75 4.13 -14.59
CA ILE B 14 6.73 4.23 -13.11
C ILE B 14 5.33 4.60 -12.64
N VAL B 15 4.70 5.47 -13.38
CA VAL B 15 3.32 5.88 -13.01
C VAL B 15 2.37 4.79 -13.48
N LYS B 16 2.82 3.95 -14.36
CA LYS B 16 1.98 2.82 -14.83
C LYS B 16 1.93 1.80 -13.69
N PHE B 17 3.06 1.57 -13.07
CA PHE B 17 3.09 0.63 -11.92
C PHE B 17 2.37 1.29 -10.73
N GLN B 18 2.42 2.60 -10.65
CA GLN B 18 1.73 3.30 -9.54
C GLN B 18 0.24 2.98 -9.57
N THR B 19 -0.34 2.97 -10.74
CA THR B 19 -1.79 2.65 -10.85
C THR B 19 -2.06 1.27 -10.24
N LYS B 20 -1.14 0.36 -10.37
CA LYS B 20 -1.33 -0.99 -9.78
C LYS B 20 -1.27 -0.85 -8.26
N VAL B 21 -0.51 0.10 -7.80
CA VAL B 21 -0.40 0.35 -6.34
C VAL B 21 -1.65 1.11 -5.89
N GLU B 22 -2.33 1.73 -6.82
CA GLU B 22 -3.55 2.49 -6.47
C GLU B 22 -4.71 1.53 -6.19
N GLU B 23 -4.88 0.53 -7.04
CA GLU B 23 -5.99 -0.43 -6.81
C GLU B 23 -5.58 -1.45 -5.75
N LEU B 24 -4.33 -1.82 -5.70
CA LEU B 24 -3.89 -2.80 -4.68
C LEU B 24 -4.01 -2.19 -3.29
N ILE B 25 -3.54 -0.98 -3.12
CA ILE B 25 -3.64 -0.32 -1.80
C ILE B 25 -5.12 -0.17 -1.41
N ASN B 26 -5.94 0.24 -2.33
CA ASN B 26 -7.39 0.40 -2.01
C ASN B 26 -7.95 -0.94 -1.57
N THR B 27 -7.51 -1.99 -2.20
CA THR B 27 -7.99 -3.36 -1.83
C THR B 27 -7.52 -3.70 -0.42
N LEU B 28 -6.38 -3.20 -0.02
CA LEU B 28 -5.87 -3.48 1.35
C LEU B 28 -6.74 -2.76 2.37
N GLN B 29 -7.04 -1.52 2.11
CA GLN B 29 -7.89 -0.75 3.05
C GLN B 29 -9.31 -1.33 3.00
N GLN B 30 -9.60 -2.08 1.98
CA GLN B 30 -10.94 -2.70 1.85
C GLN B 30 -11.03 -3.92 2.76
N LYS B 31 -10.09 -4.82 2.64
CA LYS B 31 -10.10 -6.01 3.53
C LYS B 31 -9.82 -5.59 4.96
N LEU B 32 -9.33 -4.38 5.14
CA LEU B 32 -9.06 -3.88 6.50
C LEU B 32 -10.35 -3.35 7.12
N GLU B 33 -11.10 -2.58 6.37
CA GLU B 33 -12.39 -2.05 6.89
C GLU B 33 -13.38 -3.19 7.03
N ALA B 34 -13.11 -4.30 6.40
CA ALA B 34 -14.01 -5.48 6.50
C ALA B 34 -13.54 -6.32 7.68
N VAL B 35 -12.24 -6.35 7.86
CA VAL B 35 -11.66 -7.11 9.01
C VAL B 35 -12.17 -6.49 10.31
N ALA B 36 -12.27 -5.19 10.35
CA ALA B 36 -12.77 -4.53 11.59
C ALA B 36 -14.24 -4.88 11.78
N LYS B 37 -14.93 -5.15 10.70
CA LYS B 37 -16.37 -5.51 10.81
C LYS B 37 -16.49 -6.94 11.34
N ARG B 38 -15.55 -7.78 11.00
CA ARG B 38 -15.60 -9.17 11.50
C ARG B 38 -15.20 -9.18 12.97
N ILE B 39 -14.25 -8.37 13.33
CA ILE B 39 -13.82 -8.28 14.75
C ILE B 39 -15.02 -7.88 15.60
N GLU B 40 -15.80 -6.95 15.12
CA GLU B 40 -17.00 -6.55 15.89
C GLU B 40 -17.97 -7.72 15.95
N ALA B 41 -17.99 -8.51 14.91
CA ALA B 41 -18.89 -9.70 14.91
C ALA B 41 -18.53 -10.58 16.10
N LEU B 42 -17.27 -10.61 16.44
CA LEU B 42 -16.82 -11.42 17.60
C LEU B 42 -17.01 -10.62 18.89
N GLU B 43 -16.98 -9.31 18.79
CA GLU B 43 -17.17 -8.48 20.01
C GLU B 43 -18.63 -8.51 20.42
N ASN B 44 -19.49 -8.87 19.50
CA ASN B 44 -20.93 -8.95 19.81
C ASN B 44 -21.19 -10.23 20.61
N LYS B 45 -20.24 -11.14 20.58
CA LYS B 45 -20.40 -12.41 21.33
C LYS B 45 -19.34 -12.48 22.44
N ILE B 46 -18.35 -11.63 22.37
CA ILE B 46 -17.29 -11.63 23.41
C ILE B 46 -17.55 -10.50 24.41
N ILE B 47 -18.37 -9.56 24.02
CA ILE B 47 -18.67 -8.42 24.96
C ILE B 47 -19.34 -8.93 26.23
N GLY C 1 -0.43 15.43 -31.39
CA GLY C 1 -1.27 16.57 -30.90
C GLY C 1 -1.80 16.24 -29.51
N SER C 2 -0.93 15.91 -28.59
CA SER C 2 -1.40 15.59 -27.21
C SER C 2 -0.36 16.05 -26.18
N HIS C 3 -0.59 15.74 -24.93
CA HIS C 3 0.39 16.17 -23.88
C HIS C 3 0.67 17.67 -24.00
N MET C 4 1.75 18.12 -23.41
CA MET C 4 2.09 19.58 -23.49
C MET C 4 3.58 19.75 -23.76
N GLU C 5 4.13 20.90 -23.45
CA GLU C 5 5.58 21.12 -23.70
C GLU C 5 6.36 21.03 -22.39
N GLU C 6 5.71 20.66 -21.31
CA GLU C 6 6.42 20.55 -20.01
C GLU C 6 5.88 19.36 -19.21
N ASP C 7 6.42 19.11 -18.04
CA ASP C 7 5.94 17.97 -17.22
C ASP C 7 5.77 16.73 -18.10
N PRO C 8 6.89 16.26 -18.61
CA PRO C 8 6.88 15.08 -19.50
C PRO C 8 6.77 13.80 -18.66
N CYS C 9 7.71 13.58 -17.77
CA CYS C 9 7.68 12.34 -16.95
C CYS C 9 7.31 12.68 -15.50
N GLU C 10 6.56 13.73 -15.31
CA GLU C 10 6.14 14.11 -13.93
C GLU C 10 7.31 14.02 -12.95
N CYS C 11 8.38 14.75 -13.18
CA CYS C 11 9.53 14.70 -12.25
C CYS C 11 9.05 14.75 -10.80
N LYS C 12 8.05 15.54 -10.52
CA LYS C 12 7.54 15.63 -9.12
C LYS C 12 6.07 15.25 -9.04
N SER C 13 5.44 14.96 -10.15
CA SER C 13 4.00 14.58 -10.12
C SER C 13 3.85 13.09 -9.81
N ILE C 14 4.79 12.28 -10.21
CA ILE C 14 4.72 10.82 -9.92
C ILE C 14 5.21 10.58 -8.51
N VAL C 15 6.19 11.33 -8.11
CA VAL C 15 6.73 11.20 -6.73
C VAL C 15 5.81 11.97 -5.79
N LYS C 16 5.03 12.87 -6.35
CA LYS C 16 4.06 13.63 -5.52
C LYS C 16 2.94 12.67 -5.12
N PHE C 17 2.51 11.88 -6.06
CA PHE C 17 1.45 10.88 -5.74
C PHE C 17 2.06 9.80 -4.84
N GLN C 18 3.33 9.54 -5.01
CA GLN C 18 3.99 8.51 -4.16
C GLN C 18 3.87 8.89 -2.68
N THR C 19 4.08 10.13 -2.36
CA THR C 19 3.98 10.55 -0.94
C THR C 19 2.58 10.21 -0.41
N LYS C 20 1.59 10.29 -1.25
CA LYS C 20 0.22 9.94 -0.79
C LYS C 20 0.17 8.44 -0.53
N VAL C 21 0.94 7.70 -1.28
CA VAL C 21 1.00 6.22 -1.08
C VAL C 21 1.87 5.94 0.15
N GLU C 22 2.69 6.89 0.53
CA GLU C 22 3.56 6.69 1.73
C GLU C 22 2.73 6.79 3.01
N GLU C 23 1.88 7.78 3.10
CA GLU C 23 1.04 7.92 4.33
C GLU C 23 -0.13 6.96 4.28
N LEU C 24 -0.66 6.70 3.11
CA LEU C 24 -1.81 5.76 3.01
C LEU C 24 -1.34 4.34 3.34
N ILE C 25 -0.23 3.93 2.79
CA ILE C 25 0.29 2.57 3.09
C ILE C 25 0.60 2.46 4.58
N ASN C 26 1.22 3.46 5.14
CA ASN C 26 1.54 3.41 6.60
C ASN C 26 0.23 3.27 7.39
N THR C 27 -0.79 3.96 6.96
CA THR C 27 -2.10 3.87 7.66
C THR C 27 -2.66 2.45 7.55
N LEU C 28 -2.37 1.78 6.47
CA LEU C 28 -2.88 0.38 6.30
C LEU C 28 -2.16 -0.53 7.29
N GLN C 29 -0.88 -0.39 7.40
CA GLN C 29 -0.12 -1.23 8.36
C GLN C 29 -0.49 -0.82 9.79
N GLN C 30 -1.10 0.34 9.92
CA GLN C 30 -1.52 0.82 11.26
C GLN C 30 -2.81 0.11 11.67
N LYS C 31 -3.80 0.16 10.83
CA LYS C 31 -5.08 -0.52 11.15
C LYS C 31 -4.85 -2.03 11.15
N LEU C 32 -3.77 -2.46 10.54
CA LEU C 32 -3.46 -3.91 10.51
C LEU C 32 -2.83 -4.33 11.84
N GLU C 33 -1.89 -3.56 12.33
CA GLU C 33 -1.26 -3.90 13.63
C GLU C 33 -2.27 -3.69 14.75
N ALA C 34 -3.32 -2.97 14.48
CA ALA C 34 -4.38 -2.74 15.50
C ALA C 34 -5.42 -3.84 15.36
N VAL C 35 -5.63 -4.28 14.16
CA VAL C 35 -6.60 -5.37 13.92
C VAL C 35 -6.08 -6.64 14.60
N ALA C 36 -4.79 -6.83 14.60
CA ALA C 36 -4.22 -8.02 15.27
C ALA C 36 -4.37 -7.86 16.79
N LYS C 37 -4.43 -6.64 17.23
CA LYS C 37 -4.59 -6.41 18.70
C LYS C 37 -6.03 -6.68 19.09
N ARG C 38 -6.95 -6.45 18.20
CA ARG C 38 -8.38 -6.73 18.51
C ARG C 38 -8.62 -8.23 18.43
N ILE C 39 -7.98 -8.88 17.49
CA ILE C 39 -8.13 -10.36 17.37
C ILE C 39 -7.67 -10.99 18.68
N GLU C 40 -6.56 -10.55 19.20
CA GLU C 40 -6.08 -11.11 20.48
C GLU C 40 -7.11 -10.80 21.56
N ALA C 41 -7.73 -9.66 21.47
CA ALA C 41 -8.77 -9.31 22.47
C ALA C 41 -9.84 -10.39 22.49
N LEU C 42 -10.12 -10.96 21.34
CA LEU C 42 -11.13 -12.04 21.26
C LEU C 42 -10.48 -13.37 21.63
N GLU C 43 -9.18 -13.46 21.46
CA GLU C 43 -8.48 -14.73 21.81
C GLU C 43 -8.37 -14.82 23.33
N ASN C 44 -8.52 -13.71 23.99
CA ASN C 44 -8.45 -13.71 25.48
C ASN C 44 -9.78 -14.25 26.03
N LYS C 45 -10.79 -14.27 25.22
CA LYS C 45 -12.11 -14.77 25.67
C LYS C 45 -12.45 -16.05 24.89
N ILE C 46 -11.73 -16.30 23.83
CA ILE C 46 -11.99 -17.51 23.01
C ILE C 46 -10.95 -18.59 23.35
N ILE C 47 -9.87 -18.20 23.97
CA ILE C 47 -8.82 -19.21 24.31
C ILE C 47 -9.36 -20.21 25.33
#